data_8Q7C
#
_entry.id   8Q7C
#
_cell.length_a   1.00
_cell.length_b   1.00
_cell.length_c   1.00
_cell.angle_alpha   90.00
_cell.angle_beta   90.00
_cell.angle_gamma   90.00
#
_symmetry.space_group_name_H-M   'P 1'
#
_entity_poly.entity_id   1
_entity_poly.type   'polypeptide(L)'
_entity_poly.pdbx_seq_one_letter_code
;MATPSMMPQWSYMHISGQDASEYLSPGLVQFARATETYFSLNNKFRNPTVAPTHDVTTDRSQRLTLRFIPVDREDTAYSY
KARFTLAVGDNRVLDMASTYFDIRGVLDRGPTFKPYSGTAYNALAPKGAPNPCEWDEAATALEINLEEEDDDNEDEVDEQ
AEQQKTHVFGQAPYSGINITKEGIQIGVEGQTPKYADKTFQPEPQIGESQWYETEINHAAGRVLKKTTPMKPCYGSYAKP
TNENGGQGILVKQQNGKLESQVEMQFFSTTEATAGNGDNLTPKVVLYSEDVDIETPDTHISYMPTIKEGNSRELMGQQSM
PNRPNYIAFRDNFIGLMYYNSTGNMGVLAGQASQLNAVVDLQDRNTELSYQLLLDSIGDRTRYFSMWNQAVDSYDPDVRI
IENHGTEDELPNYCFPLGGVINTETLTKVKPKTGQENGWEKDATEFSDKNEIRVGNNFAMEINLNANLWRNFLYSNIALY
LPDKLKYSPSNVKISDNPNTYDYMNKRVVAPGLVDCYINLGARWSLDYMDNVNPFNHHRNAGLRYRSMLLGNGRYVPFHI
QVPQKFFAIKNLLLLPGSYTYEWNFRKDVNMVLQSSLGNDLRVDGASIKFDSICLYATFFPMAHNTASTLEAMLRNDTND
QSFNDYLSAANMLYPIPANATNVPISIPSRNWAAFRGWAFTRLKTKETPSLGSGYDPYYTYSGSIPYLDGTFYLNHTFKK
VAITFDSSVSWPGNDRLLTPNEFEIKRSVDGEGYNVAQCNMTKDWFLVQMLANYNIGYQGFYIPESYKDRMYSFFRNFQP
MSRQVVDDTKYKDYQQVGILHQHNNSGFVGYLAPTMREGQAYPANFPYPLIGKTAVDSITQKKFLCDRTLWRIPFSSNFM
SMGALTDLGQNLLYANSAHALDMTFEVDPMDEPTLLYVLFEVFDVVRVHRPHRGVIETVYLRTPFSAGNATT
;
_entity_poly.pdbx_strand_id   A,B,C
#
# COMPACT_ATOMS: atom_id res chain seq x y z
N PRO A 8 10.57 -46.73 -29.92
CA PRO A 8 9.49 -47.64 -30.28
C PRO A 8 8.13 -47.10 -29.89
N GLN A 9 7.77 -47.26 -28.62
CA GLN A 9 6.50 -46.77 -28.12
C GLN A 9 6.49 -45.26 -27.90
N TRP A 10 7.66 -44.61 -27.92
CA TRP A 10 7.69 -43.17 -27.70
C TRP A 10 6.92 -42.42 -28.77
N SER A 11 7.06 -42.84 -30.02
CA SER A 11 6.30 -42.21 -31.09
C SER A 11 4.81 -42.44 -30.91
N TYR A 12 4.43 -43.64 -30.47
CA TYR A 12 3.02 -43.96 -30.34
C TYR A 12 2.38 -43.21 -29.19
N MET A 13 3.13 -42.94 -28.12
CA MET A 13 2.72 -42.03 -27.05
C MET A 13 3.06 -40.58 -27.34
N HIS A 14 3.54 -40.28 -28.55
CA HIS A 14 3.86 -38.92 -28.97
C HIS A 14 4.92 -38.28 -28.07
N ILE A 15 5.83 -39.09 -27.52
CA ILE A 15 6.95 -38.52 -26.78
C ILE A 15 8.02 -37.96 -27.70
N SER A 16 8.09 -38.44 -28.93
CA SER A 16 9.03 -37.93 -29.91
C SER A 16 8.33 -37.89 -31.26
N GLY A 17 9.10 -37.70 -32.33
CA GLY A 17 8.55 -37.75 -33.66
C GLY A 17 7.79 -36.48 -34.03
N GLN A 18 6.83 -36.64 -34.95
CA GLN A 18 6.08 -35.51 -35.46
C GLN A 18 5.19 -34.90 -34.37
N ASP A 19 4.89 -33.62 -34.53
CA ASP A 19 4.04 -32.92 -33.59
C ASP A 19 2.57 -33.09 -33.97
N ALA A 20 1.69 -32.39 -33.25
CA ALA A 20 0.26 -32.60 -33.40
C ALA A 20 -0.23 -32.23 -34.79
N SER A 21 0.39 -31.25 -35.43
CA SER A 21 -0.08 -30.81 -36.74
C SER A 21 0.16 -31.82 -37.84
N GLU A 22 0.91 -32.89 -37.57
CA GLU A 22 1.26 -33.86 -38.60
C GLU A 22 0.49 -35.16 -38.48
N TYR A 23 0.53 -35.83 -37.32
CA TYR A 23 -0.07 -37.16 -37.23
C TYR A 23 -1.59 -37.11 -37.31
N LEU A 24 -2.20 -35.96 -37.01
CA LEU A 24 -3.64 -35.83 -37.16
C LEU A 24 -4.02 -35.86 -38.62
N SER A 25 -5.23 -36.34 -38.90
CA SER A 25 -5.73 -36.38 -40.26
C SER A 25 -5.86 -34.94 -40.78
N PRO A 26 -5.59 -34.71 -42.07
CA PRO A 26 -5.66 -33.34 -42.58
C PRO A 26 -7.04 -32.71 -42.42
N GLY A 27 -8.10 -33.50 -42.52
CA GLY A 27 -9.43 -32.95 -42.32
C GLY A 27 -9.62 -32.41 -40.91
N LEU A 28 -9.10 -33.12 -39.91
CA LEU A 28 -9.20 -32.64 -38.54
C LEU A 28 -8.40 -31.35 -38.37
N VAL A 29 -7.19 -31.31 -38.92
CA VAL A 29 -6.37 -30.10 -38.82
C VAL A 29 -7.06 -28.94 -39.53
N GLN A 30 -7.63 -29.20 -40.70
CA GLN A 30 -8.35 -28.17 -41.43
C GLN A 30 -9.55 -27.67 -40.62
N PHE A 31 -10.31 -28.59 -40.03
CA PHE A 31 -11.46 -28.19 -39.24
C PHE A 31 -11.03 -27.49 -37.96
N ALA A 32 -9.90 -27.90 -37.39
CA ALA A 32 -9.48 -27.35 -36.11
C ALA A 32 -9.16 -25.87 -36.21
N ARG A 33 -8.43 -25.46 -37.25
CA ARG A 33 -8.01 -24.07 -37.33
C ARG A 33 -9.17 -23.15 -37.68
N ALA A 34 -10.18 -23.67 -38.39
CA ALA A 34 -11.32 -22.84 -38.76
C ALA A 34 -12.10 -22.37 -37.55
N THR A 35 -12.31 -23.25 -36.57
CA THR A 35 -13.10 -22.96 -35.38
C THR A 35 -12.21 -22.78 -34.15
N GLU A 36 -11.04 -22.16 -34.34
CA GLU A 36 -10.12 -21.99 -33.21
C GLU A 36 -10.73 -21.12 -32.12
N THR A 37 -11.32 -19.99 -32.50
CA THR A 37 -11.91 -19.09 -31.52
C THR A 37 -13.29 -19.54 -31.06
N TYR A 38 -13.84 -20.58 -31.66
CA TYR A 38 -15.15 -21.10 -31.28
C TYR A 38 -15.02 -22.27 -30.32
N PHE A 39 -14.27 -23.29 -30.72
CA PHE A 39 -14.10 -24.52 -29.92
C PHE A 39 -12.65 -24.96 -30.09
N SER A 40 -11.79 -24.54 -29.18
CA SER A 40 -10.37 -24.85 -29.27
C SER A 40 -10.15 -26.34 -29.04
N LEU A 41 -9.39 -26.96 -29.93
CA LEU A 41 -9.04 -28.37 -29.81
C LEU A 41 -7.54 -28.61 -29.80
N ASN A 42 -6.72 -27.56 -29.88
CA ASN A 42 -5.29 -27.74 -29.91
C ASN A 42 -4.75 -28.28 -28.60
N ASN A 43 -5.35 -27.90 -27.48
CA ASN A 43 -4.88 -28.32 -26.17
C ASN A 43 -5.23 -29.76 -25.83
N LYS A 44 -5.77 -30.51 -26.80
CA LYS A 44 -6.12 -31.91 -26.58
C LYS A 44 -5.23 -32.85 -27.37
N PHE A 45 -4.06 -32.39 -27.81
CA PHE A 45 -3.13 -33.23 -28.53
C PHE A 45 -1.71 -32.87 -28.12
N ARG A 46 -0.89 -33.89 -27.88
CA ARG A 46 0.48 -33.66 -27.44
C ARG A 46 1.35 -33.16 -28.59
N ASN A 47 2.41 -32.46 -28.23
CA ASN A 47 3.42 -31.98 -29.18
C ASN A 47 4.79 -32.27 -28.60
N PRO A 48 5.51 -33.27 -29.12
CA PRO A 48 6.81 -33.60 -28.57
C PRO A 48 7.81 -32.46 -28.73
N THR A 49 8.66 -32.30 -27.72
CA THR A 49 9.73 -31.29 -27.72
C THR A 49 11.02 -32.00 -27.33
N VAL A 50 11.73 -32.53 -28.32
CA VAL A 50 12.94 -33.31 -28.09
C VAL A 50 14.15 -32.41 -28.29
N ALA A 51 15.04 -32.40 -27.30
CA ALA A 51 16.26 -31.62 -27.38
C ALA A 51 17.26 -32.28 -28.33
N PRO A 52 18.11 -31.48 -28.97
CA PRO A 52 19.13 -32.06 -29.86
C PRO A 52 20.13 -32.89 -29.06
N THR A 53 20.69 -33.89 -29.74
CA THR A 53 21.56 -34.86 -29.07
C THR A 53 23.04 -34.60 -29.28
N HIS A 54 23.44 -34.14 -30.47
CA HIS A 54 24.84 -34.04 -30.81
C HIS A 54 25.18 -32.64 -31.30
N ASP A 55 26.47 -32.30 -31.21
CA ASP A 55 27.03 -31.05 -31.69
C ASP A 55 26.45 -29.83 -31.00
N VAL A 56 25.94 -29.99 -29.78
CA VAL A 56 25.50 -28.86 -28.98
C VAL A 56 26.31 -28.69 -27.70
N THR A 57 26.80 -29.79 -27.11
CA THR A 57 27.62 -29.72 -25.92
C THR A 57 28.68 -30.81 -26.01
N THR A 58 29.83 -30.56 -25.39
CA THR A 58 30.87 -31.57 -25.36
C THR A 58 30.53 -32.62 -24.31
N ASP A 59 31.19 -33.77 -24.43
CA ASP A 59 31.06 -34.85 -23.46
C ASP A 59 32.34 -35.08 -22.67
N ARG A 60 33.43 -34.39 -23.01
CA ARG A 60 34.70 -34.57 -22.32
C ARG A 60 34.68 -33.85 -20.99
N SER A 61 35.79 -33.93 -20.27
CA SER A 61 35.93 -33.26 -18.99
C SER A 61 36.32 -31.81 -19.23
N GLN A 62 35.45 -30.88 -18.82
CA GLN A 62 35.72 -29.46 -19.02
C GLN A 62 35.07 -28.68 -17.89
N ARG A 63 35.84 -27.79 -17.28
CA ARG A 63 35.33 -26.98 -16.18
C ARG A 63 34.27 -26.02 -16.68
N LEU A 64 33.28 -25.76 -15.83
CA LEU A 64 32.26 -24.77 -16.16
C LEU A 64 32.74 -23.37 -15.81
N THR A 65 33.19 -23.17 -14.57
CA THR A 65 33.67 -21.88 -14.11
C THR A 65 35.16 -21.98 -13.80
N LEU A 66 35.84 -20.85 -13.92
CA LEU A 66 37.27 -20.79 -13.66
C LEU A 66 37.58 -19.60 -12.77
N ARG A 67 38.56 -19.77 -11.89
CA ARG A 67 39.01 -18.72 -10.99
C ARG A 67 40.44 -18.35 -11.34
N PHE A 68 40.70 -17.05 -11.45
CA PHE A 68 42.01 -16.54 -11.82
C PHE A 68 42.59 -15.75 -10.67
N ILE A 69 43.83 -16.06 -10.30
CA ILE A 69 44.51 -15.39 -9.20
C ILE A 69 45.42 -14.32 -9.76
N PRO A 70 45.47 -13.12 -9.17
CA PRO A 70 46.32 -12.07 -9.71
C PRO A 70 47.79 -12.47 -9.69
N VAL A 71 48.52 -12.06 -10.73
CA VAL A 71 49.95 -12.33 -10.78
C VAL A 71 50.77 -11.19 -10.21
N ASP A 72 50.17 -10.03 -10.00
CA ASP A 72 50.88 -8.89 -9.43
C ASP A 72 49.85 -7.87 -8.96
N ARG A 73 50.13 -7.25 -7.82
CA ARG A 73 49.22 -6.25 -7.25
C ARG A 73 50.04 -5.10 -6.71
N GLU A 74 49.77 -3.89 -7.20
CA GLU A 74 50.44 -2.68 -6.77
C GLU A 74 49.44 -1.76 -6.11
N ASP A 75 49.79 -1.25 -4.93
CA ASP A 75 48.90 -0.39 -4.15
C ASP A 75 49.56 0.96 -3.90
N THR A 76 48.80 2.02 -4.10
CA THR A 76 49.20 3.36 -3.72
C THR A 76 48.30 3.84 -2.59
N ALA A 77 48.44 5.11 -2.22
CA ALA A 77 47.73 5.62 -1.06
C ALA A 77 46.22 5.58 -1.25
N TYR A 78 45.74 5.89 -2.45
CA TYR A 78 44.30 6.01 -2.68
C TYR A 78 43.76 5.06 -3.73
N SER A 79 44.56 4.12 -4.23
CA SER A 79 44.09 3.19 -5.23
C SER A 79 45.01 1.98 -5.24
N TYR A 80 44.66 1.00 -6.06
CA TYR A 80 45.52 -0.16 -6.24
C TYR A 80 45.20 -0.83 -7.55
N LYS A 81 46.22 -1.46 -8.13
CA LYS A 81 46.15 -2.03 -9.48
C LYS A 81 46.39 -3.53 -9.40
N ALA A 82 45.53 -4.30 -10.06
CA ALA A 82 45.64 -5.75 -10.08
C ALA A 82 45.66 -6.23 -11.52
N ARG A 83 46.51 -7.21 -11.81
CA ARG A 83 46.67 -7.73 -13.16
C ARG A 83 46.47 -9.24 -13.17
N PHE A 84 45.77 -9.74 -14.17
CA PHE A 84 45.55 -11.16 -14.35
C PHE A 84 45.95 -11.55 -15.76
N THR A 85 46.34 -12.81 -15.92
CA THR A 85 46.62 -13.37 -17.23
C THR A 85 45.45 -14.26 -17.59
N LEU A 86 44.41 -13.64 -18.16
CA LEU A 86 43.21 -14.36 -18.59
C LEU A 86 43.59 -15.24 -19.77
N ALA A 87 43.70 -16.54 -19.53
CA ALA A 87 44.10 -17.51 -20.54
C ALA A 87 42.91 -18.39 -20.86
N VAL A 88 42.14 -18.01 -21.88
CA VAL A 88 41.05 -18.84 -22.35
C VAL A 88 41.61 -20.08 -23.04
N GLY A 89 41.01 -21.23 -22.75
CA GLY A 89 41.54 -22.47 -23.26
C GLY A 89 41.19 -22.71 -24.72
N ASP A 90 41.87 -23.69 -25.30
CA ASP A 90 41.60 -24.06 -26.68
C ASP A 90 40.23 -24.72 -26.80
N ASN A 91 39.62 -24.55 -27.98
CA ASN A 91 38.28 -25.08 -28.26
C ASN A 91 37.24 -24.56 -27.27
N ARG A 92 37.44 -23.33 -26.81
CA ARG A 92 36.49 -22.69 -25.90
C ARG A 92 36.25 -21.27 -26.36
N VAL A 93 35.07 -20.75 -26.03
CA VAL A 93 34.73 -19.36 -26.27
C VAL A 93 34.26 -18.74 -24.96
N LEU A 94 34.79 -17.56 -24.65
CA LEU A 94 34.48 -16.87 -23.41
C LEU A 94 33.68 -15.63 -23.73
N ASP A 95 32.49 -15.53 -23.15
CA ASP A 95 31.68 -14.33 -23.25
C ASP A 95 32.05 -13.40 -22.10
N MET A 96 32.59 -12.23 -22.45
CA MET A 96 33.05 -11.29 -21.44
C MET A 96 31.96 -10.87 -20.49
N ALA A 97 30.69 -10.98 -20.89
CA ALA A 97 29.60 -10.60 -20.01
C ALA A 97 29.51 -11.51 -18.80
N SER A 98 30.01 -12.74 -18.92
CA SER A 98 29.94 -13.67 -17.80
C SER A 98 30.96 -13.34 -16.72
N THR A 99 32.10 -12.76 -17.09
CA THR A 99 33.15 -12.50 -16.13
C THR A 99 32.75 -11.39 -15.16
N TYR A 100 33.31 -11.46 -13.96
CA TYR A 100 33.05 -10.45 -12.93
C TYR A 100 34.13 -10.58 -11.87
N PHE A 101 34.54 -9.45 -11.33
CA PHE A 101 35.53 -9.45 -10.25
C PHE A 101 34.89 -9.85 -8.94
N ASP A 102 35.69 -10.48 -8.08
CA ASP A 102 35.24 -10.90 -6.75
C ASP A 102 36.20 -10.33 -5.73
N ILE A 103 35.69 -9.47 -4.84
CA ILE A 103 36.52 -8.71 -3.91
C ILE A 103 36.07 -9.02 -2.50
N ARG A 104 37.02 -9.29 -1.62
CA ARG A 104 36.77 -9.54 -0.21
C ARG A 104 37.61 -8.59 0.63
N GLY A 105 37.00 -8.03 1.65
CA GLY A 105 37.71 -7.10 2.51
C GLY A 105 36.94 -6.83 3.78
N VAL A 106 37.44 -5.85 4.54
CA VAL A 106 36.85 -5.47 5.81
C VAL A 106 36.50 -3.98 5.75
N LEU A 107 35.31 -3.64 6.23
CA LEU A 107 34.79 -2.28 6.16
C LEU A 107 34.50 -1.76 7.55
N ASP A 108 34.84 -0.50 7.78
CA ASP A 108 34.46 0.22 8.99
C ASP A 108 33.67 1.45 8.57
N ARG A 109 32.41 1.53 9.02
CA ARG A 109 31.52 2.60 8.62
C ARG A 109 31.62 3.81 9.52
N GLY A 110 32.44 3.78 10.55
CA GLY A 110 32.63 4.92 11.40
C GLY A 110 31.53 5.09 12.42
N PRO A 111 31.72 5.99 13.38
CA PRO A 111 30.70 6.21 14.41
C PRO A 111 29.44 6.90 13.92
N THR A 112 29.45 7.41 12.69
CA THR A 112 28.29 8.11 12.15
C THR A 112 27.15 7.15 11.81
N PHE A 113 27.48 5.91 11.50
CA PHE A 113 26.49 4.97 11.00
C PHE A 113 25.40 4.72 12.04
N LYS A 114 24.15 4.93 11.64
CA LYS A 114 22.99 4.67 12.50
C LYS A 114 21.81 4.30 11.62
N PRO A 115 21.60 3.01 11.38
CA PRO A 115 20.60 2.56 10.40
C PRO A 115 19.21 2.32 10.98
N TYR A 116 18.71 3.28 11.75
CA TYR A 116 17.34 3.19 12.25
C TYR A 116 16.97 4.52 12.91
N SER A 117 15.72 4.91 12.71
CA SER A 117 15.21 6.09 13.38
C SER A 117 14.79 5.74 14.80
N GLY A 118 14.72 6.76 15.64
CA GLY A 118 14.42 6.52 17.04
C GLY A 118 15.64 5.95 17.76
N THR A 119 15.38 5.47 18.97
CA THR A 119 16.42 4.91 19.80
C THR A 119 16.12 3.44 20.06
N ALA A 120 17.00 2.80 20.84
CA ALA A 120 16.87 1.39 21.15
C ALA A 120 16.70 1.08 22.63
N TYR A 121 16.98 2.04 23.51
CA TYR A 121 16.95 1.79 24.94
C TYR A 121 15.91 2.69 25.59
N ASN A 122 14.98 2.09 26.33
CA ASN A 122 13.93 2.81 27.02
C ASN A 122 13.15 3.70 26.05
N ALA A 123 12.74 3.11 24.93
CA ALA A 123 12.02 3.86 23.92
C ALA A 123 10.70 4.39 24.45
N LEU A 124 9.98 3.58 25.23
CA LEU A 124 8.67 3.97 25.71
C LEU A 124 8.72 5.05 26.77
N ALA A 125 9.90 5.37 27.30
CA ALA A 125 9.99 6.34 28.37
C ALA A 125 9.66 7.74 27.86
N PRO A 126 9.08 8.59 28.71
CA PRO A 126 8.95 10.00 28.35
C PRO A 126 10.33 10.63 28.18
N LYS A 127 10.42 11.55 27.24
CA LYS A 127 11.71 12.13 26.87
C LYS A 127 12.25 13.11 27.90
N GLY A 128 11.61 13.24 29.05
CA GLY A 128 12.10 14.13 30.08
C GLY A 128 12.24 13.44 31.42
N ALA A 129 11.88 12.16 31.48
CA ALA A 129 11.91 11.45 32.74
C ALA A 129 13.36 11.16 33.15
N PRO A 130 13.78 11.55 34.34
CA PRO A 130 15.14 11.26 34.79
C PRO A 130 15.24 9.96 35.55
N ASN A 131 16.41 9.33 35.43
CA ASN A 131 16.68 8.13 36.21
C ASN A 131 16.79 8.49 37.68
N PRO A 132 16.44 7.56 38.57
CA PRO A 132 16.58 7.82 40.00
C PRO A 132 18.03 8.06 40.39
N CYS A 133 18.34 9.23 40.92
CA CYS A 133 19.72 9.59 41.19
C CYS A 133 19.77 10.56 42.36
N GLU A 134 20.99 10.92 42.75
CA GLU A 134 21.24 11.84 43.84
C GLU A 134 22.15 12.95 43.36
N TRP A 135 22.23 14.01 44.16
CA TRP A 135 23.11 15.14 43.87
C TRP A 135 23.30 15.95 45.14
N ASP A 136 24.20 16.91 45.07
CA ASP A 136 24.54 17.77 46.21
C ASP A 136 24.25 19.22 45.88
N GLU A 137 23.85 19.98 46.89
CA GLU A 137 23.55 21.39 46.72
C GLU A 137 24.31 22.25 47.72
N THR A 166 22.48 17.83 50.26
CA THR A 166 22.39 16.64 49.42
C THR A 166 20.96 16.13 49.35
N HIS A 167 20.45 15.92 48.14
CA HIS A 167 19.08 15.50 47.94
C HIS A 167 19.05 14.25 47.07
N VAL A 168 18.04 13.43 47.29
CA VAL A 168 17.87 12.16 46.57
C VAL A 168 16.46 12.11 46.01
N PHE A 169 16.35 11.80 44.72
CA PHE A 169 15.07 11.66 44.05
C PHE A 169 15.02 10.26 43.44
N GLY A 170 14.13 9.42 43.97
CA GLY A 170 14.07 8.05 43.52
C GLY A 170 12.71 7.40 43.69
N GLN A 171 12.63 6.10 43.41
CA GLN A 171 11.37 5.38 43.45
C GLN A 171 11.65 3.92 43.72
N ALA A 172 10.98 3.36 44.72
CA ALA A 172 11.21 1.97 45.13
C ALA A 172 9.99 1.12 44.80
N PRO A 173 10.03 0.33 43.75
CA PRO A 173 8.84 -0.45 43.38
C PRO A 173 8.73 -1.79 44.11
N TYR A 174 9.87 -2.36 44.50
CA TYR A 174 9.86 -3.69 45.07
C TYR A 174 9.24 -3.68 46.46
N SER A 175 8.62 -4.80 46.81
CA SER A 175 8.02 -4.98 48.14
C SER A 175 8.54 -6.26 48.75
N GLY A 176 8.84 -6.20 50.04
CA GLY A 176 9.40 -7.33 50.76
C GLY A 176 8.58 -7.66 51.98
N ILE A 177 9.25 -8.26 52.97
CA ILE A 177 8.63 -8.68 54.21
C ILE A 177 9.09 -7.83 55.39
N ASN A 178 10.40 -7.83 55.67
CA ASN A 178 10.95 -7.12 56.80
C ASN A 178 12.24 -6.45 56.38
N ILE A 179 12.61 -5.39 57.10
CA ILE A 179 13.82 -4.63 56.84
C ILE A 179 14.69 -4.69 58.08
N THR A 180 15.94 -5.13 57.92
CA THR A 180 16.92 -5.09 58.98
C THR A 180 18.20 -4.44 58.48
N LYS A 181 19.26 -4.47 59.29
CA LYS A 181 20.51 -3.86 58.88
C LYS A 181 21.19 -4.61 57.74
N GLU A 182 20.74 -5.83 57.45
CA GLU A 182 21.28 -6.60 56.35
C GLU A 182 20.57 -6.32 55.03
N GLY A 183 19.54 -5.49 55.05
CA GLY A 183 18.79 -5.17 53.85
C GLY A 183 17.40 -5.76 53.88
N ILE A 184 16.74 -5.68 52.73
CA ILE A 184 15.39 -6.20 52.60
C ILE A 184 15.41 -7.72 52.67
N GLN A 185 14.37 -8.29 53.27
CA GLN A 185 14.23 -9.74 53.36
C GLN A 185 13.25 -10.20 52.30
N ILE A 186 13.69 -11.12 51.43
CA ILE A 186 12.87 -11.56 50.32
C ILE A 186 12.22 -12.92 50.55
N GLY A 187 12.71 -13.71 51.49
CA GLY A 187 12.11 -15.01 51.73
C GLY A 187 12.86 -15.78 52.78
N VAL A 188 12.48 -17.05 52.93
CA VAL A 188 13.08 -17.94 53.91
C VAL A 188 13.82 -19.07 53.22
N THR A 192 14.74 -19.83 58.35
CA THR A 192 15.62 -18.70 58.55
C THR A 192 15.48 -17.68 57.42
N PRO A 193 15.49 -16.40 57.77
CA PRO A 193 15.29 -15.36 56.75
C PRO A 193 16.43 -15.33 55.74
N LYS A 194 16.09 -14.96 54.52
CA LYS A 194 17.05 -14.77 53.44
C LYS A 194 16.98 -13.33 52.97
N TYR A 195 18.12 -12.76 52.62
CA TYR A 195 18.21 -11.37 52.21
C TYR A 195 18.64 -11.25 50.76
N ALA A 196 18.20 -10.19 50.12
CA ALA A 196 18.45 -9.98 48.70
C ALA A 196 19.94 -9.82 48.43
N ASP A 197 20.37 -10.34 47.28
CA ASP A 197 21.76 -10.22 46.87
C ASP A 197 22.01 -8.81 46.35
N LYS A 198 22.91 -8.08 47.00
CA LYS A 198 23.14 -6.69 46.64
C LYS A 198 23.75 -6.53 45.26
N THR A 199 24.33 -7.59 44.69
CA THR A 199 24.95 -7.48 43.38
C THR A 199 23.92 -7.20 42.30
N PHE A 200 22.80 -7.90 42.32
CA PHE A 200 21.79 -7.77 41.29
C PHE A 200 20.37 -7.63 41.80
N GLN A 201 20.13 -7.82 43.08
CA GLN A 201 18.79 -7.64 43.61
C GLN A 201 18.70 -6.36 44.43
N PRO A 202 17.54 -5.71 44.45
CA PRO A 202 16.30 -6.07 43.76
C PRO A 202 16.35 -5.72 42.29
N GLU A 203 15.81 -6.57 41.43
CA GLU A 203 15.80 -6.28 40.01
C GLU A 203 14.83 -5.14 39.73
N PRO A 204 15.15 -4.28 38.76
CA PRO A 204 14.30 -3.12 38.46
C PRO A 204 13.08 -3.42 37.60
N GLN A 205 12.72 -4.67 37.36
CA GLN A 205 11.47 -4.99 36.69
C GLN A 205 10.40 -5.51 37.62
N ILE A 206 10.78 -6.18 38.71
CA ILE A 206 9.80 -6.76 39.62
C ILE A 206 9.09 -5.65 40.37
N GLY A 207 7.78 -5.74 40.43
CA GLY A 207 6.97 -4.78 41.17
C GLY A 207 5.67 -5.41 41.58
N GLU A 208 4.65 -4.56 41.75
CA GLU A 208 3.33 -5.04 42.12
C GLU A 208 2.59 -5.56 40.88
N SER A 209 1.39 -6.08 41.10
CA SER A 209 0.61 -6.63 40.00
C SER A 209 -0.82 -6.10 40.02
N GLN A 210 -1.32 -5.74 41.19
CA GLN A 210 -2.68 -5.25 41.33
C GLN A 210 -2.71 -3.73 41.16
N TRP A 211 -3.69 -3.25 40.40
CA TRP A 211 -3.79 -1.81 40.14
C TRP A 211 -4.08 -1.04 41.41
N TYR A 212 -4.97 -1.55 42.26
CA TYR A 212 -5.30 -0.84 43.49
C TYR A 212 -4.14 -0.94 44.49
N GLU A 213 -3.86 0.18 45.15
CA GLU A 213 -2.78 0.21 46.12
C GLU A 213 -3.13 -0.62 47.35
N THR A 214 -2.09 -1.11 48.03
CA THR A 214 -2.28 -1.98 49.19
C THR A 214 -1.43 -1.55 50.38
N GLU A 215 -0.93 -0.32 50.37
CA GLU A 215 -0.18 0.25 51.50
C GLU A 215 1.04 -0.62 51.84
N ILE A 216 1.98 -0.65 50.89
CA ILE A 216 3.20 -1.41 51.06
C ILE A 216 3.92 -0.94 52.31
N ASN A 217 4.36 -1.89 53.14
CA ASN A 217 5.02 -1.56 54.40
C ASN A 217 6.54 -1.66 54.33
N HIS A 218 7.09 -2.41 53.39
CA HIS A 218 8.54 -2.55 53.27
C HIS A 218 8.87 -2.56 51.79
N ALA A 219 9.63 -1.57 51.34
CA ALA A 219 9.93 -1.40 49.93
C ALA A 219 11.43 -1.23 49.74
N ALA A 220 11.88 -1.51 48.51
CA ALA A 220 13.29 -1.38 48.18
C ALA A 220 13.43 -1.00 46.72
N GLY A 221 14.59 -0.47 46.38
CA GLY A 221 14.86 -0.05 45.02
C GLY A 221 16.31 0.34 44.85
N ARG A 222 16.65 0.72 43.63
CA ARG A 222 18.01 1.09 43.27
C ARG A 222 18.06 2.56 42.91
N VAL A 223 19.14 3.23 43.32
CA VAL A 223 19.38 4.62 43.00
C VAL A 223 20.83 4.76 42.57
N LEU A 224 21.11 5.78 41.77
CA LEU A 224 22.45 6.01 41.24
C LEU A 224 23.21 6.98 42.13
N LYS A 225 24.49 6.71 42.33
CA LYS A 225 25.32 7.56 43.18
C LYS A 225 25.59 8.90 42.49
N LYS A 226 26.06 9.86 43.27
CA LYS A 226 26.27 11.22 42.78
C LYS A 226 27.49 11.35 41.88
N THR A 227 28.33 10.32 41.79
CA THR A 227 29.53 10.38 40.97
C THR A 227 29.30 9.88 39.55
N THR A 228 28.07 9.97 39.06
CA THR A 228 27.73 9.48 37.74
C THR A 228 27.17 10.61 36.89
N PRO A 229 27.32 10.52 35.56
CA PRO A 229 26.76 11.56 34.69
C PRO A 229 25.25 11.67 34.84
N MET A 230 24.76 12.89 34.67
CA MET A 230 23.35 13.22 34.84
C MET A 230 22.64 13.01 33.51
N LYS A 231 21.82 11.97 33.41
CA LYS A 231 21.22 11.66 32.13
C LYS A 231 19.75 11.32 32.29
N PRO A 232 18.93 11.62 31.28
CA PRO A 232 17.52 11.20 31.32
C PRO A 232 17.40 9.71 31.08
N CYS A 233 16.23 9.17 31.46
CA CYS A 233 15.99 7.74 31.29
C CYS A 233 15.94 7.34 29.83
N TYR A 234 15.40 8.20 28.98
CA TYR A 234 15.28 7.91 27.56
C TYR A 234 16.65 7.73 26.93
N GLY A 235 16.89 6.56 26.34
CA GLY A 235 18.14 6.31 25.66
C GLY A 235 19.32 5.99 26.54
N SER A 236 19.11 5.88 27.86
CA SER A 236 20.21 5.63 28.78
C SER A 236 20.53 4.14 28.83
N TYR A 237 21.81 3.82 28.68
CA TYR A 237 22.25 2.43 28.64
C TYR A 237 23.50 2.27 29.50
N ALA A 238 23.61 1.11 30.16
CA ALA A 238 24.78 0.80 30.97
C ALA A 238 25.04 -0.70 30.88
N LYS A 239 26.27 -1.06 30.50
CA LYS A 239 26.60 -2.44 30.25
C LYS A 239 26.54 -3.26 31.54
N PRO A 240 26.20 -4.54 31.44
CA PRO A 240 26.19 -5.39 32.64
C PRO A 240 27.59 -5.84 33.02
N THR A 241 27.71 -6.27 34.28
CA THR A 241 28.99 -6.73 34.81
C THR A 241 28.89 -8.06 35.55
N ASN A 242 27.78 -8.77 35.42
CA ASN A 242 27.67 -10.10 36.01
C ASN A 242 26.61 -10.88 35.27
N GLU A 243 26.67 -12.21 35.42
CA GLU A 243 25.73 -13.09 34.72
C GLU A 243 24.30 -12.87 35.17
N ASN A 244 24.08 -12.30 36.34
CA ASN A 244 22.73 -12.06 36.84
C ASN A 244 22.13 -10.77 36.31
N GLY A 245 22.87 -10.01 35.51
CA GLY A 245 22.34 -8.80 34.92
C GLY A 245 22.63 -7.53 35.69
N GLY A 246 23.39 -7.61 36.79
CA GLY A 246 23.72 -6.42 37.53
C GLY A 246 24.61 -5.48 36.74
N GLN A 247 24.54 -4.20 37.10
CA GLN A 247 25.28 -3.18 36.37
C GLN A 247 26.28 -2.42 37.23
N GLY A 248 26.58 -2.91 38.44
CA GLY A 248 27.51 -2.23 39.30
C GLY A 248 28.92 -2.24 38.74
N ILE A 249 29.71 -1.28 39.21
CA ILE A 249 31.11 -1.14 38.79
C ILE A 249 31.98 -1.90 39.77
N LEU A 250 32.88 -2.73 39.24
CA LEU A 250 33.74 -3.57 40.04
C LEU A 250 35.10 -2.91 40.24
N VAL A 251 35.55 -2.85 41.49
CA VAL A 251 36.86 -2.31 41.85
C VAL A 251 37.54 -3.31 42.77
N LYS A 252 38.84 -3.50 42.55
CA LYS A 252 39.62 -4.41 43.39
C LYS A 252 39.71 -3.89 44.83
N LEU A 258 38.07 -7.76 42.74
CA LEU A 258 37.15 -6.93 41.98
C LEU A 258 35.72 -7.13 42.46
N GLU A 259 35.35 -6.43 43.53
CA GLU A 259 34.03 -6.54 44.11
C GLU A 259 33.30 -5.21 43.98
N SER A 260 31.98 -5.29 43.82
CA SER A 260 31.16 -4.10 43.68
C SER A 260 31.08 -3.34 44.99
N GLN A 261 30.70 -2.07 44.90
CA GLN A 261 30.70 -1.17 46.05
C GLN A 261 29.34 -0.50 46.20
N VAL A 262 28.27 -1.30 46.14
CA VAL A 262 26.95 -0.75 46.41
C VAL A 262 26.83 -0.42 47.89
N GLU A 263 25.97 0.54 48.21
CA GLU A 263 25.81 1.01 49.57
C GLU A 263 24.34 0.95 49.98
N MET A 264 24.12 0.86 51.30
CA MET A 264 22.80 0.77 51.87
C MET A 264 22.40 2.15 52.40
N GLN A 265 21.20 2.59 52.05
CA GLN A 265 20.63 3.82 52.59
C GLN A 265 19.21 3.53 53.06
N PHE A 266 18.89 3.99 54.27
CA PHE A 266 17.60 3.72 54.90
C PHE A 266 16.80 5.01 55.03
N PHE A 267 15.49 4.89 54.81
CA PHE A 267 14.60 6.04 54.91
C PHE A 267 13.35 5.64 55.67
N SER A 268 12.86 6.55 56.50
CA SER A 268 11.65 6.31 57.29
C SER A 268 10.78 7.56 57.24
N THR A 269 9.50 7.36 57.54
CA THR A 269 8.56 8.47 57.55
C THR A 269 8.90 9.46 58.65
N THR A 270 8.45 10.70 58.47
CA THR A 270 8.70 11.74 59.44
C THR A 270 7.83 11.53 60.67
N GLU A 271 8.17 10.52 61.49
CA GLU A 271 7.44 10.20 62.71
C GLU A 271 5.96 9.98 62.44
N LEU A 280 10.64 2.91 66.36
CA LEU A 280 11.24 3.50 65.17
C LEU A 280 11.91 2.44 64.31
N THR A 281 11.39 2.24 63.10
CA THR A 281 11.90 1.25 62.17
C THR A 281 11.97 1.86 60.78
N PRO A 282 12.87 1.40 59.93
CA PRO A 282 12.94 1.92 58.56
C PRO A 282 11.75 1.44 57.75
N LYS A 283 11.52 2.14 56.64
CA LYS A 283 10.41 1.82 55.74
C LYS A 283 10.87 1.43 54.34
N VAL A 284 11.88 2.09 53.79
CA VAL A 284 12.35 1.81 52.44
C VAL A 284 13.87 1.84 52.43
N VAL A 285 14.47 0.87 51.73
CA VAL A 285 15.90 0.78 51.58
C VAL A 285 16.27 1.01 50.12
N LEU A 286 17.27 1.86 49.90
CA LEU A 286 17.71 2.20 48.56
C LEU A 286 19.10 1.64 48.32
N TYR A 287 19.24 0.87 47.25
CA TYR A 287 20.49 0.22 46.89
C TYR A 287 21.25 1.13 45.95
N SER A 288 22.05 2.03 46.52
CA SER A 288 22.82 2.97 45.72
C SER A 288 23.98 2.27 45.04
N GLU A 289 24.30 2.71 43.82
CA GLU A 289 25.40 2.14 43.07
C GLU A 289 25.86 3.16 42.04
N ASP A 290 26.82 2.75 41.21
CA ASP A 290 27.33 3.58 40.13
C ASP A 290 27.57 2.72 38.90
N VAL A 291 27.19 3.25 37.74
CA VAL A 291 27.28 2.53 36.49
C VAL A 291 27.95 3.42 35.45
N ASP A 292 28.40 2.78 34.37
CA ASP A 292 29.01 3.49 33.25
C ASP A 292 27.92 3.87 32.26
N ILE A 293 27.15 4.88 32.64
CA ILE A 293 25.98 5.27 31.85
C ILE A 293 26.43 5.92 30.55
N GLU A 294 25.82 5.51 29.44
CA GLU A 294 26.12 6.05 28.12
C GLU A 294 24.83 6.33 27.38
N THR A 295 24.94 7.17 26.33
CA THR A 295 23.82 7.49 25.45
C THR A 295 24.28 7.24 24.02
N PRO A 296 24.24 5.98 23.58
CA PRO A 296 24.82 5.64 22.27
C PRO A 296 24.18 6.34 21.09
N ASP A 297 22.90 6.69 21.16
CA ASP A 297 22.22 7.18 19.96
C ASP A 297 21.36 8.41 20.19
N THR A 298 21.37 9.01 21.37
CA THR A 298 20.56 10.18 21.65
C THR A 298 21.45 11.31 22.14
N HIS A 299 20.96 12.53 21.97
CA HIS A 299 21.68 13.72 22.37
C HIS A 299 20.72 14.67 23.07
N ILE A 300 21.29 15.55 23.90
CA ILE A 300 20.47 16.50 24.66
C ILE A 300 19.84 17.50 23.71
N SER A 301 18.53 17.73 23.87
CA SER A 301 17.82 18.68 23.04
C SER A 301 17.61 20.03 23.71
N TYR A 302 17.75 20.11 25.04
CA TYR A 302 17.54 21.37 25.74
C TYR A 302 18.35 21.34 27.02
N MET A 303 19.45 22.08 27.04
CA MET A 303 20.27 22.19 28.24
C MET A 303 19.81 23.37 29.07
N PRO A 304 19.40 23.16 30.32
CA PRO A 304 18.93 24.28 31.14
C PRO A 304 20.02 25.28 31.47
N THR A 305 21.15 24.80 31.97
CA THR A 305 22.25 25.67 32.35
C THR A 305 23.57 25.08 31.84
N ILE A 306 24.54 25.97 31.61
CA ILE A 306 25.80 25.55 31.03
C ILE A 306 26.75 24.99 32.09
N LYS A 307 26.62 25.43 33.34
CA LYS A 307 27.53 25.00 34.39
C LYS A 307 27.47 23.48 34.57
N GLU A 308 28.65 22.86 34.60
CA GLU A 308 28.72 21.42 34.73
C GLU A 308 28.53 21.01 36.19
N GLY A 309 28.31 19.71 36.39
CA GLY A 309 28.09 19.17 37.72
C GLY A 309 26.62 18.90 38.00
N ASN A 310 26.35 17.84 38.74
CA ASN A 310 24.96 17.46 39.03
C ASN A 310 24.35 18.48 39.98
N SER A 311 23.44 19.30 39.47
CA SER A 311 22.74 20.31 40.25
C SER A 311 21.24 20.12 40.07
N ARG A 312 20.46 20.87 40.85
CA ARG A 312 19.01 20.76 40.76
C ARG A 312 18.52 21.18 39.39
N GLU A 313 19.08 22.26 38.84
CA GLU A 313 18.63 22.75 37.54
C GLU A 313 18.88 21.74 36.44
N LEU A 314 19.78 20.78 36.66
CA LEU A 314 20.09 19.80 35.64
C LEU A 314 18.99 18.77 35.46
N MET A 315 17.96 18.78 36.32
CA MET A 315 16.84 17.86 36.17
C MET A 315 16.15 18.00 34.82
N GLY A 316 16.10 19.19 34.26
CA GLY A 316 15.20 19.50 33.17
C GLY A 316 15.68 19.17 31.77
N GLN A 317 16.85 18.55 31.62
CA GLN A 317 17.33 18.26 30.28
C GLN A 317 16.42 17.24 29.59
N GLN A 318 16.38 17.33 28.26
CA GLN A 318 15.56 16.45 27.45
C GLN A 318 16.39 15.92 26.30
N SER A 319 15.99 14.78 25.77
CA SER A 319 16.73 14.09 24.73
C SER A 319 15.84 13.78 23.54
N MET A 320 16.45 13.73 22.37
CA MET A 320 15.77 13.24 21.18
C MET A 320 16.76 12.42 20.36
N PRO A 321 16.31 11.42 19.64
CA PRO A 321 17.24 10.51 18.97
C PRO A 321 18.03 11.18 17.86
N ASN A 322 19.22 10.66 17.61
CA ASN A 322 20.04 11.17 16.52
C ASN A 322 19.41 10.85 15.18
N ARG A 323 19.71 11.69 14.19
CA ARG A 323 19.14 11.50 12.87
C ARG A 323 19.65 10.18 12.26
N PRO A 324 18.78 9.42 11.62
CA PRO A 324 19.24 8.20 10.94
C PRO A 324 20.14 8.53 9.77
N ASN A 325 21.07 7.63 9.50
CA ASN A 325 22.01 7.84 8.40
C ASN A 325 22.51 6.47 7.94
N TYR A 326 21.96 5.99 6.83
CA TYR A 326 22.42 4.74 6.25
C TYR A 326 23.68 4.96 5.43
N ILE A 327 24.57 3.98 5.48
CA ILE A 327 25.81 4.00 4.71
C ILE A 327 25.96 2.66 4.02
N ALA A 328 26.19 2.68 2.71
CA ALA A 328 26.30 1.46 1.93
C ALA A 328 27.06 1.76 0.65
N PHE A 329 27.31 0.70 -0.13
CA PHE A 329 27.91 0.89 -1.43
C PHE A 329 26.92 1.52 -2.39
N ARG A 330 27.44 2.19 -3.40
CA ARG A 330 26.60 2.83 -4.39
C ARG A 330 25.91 1.78 -5.26
N ASP A 331 24.83 2.20 -5.92
CA ASP A 331 24.12 1.33 -6.82
C ASP A 331 25.04 0.82 -7.92
N ASN A 332 24.95 -0.49 -8.19
CA ASN A 332 25.78 -1.14 -9.21
C ASN A 332 27.26 -0.95 -8.95
N PHE A 333 27.62 -0.72 -7.69
CA PHE A 333 29.01 -0.53 -7.29
C PHE A 333 29.67 0.59 -8.11
N ILE A 334 28.93 1.68 -8.31
CA ILE A 334 29.45 2.80 -9.08
C ILE A 334 30.60 3.44 -8.33
N GLY A 335 31.70 3.67 -9.04
CA GLY A 335 32.86 4.31 -8.46
C GLY A 335 33.92 3.36 -7.94
N LEU A 336 33.61 2.07 -7.86
CA LEU A 336 34.61 1.12 -7.38
C LEU A 336 35.73 0.91 -8.39
N MET A 337 35.44 1.07 -9.67
CA MET A 337 36.41 0.87 -10.74
C MET A 337 36.68 2.19 -11.43
N TYR A 338 37.94 2.40 -11.82
CA TYR A 338 38.30 3.63 -12.50
C TYR A 338 37.77 3.62 -13.93
N TYR A 339 37.12 4.70 -14.31
CA TYR A 339 36.57 4.83 -15.66
C TYR A 339 36.84 6.24 -16.16
N ASN A 340 37.17 6.34 -17.45
CA ASN A 340 37.36 7.64 -18.10
C ASN A 340 38.41 8.47 -17.39
N SER A 341 39.48 7.83 -16.94
CA SER A 341 40.61 8.51 -16.33
C SER A 341 41.87 8.11 -17.06
N THR A 342 42.55 9.09 -17.64
CA THR A 342 43.78 8.80 -18.38
C THR A 342 44.88 8.30 -17.44
N GLY A 343 44.98 8.88 -16.25
CA GLY A 343 46.01 8.46 -15.31
C GLY A 343 45.84 7.04 -14.83
N ASN A 344 44.61 6.58 -14.68
CA ASN A 344 44.30 5.26 -14.16
C ASN A 344 43.70 4.38 -15.25
N MET A 345 44.30 4.45 -16.44
CA MET A 345 43.78 3.77 -17.61
C MET A 345 43.70 2.26 -17.37
N GLY A 346 42.56 1.67 -17.69
CA GLY A 346 42.45 0.23 -17.72
C GLY A 346 43.02 -0.34 -19.00
N VAL A 347 43.56 -1.55 -18.91
CA VAL A 347 44.25 -2.18 -20.04
C VAL A 347 43.78 -3.61 -20.21
N LEU A 348 43.55 -4.00 -21.46
CA LEU A 348 43.25 -5.38 -21.82
C LEU A 348 43.92 -5.65 -23.16
N ALA A 349 44.96 -6.46 -23.15
CA ALA A 349 45.77 -6.67 -24.35
C ALA A 349 46.15 -8.14 -24.47
N GLY A 350 46.51 -8.52 -25.69
CA GLY A 350 47.01 -9.86 -25.90
C GLY A 350 48.32 -10.09 -25.17
N GLN A 351 48.54 -11.34 -24.77
CA GLN A 351 49.72 -11.66 -23.98
C GLN A 351 51.02 -11.44 -24.77
N ALA A 352 50.96 -11.57 -26.09
CA ALA A 352 52.15 -11.44 -26.93
C ALA A 352 52.33 -10.06 -27.52
N SER A 353 51.24 -9.31 -27.73
CA SER A 353 51.33 -8.01 -28.38
C SER A 353 51.48 -6.87 -27.38
N GLN A 354 50.80 -6.96 -26.23
CA GLN A 354 50.86 -5.93 -25.19
C GLN A 354 50.41 -4.57 -25.70
N LEU A 355 49.55 -4.56 -26.71
CA LEU A 355 48.98 -3.32 -27.25
C LEU A 355 47.58 -3.15 -26.68
N ASN A 356 47.37 -2.08 -25.91
CA ASN A 356 46.11 -1.89 -25.22
C ASN A 356 44.96 -1.77 -26.21
N ALA A 357 43.95 -2.62 -26.03
CA ALA A 357 42.76 -2.61 -26.88
C ALA A 357 41.65 -1.75 -26.31
N VAL A 358 41.88 -1.08 -25.18
CA VAL A 358 40.89 -0.23 -24.55
C VAL A 358 41.49 1.17 -24.48
N VAL A 359 40.86 2.12 -25.15
CA VAL A 359 41.26 3.52 -25.08
C VAL A 359 40.04 4.33 -24.65
N ASP A 360 40.20 5.07 -23.56
CA ASP A 360 39.11 5.84 -22.98
C ASP A 360 39.34 7.33 -23.21
N LEU A 361 38.27 8.10 -23.01
CA LEU A 361 38.30 9.54 -23.21
C LEU A 361 37.83 10.24 -21.95
N GLN A 362 38.36 11.44 -21.72
CA GLN A 362 38.00 12.20 -20.53
C GLN A 362 36.53 12.59 -20.54
N ASP A 363 36.01 12.99 -21.71
CA ASP A 363 34.64 13.46 -21.80
C ASP A 363 33.62 12.33 -21.89
N ARG A 364 34.05 11.10 -22.17
CA ARG A 364 33.12 9.99 -22.23
C ARG A 364 32.62 9.65 -20.83
N ASN A 365 31.35 9.26 -20.75
CA ASN A 365 30.73 8.86 -19.50
C ASN A 365 30.14 7.47 -19.68
N THR A 366 30.53 6.54 -18.82
CA THR A 366 30.13 5.14 -18.97
C THR A 366 29.10 4.71 -17.95
N GLU A 367 29.35 4.95 -16.67
CA GLU A 367 28.43 4.52 -15.62
C GLU A 367 27.05 5.16 -15.80
N LEU A 368 27.00 6.42 -16.22
CA LEU A 368 25.70 7.00 -16.55
C LEU A 368 25.07 6.28 -17.73
N SER A 369 25.87 5.95 -18.74
CA SER A 369 25.35 5.19 -19.87
C SER A 369 24.86 3.83 -19.41
N TYR A 370 25.60 3.20 -18.51
CA TYR A 370 25.17 1.89 -18.00
C TYR A 370 23.85 1.98 -17.27
N GLN A 371 23.65 3.05 -16.48
CA GLN A 371 22.40 3.21 -15.77
C GLN A 371 21.23 3.35 -16.73
N LEU A 372 21.39 4.18 -17.77
CA LEU A 372 20.31 4.39 -18.72
C LEU A 372 20.00 3.10 -19.50
N LEU A 373 21.05 2.36 -19.88
CA LEU A 373 20.82 1.11 -20.60
C LEU A 373 20.05 0.12 -19.74
N LEU A 374 20.36 0.04 -18.45
CA LEU A 374 19.68 -0.89 -17.57
C LEU A 374 18.19 -0.62 -17.51
N ASP A 375 17.82 0.65 -17.44
CA ASP A 375 16.39 1.01 -17.41
C ASP A 375 15.68 0.57 -18.67
N SER A 376 16.31 0.77 -19.83
CA SER A 376 15.63 0.52 -21.10
C SER A 376 15.31 -0.95 -21.30
N ILE A 377 16.24 -1.83 -20.95
CA ILE A 377 16.10 -3.25 -21.25
C ILE A 377 15.60 -4.05 -20.06
N GLY A 378 15.02 -3.38 -19.06
CA GLY A 378 14.53 -4.11 -17.91
C GLY A 378 13.65 -3.24 -17.05
N ASP A 379 13.33 -3.77 -15.88
CA ASP A 379 12.53 -3.07 -14.87
C ASP A 379 13.39 -2.85 -13.64
N ARG A 380 13.46 -1.59 -13.19
CA ARG A 380 14.28 -1.24 -12.05
C ARG A 380 13.57 -1.38 -10.72
N THR A 381 12.27 -1.61 -10.71
CA THR A 381 11.55 -1.71 -9.45
C THR A 381 11.88 -2.99 -8.67
N ARG A 382 12.58 -3.93 -9.29
CA ARG A 382 12.99 -5.15 -8.63
C ARG A 382 14.42 -5.02 -8.11
N TYR A 383 14.75 -5.84 -7.12
CA TYR A 383 16.05 -5.79 -6.46
C TYR A 383 16.82 -7.06 -6.75
N PHE A 384 18.06 -6.90 -7.19
CA PHE A 384 18.98 -8.01 -7.42
C PHE A 384 20.20 -7.79 -6.54
N SER A 385 20.36 -8.63 -5.52
CA SER A 385 21.43 -8.42 -4.56
C SER A 385 22.80 -8.74 -5.12
N MET A 386 22.88 -9.56 -6.17
CA MET A 386 24.19 -9.99 -6.66
C MET A 386 25.00 -8.81 -7.16
N TRP A 387 24.37 -7.89 -7.89
CA TRP A 387 25.06 -6.73 -8.44
C TRP A 387 24.81 -5.47 -7.64
N ASN A 388 24.29 -5.59 -6.41
CA ASN A 388 23.91 -4.43 -5.61
C ASN A 388 22.92 -3.56 -6.39
N GLN A 389 22.02 -4.20 -7.11
CA GLN A 389 21.12 -3.53 -8.04
C GLN A 389 19.87 -3.11 -7.29
N ALA A 390 19.85 -1.86 -6.83
CA ALA A 390 18.68 -1.32 -6.13
C ALA A 390 18.65 0.18 -6.43
N VAL A 391 17.81 0.57 -7.39
CA VAL A 391 17.80 1.94 -7.86
C VAL A 391 17.35 2.88 -6.74
N ASP A 392 18.04 4.00 -6.61
CA ASP A 392 17.63 5.02 -5.65
C ASP A 392 16.28 5.60 -6.04
N SER A 393 15.49 5.91 -5.02
CA SER A 393 14.16 6.46 -5.25
C SER A 393 13.79 7.31 -4.04
N TYR A 394 12.53 7.73 -3.98
CA TYR A 394 12.06 8.50 -2.84
C TYR A 394 10.56 8.28 -2.71
N ASP A 395 10.07 8.50 -1.51
CA ASP A 395 8.64 8.41 -1.27
C ASP A 395 7.94 9.54 -2.01
N PRO A 396 6.95 9.24 -2.85
CA PRO A 396 6.26 10.33 -3.55
C PRO A 396 5.57 11.31 -2.61
N ASP A 397 5.25 10.89 -1.39
CA ASP A 397 4.57 11.79 -0.47
C ASP A 397 5.50 12.86 0.09
N VAL A 398 6.73 12.48 0.46
CA VAL A 398 7.64 13.46 1.04
C VAL A 398 8.08 14.48 0.01
N ARG A 399 8.26 14.04 -1.24
CA ARG A 399 8.66 14.97 -2.29
C ARG A 399 7.54 15.96 -2.59
N ILE A 400 6.31 15.47 -2.71
CA ILE A 400 5.15 16.30 -2.99
C ILE A 400 4.09 15.95 -1.96
N ILE A 401 3.84 16.85 -1.02
CA ILE A 401 2.92 16.57 0.06
C ILE A 401 1.49 16.79 -0.41
N GLU A 402 0.67 15.74 -0.32
CA GLU A 402 -0.75 15.84 -0.61
C GLU A 402 -1.50 16.03 0.71
N ASN A 403 -1.30 17.21 1.29
CA ASN A 403 -1.82 17.48 2.62
C ASN A 403 -3.33 17.68 2.59
N HIS A 404 -4.08 16.60 2.73
CA HIS A 404 -5.54 16.66 2.76
C HIS A 404 -6.07 16.54 4.18
N GLY A 405 -5.25 16.86 5.17
CA GLY A 405 -5.75 16.87 6.53
C GLY A 405 -5.90 15.48 7.11
N THR A 406 -6.53 15.44 8.28
CA THR A 406 -6.70 14.21 9.04
C THR A 406 -8.18 14.02 9.38
N GLU A 407 -8.53 12.77 9.64
CA GLU A 407 -9.90 12.39 10.02
C GLU A 407 -9.93 12.26 11.54
N ASP A 408 -10.49 13.27 12.20
CA ASP A 408 -10.51 13.32 13.66
C ASP A 408 -11.88 13.72 14.17
N GLU A 409 -12.93 13.11 13.62
CA GLU A 409 -14.28 13.45 14.05
C GLU A 409 -14.56 12.97 15.47
N LEU A 410 -14.02 11.85 15.85
CA LEU A 410 -14.30 11.37 17.19
C LEU A 410 -13.13 11.66 18.12
N PRO A 411 -13.40 11.88 19.40
CA PRO A 411 -12.32 12.05 20.37
C PRO A 411 -11.88 10.73 20.99
N ASN A 412 -10.57 10.56 21.09
CA ASN A 412 -9.96 9.34 21.61
C ASN A 412 -9.45 9.60 23.02
N TYR A 413 -9.89 8.81 23.97
CA TYR A 413 -9.64 9.09 25.38
C TYR A 413 -8.65 8.11 25.99
N CYS A 414 -8.16 8.47 27.16
CA CYS A 414 -7.37 7.59 28.02
C CYS A 414 -8.02 7.52 29.38
N PHE A 415 -8.08 6.32 29.95
CA PHE A 415 -8.78 6.06 31.19
C PHE A 415 -7.85 5.45 32.22
N PRO A 416 -8.10 5.66 33.51
CA PRO A 416 -7.22 5.12 34.54
C PRO A 416 -7.26 3.60 34.56
N LEU A 417 -6.25 3.01 35.19
CA LEU A 417 -6.13 1.56 35.19
C LEU A 417 -7.32 0.92 35.89
N GLY A 418 -7.75 1.47 37.02
CA GLY A 418 -8.88 0.95 37.73
C GLY A 418 -10.22 1.47 37.27
N GLY A 419 -10.25 2.30 36.25
CA GLY A 419 -11.52 2.89 35.81
C GLY A 419 -11.91 4.14 36.55
N VAL A 420 -11.83 4.11 37.88
CA VAL A 420 -12.16 5.24 38.73
C VAL A 420 -11.06 5.40 39.76
N ILE A 421 -10.72 6.67 40.07
CA ILE A 421 -9.68 6.98 41.03
C ILE A 421 -10.20 7.79 42.20
N ASN A 422 -11.09 8.74 41.96
CA ASN A 422 -11.58 9.65 43.00
C ASN A 422 -13.01 9.26 43.34
N THR A 423 -13.15 8.42 44.36
CA THR A 423 -14.45 7.94 44.81
C THR A 423 -14.63 8.28 46.29
N GLU A 424 -15.89 8.37 46.70
CA GLU A 424 -16.24 8.70 48.07
C GLU A 424 -16.54 7.44 48.87
N THR A 425 -16.63 7.63 50.18
CA THR A 425 -17.00 6.56 51.11
C THR A 425 -18.35 6.90 51.72
N LEU A 426 -19.32 6.00 51.54
CA LEU A 426 -20.69 6.24 51.97
C LEU A 426 -21.16 5.08 52.83
N THR A 427 -22.18 5.35 53.63
CA THR A 427 -22.80 4.34 54.48
C THR A 427 -24.18 3.98 53.96
N LYS A 428 -24.58 2.74 54.20
CA LYS A 428 -25.86 2.25 53.73
C LYS A 428 -26.95 2.54 54.75
N VAL A 429 -28.09 3.06 54.26
CA VAL A 429 -29.21 3.41 55.12
C VAL A 429 -30.48 2.78 54.55
N LYS A 430 -31.48 2.65 55.41
CA LYS A 430 -32.75 2.03 55.05
C LYS A 430 -33.88 2.86 55.63
N PRO A 431 -35.09 2.76 55.05
CA PRO A 431 -36.27 3.46 55.57
C PRO A 431 -36.64 3.07 56.99
N GLY A 438 -38.63 8.96 56.34
CA GLY A 438 -37.63 8.71 57.37
C GLY A 438 -36.65 7.63 57.01
N TRP A 439 -35.38 7.82 57.40
CA TRP A 439 -34.32 6.89 57.08
C TRP A 439 -33.50 6.60 58.32
N GLU A 440 -33.00 5.37 58.39
CA GLU A 440 -32.25 4.90 59.56
C GLU A 440 -30.99 4.19 59.09
N LYS A 441 -29.98 4.18 59.96
CA LYS A 441 -28.72 3.53 59.64
C LYS A 441 -28.89 2.01 59.65
N ASP A 442 -27.86 1.33 59.17
CA ASP A 442 -27.89 -0.12 59.06
C ASP A 442 -26.59 -0.71 59.60
N ALA A 443 -26.70 -1.94 60.10
CA ALA A 443 -25.56 -2.68 60.63
C ALA A 443 -25.73 -4.15 60.24
N THR A 444 -24.75 -4.97 60.64
CA THR A 444 -24.73 -6.40 60.33
C THR A 444 -24.84 -6.65 58.82
N GLU A 445 -24.38 -5.70 58.03
CA GLU A 445 -24.53 -5.72 56.58
C GLU A 445 -23.34 -4.99 55.97
N PHE A 446 -23.50 -4.53 54.73
CA PHE A 446 -22.48 -3.78 54.01
C PHE A 446 -21.74 -2.82 54.93
N SER A 447 -20.41 -2.87 54.88
CA SER A 447 -19.58 -2.10 55.78
C SER A 447 -19.71 -0.60 55.49
N ASP A 448 -19.26 0.19 56.46
CA ASP A 448 -19.30 1.64 56.31
C ASP A 448 -18.34 2.14 55.25
N LYS A 449 -17.39 1.32 54.80
CA LYS A 449 -16.41 1.70 53.80
C LYS A 449 -16.86 1.14 52.45
N ASN A 450 -17.50 1.99 51.64
CA ASN A 450 -17.94 1.62 50.31
C ASN A 450 -17.44 2.66 49.31
N GLU A 451 -16.83 2.19 48.23
CA GLU A 451 -16.22 3.09 47.24
C GLU A 451 -17.23 3.37 46.15
N ILE A 452 -17.80 4.57 46.17
CA ILE A 452 -18.79 5.00 45.18
C ILE A 452 -18.26 6.23 44.47
N ARG A 453 -18.36 6.23 43.14
CA ARG A 453 -17.97 7.36 42.32
C ARG A 453 -19.22 7.95 41.69
N VAL A 454 -19.45 9.24 41.93
CA VAL A 454 -20.61 9.94 41.39
C VAL A 454 -20.19 10.63 40.10
N GLY A 455 -21.08 10.60 39.11
CA GLY A 455 -20.78 11.23 37.84
C GLY A 455 -19.87 10.39 36.98
N ASN A 456 -19.42 11.01 35.89
CA ASN A 456 -18.57 10.32 34.92
C ASN A 456 -17.17 10.10 35.49
N ASN A 457 -16.47 9.14 34.91
CA ASN A 457 -15.12 8.80 35.34
C ASN A 457 -14.12 9.84 34.85
N PHE A 458 -13.04 10.00 35.60
CA PHE A 458 -11.99 10.93 35.22
C PHE A 458 -11.19 10.37 34.04
N ALA A 459 -10.97 11.23 33.04
CA ALA A 459 -10.27 10.81 31.84
C ALA A 459 -9.92 12.03 31.01
N MET A 460 -8.82 11.95 30.28
CA MET A 460 -8.45 12.95 29.30
C MET A 460 -8.32 12.27 27.94
N GLU A 461 -7.99 13.06 26.92
CA GLU A 461 -8.09 12.58 25.55
C GLU A 461 -6.97 13.12 24.68
N ILE A 462 -6.81 12.50 23.52
CA ILE A 462 -5.73 12.78 22.58
C ILE A 462 -6.31 12.84 21.17
N ASN A 463 -5.83 13.79 20.38
CA ASN A 463 -6.06 13.70 18.94
C ASN A 463 -4.98 12.84 18.31
N LEU A 464 -5.38 11.69 17.78
CA LEU A 464 -4.43 10.69 17.30
C LEU A 464 -3.96 10.97 15.88
N ASN A 465 -4.89 11.13 14.94
CA ASN A 465 -4.49 11.32 13.54
C ASN A 465 -3.69 12.60 13.37
N ALA A 466 -4.05 13.65 14.11
CA ALA A 466 -3.27 14.88 14.04
C ALA A 466 -1.85 14.65 14.55
N ASN A 467 -1.70 13.90 15.63
CA ASN A 467 -0.37 13.64 16.16
C ASN A 467 0.47 12.82 15.19
N LEU A 468 -0.12 11.79 14.58
CA LEU A 468 0.62 10.97 13.63
C LEU A 468 1.05 11.80 12.43
N TRP A 469 0.19 12.70 11.96
CA TRP A 469 0.55 13.55 10.84
C TRP A 469 1.72 14.47 11.19
N ARG A 470 1.71 15.03 12.40
CA ARG A 470 2.81 15.92 12.79
C ARG A 470 4.13 15.18 12.86
N ASN A 471 4.13 13.97 13.42
CA ASN A 471 5.37 13.21 13.53
C ASN A 471 5.91 12.87 12.16
N PHE A 472 5.03 12.50 11.23
CA PHE A 472 5.48 12.17 9.88
C PHE A 472 6.11 13.37 9.20
N LEU A 473 5.50 14.54 9.34
CA LEU A 473 6.01 15.72 8.65
C LEU A 473 7.36 16.16 9.21
N TYR A 474 7.47 16.25 10.53
CA TYR A 474 8.70 16.73 11.13
C TYR A 474 9.87 15.79 10.84
N SER A 475 9.62 14.49 10.91
CA SER A 475 10.71 13.53 10.77
C SER A 475 11.18 13.40 9.34
N ASN A 476 10.31 13.65 8.36
CA ASN A 476 10.66 13.42 6.97
C ASN A 476 10.91 14.68 6.17
N ILE A 477 10.53 15.84 6.68
CA ILE A 477 10.68 17.07 5.91
C ILE A 477 11.43 18.12 6.72
N ALA A 478 10.93 18.44 7.92
CA ALA A 478 11.46 19.55 8.68
C ALA A 478 12.93 19.36 9.01
N LEU A 479 13.40 18.12 9.08
CA LEU A 479 14.80 17.86 9.36
C LEU A 479 15.69 17.96 8.13
N TYR A 480 15.11 18.15 6.94
CA TYR A 480 15.88 18.25 5.72
C TYR A 480 15.81 19.64 5.09
N LEU A 481 15.43 20.64 5.89
CA LEU A 481 15.42 22.01 5.40
C LEU A 481 16.86 22.48 5.18
N PRO A 482 17.06 23.48 4.33
CA PRO A 482 18.41 24.03 4.16
C PRO A 482 18.92 24.62 5.47
N ASP A 483 20.24 24.53 5.66
CA ASP A 483 20.83 24.95 6.92
C ASP A 483 20.61 26.42 7.21
N LYS A 484 20.34 27.24 6.18
CA LYS A 484 20.10 28.65 6.42
C LYS A 484 18.84 28.90 7.23
N LEU A 485 17.89 27.96 7.21
CA LEU A 485 16.67 28.12 8.00
C LEU A 485 16.82 27.63 9.43
N LYS A 486 17.73 26.69 9.68
CA LYS A 486 17.95 26.21 11.02
C LYS A 486 18.75 27.22 11.82
N TYR A 487 18.92 26.95 13.12
CA TYR A 487 19.73 27.80 13.96
C TYR A 487 20.42 26.93 15.01
N SER A 488 21.58 27.39 15.46
CA SER A 488 22.36 26.62 16.41
C SER A 488 21.67 26.57 17.76
N PRO A 489 21.81 25.47 18.49
CA PRO A 489 21.23 25.37 19.83
C PRO A 489 22.04 26.18 20.82
N SER A 490 21.66 26.08 22.09
CA SER A 490 22.27 26.87 23.15
C SER A 490 22.86 25.96 24.22
N ASN A 491 23.96 26.44 24.81
CA ASN A 491 24.63 25.78 25.94
C ASN A 491 25.16 24.41 25.59
N VAL A 492 25.34 24.10 24.31
CA VAL A 492 25.92 22.83 23.90
C VAL A 492 27.04 23.11 22.90
N LYS A 493 27.89 22.12 22.72
CA LYS A 493 29.01 22.22 21.79
C LYS A 493 28.65 21.60 20.45
N ILE A 494 28.92 22.32 19.38
CA ILE A 494 28.58 21.88 18.04
C ILE A 494 29.79 22.11 17.14
N SER A 495 30.09 21.13 16.29
CA SER A 495 31.25 21.23 15.41
C SER A 495 31.09 22.39 14.44
N ASP A 496 32.21 23.08 14.17
CA ASP A 496 32.19 24.23 13.28
C ASP A 496 32.10 23.83 11.81
N ASN A 497 32.70 22.72 11.43
CA ASN A 497 32.68 22.30 10.03
C ASN A 497 31.26 21.89 9.65
N PRO A 498 30.66 22.53 8.65
CA PRO A 498 29.25 22.23 8.32
C PRO A 498 29.05 20.89 7.63
N ASN A 499 30.09 20.12 7.36
CA ASN A 499 29.93 18.85 6.68
C ASN A 499 29.98 17.65 7.62
N THR A 500 30.35 17.85 8.89
CA THR A 500 30.39 16.73 9.81
C THR A 500 28.99 16.33 10.25
N TYR A 501 28.86 15.07 10.66
CA TYR A 501 27.59 14.59 11.17
C TYR A 501 27.17 15.32 12.43
N ASP A 502 28.14 15.70 13.26
CA ASP A 502 27.82 16.39 14.50
C ASP A 502 27.11 17.71 14.22
N TYR A 503 27.58 18.46 13.23
CA TYR A 503 26.94 19.72 12.89
C TYR A 503 25.51 19.51 12.42
N MET A 504 25.32 18.61 11.46
CA MET A 504 23.99 18.42 10.89
C MET A 504 23.04 17.71 11.85
N ASN A 505 23.56 17.11 12.91
CA ASN A 505 22.71 16.42 13.87
C ASN A 505 22.24 17.33 15.00
N LYS A 506 22.98 18.39 15.30
CA LYS A 506 22.68 19.22 16.46
C LYS A 506 21.99 20.52 16.10
N ARG A 507 21.91 20.88 14.83
CA ARG A 507 21.14 22.05 14.43
C ARG A 507 19.66 21.77 14.66
N VAL A 508 18.98 22.74 15.28
CA VAL A 508 17.59 22.58 15.69
C VAL A 508 16.69 23.34 14.73
N VAL A 509 15.54 22.76 14.43
CA VAL A 509 14.57 23.34 13.50
C VAL A 509 13.25 23.55 14.22
N ALA A 510 12.71 24.75 14.11
CA ALA A 510 11.44 25.04 14.74
C ALA A 510 10.33 24.28 14.01
N PRO A 511 9.52 23.49 14.73
CA PRO A 511 8.48 22.71 14.05
C PRO A 511 7.44 23.56 13.35
N GLY A 512 7.30 24.83 13.75
CA GLY A 512 6.30 25.69 13.16
C GLY A 512 6.49 25.95 11.69
N LEU A 513 7.70 25.75 11.17
CA LEU A 513 7.94 25.96 9.75
C LEU A 513 7.12 25.00 8.90
N VAL A 514 7.06 23.74 9.30
CA VAL A 514 6.24 22.74 8.64
C VAL A 514 5.40 22.06 9.70
N ASP A 515 4.12 22.38 9.76
CA ASP A 515 3.23 21.79 10.74
C ASP A 515 2.03 21.14 10.07
N CYS A 516 1.05 20.71 10.84
CA CYS A 516 -0.10 20.03 10.27
C CYS A 516 -1.02 20.94 9.50
N TYR A 517 -0.64 22.20 9.28
CA TYR A 517 -1.49 23.15 8.57
C TYR A 517 -0.79 23.83 7.41
N ILE A 518 0.34 23.31 6.95
CA ILE A 518 1.10 23.97 5.90
C ILE A 518 0.45 23.64 4.56
N ASN A 519 0.03 24.69 3.83
CA ASN A 519 -0.58 24.55 2.52
C ASN A 519 -1.72 23.54 2.55
N LEU A 520 -2.59 23.69 3.55
CA LEU A 520 -3.65 22.71 3.77
C LEU A 520 -4.55 22.60 2.56
N GLY A 521 -4.83 21.37 2.14
CA GLY A 521 -5.70 21.11 1.03
C GLY A 521 -5.06 21.25 -0.33
N ALA A 522 -3.79 21.59 -0.41
CA ALA A 522 -3.10 21.80 -1.67
C ALA A 522 -2.02 20.76 -1.87
N ARG A 523 -1.97 20.20 -3.07
CA ARG A 523 -0.91 19.27 -3.46
C ARG A 523 0.25 20.10 -3.99
N TRP A 524 1.17 20.47 -3.10
CA TRP A 524 2.17 21.48 -3.42
C TRP A 524 3.42 21.23 -2.61
N SER A 525 4.54 20.95 -3.29
CA SER A 525 5.80 20.79 -2.61
C SER A 525 6.31 22.13 -2.11
N LEU A 526 7.11 22.10 -1.05
CA LEU A 526 7.60 23.32 -0.43
C LEU A 526 8.54 24.06 -1.38
N ASP A 527 8.61 25.38 -1.20
CA ASP A 527 9.46 26.22 -2.03
C ASP A 527 10.94 26.08 -1.70
N TYR A 528 11.29 25.32 -0.66
CA TYR A 528 12.69 25.09 -0.32
C TYR A 528 13.18 23.70 -0.72
N MET A 529 12.34 22.68 -0.60
CA MET A 529 12.74 21.32 -0.95
C MET A 529 12.95 21.10 -2.43
N ASP A 530 12.54 22.03 -3.28
CA ASP A 530 12.73 21.86 -4.71
C ASP A 530 14.18 22.09 -5.14
N ASN A 531 15.03 22.60 -4.25
CA ASN A 531 16.42 22.83 -4.56
C ASN A 531 17.37 21.96 -3.74
N VAL A 532 16.85 20.98 -3.01
CA VAL A 532 17.67 20.05 -2.26
C VAL A 532 17.53 18.67 -2.90
N ASN A 533 18.57 17.87 -2.74
CA ASN A 533 18.55 16.54 -3.32
C ASN A 533 17.51 15.68 -2.61
N PRO A 534 16.52 15.15 -3.33
CA PRO A 534 15.51 14.31 -2.67
C PRO A 534 15.97 12.89 -2.42
N PHE A 535 17.06 12.45 -3.05
CA PHE A 535 17.55 11.10 -2.89
C PHE A 535 18.45 10.94 -1.67
N ASN A 536 18.88 12.05 -1.06
CA ASN A 536 19.62 11.99 0.19
C ASN A 536 18.65 12.00 1.37
N HIS A 537 17.75 11.03 1.36
CA HIS A 537 16.69 10.94 2.34
C HIS A 537 16.67 9.53 2.91
N HIS A 538 16.37 9.43 4.20
CA HIS A 538 16.42 8.14 4.86
C HIS A 538 15.30 7.20 4.43
N ARG A 539 14.33 7.68 3.66
CA ARG A 539 13.27 6.84 3.13
C ARG A 539 13.58 6.33 1.72
N ASN A 540 14.78 6.59 1.22
CA ASN A 540 15.19 6.05 -0.07
C ASN A 540 15.27 4.53 0.04
N ALA A 541 14.30 3.84 -0.57
CA ALA A 541 14.22 2.41 -0.41
C ALA A 541 15.46 1.71 -0.97
N GLY A 542 15.96 2.17 -2.11
CA GLY A 542 17.14 1.56 -2.68
C GLY A 542 18.35 1.69 -1.77
N LEU A 543 18.57 2.89 -1.23
CA LEU A 543 19.68 3.08 -0.31
C LEU A 543 19.49 2.27 0.96
N ARG A 544 18.27 2.27 1.50
CA ARG A 544 18.02 1.51 2.73
C ARG A 544 18.23 0.02 2.51
N TYR A 545 17.78 -0.50 1.37
CA TYR A 545 17.95 -1.91 1.09
C TYR A 545 19.42 -2.28 1.00
N ARG A 546 20.21 -1.46 0.30
CA ARG A 546 21.63 -1.75 0.16
C ARG A 546 22.35 -1.66 1.50
N SER A 547 21.89 -0.79 2.40
CA SER A 547 22.53 -0.68 3.71
C SER A 547 22.30 -1.93 4.54
N MET A 548 21.04 -2.39 4.61
CA MET A 548 20.74 -3.59 5.38
C MET A 548 21.35 -4.83 4.75
N LEU A 549 21.71 -4.77 3.47
CA LEU A 549 22.35 -5.92 2.83
C LEU A 549 23.69 -6.23 3.48
N LEU A 550 24.48 -5.19 3.78
CA LEU A 550 25.76 -5.41 4.44
C LEU A 550 25.57 -5.92 5.86
N GLY A 551 24.62 -5.37 6.58
CA GLY A 551 24.36 -5.75 7.95
C GLY A 551 23.97 -4.53 8.76
N ASN A 552 23.85 -4.72 10.07
CA ASN A 552 23.47 -3.65 10.97
C ASN A 552 24.59 -3.21 11.90
N GLY A 553 25.80 -3.73 11.71
CA GLY A 553 26.94 -3.33 12.51
C GLY A 553 27.80 -2.30 11.81
N ARG A 554 28.80 -1.82 12.54
CA ARG A 554 29.73 -0.85 11.98
C ARG A 554 31.04 -1.46 11.52
N TYR A 555 31.34 -2.70 11.91
CA TYR A 555 32.51 -3.43 11.43
C TYR A 555 31.99 -4.59 10.58
N VAL A 556 31.98 -4.39 9.27
CA VAL A 556 31.35 -5.35 8.37
C VAL A 556 32.38 -5.96 7.43
N PRO A 557 32.79 -7.21 7.62
CA PRO A 557 33.57 -7.91 6.60
C PRO A 557 32.68 -8.26 5.42
N PHE A 558 33.06 -7.78 4.24
CA PHE A 558 32.20 -7.88 3.06
C PHE A 558 32.84 -8.79 2.01
N HIS A 559 32.00 -9.22 1.07
CA HIS A 559 32.44 -10.08 -0.02
C HIS A 559 31.47 -9.85 -1.17
N ILE A 560 31.90 -9.09 -2.18
CA ILE A 560 31.02 -8.64 -3.24
C ILE A 560 31.56 -9.08 -4.59
N GLN A 561 30.70 -8.97 -5.60
CA GLN A 561 31.04 -9.25 -6.99
C GLN A 561 30.78 -8.02 -7.83
N VAL A 562 31.77 -7.61 -8.61
CA VAL A 562 31.67 -6.36 -9.37
C VAL A 562 31.65 -6.67 -10.86
N PRO A 563 30.69 -6.14 -11.61
CA PRO A 563 30.65 -6.42 -13.04
C PRO A 563 31.49 -5.46 -13.85
N GLN A 564 31.65 -5.73 -15.14
CA GLN A 564 32.40 -4.87 -16.05
C GLN A 564 31.43 -3.98 -16.80
N LYS A 565 31.71 -2.67 -16.80
CA LYS A 565 30.77 -1.69 -17.35
C LYS A 565 31.25 -1.01 -18.63
N PHE A 566 32.50 -1.19 -19.03
CA PHE A 566 32.98 -0.54 -20.24
C PHE A 566 32.26 -1.09 -21.46
N PHE A 567 31.73 -0.19 -22.29
CA PHE A 567 30.87 -0.62 -23.38
C PHE A 567 31.62 -1.45 -24.41
N ALA A 568 32.92 -1.27 -24.52
CA ALA A 568 33.68 -1.94 -25.57
C ALA A 568 34.02 -3.38 -25.24
N ILE A 569 33.89 -3.81 -23.99
CA ILE A 569 34.30 -5.16 -23.63
C ILE A 569 33.20 -5.85 -22.83
N LYS A 570 32.18 -5.11 -22.43
CA LYS A 570 31.14 -5.71 -21.60
C LYS A 570 30.32 -6.76 -22.33
N ASN A 571 30.41 -6.82 -23.66
CA ASN A 571 29.71 -7.84 -24.43
C ASN A 571 30.64 -8.55 -25.41
N LEU A 572 31.95 -8.41 -25.24
CA LEU A 572 32.89 -9.01 -26.16
C LEU A 572 32.82 -10.53 -26.09
N LEU A 573 33.06 -11.17 -27.23
CA LEU A 573 33.12 -12.63 -27.33
C LEU A 573 34.56 -12.98 -27.68
N LEU A 574 35.32 -13.45 -26.69
CA LEU A 574 36.73 -13.72 -26.89
C LEU A 574 36.93 -15.01 -27.68
N LEU A 575 38.18 -15.24 -28.06
CA LEU A 575 38.60 -16.38 -28.87
C LEU A 575 39.81 -17.01 -28.22
N PRO A 576 40.12 -18.26 -28.56
CA PRO A 576 41.23 -18.95 -27.89
C PRO A 576 42.53 -18.16 -27.97
N GLY A 577 43.28 -18.20 -26.87
CA GLY A 577 44.51 -17.43 -26.74
C GLY A 577 44.74 -17.03 -25.29
N SER A 578 45.75 -16.20 -25.05
CA SER A 578 46.03 -15.69 -23.73
C SER A 578 46.06 -14.17 -23.77
N TYR A 579 45.43 -13.54 -22.77
CA TYR A 579 45.32 -12.09 -22.73
C TYR A 579 45.67 -11.60 -21.33
N THR A 580 46.12 -10.35 -21.27
CA THR A 580 46.45 -9.70 -20.01
C THR A 580 45.31 -8.78 -19.63
N TYR A 581 44.69 -9.02 -18.48
CA TYR A 581 43.59 -8.23 -17.97
C TYR A 581 44.07 -7.48 -16.73
N GLU A 582 43.85 -6.17 -16.71
CA GLU A 582 44.36 -5.35 -15.63
C GLU A 582 43.47 -4.12 -15.48
N TRP A 583 43.26 -3.70 -14.24
CA TRP A 583 42.38 -2.58 -13.96
C TRP A 583 42.82 -1.90 -12.67
N ASN A 584 42.19 -0.76 -12.39
CA ASN A 584 42.48 0.00 -11.18
C ASN A 584 41.19 0.18 -10.38
N PHE A 585 41.34 0.30 -9.07
CA PHE A 585 40.20 0.42 -8.18
C PHE A 585 40.45 1.54 -7.19
N ARG A 586 39.39 2.28 -6.86
CA ARG A 586 39.50 3.40 -5.95
C ARG A 586 39.56 2.91 -4.50
N LYS A 587 40.00 3.80 -3.62
CA LYS A 587 40.02 3.55 -2.19
C LYS A 587 39.39 4.65 -1.37
N ASP A 588 39.10 5.81 -1.95
CA ASP A 588 38.52 6.90 -1.18
C ASP A 588 37.10 6.54 -0.75
N VAL A 589 36.83 6.70 0.54
CA VAL A 589 35.51 6.35 1.06
C VAL A 589 34.46 7.30 0.52
N ASN A 590 34.83 8.54 0.21
CA ASN A 590 33.85 9.52 -0.24
C ASN A 590 33.26 9.17 -1.59
N MET A 591 33.89 8.28 -2.34
CA MET A 591 33.37 7.85 -3.64
C MET A 591 32.74 6.47 -3.59
N VAL A 592 33.45 5.47 -3.04
CA VAL A 592 32.93 4.11 -3.05
C VAL A 592 31.78 3.92 -2.09
N LEU A 593 31.59 4.84 -1.15
CA LEU A 593 30.51 4.73 -0.17
C LEU A 593 29.51 5.85 -0.40
N GLN A 594 28.29 5.64 0.09
CA GLN A 594 27.23 6.63 -0.05
C GLN A 594 26.46 6.70 1.25
N SER A 595 26.28 7.92 1.76
CA SER A 595 25.54 8.15 2.99
C SER A 595 24.17 8.73 2.67
N SER A 596 23.27 8.62 3.64
CA SER A 596 21.93 9.17 3.49
C SER A 596 21.86 10.65 3.81
N LEU A 597 22.91 11.23 4.39
CA LEU A 597 22.93 12.64 4.69
C LEU A 597 23.99 13.41 3.92
N GLY A 598 24.90 12.73 3.23
CA GLY A 598 25.91 13.42 2.47
C GLY A 598 27.03 14.01 3.28
N ASN A 599 27.11 13.68 4.57
CA ASN A 599 28.19 14.19 5.40
C ASN A 599 29.53 13.64 4.94
N ASP A 600 30.58 14.40 5.18
CA ASP A 600 31.92 13.98 4.80
C ASP A 600 32.32 12.73 5.56
N LEU A 601 32.82 11.72 4.85
CA LEU A 601 33.22 10.48 5.46
C LEU A 601 34.72 10.39 5.72
N ARG A 602 35.53 11.20 5.03
CA ARG A 602 36.95 11.23 5.31
C ARG A 602 37.23 11.75 6.72
N VAL A 603 36.38 12.65 7.22
CA VAL A 603 36.57 13.19 8.55
C VAL A 603 35.88 12.35 9.61
N ASP A 604 34.83 11.63 9.25
CA ASP A 604 34.05 10.86 10.22
C ASP A 604 34.65 9.48 10.50
N GLY A 605 35.88 9.22 10.04
CA GLY A 605 36.58 8.02 10.44
C GLY A 605 36.21 6.77 9.69
N ALA A 606 35.36 6.85 8.68
CA ALA A 606 35.05 5.67 7.87
C ALA A 606 36.29 5.22 7.12
N SER A 607 36.48 3.91 7.02
CA SER A 607 37.65 3.36 6.37
C SER A 607 37.27 2.05 5.71
N ILE A 608 38.09 1.66 4.72
CA ILE A 608 37.85 0.44 3.95
C ILE A 608 39.19 -0.11 3.52
N LYS A 609 39.32 -1.44 3.56
CA LYS A 609 40.56 -2.10 3.16
C LYS A 609 40.22 -3.37 2.39
N PHE A 610 40.93 -3.59 1.30
CA PHE A 610 40.73 -4.76 0.45
C PHE A 610 41.83 -5.77 0.72
N ASP A 611 41.44 -7.04 0.91
CA ASP A 611 42.39 -8.10 1.19
C ASP A 611 42.75 -8.91 -0.05
N SER A 612 41.73 -9.51 -0.70
CA SER A 612 41.96 -10.38 -1.83
C SER A 612 40.98 -10.05 -2.94
N ILE A 613 41.40 -10.34 -4.16
CA ILE A 613 40.56 -10.10 -5.34
C ILE A 613 40.85 -11.19 -6.36
N CYS A 614 39.81 -11.79 -6.91
CA CYS A 614 39.95 -12.85 -7.90
C CYS A 614 38.97 -12.59 -9.04
N LEU A 615 39.28 -13.16 -10.19
CA LEU A 615 38.49 -12.98 -11.40
C LEU A 615 37.83 -14.31 -11.76
N TYR A 616 36.52 -14.28 -11.98
CA TYR A 616 35.76 -15.47 -12.32
C TYR A 616 35.26 -15.38 -13.76
N ALA A 617 35.09 -16.54 -14.39
CA ALA A 617 34.62 -16.62 -15.76
C ALA A 617 34.02 -17.98 -16.00
N THR A 618 32.91 -18.02 -16.73
CA THR A 618 32.21 -19.25 -17.04
C THR A 618 32.25 -19.49 -18.55
N PHE A 619 32.51 -20.74 -18.94
CA PHE A 619 32.58 -21.12 -20.33
C PHE A 619 31.43 -22.05 -20.67
N PHE A 620 30.81 -21.82 -21.81
CA PHE A 620 29.75 -22.71 -22.28
C PHE A 620 30.36 -24.01 -22.77
N PRO A 621 30.00 -25.15 -22.21
CA PRO A 621 30.65 -26.42 -22.57
C PRO A 621 30.20 -26.94 -23.94
N MET A 622 30.39 -26.13 -24.97
CA MET A 622 29.99 -26.52 -26.31
C MET A 622 30.96 -27.54 -26.89
N ALA A 623 30.48 -28.29 -27.87
CA ALA A 623 31.27 -29.36 -28.47
C ALA A 623 32.51 -28.79 -29.15
N HIS A 624 33.58 -29.58 -29.15
CA HIS A 624 34.86 -29.12 -29.65
C HIS A 624 34.79 -28.77 -31.14
N ASN A 625 34.14 -29.63 -31.93
CA ASN A 625 34.09 -29.39 -33.37
C ASN A 625 33.32 -28.11 -33.68
N THR A 626 32.20 -27.89 -32.99
CA THR A 626 31.44 -26.67 -33.21
C THR A 626 32.23 -25.43 -32.79
N ALA A 627 32.93 -25.52 -31.66
CA ALA A 627 33.73 -24.38 -31.20
C ALA A 627 34.84 -24.06 -32.19
N SER A 628 35.49 -25.09 -32.72
CA SER A 628 36.58 -24.85 -33.67
C SER A 628 36.06 -24.16 -34.93
N THR A 629 34.92 -24.61 -35.46
CA THR A 629 34.35 -23.96 -36.63
C THR A 629 33.89 -22.55 -36.30
N LEU A 630 33.27 -22.36 -35.14
CA LEU A 630 32.77 -21.04 -34.77
C LEU A 630 33.90 -20.03 -34.66
N GLU A 631 34.98 -20.40 -33.98
CA GLU A 631 36.09 -19.46 -33.79
C GLU A 631 36.82 -19.23 -35.11
N ALA A 632 36.96 -20.26 -35.93
CA ALA A 632 37.63 -20.09 -37.22
C ALA A 632 36.84 -19.15 -38.11
N MET A 633 35.51 -19.27 -38.11
CA MET A 633 34.69 -18.42 -38.94
C MET A 633 34.59 -17.01 -38.37
N LEU A 634 34.75 -16.87 -37.05
CA LEU A 634 34.73 -15.55 -36.43
C LEU A 634 36.02 -14.78 -36.64
N ARG A 635 37.08 -15.42 -37.12
CA ARG A 635 38.35 -14.76 -37.35
C ARG A 635 38.43 -14.09 -38.71
N ASN A 636 37.29 -13.92 -39.39
CA ASN A 636 37.25 -13.24 -40.68
C ASN A 636 37.01 -11.76 -40.46
N ASP A 637 37.70 -10.92 -41.24
CA ASP A 637 37.56 -9.48 -41.10
C ASP A 637 36.14 -9.01 -41.40
N THR A 638 35.41 -9.76 -42.24
CA THR A 638 34.04 -9.38 -42.55
C THR A 638 33.09 -9.64 -41.39
N ASN A 639 33.48 -10.50 -40.45
CA ASN A 639 32.62 -10.87 -39.32
C ASN A 639 33.09 -10.24 -38.02
N ASP A 640 33.74 -9.09 -38.10
CA ASP A 640 34.25 -8.44 -36.90
C ASP A 640 33.10 -7.98 -36.01
N GLN A 641 33.22 -8.27 -34.73
CA GLN A 641 32.24 -7.79 -33.76
C GLN A 641 32.35 -6.28 -33.62
N SER A 642 31.21 -5.65 -33.36
CA SER A 642 31.16 -4.20 -33.20
C SER A 642 30.11 -3.83 -32.18
N PHE A 643 30.40 -2.81 -31.38
CA PHE A 643 29.51 -2.37 -30.33
C PHE A 643 29.44 -0.85 -30.33
N ASN A 644 28.37 -0.31 -29.78
CA ASN A 644 28.21 1.13 -29.63
C ASN A 644 27.68 1.45 -28.25
N ASP A 645 28.10 2.61 -27.73
CA ASP A 645 27.64 3.04 -26.42
C ASP A 645 26.14 3.36 -26.48
N TYR A 646 25.44 3.05 -25.39
CA TYR A 646 24.01 3.32 -25.34
C TYR A 646 23.74 4.82 -25.27
N LEU A 647 24.43 5.52 -24.37
CA LEU A 647 24.26 6.97 -24.28
C LEU A 647 24.82 7.65 -25.52
N SER A 648 26.06 7.32 -25.88
CA SER A 648 26.71 7.82 -27.09
C SER A 648 26.67 9.35 -27.15
N ALA A 649 27.36 9.97 -26.19
CA ALA A 649 27.38 11.42 -26.12
C ALA A 649 28.71 11.89 -25.56
N ALA A 650 29.04 13.15 -25.85
CA ALA A 650 30.22 13.80 -25.31
C ALA A 650 29.79 14.79 -24.23
N ASN A 651 30.40 14.71 -23.07
CA ASN A 651 29.95 15.44 -21.89
C ASN A 651 30.83 16.66 -21.66
N MET A 652 30.22 17.84 -21.75
CA MET A 652 30.87 19.09 -21.40
C MET A 652 30.22 19.65 -20.15
N LEU A 653 31.02 20.23 -19.26
CA LEU A 653 30.54 20.87 -18.05
C LEU A 653 30.93 22.33 -18.08
N TYR A 654 29.97 23.21 -17.78
CA TYR A 654 30.20 24.64 -17.82
C TYR A 654 29.84 25.27 -16.48
N PRO A 655 30.73 26.05 -15.89
CA PRO A 655 30.44 26.64 -14.59
C PRO A 655 29.34 27.69 -14.67
N ILE A 656 28.61 27.82 -13.56
CA ILE A 656 27.59 28.84 -13.42
C ILE A 656 27.83 29.55 -12.10
N PRO A 657 28.15 30.84 -12.10
CA PRO A 657 28.39 31.54 -10.83
C PRO A 657 27.12 31.62 -10.00
N ALA A 658 27.32 31.74 -8.68
CA ALA A 658 26.18 31.82 -7.78
C ALA A 658 25.35 33.05 -8.08
N ASN A 659 24.02 32.89 -8.02
CA ASN A 659 23.02 33.92 -8.25
C ASN A 659 23.01 34.43 -9.68
N ALA A 660 23.84 33.91 -10.57
CA ALA A 660 23.77 34.27 -11.97
C ALA A 660 22.54 33.64 -12.61
N THR A 661 21.97 34.33 -13.60
CA THR A 661 20.76 33.89 -14.26
C THR A 661 21.01 33.31 -15.64
N ASN A 662 21.77 34.00 -16.48
CA ASN A 662 22.03 33.55 -17.84
C ASN A 662 23.49 33.17 -17.98
N VAL A 663 23.75 32.13 -18.77
CA VAL A 663 25.11 31.65 -18.99
C VAL A 663 25.29 31.29 -20.46
N PRO A 664 26.14 32.00 -21.19
CA PRO A 664 26.41 31.64 -22.58
C PRO A 664 27.59 30.70 -22.71
N ILE A 665 27.48 29.81 -23.70
CA ILE A 665 28.56 28.89 -24.03
C ILE A 665 28.82 29.01 -25.53
N SER A 666 30.03 28.61 -25.93
CA SER A 666 30.44 28.71 -27.32
C SER A 666 31.30 27.51 -27.67
N ILE A 667 31.16 27.04 -28.91
CA ILE A 667 31.93 25.93 -29.43
C ILE A 667 32.60 26.41 -30.71
N PRO A 668 33.91 26.23 -30.86
CA PRO A 668 34.59 26.70 -32.09
C PRO A 668 34.10 25.94 -33.31
N SER A 669 34.37 26.52 -34.47
CA SER A 669 33.87 25.96 -35.72
C SER A 669 34.38 24.54 -35.93
N ARG A 670 33.48 23.66 -36.32
CA ARG A 670 33.80 22.26 -36.54
C ARG A 670 32.73 21.65 -37.44
N ASN A 671 33.04 20.47 -37.98
CA ASN A 671 32.04 19.77 -38.77
C ASN A 671 30.95 19.20 -37.87
N TRP A 672 29.71 19.23 -38.36
CA TRP A 672 28.57 18.81 -37.58
C TRP A 672 27.82 17.63 -38.20
N ALA A 673 28.48 16.86 -39.06
CA ALA A 673 27.83 15.73 -39.69
C ALA A 673 27.47 14.68 -38.65
N ALA A 674 26.33 14.03 -38.86
CA ALA A 674 25.84 12.93 -38.02
C ALA A 674 25.54 13.38 -36.59
N PHE A 675 25.40 14.67 -36.36
CA PHE A 675 24.99 15.16 -35.06
C PHE A 675 23.56 14.72 -34.76
N ARG A 676 23.26 14.52 -33.49
CA ARG A 676 21.96 13.98 -33.10
C ARG A 676 21.10 14.92 -32.28
N GLY A 677 21.70 15.81 -31.50
CA GLY A 677 20.93 16.80 -30.77
C GLY A 677 21.58 17.09 -29.43
N TRP A 678 20.83 17.83 -28.60
CA TRP A 678 21.30 18.25 -27.30
C TRP A 678 20.45 17.61 -26.21
N ALA A 679 21.08 17.35 -25.06
CA ALA A 679 20.39 16.88 -23.87
C ALA A 679 21.13 17.46 -22.67
N PHE A 680 20.45 18.32 -21.92
CA PHE A 680 21.13 19.09 -20.88
C PHE A 680 20.37 19.00 -19.57
N THR A 681 21.08 19.37 -18.49
CA THR A 681 20.51 19.47 -17.16
C THR A 681 21.44 20.35 -16.33
N ARG A 682 21.16 20.45 -15.04
CA ARG A 682 21.88 21.33 -14.14
C ARG A 682 22.35 20.55 -12.92
N LEU A 683 23.59 20.81 -12.49
CA LEU A 683 24.19 20.11 -11.36
C LEU A 683 24.85 21.10 -10.42
N LYS A 684 24.97 20.71 -9.15
CA LYS A 684 25.65 21.50 -8.15
C LYS A 684 27.14 21.12 -8.13
N THR A 685 28.00 22.13 -8.17
CA THR A 685 29.43 21.86 -8.13
C THR A 685 29.86 21.20 -6.82
N LYS A 686 29.09 21.40 -5.76
CA LYS A 686 29.40 20.77 -4.48
C LYS A 686 29.20 19.26 -4.56
N GLU A 687 28.23 18.80 -5.35
CA GLU A 687 27.86 17.39 -5.43
C GLU A 687 28.42 16.71 -6.66
N THR A 688 29.63 17.05 -7.10
CA THR A 688 30.22 16.37 -8.22
C THR A 688 31.73 16.39 -8.09
N PRO A 689 32.42 15.31 -8.42
CA PRO A 689 33.87 15.28 -8.34
C PRO A 689 34.52 15.74 -9.64
N SER A 690 35.80 16.10 -9.52
CA SER A 690 36.57 16.50 -10.68
C SER A 690 36.76 15.33 -11.63
N LEU A 691 36.83 15.64 -12.92
CA LEU A 691 36.96 14.62 -13.94
C LEU A 691 38.40 14.15 -14.06
N GLY A 692 38.60 12.83 -14.12
CA GLY A 692 39.90 12.26 -14.38
C GLY A 692 40.90 12.36 -13.26
N SER A 693 40.61 13.11 -12.20
CA SER A 693 41.55 13.24 -11.10
C SER A 693 41.67 11.91 -10.35
N GLY A 694 42.91 11.53 -10.05
CA GLY A 694 43.11 10.31 -9.27
C GLY A 694 42.56 10.43 -7.88
N TYR A 695 42.77 11.57 -7.22
CA TYR A 695 42.26 11.78 -5.87
C TYR A 695 41.93 13.26 -5.71
N ASP A 696 40.71 13.54 -5.29
CA ASP A 696 40.27 14.92 -5.10
C ASP A 696 40.37 15.29 -3.64
N PRO A 697 41.29 16.17 -3.25
CA PRO A 697 41.41 16.54 -1.83
C PRO A 697 40.33 17.50 -1.35
N TYR A 698 39.49 18.01 -2.24
CA TYR A 698 38.45 18.96 -1.87
C TYR A 698 37.05 18.41 -2.05
N TYR A 699 36.92 17.14 -2.43
CA TYR A 699 35.61 16.51 -2.59
C TYR A 699 35.16 16.00 -1.24
N THR A 700 34.21 16.71 -0.62
CA THR A 700 33.76 16.43 0.73
C THR A 700 32.25 16.25 0.76
N TYR A 701 31.73 15.42 -0.14
CA TYR A 701 30.30 15.16 -0.21
C TYR A 701 30.10 13.69 -0.53
N SER A 702 29.50 12.96 0.40
CA SER A 702 29.32 11.52 0.27
C SER A 702 27.90 11.13 -0.10
N GLY A 703 27.07 12.08 -0.50
CA GLY A 703 25.71 11.77 -0.89
C GLY A 703 25.65 11.19 -2.28
N SER A 704 24.42 11.12 -2.81
CA SER A 704 24.22 10.63 -4.16
C SER A 704 24.82 11.62 -5.17
N ILE A 705 25.41 11.07 -6.22
CA ILE A 705 26.07 11.86 -7.26
C ILE A 705 25.20 11.77 -8.52
N PRO A 706 24.46 12.83 -8.86
CA PRO A 706 23.66 12.77 -10.09
C PRO A 706 24.50 12.58 -11.34
N TYR A 707 25.73 13.08 -11.35
CA TYR A 707 26.57 12.96 -12.54
C TYR A 707 26.91 11.52 -12.89
N LEU A 708 26.84 10.61 -11.92
CA LEU A 708 27.13 9.21 -12.17
C LEU A 708 25.88 8.36 -12.13
N ASP A 709 25.12 8.40 -11.03
CA ASP A 709 23.94 7.58 -10.87
C ASP A 709 22.74 8.06 -11.67
N GLY A 710 22.79 9.26 -12.23
CA GLY A 710 21.72 9.74 -13.07
C GLY A 710 20.41 10.04 -12.37
N THR A 711 20.45 10.62 -11.19
CA THR A 711 19.26 11.11 -10.50
C THR A 711 19.34 12.63 -10.49
N PHE A 712 18.80 13.24 -11.53
CA PHE A 712 18.81 14.69 -11.68
C PHE A 712 17.56 15.29 -11.07
N TYR A 713 17.72 16.45 -10.43
CA TYR A 713 16.59 17.06 -9.72
C TYR A 713 16.55 18.57 -9.89
N LEU A 714 17.18 19.13 -10.91
CA LEU A 714 17.22 20.57 -11.10
C LEU A 714 16.71 20.99 -12.48
N ASN A 715 16.03 20.09 -13.19
CA ASN A 715 15.56 20.41 -14.53
C ASN A 715 14.49 21.49 -14.53
N HIS A 716 13.83 21.72 -13.40
CA HIS A 716 12.75 22.69 -13.33
C HIS A 716 13.23 24.11 -13.10
N THR A 717 14.50 24.40 -13.33
CA THR A 717 15.04 25.74 -13.11
C THR A 717 15.61 26.32 -14.40
N PHE A 718 14.91 26.08 -15.51
CA PHE A 718 15.30 26.62 -16.80
C PHE A 718 14.19 27.52 -17.34
N LYS A 719 14.58 28.58 -18.04
CA LYS A 719 13.61 29.49 -18.64
C LYS A 719 13.69 29.50 -20.15
N LYS A 720 14.86 29.79 -20.72
CA LYS A 720 14.98 29.96 -22.17
C LYS A 720 16.24 29.29 -22.66
N VAL A 721 16.21 28.86 -23.92
CA VAL A 721 17.37 28.33 -24.60
C VAL A 721 17.41 28.93 -26.00
N ALA A 722 18.55 29.51 -26.37
CA ALA A 722 18.74 30.10 -27.69
C ALA A 722 19.89 29.40 -28.38
N ILE A 723 19.65 28.91 -29.59
CA ILE A 723 20.64 28.18 -30.36
C ILE A 723 20.82 28.87 -31.70
N THR A 724 22.07 29.23 -32.02
CA THR A 724 22.37 29.90 -33.27
C THR A 724 23.65 29.33 -33.85
N PHE A 725 23.63 29.04 -35.15
CA PHE A 725 24.83 28.65 -35.86
C PHE A 725 25.48 29.86 -36.49
N ASP A 726 26.82 29.88 -36.49
CA ASP A 726 27.61 30.97 -37.05
C ASP A 726 27.26 32.31 -36.43
N SER A 727 26.60 32.30 -35.27
CA SER A 727 26.22 33.50 -34.53
C SER A 727 25.33 34.45 -35.33
N SER A 728 24.72 33.99 -36.41
CA SER A 728 23.91 34.85 -37.26
C SER A 728 22.57 34.26 -37.66
N VAL A 729 22.41 32.94 -37.67
CA VAL A 729 21.15 32.30 -38.07
C VAL A 729 20.64 31.47 -36.89
N SER A 730 19.38 31.71 -36.51
CA SER A 730 18.79 31.01 -35.39
C SER A 730 18.27 29.64 -35.82
N TRP A 731 18.35 28.69 -34.89
CA TRP A 731 17.86 27.35 -35.11
C TRP A 731 16.71 27.05 -34.16
N PRO A 732 15.66 26.36 -34.63
CA PRO A 732 15.46 25.83 -35.98
C PRO A 732 14.99 26.90 -36.94
N GLY A 733 14.58 28.06 -36.44
CA GLY A 733 14.10 29.09 -37.32
C GLY A 733 12.82 28.66 -38.03
N ASN A 734 12.59 29.28 -39.19
CA ASN A 734 11.43 28.98 -40.02
C ASN A 734 10.11 29.12 -39.25
N ASP A 735 10.10 30.01 -38.26
CA ASP A 735 8.97 30.25 -37.37
C ASP A 735 8.26 28.96 -36.97
N ARG A 736 9.04 27.93 -36.65
CA ARG A 736 8.44 26.65 -36.27
C ARG A 736 7.66 26.78 -34.97
N LEU A 737 8.21 27.50 -34.00
CA LEU A 737 7.58 27.65 -32.69
C LEU A 737 6.81 28.95 -32.62
N LEU A 738 6.05 29.11 -31.53
CA LEU A 738 5.34 30.36 -31.29
C LEU A 738 6.32 31.52 -31.14
N THR A 739 7.38 31.31 -30.37
CA THR A 739 8.48 32.27 -30.33
C THR A 739 9.47 31.90 -31.43
N PRO A 740 9.65 32.74 -32.45
CA PRO A 740 10.38 32.31 -33.65
C PRO A 740 11.89 32.31 -33.53
N ASN A 741 12.45 32.48 -32.33
CA ASN A 741 13.89 32.55 -32.19
C ASN A 741 14.47 31.77 -31.01
N GLU A 742 13.65 31.33 -30.06
CA GLU A 742 14.19 30.65 -28.89
C GLU A 742 13.16 29.69 -28.33
N PHE A 743 13.65 28.72 -27.56
CA PHE A 743 12.80 27.76 -26.88
C PHE A 743 12.43 28.31 -25.52
N GLU A 744 11.23 28.86 -25.41
CA GLU A 744 10.75 29.36 -24.13
C GLU A 744 10.20 28.17 -23.32
N ILE A 745 10.92 27.81 -22.26
CA ILE A 745 10.52 26.64 -21.50
C ILE A 745 9.34 26.94 -20.59
N LYS A 746 9.43 28.03 -19.82
CA LYS A 746 8.35 28.37 -18.91
C LYS A 746 8.27 29.89 -18.78
N ARG A 747 7.06 30.37 -18.52
CA ARG A 747 6.80 31.79 -18.35
C ARG A 747 6.03 32.02 -17.06
N SER A 748 5.93 33.28 -16.67
CA SER A 748 5.16 33.67 -15.50
C SER A 748 3.69 33.79 -15.90
N VAL A 749 2.87 34.36 -15.01
CA VAL A 749 1.44 34.47 -15.28
C VAL A 749 1.16 35.42 -16.43
N ASP A 750 2.14 36.26 -16.78
CA ASP A 750 1.93 37.22 -17.86
C ASP A 750 1.64 36.52 -19.18
N GLY A 751 2.40 35.48 -19.50
CA GLY A 751 2.20 34.77 -20.75
C GLY A 751 1.32 33.56 -20.61
N GLU A 752 0.24 33.69 -19.84
CA GLU A 752 -0.66 32.56 -19.64
C GLU A 752 -1.32 32.12 -20.94
N GLY A 753 -1.34 32.98 -21.96
CA GLY A 753 -1.88 32.59 -23.25
C GLY A 753 -1.13 31.45 -23.91
N TYR A 754 0.07 31.14 -23.44
CA TYR A 754 0.88 30.07 -24.02
C TYR A 754 1.18 28.94 -23.05
N ASN A 755 0.65 28.98 -21.83
CA ASN A 755 0.88 27.89 -20.89
C ASN A 755 0.06 26.67 -21.32
N VAL A 756 0.24 25.57 -20.59
CA VAL A 756 -0.42 24.31 -20.92
C VAL A 756 -0.41 23.42 -19.70
N ALA A 757 -1.32 22.44 -19.68
CA ALA A 757 -1.37 21.40 -18.65
C ALA A 757 -1.56 21.99 -17.26
N GLN A 758 -2.25 23.12 -17.17
CA GLN A 758 -2.56 23.77 -15.90
C GLN A 758 -1.30 24.05 -15.09
N CYS A 759 -0.20 24.36 -15.77
CA CYS A 759 1.04 24.74 -15.11
C CYS A 759 1.70 25.86 -15.91
N ASN A 760 2.98 26.14 -15.65
CA ASN A 760 3.66 27.23 -16.31
C ASN A 760 4.53 26.78 -17.48
N MET A 761 4.48 25.51 -17.85
CA MET A 761 5.18 25.05 -19.04
C MET A 761 4.49 25.57 -20.30
N THR A 762 5.28 26.10 -21.22
CA THR A 762 4.72 26.60 -22.46
C THR A 762 4.30 25.45 -23.38
N LYS A 763 3.37 25.75 -24.28
CA LYS A 763 2.82 24.71 -25.16
C LYS A 763 3.90 24.13 -26.06
N ASP A 764 4.72 24.97 -26.67
CA ASP A 764 5.70 24.48 -27.64
C ASP A 764 6.72 23.56 -26.98
N TRP A 765 7.20 23.93 -25.79
CA TRP A 765 8.16 23.07 -25.10
C TRP A 765 7.54 21.73 -24.75
N PHE A 766 6.29 21.73 -24.28
CA PHE A 766 5.63 20.48 -23.96
C PHE A 766 5.48 19.61 -25.20
N LEU A 767 5.13 20.22 -26.34
CA LEU A 767 5.01 19.46 -27.57
C LEU A 767 6.35 18.86 -27.97
N VAL A 768 7.43 19.62 -27.83
CA VAL A 768 8.75 19.12 -28.21
C VAL A 768 9.13 17.91 -27.37
N GLN A 769 8.92 17.99 -26.06
CA GLN A 769 9.30 16.89 -25.18
C GLN A 769 8.53 15.61 -25.53
N MET A 770 7.23 15.73 -25.77
CA MET A 770 6.45 14.55 -26.12
C MET A 770 6.90 13.97 -27.44
N LEU A 771 7.21 14.83 -28.42
CA LEU A 771 7.69 14.33 -29.70
C LEU A 771 9.05 13.66 -29.55
N ALA A 772 9.93 14.22 -28.73
CA ALA A 772 11.26 13.67 -28.57
C ALA A 772 11.23 12.28 -27.94
N ASN A 773 10.34 12.07 -26.98
CA ASN A 773 10.34 10.82 -26.23
C ASN A 773 9.46 9.75 -26.86
N TYR A 774 8.26 10.09 -27.30
CA TYR A 774 7.33 9.07 -27.79
C TYR A 774 6.70 9.39 -29.13
N ASN A 775 7.13 10.45 -29.81
CA ASN A 775 6.56 10.86 -31.09
C ASN A 775 5.05 11.05 -30.98
N ILE A 776 4.64 11.72 -29.92
CA ILE A 776 3.24 11.99 -29.64
C ILE A 776 3.02 13.50 -29.73
N GLY A 777 1.95 13.90 -30.42
CA GLY A 777 1.62 15.31 -30.47
C GLY A 777 1.07 15.77 -31.80
N TYR A 778 1.43 15.08 -32.88
CA TYR A 778 0.92 15.46 -34.19
C TYR A 778 -0.47 14.91 -34.47
N GLN A 779 -0.96 14.02 -33.62
CA GLN A 779 -2.31 13.48 -33.76
C GLN A 779 -2.99 13.44 -32.41
N GLY A 780 -2.84 14.51 -31.62
CA GLY A 780 -3.49 14.61 -30.34
C GLY A 780 -2.74 13.91 -29.23
N PHE A 781 -2.60 14.58 -28.09
CA PHE A 781 -1.90 14.00 -26.96
C PHE A 781 -2.75 12.94 -26.28
N TYR A 782 -2.08 11.97 -25.67
CA TYR A 782 -2.75 10.95 -24.87
C TYR A 782 -1.67 10.24 -24.04
N ILE A 783 -2.13 9.35 -23.16
CA ILE A 783 -1.23 8.60 -22.32
C ILE A 783 -0.41 7.65 -23.18
N PRO A 784 0.91 7.72 -23.12
CA PRO A 784 1.73 6.75 -23.85
C PRO A 784 1.63 5.37 -23.22
N GLU A 785 1.94 4.35 -24.00
CA GLU A 785 1.88 2.99 -23.50
C GLU A 785 2.88 2.81 -22.36
N SER A 786 2.47 2.01 -21.37
CA SER A 786 3.27 1.85 -20.16
C SER A 786 4.67 1.32 -20.48
N TYR A 787 4.77 0.41 -21.44
CA TYR A 787 6.08 -0.13 -21.79
C TYR A 787 6.96 0.89 -22.49
N LYS A 788 6.39 1.99 -22.98
CA LYS A 788 7.17 2.97 -23.71
C LYS A 788 7.72 4.09 -22.85
N ASP A 789 7.07 4.39 -21.73
CA ASP A 789 7.55 5.41 -20.80
C ASP A 789 8.17 4.69 -19.60
N ARG A 790 9.47 4.51 -19.63
CA ARG A 790 10.17 3.77 -18.59
C ARG A 790 10.36 4.68 -17.37
N MET A 791 11.18 4.22 -16.43
CA MET A 791 11.32 4.91 -15.16
C MET A 791 12.05 6.24 -15.29
N TYR A 792 12.81 6.44 -16.37
CA TYR A 792 13.51 7.70 -16.60
C TYR A 792 12.84 8.56 -17.66
N SER A 793 11.69 8.15 -18.17
CA SER A 793 11.04 8.89 -19.24
C SER A 793 10.47 10.20 -18.71
N PHE A 794 10.22 11.13 -19.64
CA PHE A 794 9.75 12.46 -19.25
C PHE A 794 8.37 12.41 -18.63
N PHE A 795 7.43 11.71 -19.28
CA PHE A 795 6.05 11.79 -18.84
C PHE A 795 5.83 11.12 -17.48
N ARG A 796 6.66 10.14 -17.14
CA ARG A 796 6.50 9.45 -15.87
C ARG A 796 6.71 10.39 -14.69
N ASN A 797 7.68 11.30 -14.81
CA ASN A 797 8.09 12.15 -13.70
C ASN A 797 7.60 13.59 -13.85
N PHE A 798 6.56 13.82 -14.64
CA PHE A 798 6.01 15.15 -14.81
C PHE A 798 4.90 15.37 -13.79
N GLN A 799 5.04 16.42 -12.98
CA GLN A 799 4.12 16.69 -11.89
C GLN A 799 3.75 18.17 -11.87
N PRO A 800 2.58 18.52 -12.39
CA PRO A 800 2.14 19.92 -12.28
C PRO A 800 1.40 20.18 -10.99
N MET A 801 1.73 21.27 -10.30
CA MET A 801 1.10 21.61 -9.04
C MET A 801 0.79 23.10 -9.00
N SER A 802 -0.20 23.46 -8.19
CA SER A 802 -0.62 24.85 -8.05
C SER A 802 -1.15 25.07 -6.64
N ARG A 803 -1.19 26.33 -6.23
CA ARG A 803 -1.69 26.69 -4.91
C ARG A 803 -2.07 28.16 -4.92
N GLN A 804 -2.75 28.58 -3.86
CA GLN A 804 -3.16 29.97 -3.68
C GLN A 804 -2.57 30.52 -2.40
N VAL A 805 -2.12 31.77 -2.46
CA VAL A 805 -1.57 32.46 -1.29
C VAL A 805 -2.27 33.80 -1.17
N VAL A 806 -2.20 34.36 0.04
CA VAL A 806 -2.92 35.59 0.33
C VAL A 806 -2.29 36.75 -0.44
N ASP A 807 -3.12 37.51 -1.14
CA ASP A 807 -2.66 38.68 -1.88
C ASP A 807 -2.36 39.80 -0.89
N ASP A 808 -1.08 39.99 -0.57
CA ASP A 808 -0.68 41.02 0.37
C ASP A 808 -0.90 42.43 -0.16
N THR A 809 -1.16 42.59 -1.45
CA THR A 809 -1.37 43.90 -2.02
C THR A 809 -2.84 44.30 -2.05
N LYS A 810 -3.75 43.35 -2.17
CA LYS A 810 -5.17 43.66 -2.27
C LYS A 810 -5.92 43.45 -0.97
N TYR A 811 -5.45 42.56 -0.10
CA TYR A 811 -6.11 42.37 1.19
C TYR A 811 -5.94 43.62 2.03
N LYS A 812 -7.06 44.24 2.41
CA LYS A 812 -7.00 45.50 3.12
C LYS A 812 -6.39 45.35 4.51
N ASP A 813 -6.59 44.22 5.15
CA ASP A 813 -6.16 44.00 6.52
C ASP A 813 -4.95 43.08 6.61
N TYR A 814 -4.13 43.05 5.57
CA TYR A 814 -2.95 42.20 5.59
C TYR A 814 -1.94 42.69 6.61
N GLN A 815 -1.34 41.75 7.33
CA GLN A 815 -0.34 42.06 8.35
C GLN A 815 0.69 40.94 8.31
N GLN A 816 1.81 41.19 7.62
CA GLN A 816 2.86 40.18 7.54
C GLN A 816 3.44 39.91 8.92
N VAL A 817 3.36 38.66 9.36
CA VAL A 817 3.84 38.28 10.67
C VAL A 817 5.02 37.32 10.50
N GLY A 818 5.97 37.41 11.43
CA GLY A 818 7.15 36.58 11.39
C GLY A 818 6.94 35.22 12.04
N ILE A 819 7.94 34.35 11.86
CA ILE A 819 7.87 33.02 12.45
C ILE A 819 7.87 33.11 13.98
N LEU A 820 8.56 34.10 14.55
CA LEU A 820 8.65 34.23 15.99
C LEU A 820 7.35 34.70 16.64
N HIS A 821 6.28 34.91 15.87
CA HIS A 821 5.04 35.41 16.43
C HIS A 821 3.80 34.67 15.97
N GLN A 822 3.94 33.64 15.14
CA GLN A 822 2.79 32.81 14.81
C GLN A 822 2.50 31.88 15.96
N HIS A 823 1.26 31.90 16.46
CA HIS A 823 0.86 31.02 17.54
C HIS A 823 -0.33 30.19 17.10
N ASN A 824 -0.07 28.95 16.73
CA ASN A 824 -1.10 27.96 16.46
C ASN A 824 -0.87 26.76 17.36
N ASN A 825 -1.94 26.22 17.92
CA ASN A 825 -1.85 25.20 18.96
C ASN A 825 -1.02 25.67 20.13
N SER A 826 -1.13 26.95 20.44
CA SER A 826 -0.37 27.52 21.56
C SER A 826 -0.82 26.89 22.86
N GLY A 827 0.13 26.62 23.74
CA GLY A 827 -0.15 25.93 24.98
C GLY A 827 -0.20 24.42 24.86
N PHE A 828 -0.03 23.88 23.66
CA PHE A 828 0.00 22.44 23.45
C PHE A 828 1.21 21.98 22.66
N VAL A 829 2.09 22.89 22.23
CA VAL A 829 3.26 22.56 21.45
C VAL A 829 4.43 23.40 21.95
N GLY A 830 5.62 22.82 21.98
CA GLY A 830 6.79 23.55 22.40
C GLY A 830 7.08 24.74 21.50
N TYR A 831 7.80 25.70 22.06
CA TYR A 831 8.05 26.98 21.40
C TYR A 831 9.34 26.89 20.59
N LEU A 832 9.21 26.91 19.26
CA LEU A 832 10.34 26.99 18.34
C LEU A 832 11.31 25.82 18.48
N ALA A 833 10.90 24.74 19.12
CA ALA A 833 11.79 23.62 19.33
C ALA A 833 10.97 22.38 19.65
N PRO A 834 11.43 21.20 19.27
CA PRO A 834 10.68 19.98 19.60
C PRO A 834 10.82 19.59 21.06
N THR A 835 10.35 20.44 21.95
CA THR A 835 10.48 20.21 23.39
C THR A 835 9.09 20.11 24.01
N MET A 836 9.06 20.10 25.34
CA MET A 836 7.81 19.96 26.06
C MET A 836 6.88 21.12 25.78
N ARG A 837 5.58 20.86 25.91
CA ARG A 837 4.57 21.88 25.62
C ARG A 837 4.66 23.01 26.64
N GLU A 838 4.29 24.21 26.20
CA GLU A 838 4.28 25.37 27.06
C GLU A 838 3.36 26.42 26.47
N GLY A 839 2.95 27.37 27.32
CA GLY A 839 2.10 28.46 26.86
C GLY A 839 0.69 28.36 27.40
N GLN A 840 -0.28 28.87 26.64
CA GLN A 840 -1.67 28.81 27.05
C GLN A 840 -2.55 28.72 25.81
N ALA A 841 -3.78 28.25 26.02
CA ALA A 841 -4.74 28.18 24.93
C ALA A 841 -5.14 29.58 24.48
N TYR A 842 -5.26 29.76 23.17
CA TYR A 842 -5.61 31.05 22.61
C TYR A 842 -6.02 30.86 21.16
N PRO A 843 -6.90 31.70 20.63
CA PRO A 843 -7.24 31.60 19.21
C PRO A 843 -6.00 31.77 18.35
N ALA A 844 -5.94 30.99 17.27
CA ALA A 844 -4.79 31.07 16.38
C ALA A 844 -4.80 32.39 15.61
N ASN A 845 -3.64 32.74 15.07
CA ASN A 845 -3.50 33.92 14.23
C ASN A 845 -2.77 33.62 12.94
N PHE A 846 -2.76 32.36 12.51
CA PHE A 846 -2.03 31.94 11.33
C PHE A 846 -2.45 30.52 10.96
N PRO A 847 -2.58 30.19 9.67
CA PRO A 847 -2.42 31.05 8.50
C PRO A 847 -3.74 31.73 8.13
N TYR A 848 -3.70 32.62 7.15
CA TYR A 848 -4.94 33.27 6.71
C TYR A 848 -5.85 32.23 6.05
N PRO A 849 -7.14 32.20 6.40
CA PRO A 849 -8.05 31.26 5.76
C PRO A 849 -8.25 31.61 4.30
N LEU A 850 -8.47 30.58 3.49
CA LEU A 850 -8.71 30.75 2.06
C LEU A 850 -10.04 30.16 1.61
N ILE A 851 -10.87 29.70 2.55
CA ILE A 851 -12.14 29.08 2.24
C ILE A 851 -13.21 29.69 3.16
N GLY A 852 -14.43 29.23 2.99
CA GLY A 852 -15.50 29.62 3.87
C GLY A 852 -16.02 31.02 3.56
N LYS A 853 -16.91 31.47 4.45
CA LYS A 853 -17.53 32.77 4.29
C LYS A 853 -16.50 33.90 4.37
N THR A 854 -15.56 33.79 5.30
CA THR A 854 -14.59 34.85 5.55
C THR A 854 -13.28 34.65 4.82
N ALA A 855 -13.30 34.03 3.65
CA ALA A 855 -12.09 33.84 2.88
C ALA A 855 -11.56 35.19 2.39
N VAL A 856 -10.25 35.26 2.20
CA VAL A 856 -9.59 36.49 1.78
C VAL A 856 -9.21 36.39 0.32
N ASP A 857 -9.05 37.55 -0.31
CA ASP A 857 -8.62 37.59 -1.70
C ASP A 857 -7.21 37.02 -1.83
N SER A 858 -6.98 36.29 -2.91
CA SER A 858 -5.77 35.50 -3.04
C SER A 858 -5.29 35.50 -4.49
N ILE A 859 -4.00 35.21 -4.65
CA ILE A 859 -3.39 35.02 -5.95
C ILE A 859 -2.99 33.56 -6.08
N THR A 860 -2.53 33.18 -7.27
CA THR A 860 -2.17 31.80 -7.55
C THR A 860 -0.71 31.71 -7.97
N GLN A 861 -0.12 30.55 -7.69
CA GLN A 861 1.22 30.22 -8.14
C GLN A 861 1.20 28.84 -8.77
N LYS A 862 1.91 28.69 -9.89
CA LYS A 862 1.97 27.42 -10.60
C LYS A 862 3.42 27.07 -10.86
N LYS A 863 3.75 25.80 -10.66
CA LYS A 863 5.09 25.30 -10.96
C LYS A 863 4.98 23.79 -11.18
N PHE A 864 6.12 23.18 -11.49
CA PHE A 864 6.13 21.76 -11.81
C PHE A 864 7.48 21.16 -11.44
N LEU A 865 7.51 19.84 -11.34
CA LEU A 865 8.72 19.11 -11.02
C LEU A 865 8.95 18.04 -12.07
N CYS A 866 10.22 17.77 -12.38
CA CYS A 866 10.58 16.77 -13.36
C CYS A 866 11.96 16.23 -12.99
N ASP A 867 11.99 15.07 -12.36
CA ASP A 867 13.22 14.47 -11.86
C ASP A 867 13.60 13.26 -12.71
N ARG A 868 14.84 12.84 -12.56
CA ARG A 868 15.36 11.63 -13.21
C ARG A 868 15.16 11.68 -14.72
N THR A 869 15.37 12.85 -15.30
CA THR A 869 15.19 13.01 -16.74
C THR A 869 16.05 14.15 -17.23
N LEU A 870 16.25 14.20 -18.54
CA LEU A 870 17.03 15.23 -19.18
C LEU A 870 16.19 15.91 -20.25
N TRP A 871 16.27 17.23 -20.32
CA TRP A 871 15.63 17.95 -21.41
C TRP A 871 16.29 17.54 -22.71
N ARG A 872 15.50 17.16 -23.69
CA ARG A 872 16.00 16.66 -24.96
C ARG A 872 15.57 17.59 -26.09
N ILE A 873 16.52 17.93 -26.96
CA ILE A 873 16.22 18.72 -28.15
C ILE A 873 16.76 17.97 -29.36
N PRO A 874 15.95 17.15 -30.03
CA PRO A 874 16.46 16.41 -31.18
C PRO A 874 16.86 17.33 -32.31
N PHE A 875 17.88 16.92 -33.04
CA PHE A 875 18.36 17.68 -34.19
C PHE A 875 17.70 17.24 -35.48
N SER A 876 16.37 17.25 -35.50
CA SER A 876 15.61 16.87 -36.67
C SER A 876 14.66 18.00 -37.05
N SER A 877 14.17 17.94 -38.29
CA SER A 877 13.31 18.99 -38.81
C SER A 877 11.99 19.06 -38.05
N ASN A 878 11.40 17.91 -37.73
CA ASN A 878 10.09 17.87 -37.09
C ASN A 878 10.15 17.30 -35.67
N PHE A 879 11.34 17.24 -35.08
CA PHE A 879 11.54 16.77 -33.71
C PHE A 879 11.06 15.34 -33.50
N MET A 880 10.94 14.56 -34.57
CA MET A 880 10.53 13.17 -34.47
C MET A 880 11.75 12.26 -34.53
N SER A 881 11.57 11.05 -34.00
CA SER A 881 12.64 10.05 -33.96
C SER A 881 12.36 9.03 -35.06
N MET A 882 12.90 9.30 -36.25
CA MET A 882 12.75 8.41 -37.40
C MET A 882 13.99 7.58 -37.66
N GLY A 883 14.92 7.54 -36.73
CA GLY A 883 16.14 6.78 -36.88
C GLY A 883 17.27 7.42 -36.10
N ALA A 884 18.27 6.59 -35.78
CA ALA A 884 19.42 7.11 -35.03
C ALA A 884 20.17 8.17 -35.82
N LEU A 885 20.37 7.93 -37.11
CA LEU A 885 21.01 8.91 -37.99
C LEU A 885 19.92 9.82 -38.52
N THR A 886 19.77 10.97 -37.88
CA THR A 886 18.67 11.87 -38.22
C THR A 886 18.87 12.48 -39.61
N ASP A 887 17.78 12.98 -40.18
CA ASP A 887 17.82 13.53 -41.52
C ASP A 887 18.71 14.76 -41.59
N LEU A 888 18.60 15.65 -40.60
CA LEU A 888 19.43 16.85 -40.60
C LEU A 888 20.90 16.50 -40.50
N GLY A 889 21.24 15.42 -39.80
CA GLY A 889 22.62 14.99 -39.75
C GLY A 889 23.17 14.61 -41.11
N GLN A 890 22.33 14.03 -41.96
CA GLN A 890 22.73 13.66 -43.31
C GLN A 890 22.61 14.81 -44.30
N ASN A 891 22.11 15.97 -43.86
CA ASN A 891 21.97 17.10 -44.77
C ASN A 891 23.32 17.56 -45.27
N LEU A 892 23.36 17.94 -46.56
CA LEU A 892 24.63 18.34 -47.17
C LEU A 892 25.12 19.66 -46.62
N LEU A 893 24.24 20.48 -46.04
CA LEU A 893 24.65 21.78 -45.55
C LEU A 893 25.70 21.66 -44.45
N TYR A 894 25.48 20.76 -43.50
CA TYR A 894 26.44 20.53 -42.44
C TYR A 894 27.46 19.44 -42.76
N ALA A 895 27.23 18.67 -43.82
CA ALA A 895 28.12 17.57 -44.16
C ALA A 895 29.42 18.07 -44.79
N ASN A 896 29.38 19.17 -45.52
CA ASN A 896 30.55 19.63 -46.24
C ASN A 896 31.37 20.65 -45.45
N SER A 897 30.72 21.67 -44.91
CA SER A 897 31.39 22.80 -44.27
C SER A 897 31.38 22.63 -42.75
N ALA A 898 31.95 23.62 -42.08
CA ALA A 898 32.00 23.68 -40.63
C ALA A 898 31.24 24.91 -40.14
N HIS A 899 30.77 24.84 -38.91
CA HIS A 899 30.00 25.94 -38.33
C HIS A 899 30.36 26.10 -36.87
N ALA A 900 30.28 27.34 -36.39
CA ALA A 900 30.52 27.65 -34.99
C ALA A 900 29.17 27.83 -34.30
N LEU A 901 28.99 27.14 -33.18
CA LEU A 901 27.72 27.12 -32.47
C LEU A 901 27.89 27.79 -31.11
N ASP A 902 26.99 28.72 -30.80
CA ASP A 902 26.95 29.36 -29.49
C ASP A 902 25.52 29.30 -28.96
N MET A 903 25.36 28.83 -27.73
CA MET A 903 24.06 28.68 -27.11
C MET A 903 24.04 29.49 -25.82
N THR A 904 22.94 30.20 -25.59
CA THR A 904 22.75 30.97 -24.38
C THR A 904 21.59 30.39 -23.58
N PHE A 905 21.83 30.09 -22.32
CA PHE A 905 20.82 29.55 -21.44
C PHE A 905 20.43 30.61 -20.42
N GLU A 906 19.19 30.54 -19.94
CA GLU A 906 18.70 31.45 -18.91
C GLU A 906 18.08 30.58 -17.84
N VAL A 907 18.62 30.64 -16.63
CA VAL A 907 18.17 29.80 -15.53
C VAL A 907 17.82 30.67 -14.34
N ASP A 908 17.03 30.11 -13.44
CA ASP A 908 16.73 30.82 -12.20
C ASP A 908 17.96 30.85 -11.31
N PRO A 909 18.23 31.99 -10.66
CA PRO A 909 19.43 32.09 -9.84
C PRO A 909 19.38 31.18 -8.62
N MET A 910 20.55 30.72 -8.21
CA MET A 910 20.70 29.91 -7.00
C MET A 910 21.84 30.49 -6.17
N ASP A 911 21.76 30.25 -4.86
CA ASP A 911 22.67 30.87 -3.90
C ASP A 911 23.99 30.11 -3.77
N GLU A 912 24.24 29.13 -4.62
CA GLU A 912 25.49 28.38 -4.56
C GLU A 912 25.96 28.11 -5.98
N PRO A 913 27.26 27.95 -6.19
CA PRO A 913 27.76 27.67 -7.55
C PRO A 913 27.18 26.38 -8.08
N THR A 914 26.89 26.37 -9.38
CA THR A 914 26.29 25.21 -10.03
C THR A 914 26.99 24.96 -11.35
N LEU A 915 26.68 23.82 -11.95
CA LEU A 915 27.27 23.41 -13.22
C LEU A 915 26.17 23.19 -14.24
N LEU A 916 26.48 23.48 -15.49
CA LEU A 916 25.58 23.24 -16.61
C LEU A 916 26.07 22.00 -17.35
N TYR A 917 25.32 20.91 -17.23
CA TYR A 917 25.67 19.65 -17.86
C TYR A 917 25.02 19.60 -19.24
N VAL A 918 25.83 19.57 -20.28
CA VAL A 918 25.35 19.54 -21.66
C VAL A 918 25.90 18.30 -22.34
N LEU A 919 25.03 17.52 -22.97
CA LEU A 919 25.42 16.32 -23.68
C LEU A 919 25.12 16.50 -25.16
N PHE A 920 26.14 16.28 -25.99
CA PHE A 920 25.98 16.27 -27.44
C PHE A 920 25.96 14.82 -27.87
N GLU A 921 24.77 14.28 -28.16
CA GLU A 921 24.69 12.89 -28.58
C GLU A 921 25.34 12.75 -29.94
N VAL A 922 26.32 11.85 -30.03
CA VAL A 922 27.05 11.58 -31.25
C VAL A 922 27.04 10.07 -31.46
N PHE A 923 27.76 9.63 -32.48
CA PHE A 923 27.86 8.20 -32.80
C PHE A 923 29.18 7.68 -32.25
N ASP A 924 29.11 6.89 -31.18
CA ASP A 924 30.26 6.28 -30.54
C ASP A 924 30.25 4.80 -30.86
N VAL A 925 31.13 4.36 -31.74
CA VAL A 925 31.13 2.99 -32.24
C VAL A 925 32.56 2.45 -32.23
N VAL A 926 32.70 1.19 -31.84
CA VAL A 926 34.00 0.52 -31.82
C VAL A 926 33.87 -0.81 -32.56
N ARG A 927 34.87 -1.10 -33.38
CA ARG A 927 34.91 -2.34 -34.17
C ARG A 927 36.13 -3.14 -33.77
N VAL A 928 35.92 -4.41 -33.41
CA VAL A 928 36.97 -5.26 -32.89
C VAL A 928 37.31 -6.31 -33.92
N HIS A 929 38.58 -6.37 -34.32
CA HIS A 929 39.07 -7.34 -35.28
C HIS A 929 40.16 -8.16 -34.62
N ARG A 930 40.12 -9.48 -34.81
CA ARG A 930 41.06 -10.41 -34.18
C ARG A 930 41.50 -11.43 -35.21
N PRO A 931 42.64 -11.22 -35.87
CA PRO A 931 43.02 -12.08 -36.99
C PRO A 931 43.62 -13.41 -36.58
N HIS A 932 44.41 -13.43 -35.51
CA HIS A 932 45.11 -14.65 -35.13
C HIS A 932 44.85 -15.03 -33.69
N ARG A 933 45.57 -16.01 -33.19
CA ARG A 933 45.38 -16.51 -31.83
C ARG A 933 46.04 -15.57 -30.83
N GLY A 934 45.28 -15.13 -29.84
CA GLY A 934 45.83 -14.34 -28.76
C GLY A 934 46.28 -12.94 -29.15
N VAL A 935 45.70 -12.37 -30.20
CA VAL A 935 45.99 -10.99 -30.59
C VAL A 935 44.67 -10.30 -30.89
N ILE A 936 44.45 -9.16 -30.23
CA ILE A 936 43.21 -8.41 -30.37
C ILE A 936 43.54 -6.95 -30.64
N GLU A 937 42.93 -6.40 -31.68
CA GLU A 937 43.12 -4.99 -32.02
C GLU A 937 41.76 -4.38 -32.33
N THR A 938 41.60 -3.11 -31.98
CA THR A 938 40.33 -2.41 -32.10
C THR A 938 40.53 -1.09 -32.81
N VAL A 939 39.43 -0.52 -33.29
CA VAL A 939 39.40 0.80 -33.88
C VAL A 939 38.23 1.57 -33.28
N TYR A 940 38.46 2.83 -32.97
CA TYR A 940 37.45 3.69 -32.35
C TYR A 940 37.10 4.83 -33.29
N LEU A 941 35.81 5.17 -33.33
CA LEU A 941 35.36 6.31 -34.11
C LEU A 941 34.20 6.97 -33.39
N ARG A 942 34.35 8.25 -33.06
CA ARG A 942 33.31 9.04 -32.41
C ARG A 942 33.13 10.31 -33.22
N THR A 943 32.11 10.33 -34.08
CA THR A 943 31.87 11.48 -34.93
C THR A 943 30.50 12.08 -34.62
N PRO A 944 30.40 13.41 -34.51
CA PRO A 944 31.48 14.39 -34.53
C PRO A 944 32.25 14.44 -33.21
N PHE A 945 32.97 15.52 -32.93
CA PHE A 945 33.76 15.65 -31.71
C PHE A 945 34.82 14.57 -31.61
N SER A 946 35.39 14.17 -32.74
CA SER A 946 36.43 13.15 -32.73
C SER A 946 37.69 13.69 -32.06
N ALA A 947 38.34 12.83 -31.29
CA ALA A 947 39.56 13.22 -30.58
C ALA A 947 40.70 13.46 -31.56
N PRO B 8 -27.59 -4.08 -49.04
CA PRO B 8 -27.58 -2.97 -49.99
C PRO B 8 -26.70 -1.83 -49.51
N GLN B 9 -27.23 -1.00 -48.62
CA GLN B 9 -26.46 0.12 -48.08
C GLN B 9 -25.41 -0.33 -47.09
N TRP B 10 -25.49 -1.57 -46.59
CA TRP B 10 -24.50 -2.05 -45.62
C TRP B 10 -23.12 -2.08 -46.25
N SER B 11 -23.03 -2.56 -47.49
CA SER B 11 -21.74 -2.56 -48.19
C SER B 11 -21.29 -1.14 -48.48
N TYR B 12 -22.24 -0.24 -48.76
CA TYR B 12 -21.86 1.13 -49.09
C TYR B 12 -21.17 1.82 -47.93
N MET B 13 -21.67 1.64 -46.71
CA MET B 13 -21.07 2.25 -45.53
C MET B 13 -20.28 1.25 -44.70
N HIS B 14 -19.74 0.22 -45.34
CA HIS B 14 -18.74 -0.66 -44.74
C HIS B 14 -19.26 -1.38 -43.50
N ILE B 15 -20.56 -1.70 -43.47
CA ILE B 15 -21.07 -2.57 -42.42
C ILE B 15 -20.76 -4.03 -42.72
N SER B 16 -20.54 -4.37 -43.98
CA SER B 16 -20.19 -5.73 -44.39
C SER B 16 -19.23 -5.63 -45.57
N GLY B 17 -19.00 -6.76 -46.24
CA GLY B 17 -18.18 -6.76 -47.43
C GLY B 17 -16.69 -6.66 -47.13
N GLN B 18 -15.96 -6.12 -48.10
CA GLN B 18 -14.52 -6.03 -48.01
C GLN B 18 -14.09 -5.08 -46.89
N ASP B 19 -12.90 -5.32 -46.35
CA ASP B 19 -12.35 -4.48 -45.30
C ASP B 19 -11.60 -3.30 -45.91
N ALA B 20 -10.96 -2.51 -45.04
CA ALA B 20 -10.37 -1.25 -45.46
C ALA B 20 -9.25 -1.46 -46.47
N SER B 21 -8.51 -2.56 -46.37
CA SER B 21 -7.37 -2.77 -47.26
C SER B 21 -7.79 -3.05 -48.70
N GLU B 22 -9.08 -3.25 -48.97
CA GLU B 22 -9.53 -3.62 -50.30
C GLU B 22 -10.21 -2.47 -51.03
N TYR B 23 -11.24 -1.86 -50.45
CA TYR B 23 -12.00 -0.86 -51.20
C TYR B 23 -11.20 0.41 -51.44
N LEU B 24 -10.18 0.67 -50.63
CA LEU B 24 -9.33 1.83 -50.87
C LEU B 24 -8.53 1.66 -52.14
N SER B 25 -8.19 2.77 -52.78
CA SER B 25 -7.38 2.71 -53.99
C SER B 25 -6.01 2.14 -53.65
N PRO B 26 -5.43 1.34 -54.54
CA PRO B 26 -4.13 0.70 -54.22
C PRO B 26 -3.04 1.71 -53.91
N GLY B 27 -3.05 2.87 -54.58
CA GLY B 27 -2.06 3.88 -54.28
C GLY B 27 -2.16 4.39 -52.86
N LEU B 28 -3.38 4.59 -52.37
CA LEU B 28 -3.57 5.04 -51.00
C LEU B 28 -3.11 3.98 -50.01
N VAL B 29 -3.43 2.71 -50.28
CA VAL B 29 -2.97 1.63 -49.42
C VAL B 29 -1.45 1.57 -49.43
N GLN B 30 -0.85 1.70 -50.61
CA GLN B 30 0.60 1.71 -50.73
C GLN B 30 1.20 2.87 -49.94
N PHE B 31 0.62 4.05 -50.08
CA PHE B 31 1.13 5.22 -49.37
C PHE B 31 0.92 5.08 -47.87
N ALA B 32 -0.21 4.48 -47.47
CA ALA B 32 -0.55 4.41 -46.05
C ALA B 32 0.45 3.59 -45.27
N ARG B 33 0.84 2.42 -45.80
CA ARG B 33 1.73 1.55 -45.03
C ARG B 33 3.15 2.09 -44.98
N ALA B 34 3.55 2.86 -45.99
CA ALA B 34 4.91 3.41 -46.00
C ALA B 34 5.13 4.37 -44.84
N THR B 35 4.15 5.22 -44.56
CA THR B 35 4.26 6.24 -43.52
C THR B 35 3.46 5.87 -42.28
N GLU B 36 3.42 4.59 -41.92
CA GLU B 36 2.62 4.16 -40.77
C GLU B 36 3.11 4.80 -39.48
N THR B 37 4.42 4.72 -39.23
CA THR B 37 4.99 5.27 -38.01
C THR B 37 5.12 6.78 -38.05
N TYR B 38 4.85 7.42 -39.20
CA TYR B 38 4.95 8.86 -39.32
C TYR B 38 3.58 9.52 -39.18
N PHE B 39 2.62 9.07 -39.98
CA PHE B 39 1.27 9.64 -39.98
C PHE B 39 0.30 8.48 -40.16
N SER B 40 -0.26 7.99 -39.06
CA SER B 40 -1.16 6.85 -39.11
C SER B 40 -2.49 7.25 -39.73
N LEU B 41 -2.94 6.46 -40.71
CA LEU B 41 -4.23 6.70 -41.36
C LEU B 41 -5.14 5.49 -41.28
N ASN B 42 -4.70 4.39 -40.68
CA ASN B 42 -5.52 3.19 -40.63
C ASN B 42 -6.77 3.38 -39.78
N ASN B 43 -6.67 4.18 -38.71
CA ASN B 43 -7.79 4.37 -37.80
C ASN B 43 -8.85 5.30 -38.36
N LYS B 44 -8.76 5.67 -39.64
CA LYS B 44 -9.75 6.53 -40.27
C LYS B 44 -10.55 5.81 -41.35
N PHE B 45 -10.60 4.47 -41.29
CA PHE B 45 -11.37 3.70 -42.25
C PHE B 45 -12.01 2.51 -41.54
N ARG B 46 -13.26 2.22 -41.90
CA ARG B 46 -13.99 1.13 -41.27
C ARG B 46 -13.48 -0.21 -41.74
N ASN B 47 -13.65 -1.22 -40.88
CA ASN B 47 -13.33 -2.61 -41.22
C ASN B 47 -14.45 -3.49 -40.72
N PRO B 48 -15.29 -4.00 -41.61
CA PRO B 48 -16.42 -4.83 -41.18
C PRO B 48 -15.95 -6.13 -40.54
N THR B 49 -16.72 -6.61 -39.56
CA THR B 49 -16.46 -7.87 -38.87
C THR B 49 -17.80 -8.62 -38.80
N VAL B 50 -18.05 -9.46 -39.81
CA VAL B 50 -19.33 -10.15 -39.95
C VAL B 50 -19.16 -11.57 -39.41
N ALA B 51 -20.05 -11.96 -38.50
CA ALA B 51 -20.04 -13.30 -37.96
C ALA B 51 -20.62 -14.29 -38.97
N PRO B 52 -20.15 -15.53 -38.96
CA PRO B 52 -20.71 -16.53 -39.87
C PRO B 52 -22.16 -16.84 -39.54
N THR B 53 -22.90 -17.24 -40.56
CA THR B 53 -24.34 -17.46 -40.42
C THR B 53 -24.74 -18.92 -40.31
N HIS B 54 -24.04 -19.83 -40.98
CA HIS B 54 -24.46 -21.21 -41.06
C HIS B 54 -23.32 -22.14 -40.65
N ASP B 55 -23.71 -23.35 -40.24
CA ASP B 55 -22.79 -24.42 -39.87
C ASP B 55 -21.91 -24.03 -38.68
N VAL B 56 -22.37 -23.12 -37.84
CA VAL B 56 -21.66 -22.76 -36.63
C VAL B 56 -22.45 -23.10 -35.37
N THR B 57 -23.78 -23.12 -35.44
CA THR B 57 -24.60 -23.47 -34.29
C THR B 57 -25.97 -23.91 -34.79
N THR B 58 -26.61 -24.78 -34.01
CA THR B 58 -27.93 -25.25 -34.38
C THR B 58 -28.98 -24.18 -34.11
N ASP B 59 -30.14 -24.36 -34.75
CA ASP B 59 -31.28 -23.48 -34.54
C ASP B 59 -32.43 -24.19 -33.85
N ARG B 60 -32.36 -25.51 -33.67
CA ARG B 60 -33.43 -26.27 -33.04
C ARG B 60 -33.37 -26.09 -31.53
N SER B 61 -34.32 -26.73 -30.84
CA SER B 61 -34.38 -26.65 -29.39
C SER B 61 -33.34 -27.58 -28.78
N GLN B 62 -32.44 -27.01 -27.99
CA GLN B 62 -31.41 -27.80 -27.34
C GLN B 62 -30.97 -27.10 -26.06
N ARG B 63 -30.94 -27.85 -24.97
CA ARG B 63 -30.54 -27.28 -23.69
C ARG B 63 -29.08 -26.87 -23.70
N LEU B 64 -28.77 -25.81 -22.97
CA LEU B 64 -27.38 -25.39 -22.83
C LEU B 64 -26.69 -26.16 -21.71
N THR B 65 -27.27 -26.10 -20.50
CA THR B 65 -26.74 -26.82 -19.35
C THR B 65 -27.66 -27.99 -19.00
N LEU B 66 -27.09 -28.96 -18.29
CA LEU B 66 -27.84 -30.12 -17.87
C LEU B 66 -27.48 -30.48 -16.44
N ARG B 67 -28.45 -30.97 -15.70
CA ARG B 67 -28.26 -31.39 -14.32
C ARG B 67 -28.51 -32.89 -14.23
N PHE B 68 -27.61 -33.60 -13.56
CA PHE B 68 -27.70 -35.05 -13.44
C PHE B 68 -27.87 -35.42 -11.98
N ILE B 69 -28.88 -36.25 -11.70
CA ILE B 69 -29.19 -36.69 -10.34
C ILE B 69 -28.54 -38.05 -10.11
N PRO B 70 -27.90 -38.27 -8.96
CA PRO B 70 -27.28 -39.57 -8.71
C PRO B 70 -28.32 -40.69 -8.73
N VAL B 71 -27.90 -41.84 -9.26
CA VAL B 71 -28.78 -43.00 -9.28
C VAL B 71 -28.57 -43.89 -8.06
N ASP B 72 -27.46 -43.71 -7.34
CA ASP B 72 -27.19 -44.51 -6.15
C ASP B 72 -26.13 -43.80 -5.34
N ARG B 73 -26.28 -43.82 -4.02
CA ARG B 73 -25.34 -43.17 -3.12
C ARG B 73 -25.09 -44.08 -1.93
N GLU B 74 -23.83 -44.44 -1.72
CA GLU B 74 -23.42 -45.27 -0.59
C GLU B 74 -22.51 -44.47 0.33
N ASP B 75 -22.81 -44.53 1.63
CA ASP B 75 -22.07 -43.77 2.62
C ASP B 75 -21.47 -44.70 3.66
N THR B 76 -20.20 -44.47 3.99
CA THR B 76 -19.55 -45.14 5.09
C THR B 76 -19.25 -44.12 6.18
N ALA B 77 -18.51 -44.55 7.20
CA ALA B 77 -18.27 -43.69 8.36
C ALA B 77 -17.50 -42.44 7.98
N TYR B 78 -16.50 -42.55 7.11
CA TYR B 78 -15.62 -41.43 6.82
C TYR B 78 -15.62 -41.01 5.35
N SER B 79 -16.49 -41.57 4.52
CA SER B 79 -16.54 -41.20 3.12
C SER B 79 -17.90 -41.60 2.57
N TYR B 80 -18.12 -41.25 1.30
CA TYR B 80 -19.33 -41.68 0.62
C TYR B 80 -19.11 -41.64 -0.88
N LYS B 81 -19.86 -42.49 -1.59
CA LYS B 81 -19.68 -42.73 -3.01
C LYS B 81 -20.96 -42.39 -3.74
N ALA B 82 -20.84 -41.64 -4.83
CA ALA B 82 -21.98 -41.23 -5.64
C ALA B 82 -21.74 -41.62 -7.08
N ARG B 83 -22.78 -42.12 -7.74
CA ARG B 83 -22.68 -42.59 -9.13
C ARG B 83 -23.72 -41.89 -9.98
N PHE B 84 -23.33 -41.50 -11.18
CA PHE B 84 -24.23 -40.87 -12.14
C PHE B 84 -24.12 -41.59 -13.48
N THR B 85 -25.20 -41.55 -14.24
CA THR B 85 -25.21 -42.08 -15.60
C THR B 85 -25.13 -40.88 -16.54
N LEU B 86 -23.92 -40.42 -16.81
CA LEU B 86 -23.70 -39.30 -17.70
C LEU B 86 -24.02 -39.74 -19.13
N ALA B 87 -25.13 -39.26 -19.67
CA ALA B 87 -25.58 -39.62 -21.00
C ALA B 87 -25.43 -38.41 -21.91
N VAL B 88 -24.49 -38.47 -22.83
CA VAL B 88 -24.32 -37.41 -23.82
C VAL B 88 -25.29 -37.67 -24.96
N GLY B 89 -26.13 -36.68 -25.26
CA GLY B 89 -27.12 -36.84 -26.29
C GLY B 89 -26.51 -36.93 -27.68
N ASP B 90 -27.31 -37.43 -28.61
CA ASP B 90 -26.85 -37.56 -29.99
C ASP B 90 -26.64 -36.18 -30.60
N ASN B 91 -25.72 -36.12 -31.57
CA ASN B 91 -25.35 -34.88 -32.23
C ASN B 91 -24.89 -33.83 -31.23
N ARG B 92 -24.16 -34.26 -30.20
CA ARG B 92 -23.65 -33.36 -29.19
C ARG B 92 -22.25 -33.80 -28.79
N VAL B 93 -21.44 -32.84 -28.36
CA VAL B 93 -20.12 -33.12 -27.82
C VAL B 93 -19.98 -32.39 -26.49
N LEU B 94 -19.45 -33.09 -25.50
CA LEU B 94 -19.32 -32.57 -24.15
C LEU B 94 -17.85 -32.46 -23.82
N ASP B 95 -17.42 -31.26 -23.44
CA ASP B 95 -16.06 -31.04 -22.97
C ASP B 95 -16.04 -31.28 -21.47
N MET B 96 -15.26 -32.27 -21.04
CA MET B 96 -15.21 -32.64 -19.62
C MET B 96 -14.79 -31.47 -18.74
N ALA B 97 -14.05 -30.51 -19.29
CA ALA B 97 -13.65 -29.36 -18.50
C ALA B 97 -14.84 -28.51 -18.07
N SER B 98 -15.96 -28.60 -18.79
CA SER B 98 -17.13 -27.81 -18.41
C SER B 98 -17.83 -28.38 -17.19
N THR B 99 -17.74 -29.70 -16.98
CA THR B 99 -18.47 -30.33 -15.90
C THR B 99 -17.84 -30.01 -14.55
N TYR B 100 -18.68 -30.04 -13.51
CA TYR B 100 -18.24 -29.79 -12.14
C TYR B 100 -19.31 -30.29 -11.20
N PHE B 101 -18.89 -30.81 -10.06
CA PHE B 101 -19.83 -31.29 -9.06
C PHE B 101 -20.40 -30.12 -8.27
N ASP B 102 -21.66 -30.26 -7.85
CA ASP B 102 -22.34 -29.26 -7.05
C ASP B 102 -22.80 -29.91 -5.76
N ILE B 103 -22.28 -29.45 -4.64
CA ILE B 103 -22.49 -30.07 -3.34
C ILE B 103 -23.13 -29.06 -2.40
N ARG B 104 -24.18 -29.49 -1.70
CA ARG B 104 -24.85 -28.68 -0.70
C ARG B 104 -24.89 -29.42 0.63
N GLY B 105 -24.61 -28.71 1.70
CA GLY B 105 -24.60 -29.33 3.01
C GLY B 105 -24.59 -28.28 4.10
N VAL B 106 -24.45 -28.77 5.33
CA VAL B 106 -24.43 -27.93 6.52
C VAL B 106 -23.12 -28.16 7.26
N LEU B 107 -22.49 -27.07 7.69
CA LEU B 107 -21.18 -27.10 8.31
C LEU B 107 -21.25 -26.55 9.73
N ASP B 108 -20.54 -27.20 10.64
CA ASP B 108 -20.32 -26.68 11.99
C ASP B 108 -18.83 -26.56 12.22
N ARG B 109 -18.36 -25.34 12.47
CA ARG B 109 -16.94 -25.08 12.61
C ARG B 109 -16.44 -25.24 14.03
N GLY B 110 -17.31 -25.61 14.97
CA GLY B 110 -16.90 -25.85 16.33
C GLY B 110 -16.73 -24.56 17.11
N PRO B 111 -16.54 -24.68 18.43
CA PRO B 111 -16.36 -23.48 19.26
C PRO B 111 -15.00 -22.82 19.09
N THR B 112 -14.08 -23.43 18.35
CA THR B 112 -12.76 -22.87 18.17
C THR B 112 -12.76 -21.68 17.22
N PHE B 113 -13.71 -21.64 16.30
CA PHE B 113 -13.72 -20.64 15.24
C PHE B 113 -13.83 -19.23 15.82
N LYS B 114 -12.93 -18.34 15.39
CA LYS B 114 -12.95 -16.94 15.80
C LYS B 114 -12.27 -16.11 14.73
N PRO B 115 -13.04 -15.58 13.79
CA PRO B 115 -12.49 -14.91 12.61
C PRO B 115 -12.24 -13.41 12.78
N TYR B 116 -11.60 -13.04 13.89
CA TYR B 116 -11.22 -11.64 14.08
C TYR B 116 -10.32 -11.54 15.30
N SER B 117 -9.34 -10.65 15.21
CA SER B 117 -8.48 -10.39 16.35
C SER B 117 -9.15 -9.39 17.29
N GLY B 118 -8.69 -9.38 18.53
CA GLY B 118 -9.32 -8.56 19.53
C GLY B 118 -10.66 -9.13 19.94
N THR B 119 -11.42 -8.32 20.66
CA THR B 119 -12.72 -8.71 21.16
C THR B 119 -13.80 -7.83 20.54
N ALA B 120 -15.05 -8.12 20.90
CA ALA B 120 -16.18 -7.41 20.34
C ALA B 120 -16.98 -6.61 21.36
N TYR B 121 -16.80 -6.87 22.65
CA TYR B 121 -17.59 -6.23 23.70
C TYR B 121 -16.67 -5.39 24.58
N ASN B 122 -17.01 -4.12 24.75
CA ASN B 122 -16.25 -3.20 25.59
C ASN B 122 -14.79 -3.17 25.16
N ALA B 123 -14.57 -3.04 23.85
CA ALA B 123 -13.21 -3.04 23.32
C ALA B 123 -12.41 -1.86 23.85
N LEU B 124 -13.03 -0.68 23.93
CA LEU B 124 -12.32 0.50 24.39
C LEU B 124 -12.00 0.48 25.88
N ALA B 125 -12.56 -0.47 26.62
CA ALA B 125 -12.35 -0.50 28.06
C ALA B 125 -10.91 -0.83 28.40
N PRO B 126 -10.41 -0.32 29.52
CA PRO B 126 -9.10 -0.77 30.00
C PRO B 126 -9.15 -2.24 30.36
N LYS B 127 -8.04 -2.93 30.15
CA LYS B 127 -8.04 -4.37 30.33
C LYS B 127 -8.01 -4.80 31.77
N GLY B 128 -8.16 -3.91 32.74
CA GLY B 128 -8.18 -4.32 34.13
C GLY B 128 -9.34 -3.72 34.89
N ALA B 129 -10.17 -2.95 34.22
CA ALA B 129 -11.28 -2.28 34.88
C ALA B 129 -12.36 -3.29 35.24
N PRO B 130 -12.78 -3.37 36.49
CA PRO B 130 -13.84 -4.30 36.87
C PRO B 130 -15.22 -3.68 36.80
N ASN B 131 -16.21 -4.53 36.54
CA ASN B 131 -17.58 -4.09 36.55
C ASN B 131 -18.00 -3.75 37.98
N PRO B 132 -18.92 -2.80 38.15
CA PRO B 132 -19.41 -2.48 39.50
C PRO B 132 -20.07 -3.69 40.12
N CYS B 133 -19.50 -4.14 41.23
CA CYS B 133 -19.88 -5.42 41.81
C CYS B 133 -19.83 -5.32 43.33
N GLU B 134 -20.27 -6.40 43.98
CA GLU B 134 -20.22 -6.53 45.43
C GLU B 134 -19.64 -7.89 45.78
N TRP B 135 -19.20 -8.02 47.03
CA TRP B 135 -18.66 -9.27 47.52
C TRP B 135 -18.67 -9.24 49.04
N ASP B 136 -18.38 -10.39 49.64
CA ASP B 136 -18.39 -10.54 51.08
C ASP B 136 -16.99 -10.92 51.57
N GLU B 137 -16.67 -10.48 52.79
CA GLU B 137 -15.37 -10.76 53.39
C GLU B 137 -15.52 -11.35 54.78
N THR B 166 -19.22 -7.25 54.18
CA THR B 166 -19.64 -7.10 52.79
C THR B 166 -19.31 -5.71 52.27
N HIS B 167 -18.64 -5.66 51.12
CA HIS B 167 -18.19 -4.40 50.54
C HIS B 167 -18.73 -4.25 49.13
N VAL B 168 -19.00 -3.01 48.74
CA VAL B 168 -19.56 -2.68 47.44
C VAL B 168 -18.67 -1.64 46.78
N PHE B 169 -18.29 -1.91 45.53
CA PHE B 169 -17.50 -0.99 44.73
C PHE B 169 -18.26 -0.70 43.44
N GLY B 170 -18.67 0.55 43.27
CA GLY B 170 -19.47 0.91 42.12
C GLY B 170 -19.37 2.37 41.73
N GLN B 171 -20.24 2.79 40.82
CA GLN B 171 -20.19 4.15 40.29
C GLN B 171 -21.56 4.51 39.73
N ALA B 172 -22.10 5.64 40.16
CA ALA B 172 -23.44 6.07 39.75
C ALA B 172 -23.34 7.30 38.86
N PRO B 173 -23.51 7.15 37.55
CA PRO B 173 -23.38 8.31 36.67
C PRO B 173 -24.64 9.13 36.52
N TYR B 174 -25.80 8.49 36.67
CA TYR B 174 -27.06 9.15 36.40
C TYR B 174 -27.36 10.19 37.46
N SER B 175 -28.06 11.25 37.06
CA SER B 175 -28.49 12.31 37.95
C SER B 175 -29.99 12.50 37.84
N GLY B 176 -30.64 12.70 38.97
CA GLY B 176 -32.08 12.85 39.03
C GLY B 176 -32.48 14.12 39.76
N ILE B 177 -33.68 14.08 40.32
CA ILE B 177 -34.25 15.23 41.03
C ILE B 177 -34.34 14.96 42.52
N ASN B 178 -35.10 13.94 42.92
CA ASN B 178 -35.29 13.61 44.32
C ASN B 178 -35.23 12.11 44.50
N ILE B 179 -34.93 11.70 45.73
CA ILE B 179 -34.84 10.29 46.09
C ILE B 179 -35.84 10.00 47.21
N THR B 180 -36.71 9.01 46.98
CA THR B 180 -37.62 8.54 48.01
C THR B 180 -37.52 7.02 48.12
N LYS B 181 -38.41 6.41 48.91
CA LYS B 181 -38.37 4.96 49.05
C LYS B 181 -38.76 4.23 47.78
N GLU B 182 -39.33 4.93 46.80
CA GLU B 182 -39.68 4.31 45.53
C GLU B 182 -38.56 4.38 44.51
N GLY B 183 -37.43 4.96 44.88
CA GLY B 183 -36.31 5.09 43.97
C GLY B 183 -36.11 6.51 43.49
N ILE B 184 -35.24 6.62 42.48
CA ILE B 184 -34.92 7.93 41.92
C ILE B 184 -36.12 8.45 41.14
N GLN B 185 -36.31 9.76 41.18
CA GLN B 185 -37.38 10.43 40.44
C GLN B 185 -36.80 11.05 39.19
N ILE B 186 -37.34 10.68 38.03
CA ILE B 186 -36.80 11.13 36.75
C ILE B 186 -37.61 12.25 36.11
N GLY B 187 -38.86 12.43 36.51
CA GLY B 187 -39.66 13.48 35.91
C GLY B 187 -41.08 13.47 36.44
N VAL B 188 -41.92 14.30 35.81
CA VAL B 188 -43.31 14.43 36.20
C VAL B 188 -44.22 13.93 35.09
N THR B 192 -47.50 15.20 38.98
CA THR B 192 -47.14 14.13 39.90
C THR B 192 -45.80 13.51 39.52
N PRO B 193 -44.98 13.21 40.52
CA PRO B 193 -43.64 12.66 40.24
C PRO B 193 -43.73 11.29 39.58
N LYS B 194 -42.74 11.02 38.75
CA LYS B 194 -42.59 9.72 38.11
C LYS B 194 -41.24 9.13 38.51
N TYR B 195 -41.21 7.80 38.66
CA TYR B 195 -40.02 7.10 39.12
C TYR B 195 -39.51 6.17 38.03
N ALA B 196 -38.20 5.94 38.05
CA ALA B 196 -37.56 5.14 37.01
C ALA B 196 -38.05 3.70 37.06
N ASP B 197 -38.15 3.09 35.89
CA ASP B 197 -38.55 1.69 35.78
C ASP B 197 -37.39 0.80 36.15
N LYS B 198 -37.54 0.03 37.23
CA LYS B 198 -36.44 -0.78 37.73
C LYS B 198 -36.01 -1.86 36.75
N THR B 199 -36.87 -2.22 35.79
CA THR B 199 -36.53 -3.27 34.85
C THR B 199 -35.35 -2.88 33.96
N PHE B 200 -35.35 -1.64 33.46
CA PHE B 200 -34.31 -1.20 32.54
C PHE B 200 -33.75 0.17 32.86
N GLN B 201 -34.29 0.89 33.82
CA GLN B 201 -33.74 2.19 34.17
C GLN B 201 -33.07 2.13 35.54
N PRO B 202 -32.03 2.93 35.76
CA PRO B 202 -31.42 3.88 34.83
C PRO B 202 -30.54 3.18 33.81
N GLU B 203 -30.56 3.64 32.57
CA GLU B 203 -29.72 3.03 31.55
C GLU B 203 -28.25 3.37 31.82
N PRO B 204 -27.35 2.44 31.51
CA PRO B 204 -25.93 2.66 31.81
C PRO B 204 -25.17 3.51 30.80
N GLN B 205 -25.85 4.16 29.84
CA GLN B 205 -25.19 5.11 28.96
C GLN B 205 -25.49 6.55 29.30
N ILE B 206 -26.66 6.84 29.87
CA ILE B 206 -27.03 8.21 30.17
C ILE B 206 -26.19 8.71 31.33
N GLY B 207 -25.61 9.90 31.17
CA GLY B 207 -24.82 10.52 32.20
C GLY B 207 -24.84 12.03 32.04
N GLU B 208 -23.78 12.68 32.50
CA GLU B 208 -23.67 14.12 32.39
C GLU B 208 -23.19 14.51 30.99
N SER B 209 -23.11 15.81 30.74
CA SER B 209 -22.69 16.29 29.43
C SER B 209 -21.59 17.34 29.56
N GLN B 210 -21.61 18.11 30.64
CA GLN B 210 -20.63 19.16 30.85
C GLN B 210 -19.39 18.61 31.55
N TRP B 211 -18.21 19.02 31.08
CA TRP B 211 -16.98 18.51 31.64
C TRP B 211 -16.80 18.94 33.09
N TYR B 212 -17.10 20.20 33.40
CA TYR B 212 -16.94 20.69 34.76
C TYR B 212 -17.98 20.09 35.68
N GLU B 213 -17.55 19.66 36.86
CA GLU B 213 -18.46 19.06 37.83
C GLU B 213 -19.45 20.10 38.35
N THR B 214 -20.63 19.63 38.74
CA THR B 214 -21.70 20.50 39.19
C THR B 214 -22.28 20.07 40.53
N GLU B 215 -21.60 19.19 41.26
CA GLU B 215 -22.02 18.77 42.59
C GLU B 215 -23.43 18.15 42.56
N ILE B 216 -23.51 17.01 41.87
CA ILE B 216 -24.77 16.29 41.76
C ILE B 216 -25.30 15.96 43.14
N ASN B 217 -26.59 16.23 43.36
CA ASN B 217 -27.21 16.01 44.65
C ASN B 217 -28.00 14.70 44.74
N HIS B 218 -28.40 14.13 43.61
CA HIS B 218 -29.16 12.89 43.60
C HIS B 218 -28.70 12.06 42.42
N ALA B 219 -28.08 10.92 42.71
CA ALA B 219 -27.48 10.08 41.69
C ALA B 219 -27.95 8.64 41.83
N ALA B 220 -27.90 7.91 40.73
CA ALA B 220 -28.33 6.53 40.72
C ALA B 220 -27.49 5.75 39.72
N GLY B 221 -27.49 4.43 39.87
CA GLY B 221 -26.74 3.57 38.98
C GLY B 221 -27.03 2.12 39.29
N ARG B 222 -26.37 1.25 38.53
CA ARG B 222 -26.56 -0.19 38.65
C ARG B 222 -25.32 -0.83 39.26
N VAL B 223 -25.52 -2.02 39.83
CA VAL B 223 -24.43 -2.79 40.42
C VAL B 223 -24.83 -4.26 40.40
N LEU B 224 -23.84 -5.13 40.25
CA LEU B 224 -24.09 -6.56 40.15
C LEU B 224 -24.12 -7.19 41.53
N LYS B 225 -25.05 -8.13 41.73
CA LYS B 225 -25.17 -8.81 43.00
C LYS B 225 -23.99 -9.75 43.22
N LYS B 226 -23.83 -10.19 44.47
CA LYS B 226 -22.69 -11.02 44.84
C LYS B 226 -22.80 -12.45 44.32
N THR B 227 -23.95 -12.85 43.80
CA THR B 227 -24.13 -14.21 43.29
C THR B 227 -23.79 -14.33 41.81
N THR B 228 -22.96 -13.45 41.29
CA THR B 228 -22.59 -13.47 39.88
C THR B 228 -21.11 -13.72 39.72
N PRO B 229 -20.68 -14.29 38.59
CA PRO B 229 -19.24 -14.49 38.37
C PRO B 229 -18.49 -13.18 38.35
N MET B 230 -17.24 -13.25 38.80
CA MET B 230 -16.38 -12.08 38.94
C MET B 230 -15.56 -11.91 37.67
N LYS B 231 -15.86 -10.89 36.87
CA LYS B 231 -15.17 -10.73 35.60
C LYS B 231 -14.83 -9.27 35.37
N PRO B 232 -13.75 -9.00 34.64
CA PRO B 232 -13.47 -7.62 34.23
C PRO B 232 -14.47 -7.14 33.20
N CYS B 233 -14.60 -5.81 33.12
CA CYS B 233 -15.57 -5.24 32.20
C CYS B 233 -15.12 -5.38 30.75
N TYR B 234 -13.85 -5.69 30.51
CA TYR B 234 -13.37 -5.90 29.16
C TYR B 234 -13.86 -7.23 28.64
N GLY B 235 -14.67 -7.21 27.58
CA GLY B 235 -15.14 -8.42 26.95
C GLY B 235 -16.31 -9.08 27.64
N SER B 236 -16.82 -8.52 28.73
CA SER B 236 -17.93 -9.12 29.44
C SER B 236 -19.23 -8.85 28.70
N TYR B 237 -20.04 -9.89 28.52
CA TYR B 237 -21.30 -9.78 27.80
C TYR B 237 -22.41 -10.46 28.59
N ALA B 238 -23.61 -9.90 28.50
CA ALA B 238 -24.78 -10.48 29.16
C ALA B 238 -26.00 -10.23 28.30
N LYS B 239 -26.69 -11.30 27.94
CA LYS B 239 -27.80 -11.20 27.01
C LYS B 239 -28.95 -10.39 27.61
N PRO B 240 -29.72 -9.69 26.79
CA PRO B 240 -30.87 -8.95 27.30
C PRO B 240 -32.05 -9.88 27.55
N THR B 241 -32.98 -9.38 28.37
CA THR B 241 -34.17 -10.15 28.72
C THR B 241 -35.46 -9.34 28.59
N ASN B 242 -35.41 -8.18 27.95
CA ASN B 242 -36.63 -7.42 27.69
C ASN B 242 -36.38 -6.51 26.51
N GLU B 243 -37.48 -6.05 25.90
CA GLU B 243 -37.38 -5.20 24.72
C GLU B 243 -36.72 -3.85 25.02
N ASN B 244 -36.70 -3.43 26.28
CA ASN B 244 -36.10 -2.16 26.64
C ASN B 244 -34.60 -2.26 26.84
N GLY B 245 -34.01 -3.45 26.72
CA GLY B 245 -32.58 -3.61 26.85
C GLY B 245 -32.10 -4.02 28.22
N GLY B 246 -32.99 -4.27 29.17
CA GLY B 246 -32.57 -4.69 30.48
C GLY B 246 -31.94 -6.07 30.45
N GLN B 247 -31.12 -6.35 31.47
CA GLN B 247 -30.37 -7.60 31.52
C GLN B 247 -30.65 -8.41 32.77
N GLY B 248 -31.70 -8.08 33.52
CA GLY B 248 -31.99 -8.82 34.73
C GLY B 248 -32.42 -10.24 34.46
N ILE B 249 -32.33 -11.07 35.49
CA ILE B 249 -32.73 -12.48 35.41
C ILE B 249 -34.17 -12.60 35.88
N LEU B 250 -34.99 -13.30 35.10
CA LEU B 250 -36.40 -13.46 35.40
C LEU B 250 -36.64 -14.78 36.11
N VAL B 251 -37.37 -14.74 37.22
CA VAL B 251 -37.73 -15.93 37.99
C VAL B 251 -39.22 -15.86 38.29
N LYS B 252 -39.92 -16.98 38.13
CA LYS B 252 -41.34 -17.03 38.42
C LYS B 252 -41.62 -16.80 39.90
N LEU B 258 -42.83 -14.81 35.75
CA LEU B 258 -41.40 -14.58 35.51
C LEU B 258 -41.08 -13.10 35.62
N GLU B 259 -40.88 -12.63 36.86
CA GLU B 259 -40.58 -11.24 37.12
C GLU B 259 -39.15 -11.10 37.63
N SER B 260 -38.52 -9.98 37.28
CA SER B 260 -37.16 -9.73 37.70
C SER B 260 -37.10 -9.44 39.19
N GLN B 261 -35.91 -9.58 39.76
CA GLN B 261 -35.70 -9.48 41.20
C GLN B 261 -34.59 -8.49 41.52
N VAL B 262 -34.65 -7.31 40.92
CA VAL B 262 -33.70 -6.27 41.27
C VAL B 262 -34.04 -5.73 42.67
N GLU B 263 -33.04 -5.18 43.33
CA GLU B 263 -33.19 -4.73 44.70
C GLU B 263 -32.73 -3.28 44.84
N MET B 264 -33.25 -2.61 45.86
CA MET B 264 -32.95 -1.22 46.15
C MET B 264 -31.91 -1.14 47.25
N GLN B 265 -30.87 -0.34 47.04
CA GLN B 265 -29.88 -0.07 48.06
C GLN B 265 -29.63 1.43 48.11
N PHE B 266 -29.63 1.99 49.32
CA PHE B 266 -29.49 3.42 49.53
C PHE B 266 -28.17 3.71 50.23
N PHE B 267 -27.52 4.81 49.83
CA PHE B 267 -26.26 5.21 50.42
C PHE B 267 -26.29 6.71 50.69
N SER B 268 -25.70 7.11 51.81
CA SER B 268 -25.65 8.51 52.20
C SER B 268 -24.27 8.84 52.72
N THR B 269 -23.94 10.12 52.70
CA THR B 269 -22.64 10.57 53.19
C THR B 269 -22.54 10.34 54.69
N THR B 270 -21.31 10.25 55.16
CA THR B 270 -21.06 10.01 56.59
C THR B 270 -21.35 11.27 57.39
N GLU B 271 -22.63 11.59 57.54
CA GLU B 271 -23.09 12.75 58.31
C GLU B 271 -22.46 14.04 57.80
N LEU B 280 -31.60 13.96 57.67
CA LEU B 280 -30.95 12.77 57.10
C LEU B 280 -31.73 12.25 55.90
N THR B 281 -31.12 12.34 54.72
CA THR B 281 -31.72 11.89 53.47
C THR B 281 -30.68 11.13 52.67
N PRO B 282 -31.12 10.20 51.83
CA PRO B 282 -30.16 9.46 50.99
C PRO B 282 -29.60 10.34 49.89
N LYS B 283 -28.50 9.89 49.31
CA LYS B 283 -27.82 10.60 48.24
C LYS B 283 -27.67 9.77 46.97
N VAL B 284 -27.37 8.49 47.09
CA VAL B 284 -27.13 7.63 45.93
C VAL B 284 -27.93 6.35 46.09
N VAL B 285 -28.62 5.96 45.02
CA VAL B 285 -29.39 4.73 44.99
C VAL B 285 -28.77 3.78 43.97
N LEU B 286 -28.53 2.55 44.40
CA LEU B 286 -27.89 1.56 43.55
C LEU B 286 -28.90 0.47 43.21
N TYR B 287 -29.07 0.22 41.92
CA TYR B 287 -30.01 -0.78 41.42
C TYR B 287 -29.27 -2.10 41.26
N SER B 288 -29.23 -2.90 42.31
CA SER B 288 -28.55 -4.18 42.27
C SER B 288 -29.35 -5.18 41.47
N GLU B 289 -28.65 -6.05 40.75
CA GLU B 289 -29.29 -7.07 39.94
C GLU B 289 -28.29 -8.20 39.71
N ASP B 290 -28.70 -9.19 38.92
CA ASP B 290 -27.85 -10.32 38.58
C ASP B 290 -28.07 -10.67 37.11
N VAL B 291 -26.98 -10.93 36.40
CA VAL B 291 -27.03 -11.20 34.98
C VAL B 291 -26.22 -12.46 34.70
N ASP B 292 -26.44 -13.04 33.52
CA ASP B 292 -25.70 -14.21 33.07
C ASP B 292 -24.48 -13.76 32.26
N ILE B 293 -23.50 -13.23 32.99
CA ILE B 293 -22.33 -12.63 32.35
C ILE B 293 -21.43 -13.70 31.78
N GLU B 294 -21.01 -13.52 30.53
CA GLU B 294 -20.13 -14.46 29.85
C GLU B 294 -18.96 -13.72 29.23
N THR B 295 -17.94 -14.47 28.84
CA THR B 295 -16.77 -13.94 28.14
C THR B 295 -16.57 -14.76 26.88
N PRO B 296 -17.32 -14.47 25.82
CA PRO B 296 -17.29 -15.34 24.64
C PRO B 296 -15.94 -15.44 23.95
N ASP B 297 -15.08 -14.43 24.07
CA ASP B 297 -13.86 -14.43 23.27
C ASP B 297 -12.61 -14.02 24.03
N THR B 298 -12.68 -13.83 25.34
CA THR B 298 -11.52 -13.41 26.12
C THR B 298 -11.30 -14.38 27.26
N HIS B 299 -10.07 -14.44 27.74
CA HIS B 299 -9.68 -15.32 28.84
C HIS B 299 -8.81 -14.54 29.81
N ILE B 300 -8.77 -15.03 31.04
CA ILE B 300 -8.00 -14.37 32.09
C ILE B 300 -6.52 -14.51 31.78
N SER B 301 -5.79 -13.40 31.87
CA SER B 301 -4.36 -13.41 31.60
C SER B 301 -3.50 -13.40 32.85
N TYR B 302 -4.08 -13.09 34.01
CA TYR B 302 -3.32 -13.08 35.25
C TYR B 302 -4.29 -13.33 36.39
N MET B 303 -4.20 -14.51 37.00
CA MET B 303 -5.15 -14.90 38.03
C MET B 303 -4.46 -14.80 39.38
N PRO B 304 -4.89 -13.90 40.26
CA PRO B 304 -4.12 -13.64 41.49
C PRO B 304 -4.02 -14.83 42.42
N THR B 305 -5.14 -15.37 42.89
CA THR B 305 -5.11 -16.48 43.84
C THR B 305 -6.15 -17.51 43.44
N ILE B 306 -5.78 -18.79 43.62
CA ILE B 306 -6.58 -19.91 43.09
C ILE B 306 -7.85 -20.16 43.89
N LYS B 307 -8.02 -19.53 45.05
CA LYS B 307 -9.22 -19.74 45.85
C LYS B 307 -10.45 -19.23 45.11
N GLU B 308 -11.39 -20.13 44.84
CA GLU B 308 -12.60 -19.76 44.12
C GLU B 308 -13.51 -18.91 45.01
N GLY B 309 -14.45 -18.22 44.36
CA GLY B 309 -15.37 -17.36 45.07
C GLY B 309 -14.98 -15.89 44.97
N ASN B 310 -15.96 -15.00 45.08
CA ASN B 310 -15.70 -13.58 44.95
C ASN B 310 -15.06 -13.06 46.23
N SER B 311 -13.79 -12.66 46.14
CA SER B 311 -13.04 -12.12 47.27
C SER B 311 -12.38 -10.82 46.84
N ARG B 312 -11.76 -10.13 47.80
CA ARG B 312 -11.10 -8.87 47.51
C ARG B 312 -9.96 -9.07 46.52
N GLU B 313 -9.18 -10.13 46.72
CA GLU B 313 -8.02 -10.37 45.87
C GLU B 313 -8.42 -10.61 44.43
N LEU B 314 -9.67 -11.00 44.19
CA LEU B 314 -10.12 -11.29 42.84
C LEU B 314 -10.28 -10.04 41.99
N MET B 315 -10.19 -8.85 42.58
CA MET B 315 -10.28 -7.61 41.83
C MET B 315 -9.21 -7.46 40.77
N GLY B 316 -8.04 -8.05 40.96
CA GLY B 316 -6.88 -7.76 40.14
C GLY B 316 -6.74 -8.56 38.87
N GLN B 317 -7.71 -9.40 38.51
CA GLN B 317 -7.55 -10.20 37.31
C GLN B 317 -7.58 -9.32 36.06
N GLN B 318 -6.92 -9.80 35.01
CA GLN B 318 -6.84 -9.09 33.75
C GLN B 318 -7.17 -10.05 32.61
N SER B 319 -7.66 -9.50 31.52
CA SER B 319 -8.10 -10.28 30.38
C SER B 319 -7.35 -9.88 29.12
N MET B 320 -7.27 -10.81 28.17
CA MET B 320 -6.73 -10.49 26.87
C MET B 320 -7.42 -11.37 25.85
N PRO B 321 -7.63 -10.89 24.63
CA PRO B 321 -8.48 -11.62 23.67
C PRO B 321 -7.86 -12.93 23.24
N ASN B 322 -8.73 -13.87 22.88
CA ASN B 322 -8.28 -15.15 22.37
C ASN B 322 -7.62 -14.99 21.01
N ARG B 323 -6.72 -15.89 20.68
CA ARG B 323 -6.02 -15.82 19.42
C ARG B 323 -6.99 -16.04 18.26
N PRO B 324 -6.88 -15.26 17.20
CA PRO B 324 -7.73 -15.49 16.03
C PRO B 324 -7.41 -16.81 15.36
N ASN B 325 -8.44 -17.41 14.76
CA ASN B 325 -8.27 -18.70 14.11
C ASN B 325 -9.34 -18.83 13.03
N TYR B 326 -8.94 -18.61 11.78
CA TYR B 326 -9.85 -18.78 10.67
C TYR B 326 -9.96 -20.25 10.28
N ILE B 327 -11.16 -20.65 9.85
CA ILE B 327 -11.41 -22.00 9.40
C ILE B 327 -12.19 -21.91 8.10
N ALA B 328 -11.72 -22.63 7.08
CA ALA B 328 -12.36 -22.59 5.77
C ALA B 328 -11.97 -23.84 4.99
N PHE B 329 -12.53 -23.97 3.80
CA PHE B 329 -12.13 -25.04 2.90
C PHE B 329 -10.75 -24.74 2.32
N ARG B 330 -10.04 -25.80 1.95
CA ARG B 330 -8.73 -25.63 1.38
C ARG B 330 -8.82 -25.00 -0.01
N ASP B 331 -7.69 -24.46 -0.45
CA ASP B 331 -7.63 -23.85 -1.78
C ASP B 331 -8.00 -24.87 -2.84
N ASN B 332 -8.83 -24.46 -3.79
CA ASN B 332 -9.28 -25.31 -4.89
C ASN B 332 -9.97 -26.58 -4.37
N PHE B 333 -10.52 -26.50 -3.16
CA PHE B 333 -11.23 -27.62 -2.55
C PHE B 333 -10.37 -28.87 -2.51
N ILE B 334 -9.10 -28.70 -2.16
CA ILE B 334 -8.17 -29.81 -2.08
C ILE B 334 -8.59 -30.72 -0.93
N GLY B 335 -8.69 -32.02 -1.21
CA GLY B 335 -9.00 -33.00 -0.20
C GLY B 335 -10.43 -33.48 -0.22
N LEU B 336 -11.34 -32.74 -0.84
CA LEU B 336 -12.73 -33.19 -0.92
C LEU B 336 -12.90 -34.31 -1.92
N MET B 337 -11.94 -34.50 -2.82
CA MET B 337 -12.05 -35.44 -3.92
C MET B 337 -10.95 -36.48 -3.76
N TYR B 338 -11.33 -37.75 -3.72
CA TYR B 338 -10.34 -38.80 -3.53
C TYR B 338 -9.44 -38.92 -4.76
N TYR B 339 -8.14 -38.99 -4.52
CA TYR B 339 -7.17 -39.12 -5.60
C TYR B 339 -6.03 -40.02 -5.14
N ASN B 340 -5.52 -40.82 -6.07
CA ASN B 340 -4.34 -41.66 -5.82
C ASN B 340 -4.55 -42.59 -4.62
N SER B 341 -5.75 -43.15 -4.52
CA SER B 341 -6.06 -44.12 -3.49
C SER B 341 -6.67 -45.35 -4.15
N THR B 342 -6.00 -46.49 -4.02
CA THR B 342 -6.50 -47.71 -4.64
C THR B 342 -7.84 -48.13 -4.05
N GLY B 343 -7.99 -48.03 -2.73
CA GLY B 343 -9.23 -48.42 -2.09
C GLY B 343 -10.40 -47.51 -2.40
N ASN B 344 -10.13 -46.26 -2.79
CA ASN B 344 -11.19 -45.33 -3.12
C ASN B 344 -11.12 -44.97 -4.60
N MET B 345 -11.03 -46.00 -5.43
CA MET B 345 -10.84 -45.82 -6.87
C MET B 345 -11.98 -45.01 -7.48
N GLY B 346 -11.61 -44.02 -8.29
CA GLY B 346 -12.61 -43.34 -9.10
C GLY B 346 -12.76 -44.02 -10.45
N VAL B 347 -14.01 -44.15 -10.90
CA VAL B 347 -14.33 -44.92 -12.08
C VAL B 347 -15.09 -44.06 -13.08
N LEU B 348 -14.76 -44.22 -14.35
CA LEU B 348 -15.49 -43.59 -15.44
C LEU B 348 -15.45 -44.56 -16.62
N ALA B 349 -16.58 -45.19 -16.91
CA ALA B 349 -16.60 -46.26 -17.88
C ALA B 349 -17.86 -46.15 -18.74
N GLY B 350 -17.80 -46.77 -19.91
CA GLY B 350 -18.98 -46.84 -20.76
C GLY B 350 -20.09 -47.64 -20.10
N GLN B 351 -21.33 -47.26 -20.42
CA GLN B 351 -22.47 -47.90 -19.79
C GLN B 351 -22.57 -49.38 -20.15
N ALA B 352 -22.09 -49.76 -21.33
CA ALA B 352 -22.19 -51.14 -21.78
C ALA B 352 -20.94 -51.96 -21.49
N SER B 353 -19.79 -51.31 -21.36
CA SER B 353 -18.53 -52.03 -21.17
C SER B 353 -18.19 -52.21 -19.69
N GLN B 354 -18.43 -51.19 -18.87
CA GLN B 354 -18.13 -51.23 -17.44
C GLN B 354 -16.65 -51.50 -17.16
N LEU B 355 -15.79 -51.11 -18.08
CA LEU B 355 -14.35 -51.25 -17.91
C LEU B 355 -13.78 -49.88 -17.56
N ASN B 356 -13.17 -49.77 -16.38
CA ASN B 356 -12.70 -48.48 -15.90
C ASN B 356 -11.66 -47.89 -16.85
N ALA B 357 -11.88 -46.65 -17.25
CA ALA B 357 -10.95 -45.92 -18.09
C ALA B 357 -9.98 -45.05 -17.29
N VAL B 358 -10.07 -45.10 -15.97
CA VAL B 358 -9.20 -44.32 -15.10
C VAL B 358 -8.47 -45.27 -14.18
N VAL B 359 -7.14 -45.31 -14.28
CA VAL B 359 -6.29 -46.11 -13.41
C VAL B 359 -5.28 -45.17 -12.77
N ASP B 360 -5.26 -45.13 -11.44
CA ASP B 360 -4.40 -44.25 -10.68
C ASP B 360 -3.28 -45.04 -10.03
N LEU B 361 -2.27 -44.31 -9.57
CA LEU B 361 -1.11 -44.90 -8.94
C LEU B 361 -0.91 -44.28 -7.57
N GLN B 362 -0.37 -45.09 -6.65
CA GLN B 362 -0.13 -44.62 -5.30
C GLN B 362 0.88 -43.48 -5.26
N ASP B 363 1.95 -43.60 -6.06
CA ASP B 363 3.00 -42.60 -6.05
C ASP B 363 2.68 -41.38 -6.88
N ARG B 364 1.68 -41.44 -7.75
CA ARG B 364 1.32 -40.28 -8.54
C ARG B 364 0.67 -39.22 -7.67
N ASN B 365 0.97 -37.96 -7.96
CA ASN B 365 0.40 -36.83 -7.25
C ASN B 365 -0.30 -35.92 -8.24
N THR B 366 -1.55 -35.57 -7.95
CA THR B 366 -2.38 -34.81 -8.87
C THR B 366 -2.67 -33.40 -8.41
N GLU B 367 -3.12 -33.23 -7.17
CA GLU B 367 -3.46 -31.91 -6.67
C GLU B 367 -2.25 -30.98 -6.68
N LEU B 368 -1.06 -31.49 -6.34
CA LEU B 368 0.13 -30.67 -6.47
C LEU B 368 0.40 -30.32 -7.93
N SER B 369 0.21 -31.29 -8.82
CA SER B 369 0.36 -31.02 -10.24
C SER B 369 -0.64 -29.97 -10.70
N TYR B 370 -1.87 -30.05 -10.21
CA TYR B 370 -2.88 -29.06 -10.59
C TYR B 370 -2.48 -27.67 -10.12
N GLN B 371 -1.92 -27.56 -8.92
CA GLN B 371 -1.51 -26.26 -8.40
C GLN B 371 -0.43 -25.66 -9.29
N LEU B 372 0.58 -26.45 -9.64
CA LEU B 372 1.68 -25.93 -10.45
C LEU B 372 1.21 -25.52 -11.84
N LEU B 373 0.37 -26.34 -12.46
CA LEU B 373 -0.15 -26.01 -13.78
C LEU B 373 -0.96 -24.73 -13.75
N LEU B 374 -1.82 -24.59 -12.74
CA LEU B 374 -2.68 -23.43 -12.66
C LEU B 374 -1.88 -22.16 -12.43
N ASP B 375 -0.69 -22.27 -11.86
CA ASP B 375 0.18 -21.11 -11.71
C ASP B 375 0.75 -20.68 -13.06
N SER B 376 1.23 -21.65 -13.85
CA SER B 376 1.95 -21.31 -15.07
C SER B 376 1.06 -20.62 -16.08
N ILE B 377 -0.18 -21.07 -16.22
CA ILE B 377 -1.05 -20.60 -17.29
C ILE B 377 -1.90 -19.43 -16.85
N GLY B 378 -1.63 -18.88 -15.67
CA GLY B 378 -2.41 -17.77 -15.18
C GLY B 378 -1.68 -16.96 -14.15
N ASP B 379 -2.44 -16.14 -13.44
CA ASP B 379 -1.91 -15.33 -12.34
C ASP B 379 -2.67 -15.68 -11.07
N ARG B 380 -1.93 -15.91 -9.99
CA ARG B 380 -2.54 -16.32 -8.74
C ARG B 380 -2.89 -15.15 -7.83
N THR B 381 -2.45 -13.93 -8.15
CA THR B 381 -2.74 -12.80 -7.27
C THR B 381 -4.19 -12.39 -7.29
N ARG B 382 -4.98 -12.89 -8.24
CA ARG B 382 -6.40 -12.59 -8.31
C ARG B 382 -7.20 -13.69 -7.63
N TYR B 383 -8.40 -13.34 -7.21
CA TYR B 383 -9.28 -14.25 -6.48
C TYR B 383 -10.49 -14.58 -7.32
N PHE B 384 -10.73 -15.88 -7.53
CA PHE B 384 -11.94 -16.38 -8.18
C PHE B 384 -12.70 -17.19 -7.16
N SER B 385 -13.84 -16.68 -6.72
CA SER B 385 -14.55 -17.28 -5.61
C SER B 385 -15.27 -18.57 -6.01
N MET B 386 -15.66 -18.72 -7.27
CA MET B 386 -16.56 -19.80 -7.61
C MET B 386 -15.82 -21.14 -7.65
N TRP B 387 -14.50 -21.11 -7.80
CA TRP B 387 -13.68 -22.30 -7.58
C TRP B 387 -12.98 -22.29 -6.22
N ASN B 388 -13.31 -21.36 -5.34
CA ASN B 388 -12.57 -21.17 -4.09
C ASN B 388 -11.08 -20.98 -4.37
N GLN B 389 -10.78 -20.20 -5.41
CA GLN B 389 -9.42 -20.02 -5.88
C GLN B 389 -8.81 -18.81 -5.18
N ALA B 390 -8.03 -19.06 -4.12
CA ALA B 390 -7.36 -17.99 -3.40
C ALA B 390 -6.07 -18.57 -2.83
N VAL B 391 -4.95 -18.31 -3.50
CA VAL B 391 -3.70 -18.94 -3.13
C VAL B 391 -3.26 -18.49 -1.75
N ASP B 392 -2.79 -19.44 -0.95
CA ASP B 392 -2.24 -19.11 0.36
C ASP B 392 -0.97 -18.28 0.20
N SER B 393 -0.78 -17.32 1.09
CA SER B 393 0.39 -16.47 1.06
C SER B 393 0.70 -16.01 2.47
N TYR B 394 1.59 -15.04 2.59
CA TYR B 394 1.92 -14.47 3.89
C TYR B 394 2.40 -13.05 3.69
N ASP B 395 2.29 -12.27 4.74
CA ASP B 395 2.78 -10.90 4.69
C ASP B 395 4.30 -10.93 4.61
N PRO B 396 4.91 -10.27 3.62
CA PRO B 396 6.38 -10.27 3.55
C PRO B 396 7.04 -9.68 4.77
N ASP B 397 6.36 -8.82 5.51
CA ASP B 397 6.97 -8.20 6.68
C ASP B 397 7.12 -9.20 7.83
N VAL B 398 6.08 -9.98 8.11
CA VAL B 398 6.13 -10.88 9.25
C VAL B 398 7.16 -11.99 9.02
N ARG B 399 7.29 -12.45 7.78
CA ARG B 399 8.26 -13.49 7.48
C ARG B 399 9.68 -12.98 7.68
N ILE B 400 9.97 -11.77 7.18
CA ILE B 400 11.29 -11.16 7.27
C ILE B 400 11.07 -9.73 7.72
N ILE B 401 11.30 -9.46 9.00
CA ILE B 401 11.03 -8.12 9.53
C ILE B 401 12.12 -7.16 9.08
N GLU B 402 11.70 -6.00 8.58
CA GLU B 402 12.62 -4.93 8.20
C GLU B 402 12.61 -3.87 9.30
N ASN B 403 13.19 -4.25 10.43
CA ASN B 403 13.11 -3.42 11.63
C ASN B 403 14.01 -2.20 11.50
N HIS B 404 13.47 -1.12 10.93
CA HIS B 404 14.21 0.12 10.79
C HIS B 404 13.76 1.15 11.82
N GLY B 405 13.21 0.70 12.94
CA GLY B 405 12.87 1.62 14.00
C GLY B 405 11.61 2.41 13.69
N THR B 406 11.36 3.40 14.55
CA THR B 406 10.17 4.23 14.46
C THR B 406 10.56 5.71 14.43
N GLU B 407 9.68 6.52 13.87
CA GLU B 407 9.87 7.97 13.79
C GLU B 407 9.12 8.60 14.95
N ASP B 408 9.86 8.98 15.99
CA ASP B 408 9.29 9.52 17.22
C ASP B 408 10.06 10.75 17.68
N GLU B 409 10.33 11.66 16.76
CA GLU B 409 11.08 12.86 17.11
C GLU B 409 10.24 13.79 17.98
N LEU B 410 8.96 13.87 17.73
CA LEU B 410 8.15 14.78 18.52
C LEU B 410 7.43 14.03 19.63
N PRO B 411 7.19 14.67 20.76
CA PRO B 411 6.39 14.04 21.82
C PRO B 411 4.91 14.33 21.68
N ASN B 412 4.11 13.31 21.93
CA ASN B 412 2.66 13.40 21.85
C ASN B 412 2.08 13.42 23.26
N TYR B 413 1.04 14.24 23.47
CA TYR B 413 0.54 14.50 24.80
C TYR B 413 -0.96 14.25 24.89
N CYS B 414 -1.43 14.05 26.13
CA CYS B 414 -2.84 14.02 26.45
C CYS B 414 -3.15 15.20 27.36
N PHE B 415 -4.28 15.85 27.12
CA PHE B 415 -4.64 17.01 27.92
C PHE B 415 -6.02 16.83 28.53
N PRO B 416 -6.26 17.39 29.70
CA PRO B 416 -7.55 17.20 30.38
C PRO B 416 -8.70 17.76 29.56
N LEU B 417 -9.90 17.27 29.87
CA LEU B 417 -11.07 17.66 29.09
C LEU B 417 -11.32 19.16 29.18
N GLY B 418 -11.18 19.73 30.37
CA GLY B 418 -11.33 21.16 30.54
C GLY B 418 -10.09 21.97 30.28
N GLY B 419 -9.00 21.33 29.88
CA GLY B 419 -7.76 22.05 29.66
C GLY B 419 -6.93 22.17 30.91
N VAL B 420 -7.55 22.60 32.00
CA VAL B 420 -6.88 22.76 33.29
C VAL B 420 -7.77 22.16 34.36
N ILE B 421 -7.14 21.50 35.34
CA ILE B 421 -7.87 20.86 36.43
C ILE B 421 -7.39 21.31 37.81
N ASN B 422 -6.19 21.89 37.89
CA ASN B 422 -5.63 22.34 39.16
C ASN B 422 -5.45 23.85 39.09
N THR B 423 -6.50 24.59 39.46
CA THR B 423 -6.49 26.04 39.40
C THR B 423 -6.81 26.62 40.78
N GLU B 424 -6.19 27.75 41.09
CA GLU B 424 -6.40 28.41 42.35
C GLU B 424 -7.48 29.47 42.24
N THR B 425 -7.94 29.96 43.39
CA THR B 425 -8.94 31.02 43.47
C THR B 425 -8.27 32.26 44.01
N LEU B 426 -8.40 33.37 43.27
CA LEU B 426 -7.75 34.62 43.62
C LEU B 426 -8.78 35.75 43.63
N THR B 427 -8.46 36.80 44.37
CA THR B 427 -9.29 37.99 44.43
C THR B 427 -8.65 39.10 43.62
N LYS B 428 -9.48 40.04 43.16
CA LYS B 428 -9.04 41.13 42.32
C LYS B 428 -8.72 42.35 43.17
N VAL B 429 -7.59 42.99 42.89
CA VAL B 429 -7.14 44.16 43.63
C VAL B 429 -6.79 45.26 42.65
N LYS B 430 -6.77 46.49 43.15
CA LYS B 430 -6.50 47.67 42.35
C LYS B 430 -5.58 48.60 43.12
N PRO B 431 -4.84 49.47 42.43
CA PRO B 431 -3.96 50.45 43.06
C PRO B 431 -4.70 51.41 43.99
N GLY B 438 1.07 50.73 46.45
CA GLY B 438 -0.11 50.51 47.26
C GLY B 438 -1.26 49.89 46.50
N TRP B 439 -1.87 48.86 47.08
CA TRP B 439 -2.96 48.14 46.44
C TRP B 439 -4.11 47.97 47.41
N GLU B 440 -5.33 47.97 46.88
CA GLU B 440 -6.54 47.89 47.68
C GLU B 440 -7.48 46.87 47.06
N LYS B 441 -8.34 46.30 47.91
CA LYS B 441 -9.30 45.31 47.45
C LYS B 441 -10.38 45.97 46.59
N ASP B 442 -11.19 45.13 45.96
CA ASP B 442 -12.24 45.60 45.06
C ASP B 442 -13.55 44.90 45.37
N ALA B 443 -14.65 45.59 45.09
CA ALA B 443 -15.99 45.05 45.26
C ALA B 443 -16.86 45.55 44.11
N THR B 444 -18.12 45.11 44.11
CA THR B 444 -19.08 45.45 43.05
C THR B 444 -18.55 45.08 41.68
N GLU B 445 -17.70 44.07 41.61
CA GLU B 445 -17.02 43.67 40.39
C GLU B 445 -16.77 42.17 40.46
N PHE B 446 -15.80 41.70 39.67
CA PHE B 446 -15.40 40.30 39.62
C PHE B 446 -15.42 39.68 41.02
N SER B 447 -16.09 38.53 41.13
CA SER B 447 -16.28 37.89 42.42
C SER B 447 -14.97 37.36 42.96
N ASP B 448 -14.99 37.01 44.25
CA ASP B 448 -13.81 36.46 44.89
C ASP B 448 -13.46 35.08 44.38
N LYS B 449 -14.36 34.43 43.66
CA LYS B 449 -14.11 33.08 43.12
C LYS B 449 -13.72 33.21 41.66
N ASN B 450 -12.42 33.15 41.40
CA ASN B 450 -11.88 33.22 40.04
C ASN B 450 -10.92 32.07 39.83
N GLU B 451 -11.14 31.31 38.75
CA GLU B 451 -10.33 30.13 38.47
C GLU B 451 -9.15 30.54 37.61
N ILE B 452 -7.98 30.64 38.23
CA ILE B 452 -6.74 31.02 37.55
C ILE B 452 -5.75 29.88 37.71
N ARG B 453 -5.08 29.53 36.62
CA ARG B 453 -4.04 28.50 36.62
C ARG B 453 -2.72 29.15 36.29
N VAL B 454 -1.73 28.97 37.15
CA VAL B 454 -0.40 29.53 36.95
C VAL B 454 0.47 28.47 36.32
N GLY B 455 1.32 28.88 35.39
CA GLY B 455 2.20 27.95 34.71
C GLY B 455 1.49 27.15 33.65
N ASN B 456 2.20 26.14 33.16
CA ASN B 456 1.66 25.28 32.11
C ASN B 456 0.57 24.37 32.66
N ASN B 457 -0.23 23.84 31.75
CA ASN B 457 -1.32 22.95 32.09
C ASN B 457 -0.80 21.52 32.32
N PHE B 458 -1.53 20.79 33.15
CA PHE B 458 -1.18 19.39 33.41
C PHE B 458 -1.38 18.56 32.15
N ALA B 459 -0.42 17.68 31.87
CA ALA B 459 -0.49 16.83 30.69
C ALA B 459 0.48 15.69 30.84
N MET B 460 0.21 14.60 30.14
CA MET B 460 1.06 13.43 30.13
C MET B 460 1.36 13.03 28.69
N GLU B 461 2.46 12.31 28.52
CA GLU B 461 3.01 12.03 27.20
C GLU B 461 3.08 10.53 26.96
N ILE B 462 2.76 10.11 25.73
CA ILE B 462 2.83 8.72 25.33
C ILE B 462 3.46 8.64 23.95
N ASN B 463 4.46 7.78 23.79
CA ASN B 463 5.01 7.52 22.47
C ASN B 463 4.02 6.68 21.67
N LEU B 464 3.77 7.09 20.42
CA LEU B 464 2.78 6.43 19.59
C LEU B 464 3.39 5.43 18.62
N ASN B 465 4.36 5.85 17.82
CA ASN B 465 4.94 4.95 16.83
C ASN B 465 5.61 3.76 17.50
N ALA B 466 6.27 3.99 18.65
CA ALA B 466 6.85 2.87 19.37
C ALA B 466 5.79 1.90 19.85
N ASN B 467 4.66 2.42 20.34
CA ASN B 467 3.59 1.54 20.81
C ASN B 467 2.99 0.75 19.65
N LEU B 468 2.78 1.39 18.51
CA LEU B 468 2.22 0.68 17.37
C LEU B 468 3.15 -0.43 16.91
N TRP B 469 4.45 -0.15 16.90
CA TRP B 469 5.41 -1.17 16.50
C TRP B 469 5.39 -2.36 17.45
N ARG B 470 5.31 -2.10 18.76
CA ARG B 470 5.28 -3.19 19.72
C ARG B 470 4.04 -4.06 19.54
N ASN B 471 2.88 -3.42 19.35
CA ASN B 471 1.65 -4.20 19.18
C ASN B 471 1.71 -5.06 17.93
N PHE B 472 2.26 -4.51 16.84
CA PHE B 472 2.35 -5.28 15.61
C PHE B 472 3.25 -6.49 15.77
N LEU B 473 4.39 -6.31 16.45
CA LEU B 473 5.35 -7.42 16.57
C LEU B 473 4.78 -8.53 17.45
N TYR B 474 4.22 -8.19 18.60
CA TYR B 474 3.73 -9.21 19.51
C TYR B 474 2.58 -9.99 18.89
N SER B 475 1.67 -9.31 18.21
CA SER B 475 0.48 -9.98 17.70
C SER B 475 0.76 -10.83 16.47
N ASN B 476 1.86 -10.58 15.78
CA ASN B 476 2.13 -11.28 14.53
C ASN B 476 3.33 -12.21 14.59
N ILE B 477 4.18 -12.10 15.60
CA ILE B 477 5.37 -12.94 15.67
C ILE B 477 5.45 -13.65 17.01
N ALA B 478 5.38 -12.88 18.10
CA ALA B 478 5.63 -13.45 19.42
C ALA B 478 4.62 -14.54 19.76
N LEU B 479 3.44 -14.51 19.17
CA LEU B 479 2.44 -15.52 19.45
C LEU B 479 2.60 -16.77 18.60
N TYR B 480 3.55 -16.79 17.66
CA TYR B 480 3.76 -17.95 16.81
C TYR B 480 5.11 -18.61 17.04
N LEU B 481 5.75 -18.32 18.17
CA LEU B 481 7.00 -18.97 18.50
C LEU B 481 6.76 -20.45 18.83
N PRO B 482 7.79 -21.28 18.68
CA PRO B 482 7.63 -22.70 19.04
C PRO B 482 7.27 -22.84 20.51
N ASP B 483 6.47 -23.87 20.81
CA ASP B 483 5.95 -24.05 22.15
C ASP B 483 7.06 -24.26 23.18
N LYS B 484 8.25 -24.68 22.74
CA LYS B 484 9.35 -24.88 23.68
C LYS B 484 9.81 -23.57 24.32
N LEU B 485 9.52 -22.43 23.70
CA LEU B 485 9.89 -21.15 24.27
C LEU B 485 8.84 -20.59 25.21
N LYS B 486 7.58 -20.95 25.02
CA LYS B 486 6.52 -20.48 25.90
C LYS B 486 6.56 -21.23 27.22
N TYR B 487 5.67 -20.86 28.12
CA TYR B 487 5.55 -21.56 29.40
C TYR B 487 4.11 -21.47 29.87
N SER B 488 3.70 -22.47 30.65
CA SER B 488 2.32 -22.54 31.11
C SER B 488 2.04 -21.42 32.10
N PRO B 489 0.83 -20.89 32.09
CA PRO B 489 0.46 -19.85 33.07
C PRO B 489 0.24 -20.44 34.45
N SER B 490 -0.20 -19.62 35.40
CA SER B 490 -0.35 -20.04 36.78
C SER B 490 -1.80 -19.89 37.22
N ASN B 491 -2.22 -20.80 38.10
CA ASN B 491 -3.53 -20.78 38.75
C ASN B 491 -4.69 -20.88 37.77
N VAL B 492 -4.45 -21.35 36.56
CA VAL B 492 -5.52 -21.56 35.59
C VAL B 492 -5.37 -22.97 35.01
N LYS B 493 -6.49 -23.53 34.58
CA LYS B 493 -6.46 -24.84 33.95
C LYS B 493 -6.06 -24.72 32.48
N ILE B 494 -5.47 -25.79 31.96
CA ILE B 494 -5.03 -25.83 30.57
C ILE B 494 -5.04 -27.27 30.11
N SER B 495 -5.50 -27.49 28.89
CA SER B 495 -5.60 -28.85 28.35
C SER B 495 -4.21 -29.46 28.19
N ASP B 496 -4.10 -30.74 28.52
CA ASP B 496 -2.81 -31.43 28.42
C ASP B 496 -2.45 -31.73 26.98
N ASN B 497 -3.45 -31.94 26.11
CA ASN B 497 -3.17 -32.25 24.72
C ASN B 497 -2.58 -31.03 24.03
N PRO B 498 -1.37 -31.11 23.49
CA PRO B 498 -0.74 -29.94 22.86
C PRO B 498 -1.42 -29.50 21.58
N ASN B 499 -2.24 -30.32 20.96
CA ASN B 499 -2.90 -29.97 19.72
C ASN B 499 -4.22 -29.24 19.92
N THR B 500 -4.73 -29.19 21.15
CA THR B 500 -6.00 -28.53 21.41
C THR B 500 -5.84 -27.02 21.30
N TYR B 501 -6.92 -26.36 20.86
CA TYR B 501 -6.92 -24.91 20.81
C TYR B 501 -6.78 -24.31 22.20
N ASP B 502 -7.34 -24.97 23.22
CA ASP B 502 -7.23 -24.46 24.57
C ASP B 502 -5.76 -24.39 25.01
N TYR B 503 -4.98 -25.41 24.69
CA TYR B 503 -3.57 -25.40 25.04
C TYR B 503 -2.84 -24.28 24.34
N MET B 504 -3.00 -24.19 23.01
CA MET B 504 -2.24 -23.21 22.25
C MET B 504 -2.71 -21.78 22.51
N ASN B 505 -3.88 -21.62 23.10
CA ASN B 505 -4.39 -20.27 23.39
C ASN B 505 -3.94 -19.76 24.75
N LYS B 506 -3.75 -20.65 25.72
CA LYS B 506 -3.46 -20.22 27.08
C LYS B 506 -1.98 -20.19 27.42
N ARG B 507 -1.12 -20.66 26.52
CA ARG B 507 0.31 -20.55 26.75
C ARG B 507 0.74 -19.10 26.62
N VAL B 508 1.52 -18.62 27.57
CA VAL B 508 1.91 -17.22 27.64
C VAL B 508 3.34 -17.06 27.14
N VAL B 509 3.60 -15.98 26.41
CA VAL B 509 4.91 -15.70 25.84
C VAL B 509 5.40 -14.37 26.38
N ALA B 510 6.62 -14.36 26.89
CA ALA B 510 7.20 -13.13 27.41
C ALA B 510 7.45 -12.17 26.27
N PRO B 511 6.93 -10.93 26.34
CA PRO B 511 7.15 -10.00 25.23
C PRO B 511 8.60 -9.64 25.01
N GLY B 512 9.45 -9.82 26.02
CA GLY B 512 10.85 -9.48 25.87
C GLY B 512 11.57 -10.30 24.83
N LEU B 513 11.04 -11.47 24.47
CA LEU B 513 11.68 -12.29 23.45
C LEU B 513 11.74 -11.57 22.12
N VAL B 514 10.66 -10.87 21.75
CA VAL B 514 10.61 -10.08 20.54
C VAL B 514 10.02 -8.72 20.91
N ASP B 515 10.87 -7.70 20.94
CA ASP B 515 10.41 -6.36 21.31
C ASP B 515 10.78 -5.36 20.21
N CYS B 516 10.57 -4.07 20.49
CA CYS B 516 10.84 -3.06 19.49
C CYS B 516 12.33 -2.84 19.23
N TYR B 517 13.20 -3.66 19.80
CA TYR B 517 14.64 -3.49 19.64
C TYR B 517 15.33 -4.75 19.14
N ILE B 518 14.59 -5.73 18.64
CA ILE B 518 15.20 -6.99 18.23
C ILE B 518 15.84 -6.81 16.86
N ASN B 519 17.14 -7.07 16.78
CA ASN B 519 17.90 -6.97 15.53
C ASN B 519 17.66 -5.62 14.86
N LEU B 520 17.77 -4.57 15.66
CA LEU B 520 17.45 -3.23 15.18
C LEU B 520 18.34 -2.84 14.01
N GLY B 521 17.71 -2.31 12.95
CA GLY B 521 18.44 -1.88 11.78
C GLY B 521 18.81 -2.97 10.82
N ALA B 522 18.43 -4.21 11.08
CA ALA B 522 18.79 -5.33 10.22
C ALA B 522 17.56 -5.96 9.61
N ARG B 523 17.72 -6.49 8.41
CA ARG B 523 16.67 -7.21 7.69
C ARG B 523 16.96 -8.69 7.85
N TRP B 524 16.44 -9.29 8.92
CA TRP B 524 16.88 -10.62 9.32
C TRP B 524 15.75 -11.32 10.05
N SER B 525 15.23 -12.39 9.46
CA SER B 525 14.20 -13.17 10.12
C SER B 525 14.77 -13.90 11.33
N LEU B 526 13.90 -14.19 12.29
CA LEU B 526 14.33 -14.81 13.53
C LEU B 526 14.84 -16.23 13.28
N ASP B 527 15.77 -16.66 14.14
CA ASP B 527 16.32 -18.01 14.03
C ASP B 527 15.35 -19.08 14.48
N TYR B 528 14.24 -18.71 15.11
CA TYR B 528 13.20 -19.66 15.46
C TYR B 528 12.04 -19.68 14.49
N MET B 529 11.76 -18.55 13.86
CA MET B 529 10.60 -18.41 12.99
C MET B 529 10.76 -19.15 11.67
N ASP B 530 11.97 -19.53 11.30
CA ASP B 530 12.23 -20.08 9.97
C ASP B 530 11.97 -21.57 9.88
N ASN B 531 11.75 -22.25 11.00
CA ASN B 531 11.47 -23.68 10.98
C ASN B 531 10.01 -24.00 11.25
N VAL B 532 9.13 -23.01 11.16
CA VAL B 532 7.70 -23.22 11.34
C VAL B 532 6.99 -22.81 10.06
N ASN B 533 5.81 -23.33 9.87
CA ASN B 533 5.04 -23.03 8.66
C ASN B 533 4.62 -21.58 8.69
N PRO B 534 5.01 -20.76 7.71
CA PRO B 534 4.57 -19.36 7.70
C PRO B 534 3.15 -19.17 7.20
N PHE B 535 2.59 -20.16 6.51
CA PHE B 535 1.24 -20.01 5.98
C PHE B 535 0.18 -20.28 7.03
N ASN B 536 0.54 -20.89 8.15
CA ASN B 536 -0.38 -21.06 9.28
C ASN B 536 -0.37 -19.80 10.14
N HIS B 537 -0.72 -18.70 9.49
CA HIS B 537 -0.69 -17.38 10.13
C HIS B 537 -1.99 -16.67 9.83
N HIS B 538 -2.47 -15.88 10.79
CA HIS B 538 -3.78 -15.25 10.62
C HIS B 538 -3.76 -14.12 9.61
N ARG B 539 -2.60 -13.74 9.08
CA ARG B 539 -2.51 -12.74 8.04
C ARG B 539 -2.44 -13.34 6.65
N ASN B 540 -2.62 -14.64 6.52
CA ASN B 540 -2.67 -15.29 5.22
C ASN B 540 -3.90 -14.79 4.48
N ALA B 541 -3.69 -13.92 3.47
CA ALA B 541 -4.81 -13.30 2.79
C ALA B 541 -5.70 -14.33 2.12
N GLY B 542 -5.10 -15.34 1.50
CA GLY B 542 -5.90 -16.37 0.86
C GLY B 542 -6.77 -17.12 1.84
N LEU B 543 -6.20 -17.52 2.98
CA LEU B 543 -6.98 -18.21 3.99
C LEU B 543 -8.06 -17.31 4.56
N ARG B 544 -7.72 -16.05 4.84
CA ARG B 544 -8.70 -15.13 5.40
C ARG B 544 -9.85 -14.90 4.42
N TYR B 545 -9.53 -14.72 3.14
CA TYR B 545 -10.57 -14.49 2.15
C TYR B 545 -11.52 -15.68 2.05
N ARG B 546 -10.97 -16.90 2.03
CA ARG B 546 -11.81 -18.08 1.95
C ARG B 546 -12.68 -18.24 3.18
N SER B 547 -12.17 -17.90 4.36
CA SER B 547 -12.96 -18.00 5.57
C SER B 547 -14.14 -17.04 5.54
N MET B 548 -13.90 -15.80 5.13
CA MET B 548 -14.98 -14.83 5.07
C MET B 548 -15.98 -15.14 3.98
N LEU B 549 -15.59 -15.97 3.00
CA LEU B 549 -16.53 -16.35 1.95
C LEU B 549 -17.69 -17.15 2.51
N LEU B 550 -17.42 -18.08 3.42
CA LEU B 550 -18.49 -18.86 4.02
C LEU B 550 -19.40 -18.00 4.88
N GLY B 551 -18.82 -17.08 5.63
CA GLY B 551 -19.55 -16.22 6.52
C GLY B 551 -18.77 -15.98 7.79
N ASN B 552 -19.44 -15.42 8.79
CA ASN B 552 -18.81 -15.12 10.07
C ASN B 552 -19.40 -15.92 11.22
N GLY B 553 -20.38 -16.77 10.96
CA GLY B 553 -20.95 -17.61 12.00
C GLY B 553 -20.26 -18.96 12.08
N ARG B 554 -20.69 -19.75 13.07
CA ARG B 554 -20.14 -21.08 13.26
C ARG B 554 -21.04 -22.18 12.69
N TYR B 555 -22.31 -21.88 12.41
CA TYR B 555 -23.22 -22.82 11.76
C TYR B 555 -23.48 -22.29 10.35
N VAL B 556 -22.79 -22.86 9.37
CA VAL B 556 -22.82 -22.32 8.01
C VAL B 556 -23.37 -23.36 7.04
N PRO B 557 -24.58 -23.17 6.52
CA PRO B 557 -25.04 -23.99 5.39
C PRO B 557 -24.35 -23.53 4.11
N PHE B 558 -23.65 -24.45 3.46
CA PHE B 558 -22.80 -24.12 2.33
C PHE B 558 -23.34 -24.73 1.04
N HIS B 559 -22.87 -24.21 -0.08
CA HIS B 559 -23.26 -24.69 -1.40
C HIS B 559 -22.11 -24.33 -2.36
N ILE B 560 -21.32 -25.33 -2.74
CA ILE B 560 -20.08 -25.10 -3.45
C ILE B 560 -20.07 -25.91 -4.75
N GLN B 561 -19.11 -25.60 -5.60
CA GLN B 561 -18.89 -26.30 -6.86
C GLN B 561 -17.45 -26.82 -6.90
N VAL B 562 -17.29 -28.09 -7.23
CA VAL B 562 -15.98 -28.72 -7.19
C VAL B 562 -15.54 -29.12 -8.59
N PRO B 563 -14.35 -28.73 -9.02
CA PRO B 563 -13.88 -29.12 -10.35
C PRO B 563 -13.26 -30.50 -10.38
N GLN B 564 -12.98 -31.01 -11.58
CA GLN B 564 -12.31 -32.28 -11.75
C GLN B 564 -10.83 -32.03 -12.00
N LYS B 565 -9.97 -32.71 -11.25
CA LYS B 565 -8.54 -32.43 -11.28
C LYS B 565 -7.71 -33.53 -11.89
N PHE B 566 -8.27 -34.71 -12.15
CA PHE B 566 -7.48 -35.78 -12.73
C PHE B 566 -7.04 -35.41 -14.13
N PHE B 567 -5.74 -35.54 -14.40
CA PHE B 567 -5.19 -35.04 -15.65
C PHE B 567 -5.73 -35.79 -16.86
N ALA B 568 -6.14 -37.03 -16.68
CA ALA B 568 -6.55 -37.86 -17.81
C ALA B 568 -7.95 -37.56 -18.30
N ILE B 569 -8.76 -36.83 -17.54
CA ILE B 569 -10.15 -36.59 -17.95
C ILE B 569 -10.49 -35.11 -17.84
N LYS B 570 -9.64 -34.33 -17.19
CA LYS B 570 -9.98 -32.92 -16.95
C LYS B 570 -10.07 -32.13 -18.24
N ASN B 571 -9.56 -32.65 -19.35
CA ASN B 571 -9.66 -31.97 -20.64
C ASN B 571 -10.22 -32.90 -21.72
N LEU B 572 -10.83 -34.01 -21.33
CA LEU B 572 -11.35 -34.95 -22.29
C LEU B 572 -12.50 -34.35 -23.07
N LEU B 573 -12.62 -34.78 -24.33
CA LEU B 573 -13.72 -34.37 -25.21
C LEU B 573 -14.53 -35.61 -25.52
N LEU B 574 -15.69 -35.74 -24.87
CA LEU B 574 -16.48 -36.95 -24.99
C LEU B 574 -17.24 -36.98 -26.30
N LEU B 575 -17.90 -38.11 -26.56
CA LEU B 575 -18.63 -38.34 -27.80
C LEU B 575 -20.01 -38.90 -27.45
N PRO B 576 -20.95 -38.91 -28.40
CA PRO B 576 -22.29 -39.40 -28.07
C PRO B 576 -22.26 -40.81 -27.52
N GLY B 577 -23.11 -41.05 -26.53
CA GLY B 577 -23.16 -42.33 -25.83
C GLY B 577 -23.53 -42.13 -24.38
N SER B 578 -23.57 -43.22 -23.61
CA SER B 578 -23.88 -43.16 -22.20
C SER B 578 -22.71 -43.72 -21.40
N TYR B 579 -22.33 -43.01 -20.35
CA TYR B 579 -21.18 -43.40 -19.54
C TYR B 579 -21.55 -43.35 -18.07
N THR B 580 -20.86 -44.16 -17.28
CA THR B 580 -21.06 -44.23 -15.83
C THR B 580 -19.97 -43.40 -15.16
N TYR B 581 -20.38 -42.37 -14.44
CA TYR B 581 -19.46 -41.50 -13.72
C TYR B 581 -19.67 -41.71 -12.22
N GLU B 582 -18.59 -42.00 -11.51
CA GLU B 582 -18.68 -42.33 -10.09
C GLU B 582 -17.39 -41.97 -9.41
N TRP B 583 -17.49 -41.47 -8.18
CA TRP B 583 -16.32 -41.04 -7.44
C TRP B 583 -16.62 -41.12 -5.94
N ASN B 584 -15.58 -40.90 -5.15
CA ASN B 584 -15.68 -40.91 -3.69
C ASN B 584 -15.26 -39.57 -3.13
N PHE B 585 -15.80 -39.24 -1.97
CA PHE B 585 -15.53 -37.96 -1.32
C PHE B 585 -15.21 -38.18 0.14
N ARG B 586 -14.30 -37.37 0.66
CA ARG B 586 -13.88 -37.50 2.04
C ARG B 586 -14.90 -36.88 2.98
N LYS B 587 -14.81 -37.26 4.25
CA LYS B 587 -15.63 -36.67 5.30
C LYS B 587 -14.84 -36.21 6.51
N ASP B 588 -13.56 -36.55 6.62
CA ASP B 588 -12.78 -36.15 7.77
C ASP B 588 -12.56 -34.65 7.76
N VAL B 589 -12.89 -33.99 8.88
CA VAL B 589 -12.74 -32.55 8.95
C VAL B 589 -11.27 -32.15 8.90
N ASN B 590 -10.37 -33.00 9.38
CA ASN B 590 -8.96 -32.65 9.42
C ASN B 590 -8.35 -32.50 8.03
N MET B 591 -9.00 -33.04 7.01
CA MET B 591 -8.52 -32.92 5.64
C MET B 591 -9.28 -31.88 4.84
N VAL B 592 -10.61 -31.97 4.80
CA VAL B 592 -11.39 -31.07 3.98
C VAL B 592 -11.40 -29.66 4.52
N LEU B 593 -11.02 -29.45 5.78
CA LEU B 593 -10.99 -28.12 6.38
C LEU B 593 -9.55 -27.71 6.64
N GLN B 594 -9.37 -26.41 6.88
CA GLN B 594 -8.05 -25.87 7.14
C GLN B 594 -8.17 -24.74 8.15
N SER B 595 -7.40 -24.84 9.23
CA SER B 595 -7.38 -23.82 10.26
C SER B 595 -6.14 -22.95 10.13
N SER B 596 -6.18 -21.80 10.78
CA SER B 596 -5.04 -20.90 10.77
C SER B 596 -4.01 -21.22 11.84
N LEU B 597 -4.32 -22.15 12.74
CA LEU B 597 -3.40 -22.54 13.79
C LEU B 597 -3.00 -24.01 13.75
N GLY B 598 -3.66 -24.82 12.92
CA GLY B 598 -3.30 -26.21 12.84
C GLY B 598 -3.77 -27.07 13.97
N ASN B 599 -4.64 -26.55 14.84
CA ASN B 599 -5.15 -27.34 15.94
C ASN B 599 -6.02 -28.49 15.42
N ASP B 600 -6.04 -29.58 16.18
CA ASP B 600 -6.84 -30.73 15.79
C ASP B 600 -8.32 -30.38 15.79
N LEU B 601 -9.01 -30.71 14.70
CA LEU B 601 -10.43 -30.41 14.59
C LEU B 601 -11.30 -31.59 14.94
N ARG B 602 -10.77 -32.81 14.91
CA ARG B 602 -11.56 -33.96 15.34
C ARG B 602 -11.90 -33.87 16.82
N VAL B 603 -11.06 -33.21 17.60
CA VAL B 603 -11.31 -33.09 19.03
C VAL B 603 -12.06 -31.81 19.38
N ASP B 604 -11.98 -30.79 18.51
CA ASP B 604 -12.61 -29.52 18.78
C ASP B 604 -14.07 -29.46 18.34
N GLY B 605 -14.65 -30.59 17.93
CA GLY B 605 -16.07 -30.64 17.68
C GLY B 605 -16.53 -30.15 16.33
N ALA B 606 -15.62 -29.79 15.44
CA ALA B 606 -16.01 -29.41 14.09
C ALA B 606 -16.63 -30.60 13.37
N SER B 607 -17.70 -30.35 12.62
CA SER B 607 -18.38 -31.43 11.93
C SER B 607 -18.92 -30.90 10.60
N ILE B 608 -19.16 -31.83 9.69
CA ILE B 608 -19.64 -31.49 8.35
C ILE B 608 -20.53 -32.63 7.86
N LYS B 609 -21.61 -32.27 7.17
CA LYS B 609 -22.55 -33.26 6.65
C LYS B 609 -23.01 -32.82 5.28
N PHE B 610 -23.04 -33.75 4.34
CA PHE B 610 -23.46 -33.50 2.97
C PHE B 610 -24.88 -34.01 2.77
N ASP B 611 -25.73 -33.18 2.17
CA ASP B 611 -27.12 -33.53 1.94
C ASP B 611 -27.37 -34.01 0.53
N SER B 612 -27.06 -33.18 -0.47
CA SER B 612 -27.33 -33.50 -1.86
C SER B 612 -26.11 -33.16 -2.70
N ILE B 613 -25.99 -33.86 -3.83
CA ILE B 613 -24.90 -33.64 -4.77
C ILE B 613 -25.42 -33.90 -6.16
N CYS B 614 -25.15 -32.97 -7.08
CA CYS B 614 -25.59 -33.09 -8.45
C CYS B 614 -24.43 -32.74 -9.38
N LEU B 615 -24.50 -33.23 -10.61
CA LEU B 615 -23.47 -33.04 -11.61
C LEU B 615 -24.00 -32.16 -12.72
N TYR B 616 -23.27 -31.10 -13.04
CA TYR B 616 -23.65 -30.15 -14.08
C TYR B 616 -22.71 -30.28 -15.27
N ALA B 617 -23.24 -29.97 -16.45
CA ALA B 617 -22.47 -30.03 -17.68
C ALA B 617 -23.13 -29.14 -18.71
N THR B 618 -22.31 -28.41 -19.47
CA THR B 618 -22.78 -27.49 -20.50
C THR B 618 -22.36 -28.00 -21.87
N PHE B 619 -23.30 -28.02 -22.80
CA PHE B 619 -23.04 -28.47 -24.16
C PHE B 619 -23.04 -27.28 -25.10
N PHE B 620 -22.03 -27.21 -25.96
CA PHE B 620 -21.98 -26.17 -26.96
C PHE B 620 -23.05 -26.43 -28.00
N PRO B 621 -23.95 -25.49 -28.28
CA PRO B 621 -25.04 -25.77 -29.21
C PRO B 621 -24.57 -25.79 -30.67
N MET B 622 -23.63 -26.66 -30.98
CA MET B 622 -23.12 -26.75 -32.34
C MET B 622 -24.15 -27.41 -33.26
N ALA B 623 -24.18 -26.95 -34.51
CA ALA B 623 -25.13 -27.46 -35.49
C ALA B 623 -24.94 -28.96 -35.68
N HIS B 624 -26.05 -29.65 -35.94
CA HIS B 624 -26.04 -31.11 -35.95
C HIS B 624 -25.11 -31.66 -37.03
N ASN B 625 -25.16 -31.08 -38.24
CA ASN B 625 -24.36 -31.61 -39.34
C ASN B 625 -22.87 -31.50 -39.03
N THR B 626 -22.44 -30.34 -38.52
CA THR B 626 -21.03 -30.17 -38.17
C THR B 626 -20.64 -31.08 -37.01
N ALA B 627 -21.50 -31.19 -36.00
CA ALA B 627 -21.20 -32.05 -34.86
C ALA B 627 -21.09 -33.51 -35.29
N SER B 628 -21.99 -33.95 -36.18
CA SER B 628 -21.95 -35.33 -36.63
C SER B 628 -20.65 -35.63 -37.37
N THR B 629 -20.21 -34.72 -38.24
CA THR B 629 -18.95 -34.92 -38.93
C THR B 629 -17.78 -34.90 -37.96
N LEU B 630 -17.81 -34.01 -36.99
CA LEU B 630 -16.71 -33.91 -36.03
C LEU B 630 -16.54 -35.19 -35.24
N GLU B 631 -17.65 -35.72 -34.71
CA GLU B 631 -17.55 -36.93 -33.90
C GLU B 631 -17.18 -38.14 -34.77
N ALA B 632 -17.70 -38.20 -35.99
CA ALA B 632 -17.35 -39.31 -36.87
C ALA B 632 -15.87 -39.28 -37.21
N MET B 633 -15.32 -38.09 -37.44
CA MET B 633 -13.91 -37.96 -37.77
C MET B 633 -13.03 -38.16 -36.55
N LEU B 634 -13.53 -37.84 -35.36
CA LEU B 634 -12.78 -38.05 -34.14
C LEU B 634 -12.73 -39.52 -33.70
N ARG B 635 -13.52 -40.39 -34.32
CA ARG B 635 -13.53 -41.80 -33.97
C ARG B 635 -12.46 -42.59 -34.72
N ASN B 636 -11.49 -41.90 -35.33
CA ASN B 636 -10.38 -42.58 -36.00
C ASN B 636 -9.24 -42.78 -35.03
N ASP B 637 -8.60 -43.95 -35.13
CA ASP B 637 -7.50 -44.27 -34.23
C ASP B 637 -6.33 -43.31 -34.43
N THR B 638 -6.19 -42.74 -35.63
CA THR B 638 -5.10 -41.80 -35.87
C THR B 638 -5.32 -40.46 -35.18
N ASN B 639 -6.56 -40.13 -34.82
CA ASN B 639 -6.88 -38.84 -34.21
C ASN B 639 -7.21 -39.00 -32.74
N ASP B 640 -6.67 -40.02 -32.09
CA ASP B 640 -6.97 -40.24 -30.67
C ASP B 640 -6.42 -39.09 -29.84
N GLN B 641 -7.24 -38.61 -28.90
CA GLN B 641 -6.79 -37.58 -27.98
C GLN B 641 -5.74 -38.13 -27.04
N SER B 642 -4.88 -37.25 -26.55
CA SER B 642 -3.83 -37.65 -25.62
C SER B 642 -3.47 -36.48 -24.72
N PHE B 643 -3.19 -36.77 -23.46
CA PHE B 643 -2.84 -35.76 -22.49
C PHE B 643 -1.68 -36.25 -21.66
N ASN B 644 -0.97 -35.30 -21.04
CA ASN B 644 0.13 -35.61 -20.16
C ASN B 644 0.03 -34.77 -18.90
N ASP B 645 0.48 -35.34 -17.79
CA ASP B 645 0.47 -34.62 -16.52
C ASP B 645 1.46 -33.47 -16.57
N TYR B 646 1.07 -32.34 -15.97
CA TYR B 646 1.95 -31.18 -15.96
C TYR B 646 3.19 -31.44 -15.13
N LEU B 647 3.02 -31.91 -13.90
CA LEU B 647 4.17 -32.21 -13.06
C LEU B 647 4.93 -33.41 -13.60
N SER B 648 4.22 -34.51 -13.89
CA SER B 648 4.80 -35.70 -14.49
C SER B 648 6.00 -36.20 -13.70
N ALA B 649 5.73 -36.63 -12.47
CA ALA B 649 6.79 -37.09 -11.59
C ALA B 649 6.30 -38.24 -10.74
N ALA B 650 7.24 -39.06 -10.28
CA ALA B 650 6.98 -40.13 -9.33
C ALA B 650 7.46 -39.70 -7.95
N ASN B 651 6.58 -39.80 -6.96
CA ASN B 651 6.83 -39.22 -5.65
C ASN B 651 7.25 -40.32 -4.68
N MET B 652 8.48 -40.22 -4.18
CA MET B 652 8.98 -41.07 -3.11
C MET B 652 9.17 -40.23 -1.86
N LEU B 653 8.82 -40.79 -0.71
CA LEU B 653 9.02 -40.14 0.58
C LEU B 653 9.96 -41.00 1.41
N TYR B 654 10.97 -40.36 1.99
CA TYR B 654 11.96 -41.07 2.78
C TYR B 654 12.04 -40.49 4.18
N PRO B 655 11.92 -41.31 5.22
CA PRO B 655 11.95 -40.79 6.58
C PRO B 655 13.31 -40.24 6.94
N ILE B 656 13.29 -39.22 7.81
CA ILE B 656 14.49 -38.64 8.37
C ILE B 656 14.34 -38.63 9.88
N PRO B 657 15.16 -39.36 10.62
CA PRO B 657 15.03 -39.37 12.08
C PRO B 657 15.30 -38.01 12.68
N ALA B 658 14.69 -37.75 13.83
CA ALA B 658 14.89 -36.48 14.51
C ALA B 658 16.36 -36.29 14.87
N ASN B 659 16.85 -35.07 14.69
CA ASN B 659 18.21 -34.64 14.96
C ASN B 659 19.24 -35.34 14.08
N ALA B 660 18.83 -36.15 13.13
CA ALA B 660 19.76 -36.74 12.18
C ALA B 660 20.15 -35.70 11.12
N THR B 661 21.34 -35.87 10.56
CA THR B 661 21.85 -34.95 9.57
C THR B 661 22.08 -35.59 8.21
N ASN B 662 22.56 -36.83 8.18
CA ASN B 662 22.88 -37.53 6.95
C ASN B 662 21.80 -38.57 6.67
N VAL B 663 21.25 -38.54 5.46
CA VAL B 663 20.21 -39.49 5.08
C VAL B 663 20.50 -40.04 3.68
N PRO B 664 20.94 -41.28 3.56
CA PRO B 664 21.14 -41.88 2.24
C PRO B 664 19.92 -42.65 1.77
N ILE B 665 19.73 -42.64 0.44
CA ILE B 665 18.67 -43.40 -0.20
C ILE B 665 19.30 -44.21 -1.33
N SER B 666 18.63 -45.30 -1.69
CA SER B 666 19.11 -46.18 -2.73
C SER B 666 17.95 -46.65 -3.58
N ILE B 667 18.15 -46.67 -4.89
CA ILE B 667 17.16 -47.14 -5.85
C ILE B 667 17.73 -48.38 -6.52
N PRO B 668 17.00 -49.50 -6.56
CA PRO B 668 17.52 -50.71 -7.19
C PRO B 668 17.71 -50.51 -8.69
N SER B 669 18.56 -51.37 -9.26
CA SER B 669 18.94 -51.22 -10.67
C SER B 669 17.72 -51.25 -11.57
N ARG B 670 17.66 -50.32 -12.51
CA ARG B 670 16.53 -50.21 -13.43
C ARG B 670 16.98 -49.41 -14.64
N ASN B 671 16.19 -49.48 -15.69
CA ASN B 671 16.47 -48.67 -16.87
C ASN B 671 16.16 -47.22 -16.60
N TRP B 672 17.00 -46.32 -17.15
CA TRP B 672 16.87 -44.89 -16.90
C TRP B 672 16.60 -44.10 -18.17
N ALA B 673 16.09 -44.74 -19.21
CA ALA B 673 15.82 -44.03 -20.45
C ALA B 673 14.73 -42.98 -20.24
N ALA B 674 14.87 -41.86 -20.93
CA ALA B 674 13.90 -40.76 -20.93
C ALA B 674 13.77 -40.13 -19.54
N PHE B 675 14.73 -40.32 -18.66
CA PHE B 675 14.75 -39.64 -17.38
C PHE B 675 14.93 -38.14 -17.59
N ARG B 676 14.35 -37.35 -16.70
CA ARG B 676 14.38 -35.90 -16.86
C ARG B 676 15.14 -35.16 -15.77
N GLY B 677 15.23 -35.69 -14.56
CA GLY B 677 16.00 -35.08 -13.53
C GLY B 677 15.35 -35.27 -12.17
N TRP B 678 15.83 -34.50 -11.20
CA TRP B 678 15.34 -34.57 -9.84
C TRP B 678 14.73 -33.24 -9.43
N ALA B 679 13.92 -33.30 -8.37
CA ALA B 679 13.35 -32.12 -7.75
C ALA B 679 12.93 -32.51 -6.34
N PHE B 680 13.57 -31.92 -5.33
CA PHE B 680 13.39 -32.39 -3.97
C PHE B 680 13.12 -31.23 -3.03
N THR B 681 12.58 -31.57 -1.86
CA THR B 681 12.35 -30.63 -0.78
C THR B 681 12.24 -31.43 0.52
N ARG B 682 11.83 -30.76 1.59
CA ARG B 682 11.77 -31.36 2.91
C ARG B 682 10.43 -31.06 3.57
N LEU B 683 9.85 -32.07 4.20
CA LEU B 683 8.54 -31.95 4.84
C LEU B 683 8.60 -32.53 6.24
N LYS B 684 7.67 -32.09 7.09
CA LYS B 684 7.53 -32.59 8.44
C LYS B 684 6.52 -33.74 8.45
N THR B 685 6.88 -34.85 9.08
CA THR B 685 5.96 -35.97 9.16
C THR B 685 4.70 -35.62 9.94
N LYS B 686 4.77 -34.62 10.81
CA LYS B 686 3.60 -34.18 11.56
C LYS B 686 2.57 -33.53 10.64
N GLU B 687 3.02 -32.90 9.56
CA GLU B 687 2.17 -32.12 8.68
C GLU B 687 1.94 -32.80 7.33
N THR B 688 1.77 -34.13 7.35
CA THR B 688 1.46 -34.83 6.11
C THR B 688 0.69 -36.09 6.44
N PRO B 689 -0.33 -36.42 5.64
CA PRO B 689 -1.09 -37.65 5.89
C PRO B 689 -0.50 -38.84 5.17
N SER B 690 -0.91 -40.02 5.63
CA SER B 690 -0.47 -41.26 5.00
C SER B 690 -1.05 -41.37 3.60
N LEU B 691 -0.30 -42.03 2.71
CA LEU B 691 -0.71 -42.15 1.32
C LEU B 691 -1.70 -43.30 1.16
N GLY B 692 -2.77 -43.05 0.42
CA GLY B 692 -3.71 -44.10 0.06
C GLY B 692 -4.63 -44.57 1.17
N SER B 693 -4.37 -44.19 2.42
CA SER B 693 -5.21 -44.63 3.52
C SER B 693 -6.58 -43.97 3.42
N GLY B 694 -7.63 -44.78 3.61
CA GLY B 694 -8.97 -44.22 3.60
C GLY B 694 -9.21 -43.26 4.75
N TYR B 695 -8.74 -43.62 5.95
CA TYR B 695 -8.91 -42.78 7.12
C TYR B 695 -7.68 -42.95 8.01
N ASP B 696 -7.06 -41.83 8.36
CA ASP B 696 -5.88 -41.87 9.21
C ASP B 696 -6.27 -41.57 10.64
N PRO B 697 -6.20 -42.53 11.56
CA PRO B 697 -6.59 -42.26 12.95
C PRO B 697 -5.54 -41.49 13.74
N TYR B 698 -4.35 -41.26 13.18
CA TYR B 698 -3.28 -40.58 13.89
C TYR B 698 -2.92 -39.24 13.26
N TYR B 699 -3.69 -38.78 12.28
CA TYR B 699 -3.45 -37.50 11.63
C TYR B 699 -4.21 -36.43 12.39
N THR B 700 -3.48 -35.62 13.16
CA THR B 700 -4.07 -34.64 14.07
C THR B 700 -3.50 -33.26 13.80
N TYR B 701 -3.48 -32.85 12.55
CA TYR B 701 -2.97 -31.54 12.17
C TYR B 701 -3.84 -30.98 11.05
N SER B 702 -4.50 -29.86 11.31
CA SER B 702 -5.46 -29.28 10.38
C SER B 702 -4.93 -28.03 9.70
N GLY B 703 -3.63 -27.79 9.76
CA GLY B 703 -3.04 -26.64 9.11
C GLY B 703 -2.85 -26.88 7.63
N SER B 704 -2.06 -26.02 7.01
CA SER B 704 -1.75 -26.18 5.60
C SER B 704 -0.89 -27.41 5.38
N ILE B 705 -1.13 -28.10 4.26
CA ILE B 705 -0.40 -29.32 3.93
C ILE B 705 0.50 -29.06 2.73
N PRO B 706 1.80 -28.84 2.94
CA PRO B 706 2.68 -28.56 1.80
C PRO B 706 2.70 -29.67 0.77
N TYR B 707 2.52 -30.92 1.18
CA TYR B 707 2.55 -32.02 0.24
C TYR B 707 1.44 -31.93 -0.80
N LEU B 708 0.34 -31.23 -0.49
CA LEU B 708 -0.78 -31.10 -1.42
C LEU B 708 -0.78 -29.75 -2.11
N ASP B 709 -0.79 -28.66 -1.34
CA ASP B 709 -0.96 -27.33 -1.92
C ASP B 709 0.36 -26.72 -2.38
N GLY B 710 1.48 -27.39 -2.18
CA GLY B 710 2.75 -26.89 -2.66
C GLY B 710 3.23 -25.61 -2.01
N THR B 711 3.12 -25.52 -0.69
CA THR B 711 3.65 -24.39 0.07
C THR B 711 4.82 -24.91 0.89
N PHE B 712 6.00 -24.94 0.28
CA PHE B 712 7.19 -25.48 0.91
C PHE B 712 7.97 -24.38 1.61
N TYR B 713 8.52 -24.70 2.79
CA TYR B 713 9.20 -23.70 3.59
C TYR B 713 10.45 -24.24 4.26
N LEU B 714 11.02 -25.35 3.77
CA LEU B 714 12.19 -25.95 4.41
C LEU B 714 13.33 -26.16 3.42
N ASN B 715 13.29 -25.52 2.26
CA ASN B 715 14.34 -25.70 1.27
C ASN B 715 15.68 -25.13 1.74
N HIS B 716 15.67 -24.22 2.70
CA HIS B 716 16.89 -23.59 3.19
C HIS B 716 17.63 -24.44 4.19
N THR B 717 17.34 -25.73 4.28
CA THR B 717 17.96 -26.62 5.25
C THR B 717 18.67 -27.77 4.56
N PHE B 718 19.38 -27.48 3.49
CA PHE B 718 20.17 -28.46 2.77
C PHE B 718 21.61 -27.99 2.67
N LYS B 719 22.55 -28.93 2.72
CA LYS B 719 23.96 -28.60 2.61
C LYS B 719 24.61 -29.23 1.38
N LYS B 720 24.52 -30.55 1.25
CA LYS B 720 25.23 -31.26 0.19
C LYS B 720 24.32 -32.31 -0.43
N VAL B 721 24.58 -32.60 -1.70
CA VAL B 721 23.91 -33.68 -2.42
C VAL B 721 24.95 -34.43 -3.23
N ALA B 722 25.01 -35.74 -3.07
CA ALA B 722 25.93 -36.58 -3.81
C ALA B 722 25.14 -37.61 -4.61
N ILE B 723 25.41 -37.69 -5.90
CA ILE B 723 24.71 -38.59 -6.81
C ILE B 723 25.74 -39.48 -7.49
N THR B 724 25.54 -40.80 -7.39
CA THR B 724 26.45 -41.75 -8.01
C THR B 724 25.64 -42.88 -8.64
N PHE B 725 25.98 -43.22 -9.87
CA PHE B 725 25.42 -44.38 -10.53
C PHE B 725 26.29 -45.60 -10.27
N ASP B 726 25.65 -46.76 -10.13
CA ASP B 726 26.32 -48.03 -9.91
C ASP B 726 27.23 -47.99 -8.68
N SER B 727 27.02 -47.01 -7.79
CA SER B 727 27.78 -46.85 -6.55
C SER B 727 29.28 -46.70 -6.77
N SER B 728 29.72 -46.43 -8.00
CA SER B 728 31.14 -46.32 -8.28
C SER B 728 31.52 -45.13 -9.14
N VAL B 729 30.60 -44.58 -9.94
CA VAL B 729 30.89 -43.44 -10.80
C VAL B 729 30.00 -42.28 -10.38
N SER B 730 30.60 -41.13 -10.13
CA SER B 730 29.86 -39.97 -9.67
C SER B 730 29.26 -39.21 -10.84
N TRP B 731 28.19 -38.47 -10.56
CA TRP B 731 27.52 -37.65 -11.54
C TRP B 731 27.42 -36.22 -11.05
N PRO B 732 27.58 -35.23 -11.93
CA PRO B 732 27.86 -35.34 -13.37
C PRO B 732 29.30 -35.65 -13.66
N GLY B 733 30.18 -35.51 -12.67
CA GLY B 733 31.58 -35.77 -12.92
C GLY B 733 32.17 -34.79 -13.90
N ASN B 734 33.25 -35.21 -14.55
CA ASN B 734 33.93 -34.41 -15.56
C ASN B 734 34.33 -33.05 -15.03
N ASP B 735 34.58 -32.97 -13.72
CA ASP B 735 34.92 -31.75 -12.99
C ASP B 735 34.12 -30.55 -13.48
N ARG B 736 32.82 -30.75 -13.70
CA ARG B 736 31.98 -29.65 -14.15
C ARG B 736 31.89 -28.55 -13.11
N LEU B 737 31.74 -28.92 -11.85
CA LEU B 737 31.61 -27.96 -10.76
C LEU B 737 32.94 -27.74 -10.07
N LEU B 738 32.97 -26.77 -9.16
CA LEU B 738 34.17 -26.54 -8.37
C LEU B 738 34.49 -27.75 -7.50
N THR B 739 33.48 -28.32 -6.85
CA THR B 739 33.64 -29.59 -6.14
C THR B 739 33.33 -30.71 -7.12
N PRO B 740 34.29 -31.53 -7.49
CA PRO B 740 34.06 -32.46 -8.61
C PRO B 740 33.34 -33.74 -8.20
N ASN B 741 32.72 -33.75 -7.03
CA ASN B 741 32.09 -34.98 -6.56
C ASN B 741 30.66 -34.79 -6.09
N GLU B 742 30.32 -33.58 -5.64
CA GLU B 742 29.00 -33.37 -5.05
C GLU B 742 28.56 -31.93 -5.26
N PHE B 743 27.25 -31.73 -5.16
CA PHE B 743 26.66 -30.40 -5.24
C PHE B 743 26.66 -29.78 -3.84
N GLU B 744 27.59 -28.86 -3.60
CA GLU B 744 27.64 -28.14 -2.33
C GLU B 744 26.64 -26.99 -2.40
N ILE B 745 25.57 -27.08 -1.62
CA ILE B 745 24.53 -26.05 -1.69
C ILE B 745 24.96 -24.82 -0.93
N LYS B 746 25.35 -24.97 0.33
CA LYS B 746 25.76 -23.83 1.14
C LYS B 746 26.90 -24.24 2.04
N ARG B 747 27.74 -23.26 2.38
CA ARG B 747 28.89 -23.47 3.26
C ARG B 747 28.88 -22.42 4.35
N SER B 748 29.66 -22.69 5.40
CA SER B 748 29.82 -21.73 6.48
C SER B 748 30.82 -20.66 6.07
N VAL B 749 31.27 -19.86 7.03
CA VAL B 749 32.19 -18.75 6.73
C VAL B 749 33.52 -19.27 6.23
N ASP B 750 33.83 -20.55 6.51
CA ASP B 750 35.12 -21.10 6.09
C ASP B 750 35.30 -21.06 4.59
N GLY B 751 34.27 -21.45 3.84
CA GLY B 751 34.36 -21.46 2.40
C GLY B 751 33.87 -20.18 1.76
N GLU B 752 34.25 -19.04 2.34
CA GLU B 752 33.82 -17.75 1.81
C GLU B 752 34.32 -17.53 0.38
N GLY B 753 35.41 -18.18 -0.01
CA GLY B 753 35.91 -18.02 -1.36
C GLY B 753 34.97 -18.50 -2.45
N TYR B 754 33.92 -19.23 -2.09
CA TYR B 754 32.99 -19.78 -3.06
C TYR B 754 31.55 -19.30 -2.88
N ASN B 755 31.29 -18.43 -1.91
CA ASN B 755 29.94 -17.92 -1.75
C ASN B 755 29.60 -16.94 -2.88
N VAL B 756 28.34 -16.50 -2.90
CA VAL B 756 27.86 -15.61 -3.94
C VAL B 756 26.63 -14.87 -3.42
N ALA B 757 26.33 -13.75 -4.06
CA ALA B 757 25.10 -12.98 -3.79
C ALA B 757 25.03 -12.54 -2.34
N GLN B 758 26.18 -12.32 -1.70
CA GLN B 758 26.25 -11.89 -0.31
C GLN B 758 25.49 -12.84 0.61
N CYS B 759 25.63 -14.14 0.37
CA CYS B 759 25.00 -15.17 1.20
C CYS B 759 25.97 -16.29 1.50
N ASN B 760 25.45 -17.40 2.03
CA ASN B 760 26.22 -18.61 2.23
C ASN B 760 25.99 -19.62 1.12
N MET B 761 25.23 -19.27 0.10
CA MET B 761 24.96 -20.17 -1.02
C MET B 761 26.13 -20.14 -1.99
N THR B 762 26.60 -21.31 -2.38
CA THR B 762 27.78 -21.40 -3.24
C THR B 762 27.47 -20.95 -4.65
N LYS B 763 28.52 -20.58 -5.38
CA LYS B 763 28.35 -20.06 -6.73
C LYS B 763 27.76 -21.11 -7.67
N ASP B 764 28.30 -22.33 -7.62
CA ASP B 764 27.87 -23.35 -8.58
C ASP B 764 26.40 -23.70 -8.40
N TRP B 765 25.94 -23.80 -7.15
CA TRP B 765 24.53 -24.10 -6.92
C TRP B 765 23.65 -22.97 -7.43
N PHE B 766 24.07 -21.73 -7.22
CA PHE B 766 23.30 -20.60 -7.74
C PHE B 766 23.25 -20.63 -9.26
N LEU B 767 24.38 -20.95 -9.89
CA LEU B 767 24.40 -21.04 -11.35
C LEU B 767 23.47 -22.15 -11.84
N VAL B 768 23.46 -23.28 -11.15
CA VAL B 768 22.61 -24.39 -11.58
C VAL B 768 21.14 -24.00 -11.51
N GLN B 769 20.73 -23.37 -10.41
CA GLN B 769 19.33 -23.00 -10.25
C GLN B 769 18.88 -22.02 -11.33
N MET B 770 19.72 -21.03 -11.64
CA MET B 770 19.36 -20.07 -12.69
C MET B 770 19.26 -20.75 -14.04
N LEU B 771 20.18 -21.66 -14.33
CA LEU B 771 20.12 -22.39 -15.60
C LEU B 771 18.89 -23.27 -15.66
N ALA B 772 18.54 -23.92 -14.55
CA ALA B 772 17.42 -24.85 -14.55
C ALA B 772 16.10 -24.13 -14.78
N ASN B 773 15.96 -22.90 -14.27
CA ASN B 773 14.69 -22.20 -14.33
C ASN B 773 14.55 -21.32 -15.56
N TYR B 774 15.57 -20.54 -15.90
CA TYR B 774 15.45 -19.58 -16.98
C TYR B 774 16.59 -19.63 -17.99
N ASN B 775 17.48 -20.63 -17.91
CA ASN B 775 18.63 -20.73 -18.80
C ASN B 775 19.45 -19.45 -18.80
N ILE B 776 19.71 -18.93 -17.60
CA ILE B 776 20.48 -17.70 -17.42
C ILE B 776 21.77 -18.05 -16.70
N GLY B 777 22.88 -17.52 -17.18
CA GLY B 777 24.15 -17.71 -16.50
C GLY B 777 25.34 -17.90 -17.41
N TYR B 778 25.11 -18.39 -18.63
CA TYR B 778 26.21 -18.55 -19.57
C TYR B 778 26.57 -17.26 -20.28
N GLN B 779 25.76 -16.22 -20.13
CA GLN B 779 26.04 -14.92 -20.72
C GLN B 779 25.75 -13.81 -19.71
N GLY B 780 26.17 -14.02 -18.47
CA GLY B 780 26.01 -13.01 -17.44
C GLY B 780 24.66 -13.03 -16.78
N PHE B 781 24.64 -12.95 -15.45
CA PHE B 781 23.39 -12.96 -14.71
C PHE B 781 22.68 -11.62 -14.82
N TYR B 782 21.34 -11.68 -14.85
CA TYR B 782 20.51 -10.49 -14.82
C TYR B 782 19.12 -10.90 -14.40
N ILE B 783 18.31 -9.93 -14.03
CA ILE B 783 16.94 -10.22 -13.60
C ILE B 783 16.16 -10.77 -14.77
N PRO B 784 15.51 -11.92 -14.65
CA PRO B 784 14.73 -12.46 -15.76
C PRO B 784 13.46 -11.64 -15.97
N GLU B 785 12.85 -11.86 -17.14
CA GLU B 785 11.62 -11.17 -17.46
C GLU B 785 10.53 -11.54 -16.46
N SER B 786 9.69 -10.56 -16.10
CA SER B 786 8.68 -10.78 -15.08
C SER B 786 7.70 -11.87 -15.48
N TYR B 787 7.41 -12.01 -16.78
CA TYR B 787 6.50 -13.04 -17.23
C TYR B 787 7.11 -14.43 -17.19
N LYS B 788 8.41 -14.54 -16.95
CA LYS B 788 9.07 -15.85 -16.94
C LYS B 788 9.30 -16.40 -15.54
N ASP B 789 9.30 -15.56 -14.51
CA ASP B 789 9.44 -16.02 -13.13
C ASP B 789 8.09 -15.84 -12.45
N ARG B 790 7.33 -16.91 -12.39
CA ARG B 790 5.99 -16.87 -11.80
C ARG B 790 6.11 -16.92 -10.28
N MET B 791 4.97 -17.11 -9.61
CA MET B 791 4.94 -16.98 -8.16
C MET B 791 5.63 -18.16 -7.47
N TYR B 792 5.78 -19.28 -8.16
CA TYR B 792 6.50 -20.42 -7.62
C TYR B 792 7.91 -20.54 -8.15
N SER B 793 8.38 -19.58 -8.93
CA SER B 793 9.71 -19.65 -9.49
C SER B 793 10.77 -19.44 -8.40
N PHE B 794 12.02 -19.72 -8.77
CA PHE B 794 13.11 -19.64 -7.80
C PHE B 794 13.48 -18.20 -7.47
N PHE B 795 13.76 -17.40 -8.50
CA PHE B 795 14.28 -16.06 -8.26
C PHE B 795 13.29 -15.17 -7.55
N ARG B 796 11.98 -15.43 -7.69
CA ARG B 796 10.99 -14.59 -7.03
C ARG B 796 11.10 -14.68 -5.52
N ASN B 797 11.35 -15.89 -5.00
CA ASN B 797 11.30 -16.13 -3.57
C ASN B 797 12.68 -16.27 -2.95
N PHE B 798 13.72 -15.79 -3.61
CA PHE B 798 15.07 -15.85 -3.08
C PHE B 798 15.34 -14.59 -2.27
N GLN B 799 15.72 -14.74 -1.01
CA GLN B 799 15.88 -13.63 -0.09
C GLN B 799 17.22 -13.71 0.62
N PRO B 800 18.15 -12.81 0.31
CA PRO B 800 19.42 -12.73 1.04
C PRO B 800 19.32 -11.87 2.29
N MET B 801 19.83 -12.38 3.40
CA MET B 801 19.81 -11.65 4.65
C MET B 801 21.14 -11.83 5.39
N SER B 802 21.49 -10.82 6.18
CA SER B 802 22.71 -10.85 6.98
C SER B 802 22.53 -9.97 8.20
N ARG B 803 23.35 -10.21 9.21
CA ARG B 803 23.29 -9.44 10.45
C ARG B 803 24.60 -9.62 11.21
N GLN B 804 24.78 -8.79 12.23
CA GLN B 804 25.96 -8.84 13.08
C GLN B 804 25.54 -9.08 14.52
N VAL B 805 26.29 -9.93 15.22
CA VAL B 805 26.06 -10.21 16.63
C VAL B 805 27.36 -10.01 17.39
N VAL B 806 27.23 -9.81 18.70
CA VAL B 806 28.40 -9.52 19.53
C VAL B 806 29.28 -10.76 19.62
N ASP B 807 30.57 -10.57 19.36
CA ASP B 807 31.54 -11.66 19.47
C ASP B 807 31.80 -11.95 20.94
N ASP B 808 31.16 -13.00 21.46
CA ASP B 808 31.32 -13.36 22.86
C ASP B 808 32.72 -13.87 23.19
N THR B 809 33.53 -14.18 22.19
CA THR B 809 34.87 -14.70 22.44
C THR B 809 35.93 -13.61 22.42
N LYS B 810 35.71 -12.54 21.67
CA LYS B 810 36.70 -11.47 21.55
C LYS B 810 36.37 -10.24 22.38
N TYR B 811 35.11 -9.99 22.65
CA TYR B 811 34.74 -8.85 23.49
C TYR B 811 35.26 -9.07 24.91
N LYS B 812 36.00 -8.08 25.42
CA LYS B 812 36.65 -8.26 26.71
C LYS B 812 35.64 -8.32 27.85
N ASP B 813 34.53 -7.59 27.75
CA ASP B 813 33.58 -7.47 28.85
C ASP B 813 32.25 -8.14 28.52
N TYR B 814 32.28 -9.23 27.76
CA TYR B 814 31.05 -9.93 27.45
C TYR B 814 30.48 -10.58 28.70
N GLN B 815 29.16 -10.50 28.84
CA GLN B 815 28.46 -11.08 29.98
C GLN B 815 27.12 -11.61 29.47
N GLN B 816 27.03 -12.92 29.28
CA GLN B 816 25.80 -13.52 28.78
C GLN B 816 24.74 -13.48 29.88
N VAL B 817 23.64 -12.78 29.61
CA VAL B 817 22.54 -12.69 30.55
C VAL B 817 21.34 -13.40 29.96
N GLY B 818 20.52 -13.97 30.83
CA GLY B 818 19.32 -14.67 30.41
C GLY B 818 18.14 -13.75 30.21
N ILE B 819 17.07 -14.32 29.67
CA ILE B 819 15.86 -13.54 29.44
C ILE B 819 15.28 -13.05 30.74
N LEU B 820 15.48 -13.79 31.83
CA LEU B 820 14.92 -13.42 33.12
C LEU B 820 15.57 -12.18 33.72
N HIS B 821 16.68 -11.70 33.16
CA HIS B 821 17.41 -10.59 33.76
C HIS B 821 17.62 -9.42 32.81
N GLN B 822 17.22 -9.52 31.56
CA GLN B 822 17.25 -8.36 30.68
C GLN B 822 16.18 -7.37 31.11
N HIS B 823 16.55 -6.10 31.25
CA HIS B 823 15.58 -5.07 31.62
C HIS B 823 15.75 -3.90 30.65
N ASN B 824 14.82 -3.79 29.71
CA ASN B 824 14.70 -2.64 28.83
C ASN B 824 13.29 -2.08 28.96
N ASN B 825 13.18 -0.76 28.99
CA ASN B 825 11.91 -0.09 29.29
C ASN B 825 11.36 -0.54 30.64
N SER B 826 12.25 -0.81 31.58
CA SER B 826 11.81 -1.26 32.90
C SER B 826 10.99 -0.18 33.58
N GLY B 827 9.95 -0.59 34.27
CA GLY B 827 9.03 0.35 34.88
C GLY B 827 7.98 0.89 33.94
N PHE B 828 7.96 0.46 32.68
CA PHE B 828 6.95 0.90 31.73
C PHE B 828 6.28 -0.25 31.00
N VAL B 829 6.75 -1.49 31.14
CA VAL B 829 6.10 -2.65 30.54
C VAL B 829 5.99 -3.73 31.60
N GLY B 830 5.19 -4.75 31.29
CA GLY B 830 5.03 -5.86 32.20
C GLY B 830 6.26 -6.74 32.25
N TYR B 831 6.32 -7.56 33.29
CA TYR B 831 7.46 -8.44 33.53
C TYR B 831 7.14 -9.84 33.00
N LEU B 832 7.79 -10.22 31.90
CA LEU B 832 7.70 -11.55 31.32
C LEU B 832 6.28 -11.93 30.93
N ALA B 833 5.38 -10.96 30.82
CA ALA B 833 3.99 -11.27 30.49
C ALA B 833 3.33 -10.00 29.98
N PRO B 834 2.38 -10.11 29.06
CA PRO B 834 1.68 -8.93 28.54
C PRO B 834 0.64 -8.40 29.53
N THR B 835 1.10 -7.93 30.67
CA THR B 835 0.23 -7.48 31.74
C THR B 835 0.52 -6.01 32.07
N MET B 836 -0.08 -5.55 33.16
CA MET B 836 0.08 -4.17 33.59
C MET B 836 1.53 -3.88 33.90
N ARG B 837 1.96 -2.66 33.58
CA ARG B 837 3.35 -2.27 33.76
C ARG B 837 3.74 -2.30 35.24
N GLU B 838 5.02 -2.54 35.49
CA GLU B 838 5.54 -2.59 36.85
C GLU B 838 7.03 -2.34 36.82
N GLY B 839 7.58 -2.00 37.98
CA GLY B 839 9.01 -1.79 38.10
C GLY B 839 9.39 -0.33 38.31
N GLN B 840 10.58 0.04 37.86
CA GLN B 840 11.04 1.42 38.00
C GLN B 840 11.91 1.77 36.81
N ALA B 841 12.06 3.06 36.57
CA ALA B 841 12.92 3.53 35.50
C ALA B 841 14.38 3.24 35.83
N TYR B 842 15.14 2.82 34.83
CA TYR B 842 16.54 2.48 35.01
C TYR B 842 17.24 2.39 33.67
N PRO B 843 18.53 2.66 33.60
CA PRO B 843 19.25 2.46 32.33
C PRO B 843 19.16 1.03 31.87
N ALA B 844 19.05 0.85 30.57
CA ALA B 844 18.94 -0.49 30.02
C ALA B 844 20.26 -1.22 30.14
N ASN B 845 20.19 -2.56 30.02
CA ASN B 845 21.38 -3.40 30.02
C ASN B 845 21.36 -4.39 28.86
N PHE B 846 20.58 -4.12 27.83
CA PHE B 846 20.42 -5.02 26.71
C PHE B 846 19.70 -4.30 25.58
N PRO B 847 20.07 -4.53 24.32
CA PRO B 847 21.15 -5.40 23.84
C PRO B 847 22.45 -4.63 23.72
N TYR B 848 23.55 -5.32 23.41
CA TYR B 848 24.83 -4.64 23.25
C TYR B 848 24.78 -3.74 22.02
N PRO B 849 25.20 -2.49 22.14
CA PRO B 849 25.21 -1.61 20.96
C PRO B 849 26.19 -2.09 19.92
N LEU B 850 25.84 -1.85 18.66
CA LEU B 850 26.70 -2.22 17.54
C LEU B 850 27.10 -1.02 16.68
N ILE B 851 26.80 0.19 17.12
CA ILE B 851 27.09 1.40 16.39
C ILE B 851 27.70 2.42 17.35
N GLY B 852 27.97 3.61 16.84
CA GLY B 852 28.46 4.69 17.67
C GLY B 852 29.91 4.51 18.07
N LYS B 853 30.35 5.40 18.95
CA LYS B 853 31.73 5.38 19.40
C LYS B 853 32.03 4.18 20.30
N THR B 854 31.02 3.61 20.93
CA THR B 854 31.21 2.52 21.88
C THR B 854 30.76 1.18 21.33
N ALA B 855 30.77 1.02 20.01
CA ALA B 855 30.37 -0.25 19.41
C ALA B 855 31.36 -1.35 19.81
N VAL B 856 30.85 -2.55 19.94
CA VAL B 856 31.64 -3.69 20.38
C VAL B 856 32.05 -4.51 19.15
N ASP B 857 33.14 -5.26 19.29
CA ASP B 857 33.58 -6.13 18.22
C ASP B 857 32.53 -7.19 17.94
N SER B 858 32.25 -7.44 16.67
CA SER B 858 31.13 -8.26 16.28
C SER B 858 31.52 -9.21 15.16
N ILE B 859 30.77 -10.31 15.06
CA ILE B 859 30.90 -11.25 13.95
C ILE B 859 29.63 -11.14 13.11
N THR B 860 29.65 -11.81 11.96
CA THR B 860 28.56 -11.75 11.00
C THR B 860 27.95 -13.13 10.79
N GLN B 861 26.67 -13.14 10.49
CA GLN B 861 25.95 -14.36 10.12
C GLN B 861 25.18 -14.09 8.83
N LYS B 862 25.21 -15.06 7.92
CA LYS B 862 24.52 -14.94 6.65
C LYS B 862 23.66 -16.18 6.43
N LYS B 863 22.45 -15.96 5.92
CA LYS B 863 21.55 -17.04 5.57
C LYS B 863 20.55 -16.51 4.57
N PHE B 864 19.70 -17.41 4.07
CA PHE B 864 18.75 -17.05 3.02
C PHE B 864 17.50 -17.89 3.16
N LEU B 865 16.42 -17.42 2.54
CA LEU B 865 15.15 -18.11 2.54
C LEU B 865 14.68 -18.33 1.11
N CYS B 866 14.03 -19.46 0.88
CA CYS B 866 13.51 -19.78 -0.46
C CYS B 866 12.28 -20.65 -0.27
N ASP B 867 11.11 -20.02 -0.33
CA ASP B 867 9.84 -20.70 -0.09
C ASP B 867 9.11 -20.93 -1.41
N ARG B 868 8.12 -21.82 -1.35
CA ARG B 868 7.23 -22.09 -2.48
C ARG B 868 8.02 -22.48 -3.73
N THR B 869 9.06 -23.28 -3.55
CA THR B 869 9.88 -23.70 -4.67
C THR B 869 10.55 -25.03 -4.33
N LEU B 870 11.07 -25.68 -5.36
CA LEU B 870 11.76 -26.94 -5.23
C LEU B 870 13.13 -26.85 -5.85
N TRP B 871 14.13 -27.39 -5.17
CA TRP B 871 15.46 -27.48 -5.77
C TRP B 871 15.40 -28.38 -6.97
N ARG B 872 15.90 -27.90 -8.10
CA ARG B 872 15.82 -28.63 -9.36
C ARG B 872 17.21 -28.99 -9.84
N ILE B 873 17.40 -30.25 -10.24
CA ILE B 873 18.65 -30.69 -10.82
C ILE B 873 18.35 -31.35 -12.16
N PRO B 874 18.41 -30.61 -13.26
CA PRO B 874 18.10 -31.21 -14.57
C PRO B 874 19.10 -32.28 -14.93
N PHE B 875 18.63 -33.29 -15.64
CA PHE B 875 19.47 -34.39 -16.09
C PHE B 875 20.02 -34.14 -17.50
N SER B 876 20.67 -33.00 -17.69
CA SER B 876 21.27 -32.66 -18.97
C SER B 876 22.74 -32.33 -18.79
N SER B 877 23.47 -32.34 -19.90
CA SER B 877 24.91 -32.15 -19.86
C SER B 877 25.28 -30.75 -19.37
N ASN B 878 24.55 -29.73 -19.80
CA ASN B 878 24.88 -28.35 -19.47
C ASN B 878 23.82 -27.68 -18.60
N PHE B 879 22.97 -28.48 -17.97
CA PHE B 879 21.93 -27.98 -17.07
C PHE B 879 20.97 -27.01 -17.74
N MET B 880 20.87 -27.05 -19.05
CA MET B 880 19.95 -26.18 -19.78
C MET B 880 18.70 -26.95 -20.18
N SER B 881 17.63 -26.20 -20.44
CA SER B 881 16.35 -26.77 -20.83
C SER B 881 16.18 -26.57 -22.33
N MET B 882 16.58 -27.58 -23.10
CA MET B 882 16.46 -27.54 -24.55
C MET B 882 15.32 -28.42 -25.06
N GLY B 883 14.46 -28.89 -24.19
CA GLY B 883 13.35 -29.74 -24.58
C GLY B 883 12.96 -30.67 -23.45
N ALA B 884 11.73 -31.15 -23.51
CA ALA B 884 11.24 -32.06 -22.47
C ALA B 884 12.05 -33.35 -22.43
N LEU B 885 12.33 -33.91 -23.60
CA LEU B 885 13.14 -35.12 -23.71
C LEU B 885 14.60 -34.68 -23.78
N THR B 886 15.27 -34.70 -22.63
CA THR B 886 16.63 -34.18 -22.57
C THR B 886 17.60 -35.08 -23.34
N ASP B 887 18.75 -34.50 -23.68
CA ASP B 887 19.73 -35.23 -24.48
C ASP B 887 20.27 -36.43 -23.73
N LEU B 888 20.58 -36.28 -22.44
CA LEU B 888 21.09 -37.40 -21.68
C LEU B 888 20.07 -38.53 -21.57
N GLY B 889 18.79 -38.19 -21.56
CA GLY B 889 17.76 -39.22 -21.56
C GLY B 889 17.79 -40.06 -22.82
N GLN B 890 18.14 -39.47 -23.95
CA GLN B 890 18.24 -40.18 -25.21
C GLN B 890 19.60 -40.82 -25.41
N ASN B 891 20.53 -40.66 -24.48
CA ASN B 891 21.85 -41.24 -24.63
C ASN B 891 21.77 -42.76 -24.63
N LEU B 892 22.61 -43.38 -25.46
CA LEU B 892 22.57 -44.84 -25.59
C LEU B 892 23.10 -45.54 -24.34
N LEU B 893 23.87 -44.84 -23.51
CA LEU B 893 24.44 -45.46 -22.33
C LEU B 893 23.35 -45.92 -21.38
N TYR B 894 22.34 -45.08 -21.13
CA TYR B 894 21.23 -45.43 -20.28
C TYR B 894 20.08 -46.06 -21.03
N ALA B 895 20.08 -46.00 -22.36
CA ALA B 895 18.96 -46.53 -23.14
C ALA B 895 18.99 -48.06 -23.21
N ASN B 896 20.17 -48.66 -23.17
CA ASN B 896 20.29 -50.10 -23.37
C ASN B 896 20.26 -50.89 -22.06
N SER B 897 21.08 -50.48 -21.09
CA SER B 897 21.29 -51.24 -19.88
C SER B 897 20.59 -50.57 -18.70
N ALA B 898 20.78 -51.16 -17.52
CA ALA B 898 20.21 -50.67 -16.27
C ALA B 898 21.32 -50.22 -15.34
N HIS B 899 20.96 -49.38 -14.38
CA HIS B 899 21.91 -48.86 -13.41
C HIS B 899 21.23 -48.69 -12.06
N ALA B 900 22.00 -48.92 -11.00
CA ALA B 900 21.53 -48.71 -9.64
C ALA B 900 22.02 -47.35 -9.17
N LEU B 901 21.10 -46.55 -8.64
CA LEU B 901 21.39 -45.19 -8.24
C LEU B 901 21.21 -45.04 -6.74
N ASP B 902 22.20 -44.45 -6.08
CA ASP B 902 22.11 -44.10 -4.67
C ASP B 902 22.53 -42.65 -4.49
N MET B 903 21.78 -41.94 -3.65
CA MET B 903 22.03 -40.53 -3.39
C MET B 903 22.09 -40.30 -1.90
N THR B 904 23.07 -39.52 -1.45
CA THR B 904 23.23 -39.19 -0.05
C THR B 904 23.00 -37.70 0.13
N PHE B 905 22.11 -37.35 1.05
CA PHE B 905 21.80 -35.97 1.37
C PHE B 905 22.35 -35.63 2.74
N GLU B 906 22.84 -34.40 2.88
CA GLU B 906 23.34 -33.93 4.16
C GLU B 906 22.54 -32.69 4.49
N VAL B 907 21.81 -32.73 5.60
CA VAL B 907 20.92 -31.64 6.01
C VAL B 907 21.23 -31.26 7.44
N ASP B 908 20.91 -30.03 7.79
CA ASP B 908 21.01 -29.63 9.19
C ASP B 908 19.79 -30.15 9.95
N PRO B 909 19.96 -30.58 11.18
CA PRO B 909 18.88 -31.28 11.88
C PRO B 909 17.93 -30.34 12.59
N MET B 910 16.72 -30.85 12.84
CA MET B 910 15.82 -30.27 13.82
C MET B 910 15.39 -31.37 14.79
N ASP B 911 14.54 -30.98 15.74
CA ASP B 911 14.19 -31.82 16.88
C ASP B 911 12.91 -32.63 16.66
N GLU B 912 12.45 -32.76 15.42
CA GLU B 912 11.25 -33.53 15.17
C GLU B 912 11.45 -34.36 13.92
N PRO B 913 10.79 -35.52 13.80
CA PRO B 913 10.95 -36.33 12.60
C PRO B 913 10.46 -35.58 11.37
N THR B 914 11.16 -35.78 10.26
CA THR B 914 10.86 -35.10 9.02
C THR B 914 10.94 -36.09 7.86
N LEU B 915 10.41 -35.67 6.72
CA LEU B 915 10.38 -36.49 5.52
C LEU B 915 11.18 -35.82 4.43
N LEU B 916 11.82 -36.63 3.59
CA LEU B 916 12.56 -36.15 2.43
C LEU B 916 11.71 -36.41 1.19
N TYR B 917 11.21 -35.35 0.58
CA TYR B 917 10.37 -35.46 -0.59
C TYR B 917 11.24 -35.37 -1.83
N VAL B 918 11.25 -36.44 -2.63
CA VAL B 918 12.06 -36.52 -3.84
C VAL B 918 11.14 -36.82 -5.00
N LEU B 919 11.28 -36.05 -6.08
CA LEU B 919 10.46 -36.21 -7.28
C LEU B 919 11.38 -36.56 -8.45
N PHE B 920 11.24 -37.78 -8.96
CA PHE B 920 11.91 -38.19 -10.19
C PHE B 920 10.95 -37.87 -11.32
N GLU B 921 11.11 -36.70 -11.93
CA GLU B 921 10.21 -36.30 -12.99
C GLU B 921 10.43 -37.17 -14.22
N VAL B 922 9.35 -37.76 -14.72
CA VAL B 922 9.39 -38.69 -15.84
C VAL B 922 8.32 -38.28 -16.84
N PHE B 923 8.13 -39.08 -17.87
CA PHE B 923 7.10 -38.82 -18.87
C PHE B 923 5.84 -39.62 -18.50
N ASP B 924 4.75 -38.91 -18.26
CA ASP B 924 3.47 -39.51 -17.90
C ASP B 924 2.46 -39.14 -18.98
N VAL B 925 2.15 -40.10 -19.86
CA VAL B 925 1.33 -39.85 -21.03
C VAL B 925 0.19 -40.87 -21.05
N VAL B 926 -1.01 -40.39 -21.32
CA VAL B 926 -2.19 -41.25 -21.48
C VAL B 926 -2.83 -40.95 -22.84
N ARG B 927 -3.18 -42.01 -23.56
CA ARG B 927 -3.80 -41.90 -24.87
C ARG B 927 -5.15 -42.62 -24.83
N VAL B 928 -6.20 -41.93 -25.23
CA VAL B 928 -7.57 -42.45 -25.12
C VAL B 928 -8.13 -42.64 -26.52
N HIS B 929 -8.61 -43.86 -26.79
CA HIS B 929 -9.17 -44.22 -28.08
C HIS B 929 -10.62 -44.64 -27.89
N ARG B 930 -11.50 -44.12 -28.73
CA ARG B 930 -12.94 -44.36 -28.62
C ARG B 930 -13.47 -44.81 -29.98
N PRO B 931 -13.52 -46.11 -30.23
CA PRO B 931 -13.85 -46.59 -31.58
C PRO B 931 -15.32 -46.52 -31.93
N HIS B 932 -16.20 -46.82 -30.98
CA HIS B 932 -17.63 -46.90 -31.24
C HIS B 932 -18.38 -45.99 -30.29
N ARG B 933 -19.70 -46.11 -30.32
CA ARG B 933 -20.58 -45.26 -29.52
C ARG B 933 -20.67 -45.81 -28.10
N GLY B 934 -20.38 -44.95 -27.12
CA GLY B 934 -20.54 -45.33 -25.73
C GLY B 934 -19.51 -46.29 -25.19
N VAL B 935 -18.36 -46.41 -25.83
CA VAL B 935 -17.28 -47.26 -25.35
C VAL B 935 -15.98 -46.46 -25.40
N ILE B 936 -15.30 -46.37 -24.26
CA ILE B 936 -14.07 -45.59 -24.14
C ILE B 936 -13.00 -46.47 -23.51
N GLU B 937 -11.84 -46.53 -24.14
CA GLU B 937 -10.71 -47.28 -23.62
C GLU B 937 -9.45 -46.44 -23.73
N THR B 938 -8.56 -46.60 -22.76
CA THR B 938 -7.35 -45.78 -22.65
C THR B 938 -6.14 -46.68 -22.45
N VAL B 939 -4.97 -46.10 -22.67
CA VAL B 939 -3.69 -46.76 -22.39
C VAL B 939 -2.81 -45.78 -21.64
N TYR B 940 -2.08 -46.29 -20.64
CA TYR B 940 -1.22 -45.47 -19.81
C TYR B 940 0.23 -45.90 -20.01
N LEU B 941 1.14 -44.93 -20.01
CA LEU B 941 2.56 -45.22 -20.07
C LEU B 941 3.31 -44.17 -19.27
N ARG B 942 4.02 -44.61 -18.23
CA ARG B 942 4.85 -43.74 -17.42
C ARG B 942 6.25 -44.32 -17.42
N THR B 943 7.15 -43.74 -18.22
CA THR B 943 8.50 -44.26 -18.29
C THR B 943 9.51 -43.19 -17.91
N PRO B 944 10.52 -43.53 -17.11
CA PRO B 944 10.73 -44.82 -16.44
C PRO B 944 9.82 -45.00 -15.24
N PHE B 945 10.16 -45.90 -14.31
CA PHE B 945 9.34 -46.19 -13.13
C PHE B 945 7.95 -46.68 -13.51
N SER B 946 7.87 -47.44 -14.60
CA SER B 946 6.59 -48.00 -15.02
C SER B 946 6.12 -49.05 -14.02
N ALA B 947 4.81 -49.07 -13.77
CA ALA B 947 4.23 -50.01 -12.83
C ALA B 947 4.31 -51.44 -13.37
N PRO C 8 31.32 7.66 -46.28
CA PRO C 8 32.62 6.99 -46.47
C PRO C 8 32.87 5.94 -45.39
N GLN C 9 33.29 6.39 -44.21
CA GLN C 9 33.56 5.49 -43.10
C GLN C 9 32.30 5.08 -42.35
N TRP C 10 31.17 5.75 -42.61
CA TRP C 10 29.95 5.41 -41.88
C TRP C 10 29.51 3.98 -42.17
N SER C 11 29.61 3.55 -43.43
CA SER C 11 29.29 2.17 -43.77
C SER C 11 30.26 1.21 -43.10
N TYR C 12 31.54 1.59 -43.03
CA TYR C 12 32.54 0.69 -42.47
C TYR C 12 32.35 0.51 -40.96
N MET C 13 31.96 1.56 -40.25
CA MET C 13 31.53 1.48 -38.85
C MET C 13 30.07 1.14 -38.69
N HIS C 14 29.39 0.73 -39.77
CA HIS C 14 28.00 0.29 -39.71
C HIS C 14 27.07 1.39 -39.21
N ILE C 15 27.42 2.66 -39.45
CA ILE C 15 26.50 3.74 -39.13
C ILE C 15 25.40 3.86 -40.17
N SER C 16 25.63 3.34 -41.38
CA SER C 16 24.63 3.35 -42.43
C SER C 16 24.74 2.05 -43.21
N GLY C 17 24.08 2.00 -44.36
CA GLY C 17 24.22 0.85 -45.23
C GLY C 17 23.46 -0.37 -44.73
N GLN C 18 23.97 -1.54 -45.11
CA GLN C 18 23.30 -2.80 -44.79
C GLN C 18 23.32 -3.06 -43.29
N ASP C 19 22.33 -3.83 -42.84
CA ASP C 19 22.22 -4.18 -41.43
C ASP C 19 23.00 -5.46 -41.16
N ALA C 20 22.89 -5.98 -39.93
CA ALA C 20 23.75 -7.07 -39.49
C ALA C 20 23.53 -8.34 -40.32
N SER C 21 22.29 -8.62 -40.69
CA SER C 21 21.99 -9.85 -41.40
C SER C 21 22.60 -9.91 -42.79
N GLU C 22 23.12 -8.80 -43.30
CA GLU C 22 23.62 -8.75 -44.67
C GLU C 22 25.16 -8.81 -44.74
N TYR C 23 25.85 -7.89 -44.05
CA TYR C 23 27.29 -7.82 -44.20
C TYR C 23 28.00 -9.03 -43.60
N LEU C 24 27.37 -9.73 -42.67
CA LEU C 24 27.96 -10.93 -42.13
C LEU C 24 28.02 -12.03 -43.18
N SER C 25 29.00 -12.92 -43.03
CA SER C 25 29.10 -14.04 -43.94
C SER C 25 27.88 -14.94 -43.81
N PRO C 26 27.40 -15.54 -44.90
CA PRO C 26 26.18 -16.36 -44.80
C PRO C 26 26.31 -17.52 -43.82
N GLY C 27 27.51 -18.06 -43.66
CA GLY C 27 27.69 -19.14 -42.70
C GLY C 27 27.41 -18.70 -41.28
N LEU C 28 27.89 -17.52 -40.90
CA LEU C 28 27.62 -17.00 -39.57
C LEU C 28 26.13 -16.71 -39.38
N VAL C 29 25.50 -16.11 -40.38
CA VAL C 29 24.07 -15.82 -40.28
C VAL C 29 23.28 -17.12 -40.15
N GLN C 30 23.65 -18.12 -40.96
CA GLN C 30 22.98 -19.41 -40.87
C GLN C 30 23.22 -20.05 -39.51
N PHE C 31 24.48 -19.99 -39.02
CA PHE C 31 24.80 -20.60 -37.73
C PHE C 31 24.12 -19.85 -36.60
N ALA C 32 24.11 -18.52 -36.67
CA ALA C 32 23.55 -17.73 -35.57
C ALA C 32 22.06 -17.98 -35.39
N ARG C 33 21.31 -18.03 -36.49
CA ARG C 33 19.88 -18.25 -36.37
C ARG C 33 19.55 -19.70 -36.03
N ALA C 34 20.54 -20.59 -36.15
CA ALA C 34 20.32 -21.98 -35.78
C ALA C 34 20.28 -22.16 -34.26
N THR C 35 21.19 -21.51 -33.55
CA THR C 35 21.34 -21.69 -32.10
C THR C 35 21.13 -20.39 -31.34
N GLU C 36 20.08 -19.65 -31.69
CA GLU C 36 19.84 -18.36 -31.04
C GLU C 36 19.50 -18.54 -29.57
N THR C 37 18.69 -19.55 -29.25
CA THR C 37 18.26 -19.78 -27.88
C THR C 37 19.34 -20.44 -27.03
N TYR C 38 20.40 -20.95 -27.64
CA TYR C 38 21.50 -21.56 -26.91
C TYR C 38 22.61 -20.55 -26.62
N PHE C 39 23.01 -19.79 -27.65
CA PHE C 39 24.10 -18.83 -27.52
C PHE C 39 23.76 -17.65 -28.41
N SER C 40 23.18 -16.60 -27.83
CA SER C 40 22.76 -15.45 -28.60
C SER C 40 23.97 -14.67 -29.09
N LEU C 41 24.01 -14.38 -30.38
CA LEU C 41 25.07 -13.59 -30.97
C LEU C 41 24.57 -12.36 -31.70
N ASN C 42 23.25 -12.15 -31.76
CA ASN C 42 22.72 -11.01 -32.49
C ASN C 42 23.07 -9.70 -31.82
N ASN C 43 23.20 -9.69 -30.50
CA ASN C 43 23.49 -8.47 -29.76
C ASN C 43 24.95 -8.04 -29.87
N LYS C 44 25.74 -8.68 -30.74
CA LYS C 44 27.14 -8.35 -30.92
C LYS C 44 27.42 -7.77 -32.29
N PHE C 45 26.41 -7.23 -32.96
CA PHE C 45 26.58 -6.62 -34.27
C PHE C 45 25.63 -5.44 -34.41
N ARG C 46 26.13 -4.36 -34.99
CA ARG C 46 25.33 -3.15 -35.15
C ARG C 46 24.31 -3.33 -36.26
N ASN C 47 23.24 -2.53 -36.19
CA ASN C 47 22.21 -2.47 -37.22
C ASN C 47 21.86 -1.02 -37.44
N PRO C 48 22.33 -0.41 -38.54
CA PRO C 48 22.07 1.00 -38.78
C PRO C 48 20.58 1.28 -38.94
N THR C 49 20.15 2.44 -38.45
CA THR C 49 18.76 2.90 -38.56
C THR C 49 18.80 4.33 -39.10
N VAL C 50 18.72 4.47 -40.42
CA VAL C 50 18.85 5.75 -41.09
C VAL C 50 17.47 6.29 -41.41
N ALA C 51 17.20 7.51 -41.00
CA ALA C 51 15.94 8.17 -41.30
C ALA C 51 15.90 8.64 -42.75
N PRO C 52 14.73 8.67 -43.36
CA PRO C 52 14.63 9.18 -44.74
C PRO C 52 14.95 10.65 -44.81
N THR C 53 15.43 11.07 -45.99
CA THR C 53 15.92 12.43 -46.17
C THR C 53 14.97 13.32 -46.95
N HIS C 54 14.17 12.77 -47.85
CA HIS C 54 13.36 13.58 -48.74
C HIS C 54 11.93 13.05 -48.77
N ASP C 55 11.01 13.94 -49.17
CA ASP C 55 9.60 13.63 -49.32
C ASP C 55 8.95 13.20 -48.01
N VAL C 56 9.53 13.58 -46.89
CA VAL C 56 8.94 13.30 -45.59
C VAL C 56 8.63 14.55 -44.78
N THR C 57 9.27 15.67 -45.08
CA THR C 57 8.99 16.91 -44.37
C THR C 57 9.41 18.08 -45.23
N THR C 58 8.75 19.21 -45.03
CA THR C 58 9.10 20.41 -45.77
C THR C 58 10.35 21.04 -45.18
N ASP C 59 10.93 21.97 -45.93
CA ASP C 59 12.07 22.74 -45.48
C ASP C 59 11.82 24.24 -45.45
N ARG C 60 10.73 24.71 -46.06
CA ARG C 60 10.42 26.12 -46.08
C ARG C 60 9.82 26.55 -44.74
N SER C 61 9.47 27.83 -44.64
CA SER C 61 8.91 28.37 -43.41
C SER C 61 7.47 27.91 -43.27
N GLN C 62 7.15 27.26 -42.15
CA GLN C 62 5.81 26.78 -41.90
C GLN C 62 5.61 26.64 -40.40
N ARG C 63 4.55 27.26 -39.88
CA ARG C 63 4.27 27.19 -38.46
C ARG C 63 3.88 25.78 -38.05
N LEU C 64 4.21 25.43 -36.81
CA LEU C 64 3.79 24.13 -36.28
C LEU C 64 2.39 24.20 -35.70
N THR C 65 2.15 25.15 -34.80
CA THR C 65 0.85 25.34 -34.19
C THR C 65 0.26 26.66 -34.64
N LEU C 66 -1.07 26.75 -34.57
CA LEU C 66 -1.78 27.95 -34.97
C LEU C 66 -2.85 28.28 -33.95
N ARG C 67 -3.03 29.56 -33.68
CA ARG C 67 -4.04 30.05 -32.76
C ARG C 67 -5.10 30.83 -33.53
N PHE C 68 -6.36 30.54 -33.25
CA PHE C 68 -7.48 31.18 -33.95
C PHE C 68 -8.30 32.00 -32.98
N ILE C 69 -8.58 33.24 -33.33
CA ILE C 69 -9.37 34.15 -32.50
C ILE C 69 -10.81 34.11 -32.99
N PRO C 70 -11.79 34.03 -32.08
CA PRO C 70 -13.19 34.02 -32.51
C PRO C 70 -13.54 35.29 -33.27
N VAL C 71 -14.37 35.14 -34.30
CA VAL C 71 -14.85 36.29 -35.05
C VAL C 71 -16.17 36.82 -34.53
N ASP C 72 -16.87 36.05 -33.69
CA ASP C 72 -18.14 36.49 -33.13
C ASP C 72 -18.43 35.64 -31.91
N ARG C 73 -19.02 36.26 -30.89
CA ARG C 73 -19.34 35.57 -29.65
C ARG C 73 -20.67 36.10 -29.13
N GLU C 74 -21.65 35.21 -29.01
CA GLU C 74 -22.96 35.54 -28.47
C GLU C 74 -23.16 34.84 -27.14
N ASP C 75 -23.69 35.57 -26.17
CA ASP C 75 -23.87 35.06 -24.82
C ASP C 75 -25.33 35.20 -24.41
N THR C 76 -25.85 34.16 -23.77
CA THR C 76 -27.16 34.22 -23.14
C THR C 76 -27.00 34.00 -21.64
N ALA C 77 -28.13 33.84 -20.95
CA ALA C 77 -28.11 33.74 -19.50
C ALA C 77 -27.34 32.51 -19.03
N TYR C 78 -27.50 31.37 -19.71
CA TYR C 78 -26.93 30.13 -19.24
C TYR C 78 -25.98 29.47 -20.21
N SER C 79 -25.65 30.11 -21.34
CA SER C 79 -24.74 29.53 -22.30
C SER C 79 -24.13 30.64 -23.13
N TYR C 80 -23.21 30.28 -24.02
CA TYR C 80 -22.65 31.24 -24.95
C TYR C 80 -22.05 30.52 -26.14
N LYS C 81 -22.12 31.16 -27.30
CA LYS C 81 -21.75 30.57 -28.57
C LYS C 81 -20.55 31.30 -29.15
N ALA C 82 -19.55 30.54 -29.59
CA ALA C 82 -18.35 31.09 -30.17
C ALA C 82 -18.12 30.50 -31.54
N ARG C 83 -17.71 31.33 -32.50
CA ARG C 83 -17.50 30.90 -33.87
C ARG C 83 -16.10 31.26 -34.33
N PHE C 84 -15.48 30.34 -35.05
CA PHE C 84 -14.16 30.55 -35.62
C PHE C 84 -14.20 30.24 -37.11
N THR C 85 -13.32 30.88 -37.86
CA THR C 85 -13.13 30.59 -39.28
C THR C 85 -11.83 29.81 -39.40
N LEU C 86 -11.92 28.50 -39.24
CA LEU C 86 -10.76 27.62 -39.34
C LEU C 86 -10.35 27.53 -40.80
N ALA C 87 -9.17 28.05 -41.11
CA ALA C 87 -8.66 28.09 -42.47
C ALA C 87 -7.40 27.22 -42.55
N VAL C 88 -7.54 26.06 -43.17
CA VAL C 88 -6.39 25.18 -43.39
C VAL C 88 -5.62 25.70 -44.59
N GLY C 89 -4.34 25.98 -44.41
CA GLY C 89 -3.55 26.53 -45.48
C GLY C 89 -3.31 25.53 -46.59
N ASP C 90 -2.92 26.05 -47.75
CA ASP C 90 -2.64 25.21 -48.89
C ASP C 90 -1.41 24.33 -48.64
N ASN C 91 -1.40 23.17 -49.28
CA ASN C 91 -0.33 22.19 -49.10
C ASN C 91 -0.16 21.80 -47.64
N ARG C 92 -1.28 21.68 -46.94
CA ARG C 92 -1.27 21.30 -45.53
C ARG C 92 -2.43 20.37 -45.27
N VAL C 93 -2.25 19.50 -44.28
CA VAL C 93 -3.30 18.59 -43.83
C VAL C 93 -3.43 18.73 -42.31
N LEU C 94 -4.66 18.88 -41.85
CA LEU C 94 -4.94 19.10 -40.44
C LEU C 94 -5.74 17.92 -39.90
N ASP C 95 -5.23 17.32 -38.83
CA ASP C 95 -5.94 16.25 -38.14
C ASP C 95 -6.73 16.86 -36.99
N MET C 96 -8.05 16.68 -37.03
CA MET C 96 -8.90 17.27 -36.00
C MET C 96 -8.58 16.75 -34.60
N ALA C 97 -7.91 15.60 -34.50
CA ALA C 97 -7.55 15.09 -33.19
C ALA C 97 -6.56 16.02 -32.50
N SER C 98 -5.81 16.81 -33.27
CA SER C 98 -4.87 17.75 -32.68
C SER C 98 -5.57 18.97 -32.10
N THR C 99 -6.70 19.37 -32.67
CA THR C 99 -7.37 20.58 -32.24
C THR C 99 -7.96 20.44 -30.86
N TYR C 100 -8.02 21.55 -30.13
CA TYR C 100 -8.61 21.59 -28.81
C TYR C 100 -8.87 23.04 -28.45
N PHE C 101 -9.95 23.27 -27.71
CA PHE C 101 -10.28 24.62 -27.27
C PHE C 101 -9.46 24.99 -26.05
N ASP C 102 -9.15 26.28 -25.94
CA ASP C 102 -8.40 26.82 -24.81
C ASP C 102 -9.25 27.90 -24.16
N ILE C 103 -9.64 27.67 -22.91
CA ILE C 103 -10.58 28.54 -22.21
C ILE C 103 -9.90 29.09 -20.96
N ARG C 104 -10.00 30.40 -20.77
CA ARG C 104 -9.49 31.07 -19.57
C ARG C 104 -10.61 31.85 -18.91
N GLY C 105 -10.67 31.77 -17.59
CA GLY C 105 -11.71 32.46 -16.86
C GLY C 105 -11.41 32.50 -15.38
N VAL C 106 -12.40 32.93 -14.61
CA VAL C 106 -12.29 33.06 -13.17
C VAL C 106 -13.40 32.26 -12.52
N LEU C 107 -13.07 31.54 -11.45
CA LEU C 107 -14.00 30.64 -10.79
C LEU C 107 -14.15 31.02 -9.33
N ASP C 108 -15.38 30.97 -8.84
CA ASP C 108 -15.67 31.11 -7.42
C ASP C 108 -16.41 29.86 -6.97
N ARG C 109 -15.80 29.12 -6.04
CA ARG C 109 -16.37 27.86 -5.60
C ARG C 109 -17.35 28.00 -4.45
N GLY C 110 -17.57 29.21 -3.96
CA GLY C 110 -18.54 29.44 -2.92
C GLY C 110 -18.01 29.09 -1.55
N PRO C 111 -18.76 29.46 -0.50
CA PRO C 111 -18.32 29.19 0.87
C PRO C 111 -18.39 27.72 1.25
N THR C 112 -19.02 26.88 0.42
CA THR C 112 -19.14 25.47 0.73
C THR C 112 -17.81 24.73 0.60
N PHE C 113 -16.92 25.21 -0.27
CA PHE C 113 -15.70 24.51 -0.58
C PHE C 113 -14.83 24.33 0.66
N LYS C 114 -14.36 23.10 0.87
CA LYS C 114 -13.47 22.79 2.00
C LYS C 114 -12.70 21.53 1.65
N PRO C 115 -11.51 21.68 1.08
CA PRO C 115 -10.75 20.53 0.55
C PRO C 115 -9.83 19.86 1.55
N TYR C 116 -10.33 19.57 2.74
CA TYR C 116 -9.55 18.83 3.72
C TYR C 116 -10.44 18.46 4.90
N SER C 117 -10.16 17.31 5.49
CA SER C 117 -10.88 16.89 6.68
C SER C 117 -10.21 17.46 7.92
N GLY C 118 -10.96 17.52 8.99
CA GLY C 118 -10.46 18.14 10.20
C GLY C 118 -10.42 19.65 10.06
N THR C 119 -9.73 20.28 10.99
CA THR C 119 -9.61 21.73 11.03
C THR C 119 -8.15 22.13 10.83
N ALA C 120 -7.92 23.44 10.82
CA ALA C 120 -6.60 23.99 10.61
C ALA C 120 -6.05 24.77 11.79
N TYR C 121 -6.89 25.19 12.72
CA TYR C 121 -6.48 26.04 13.82
C TYR C 121 -6.67 25.30 15.14
N ASN C 122 -5.61 25.22 15.93
CA ASN C 122 -5.64 24.56 17.23
C ASN C 122 -6.16 23.13 17.10
N ALA C 123 -5.60 22.40 16.13
CA ALA C 123 -6.05 21.04 15.89
C ALA C 123 -5.79 20.14 17.09
N LEU C 124 -4.63 20.29 17.73
CA LEU C 124 -4.29 19.43 18.85
C LEU C 124 -5.10 19.70 20.10
N ALA C 125 -5.85 20.80 20.13
CA ALA C 125 -6.58 21.15 21.33
C ALA C 125 -7.70 20.14 21.60
N PRO C 126 -8.04 19.90 22.85
CA PRO C 126 -9.25 19.13 23.15
C PRO C 126 -10.48 19.84 22.66
N LYS C 127 -11.46 19.06 22.21
CA LYS C 127 -12.64 19.61 21.56
C LYS C 127 -13.59 20.30 22.52
N GLY C 128 -13.35 20.22 23.83
CA GLY C 128 -14.20 20.90 24.78
C GLY C 128 -13.49 22.01 25.52
N ALA C 129 -12.21 22.20 25.24
CA ALA C 129 -11.43 23.18 25.98
C ALA C 129 -11.83 24.59 25.58
N PRO C 130 -12.20 25.45 26.53
CA PRO C 130 -12.57 26.83 26.20
C PRO C 130 -11.39 27.78 26.30
N ASN C 131 -11.43 28.81 25.47
CA ASN C 131 -10.44 29.87 25.57
C ASN C 131 -10.66 30.65 26.86
N PRO C 132 -9.60 31.19 27.44
CA PRO C 132 -9.77 31.99 28.66
C PRO C 132 -10.61 33.22 28.37
N CYS C 133 -11.62 33.45 29.21
CA CYS C 133 -12.60 34.48 28.93
C CYS C 133 -13.28 34.88 30.24
N GLU C 134 -14.17 35.86 30.16
CA GLU C 134 -14.95 36.32 31.29
C GLU C 134 -16.41 36.35 30.89
N TRP C 135 -17.28 36.54 31.89
CA TRP C 135 -18.71 36.68 31.65
C TRP C 135 -19.34 37.28 32.91
N ASP C 136 -20.64 37.51 32.83
CA ASP C 136 -21.39 38.12 33.93
C ASP C 136 -22.55 37.23 34.33
N GLU C 137 -22.90 37.29 35.61
CA GLU C 137 -23.99 36.49 36.15
C GLU C 137 -24.96 37.33 36.95
N THR C 166 -19.83 38.87 38.15
CA THR C 166 -18.90 38.71 37.05
C THR C 166 -17.76 37.76 37.43
N HIS C 167 -17.51 36.76 36.58
CA HIS C 167 -16.52 35.74 36.87
C HIS C 167 -15.53 35.65 35.73
N VAL C 168 -14.31 35.24 36.07
CA VAL C 168 -13.22 35.13 35.11
C VAL C 168 -12.58 33.75 35.24
N PHE C 169 -12.31 33.12 34.11
CA PHE C 169 -11.68 31.81 34.05
C PHE C 169 -10.52 31.90 33.07
N GLY C 170 -9.30 31.78 33.57
CA GLY C 170 -8.13 31.93 32.71
C GLY C 170 -6.90 31.21 33.22
N GLN C 171 -5.76 31.46 32.57
CA GLN C 171 -4.54 30.77 32.91
C GLN C 171 -3.36 31.61 32.46
N ALA C 172 -2.43 31.89 33.37
CA ALA C 172 -1.29 32.75 33.08
C ALA C 172 -0.02 31.92 33.02
N PRO C 173 0.53 31.64 31.85
CA PRO C 173 1.72 30.80 31.77
C PRO C 173 3.03 31.56 31.94
N TYR C 174 3.03 32.84 31.57
CA TYR C 174 4.27 33.60 31.55
C TYR C 174 4.75 33.88 32.97
N SER C 175 6.07 34.02 33.11
CA SER C 175 6.69 34.34 34.38
C SER C 175 7.61 35.54 34.20
N GLY C 176 7.59 36.44 35.18
CA GLY C 176 8.37 37.66 35.12
C GLY C 176 9.23 37.83 36.36
N ILE C 177 9.48 39.09 36.70
CA ILE C 177 10.33 39.42 37.83
C ILE C 177 9.51 40.14 38.90
N ASN C 178 8.94 41.28 38.54
CA ASN C 178 8.18 42.09 39.50
C ASN C 178 6.93 42.61 38.82
N ILE C 179 5.93 42.95 39.63
CA ILE C 179 4.66 43.48 39.16
C ILE C 179 4.45 44.85 39.78
N THR C 180 4.22 45.86 38.94
CA THR C 180 3.86 47.19 39.41
C THR C 180 2.59 47.65 38.69
N LYS C 181 2.20 48.91 38.89
CA LYS C 181 1.02 49.44 38.22
C LYS C 181 1.22 49.57 36.71
N GLU C 182 2.45 49.47 36.22
CA GLU C 182 2.72 49.54 34.79
C GLU C 182 2.68 48.18 34.12
N GLY C 183 2.37 47.12 34.86
CA GLY C 183 2.31 45.79 34.30
C GLY C 183 3.51 44.96 34.72
N ILE C 184 3.61 43.78 34.10
CA ILE C 184 4.70 42.87 34.39
C ILE C 184 6.02 43.46 33.90
N GLN C 185 7.09 43.16 34.62
CA GLN C 185 8.43 43.59 34.25
C GLN C 185 9.17 42.41 33.62
N ILE C 186 9.65 42.61 32.40
CA ILE C 186 10.29 41.52 31.67
C ILE C 186 11.81 41.62 31.64
N GLY C 187 12.37 42.78 31.92
CA GLY C 187 13.82 42.90 31.90
C GLY C 187 14.26 44.33 32.15
N VAL C 188 15.56 44.55 31.98
CA VAL C 188 16.16 45.85 32.19
C VAL C 188 16.69 46.41 30.87
N THR C 192 17.51 50.28 34.37
CA THR C 192 16.12 50.62 34.62
C THR C 192 15.19 49.52 34.12
N PRO C 193 14.14 49.23 34.88
CA PRO C 193 13.24 48.14 34.50
C PRO C 193 12.51 48.46 33.21
N LYS C 194 12.19 47.39 32.47
CA LYS C 194 11.40 47.48 31.26
C LYS C 194 10.14 46.65 31.43
N TYR C 195 9.04 47.12 30.83
CA TYR C 195 7.74 46.50 30.97
C TYR C 195 7.26 45.98 29.62
N ALA C 196 6.46 44.93 29.67
CA ALA C 196 6.00 44.28 28.45
C ALA C 196 5.10 45.21 27.65
N ASP C 197 5.18 45.09 26.33
CA ASP C 197 4.35 45.89 25.44
C ASP C 197 2.93 45.32 25.43
N LYS C 198 1.97 46.12 25.86
CA LYS C 198 0.60 45.63 25.98
C LYS C 198 -0.01 45.26 24.63
N THR C 199 0.55 45.78 23.53
CA THR C 199 -0.02 45.49 22.22
C THR C 199 0.11 44.02 21.86
N PHE C 200 1.28 43.43 22.13
CA PHE C 200 1.52 42.04 21.74
C PHE C 200 2.16 41.19 22.82
N GLN C 201 2.53 41.75 23.96
CA GLN C 201 3.12 40.95 25.01
C GLN C 201 2.18 40.87 26.20
N PRO C 202 2.21 39.77 26.96
CA PRO C 202 3.05 38.59 26.78
C PRO C 202 2.54 37.70 25.66
N GLU C 203 3.45 37.13 24.87
CA GLU C 203 3.02 36.23 23.81
C GLU C 203 2.45 34.95 24.40
N PRO C 204 1.44 34.37 23.79
CA PRO C 204 0.80 33.17 24.34
C PRO C 204 1.54 31.87 24.10
N GLN C 205 2.71 31.88 23.46
CA GLN C 205 3.49 30.66 23.34
C GLN C 205 4.59 30.54 24.39
N ILE C 206 5.14 31.66 24.83
CA ILE C 206 6.24 31.62 25.80
C ILE C 206 5.70 31.17 27.15
N GLY C 207 6.36 30.20 27.75
CA GLY C 207 5.99 29.71 29.06
C GLY C 207 7.21 29.18 29.78
N GLU C 208 7.00 28.20 30.64
CA GLU C 208 8.10 27.59 31.37
C GLU C 208 8.81 26.55 30.50
N SER C 209 9.89 25.99 31.05
CA SER C 209 10.68 25.00 30.33
C SER C 209 11.00 23.75 31.14
N GLN C 210 10.87 23.79 32.47
CA GLN C 210 11.14 22.63 33.30
C GLN C 210 9.84 22.00 33.76
N TRP C 211 9.78 20.66 33.72
CA TRP C 211 8.54 19.97 34.05
C TRP C 211 8.16 20.18 35.51
N TYR C 212 9.12 20.13 36.41
CA TYR C 212 8.82 20.31 37.83
C TYR C 212 8.47 21.76 38.12
N GLU C 213 7.44 21.96 38.94
CA GLU C 213 7.01 23.30 39.29
C GLU C 213 8.05 23.99 40.16
N THR C 214 8.07 25.33 40.08
CA THR C 214 9.06 26.12 40.81
C THR C 214 8.42 27.28 41.57
N GLU C 215 7.10 27.26 41.79
CA GLU C 215 6.40 28.26 42.57
C GLU C 215 6.61 29.66 41.99
N ILE C 216 6.06 29.84 40.78
CA ILE C 216 6.15 31.13 40.11
C ILE C 216 5.59 32.22 41.01
N ASN C 217 6.36 33.30 41.19
CA ASN C 217 5.96 34.39 42.05
C ASN C 217 5.32 35.55 41.32
N HIS C 218 5.53 35.67 40.01
CA HIS C 218 4.96 36.76 39.22
C HIS C 218 4.61 36.22 37.85
N ALA C 219 3.32 36.21 37.52
CA ALA C 219 2.84 35.60 36.29
C ALA C 219 1.96 36.57 35.52
N ALA C 220 1.88 36.38 34.22
CA ALA C 220 1.05 37.22 33.36
C ALA C 220 0.41 36.36 32.28
N GLY C 221 -0.70 36.85 31.74
CA GLY C 221 -1.42 36.13 30.71
C GLY C 221 -2.42 37.03 30.03
N ARG C 222 -3.14 36.44 29.08
CA ARG C 222 -4.14 37.16 28.30
C ARG C 222 -5.51 36.52 28.49
N VAL C 223 -6.54 37.36 28.55
CA VAL C 223 -7.92 36.90 28.63
C VAL C 223 -8.75 37.72 27.65
N LEU C 224 -9.93 37.21 27.34
CA LEU C 224 -10.84 37.85 26.41
C LEU C 224 -11.94 38.58 27.15
N LYS C 225 -12.25 39.80 26.71
CA LYS C 225 -13.28 40.59 27.36
C LYS C 225 -14.66 39.97 27.14
N LYS C 226 -15.61 40.40 27.97
CA LYS C 226 -16.94 39.81 27.95
C LYS C 226 -17.74 40.19 26.71
N THR C 227 -17.26 41.13 25.90
CA THR C 227 -17.97 41.56 24.70
C THR C 227 -17.57 40.77 23.46
N THR C 228 -17.15 39.52 23.63
CA THR C 228 -16.72 38.69 22.52
C THR C 228 -17.51 37.38 22.50
N PRO C 229 -17.67 36.76 21.33
CA PRO C 229 -18.39 35.49 21.27
C PRO C 229 -17.69 34.42 22.09
N MET C 230 -18.50 33.54 22.67
CA MET C 230 -18.00 32.48 23.54
C MET C 230 -17.76 31.23 22.71
N LYS C 231 -16.49 30.92 22.46
CA LYS C 231 -16.19 29.81 21.55
C LYS C 231 -15.15 28.90 22.18
N PRO C 232 -15.17 27.63 21.83
CA PRO C 232 -14.12 26.72 22.30
C PRO C 232 -12.80 27.02 21.61
N CYS C 233 -11.71 26.57 22.24
CA CYS C 233 -10.39 26.81 21.69
C CYS C 233 -10.17 26.08 20.38
N TYR C 234 -10.79 24.92 20.22
CA TYR C 234 -10.63 24.13 19.00
C TYR C 234 -11.21 24.89 17.82
N GLY C 235 -10.37 25.20 16.84
CA GLY C 235 -10.82 25.83 15.61
C GLY C 235 -11.02 27.32 15.68
N SER C 236 -10.77 27.95 16.82
CA SER C 236 -10.98 29.39 16.96
C SER C 236 -9.83 30.15 16.34
N TYR C 237 -10.14 31.13 15.50
CA TYR C 237 -9.14 31.92 14.81
C TYR C 237 -9.49 33.41 14.91
N ALA C 238 -8.46 34.24 15.01
CA ALA C 238 -8.63 35.68 15.05
C ALA C 238 -7.48 36.34 14.31
N LYS C 239 -7.81 37.18 13.34
CA LYS C 239 -6.81 37.78 12.48
C LYS C 239 -5.91 38.72 13.27
N PRO C 240 -4.64 38.83 12.90
CA PRO C 240 -3.75 39.77 13.58
C PRO C 240 -3.99 41.19 13.13
N THR C 241 -3.56 42.13 13.97
CA THR C 241 -3.72 43.55 13.68
C THR C 241 -2.42 44.35 13.85
N ASN C 242 -1.28 43.69 13.98
CA ASN C 242 -0.01 44.39 14.01
C ASN C 242 1.09 43.43 13.59
N GLU C 243 2.23 44.00 13.19
CA GLU C 243 3.33 43.20 12.68
C GLU C 243 3.92 42.29 13.74
N ASN C 244 3.69 42.57 15.02
CA ASN C 244 4.23 41.74 16.09
C ASN C 244 3.35 40.55 16.42
N GLY C 245 2.19 40.42 15.77
CA GLY C 245 1.32 39.28 15.98
C GLY C 245 0.18 39.52 16.93
N GLY C 246 0.01 40.73 17.45
CA GLY C 246 -1.09 40.99 18.34
C GLY C 246 -2.43 40.89 17.64
N GLN C 247 -3.48 40.69 18.44
CA GLN C 247 -4.81 40.46 17.89
C GLN C 247 -5.84 41.43 18.45
N GLY C 248 -5.41 42.52 19.08
CA GLY C 248 -6.34 43.46 19.64
C GLY C 248 -7.13 44.20 18.58
N ILE C 249 -8.26 44.74 18.99
CA ILE C 249 -9.13 45.52 18.10
C ILE C 249 -8.77 46.99 18.24
N LEU C 250 -8.59 47.65 17.10
CA LEU C 250 -8.17 49.05 17.07
C LEU C 250 -9.36 49.96 16.81
N VAL C 251 -9.50 50.98 17.65
CA VAL C 251 -10.50 52.02 17.47
C VAL C 251 -9.81 53.37 17.60
N LYS C 252 -10.47 54.41 17.08
CA LYS C 252 -9.91 55.75 17.15
C LYS C 252 -10.07 56.35 18.54
N LEU C 258 -6.30 55.34 15.73
CA LEU C 258 -6.54 53.90 15.77
C LEU C 258 -5.59 53.21 16.75
N GLU C 259 -5.98 53.18 18.03
CA GLU C 259 -5.17 52.59 19.07
C GLU C 259 -5.95 51.48 19.78
N SER C 260 -5.22 50.47 20.24
CA SER C 260 -5.84 49.34 20.91
C SER C 260 -6.33 49.75 22.30
N GLN C 261 -7.21 48.92 22.86
CA GLN C 261 -7.89 49.22 24.13
C GLN C 261 -7.79 48.03 25.08
N VAL C 262 -6.60 47.47 25.22
CA VAL C 262 -6.40 46.42 26.21
C VAL C 262 -6.43 47.03 27.60
N GLU C 263 -6.78 46.21 28.59
CA GLU C 263 -6.97 46.69 29.96
C GLU C 263 -6.15 45.84 30.92
N MET C 264 -5.84 46.44 32.07
CA MET C 264 -5.06 45.79 33.11
C MET C 264 -5.99 45.23 34.18
N GLN C 265 -5.72 44.00 34.60
CA GLN C 265 -6.43 43.40 35.71
C GLN C 265 -5.43 42.69 36.61
N PHE C 266 -5.54 42.93 37.92
CA PHE C 266 -4.61 42.38 38.89
C PHE C 266 -5.35 41.43 39.83
N PHE C 267 -4.69 40.32 40.15
CA PHE C 267 -5.24 39.32 41.04
C PHE C 267 -4.20 38.92 42.06
N SER C 268 -4.64 38.73 43.30
CA SER C 268 -3.76 38.33 44.39
C SER C 268 -4.41 37.21 45.17
N THR C 269 -3.59 36.50 45.95
CA THR C 269 -4.09 35.41 46.77
C THR C 269 -5.01 35.95 47.86
N THR C 270 -5.85 35.05 48.38
CA THR C 270 -6.78 35.44 49.43
C THR C 270 -6.05 35.61 50.75
N GLU C 271 -5.28 36.70 50.87
CA GLU C 271 -4.53 37.03 52.07
C GLU C 271 -3.60 35.89 52.49
N LEU C 280 0.83 43.61 51.11
CA LEU C 280 -0.14 43.27 50.08
C LEU C 280 0.36 43.66 48.69
N THR C 281 0.67 42.67 47.87
CA THR C 281 1.17 42.88 46.52
C THR C 281 0.43 41.95 45.57
N PRO C 282 0.30 42.34 44.30
CA PRO C 282 -0.36 41.45 43.34
C PRO C 282 0.52 40.26 43.01
N LYS C 283 -0.13 39.24 42.46
CA LYS C 283 0.56 38.00 42.08
C LYS C 283 0.52 37.73 40.59
N VAL C 284 -0.62 37.93 39.94
CA VAL C 284 -0.74 37.73 38.50
C VAL C 284 -1.40 38.95 37.88
N VAL C 285 -1.12 39.16 36.60
CA VAL C 285 -1.72 40.24 35.83
C VAL C 285 -2.32 39.63 34.57
N LEU C 286 -3.55 40.01 34.27
CA LEU C 286 -4.26 39.50 33.11
C LEU C 286 -4.48 40.62 32.10
N TYR C 287 -4.02 40.40 30.88
CA TYR C 287 -4.15 41.37 29.80
C TYR C 287 -5.44 41.09 29.04
N SER C 288 -6.52 41.75 29.43
CA SER C 288 -7.81 41.57 28.79
C SER C 288 -7.85 42.34 27.48
N GLU C 289 -8.50 41.75 26.48
CA GLU C 289 -8.62 42.38 25.17
C GLU C 289 -9.86 41.83 24.48
N ASP C 290 -10.05 42.23 23.22
CA ASP C 290 -11.17 41.76 22.42
C ASP C 290 -10.69 41.51 21.01
N VAL C 291 -11.10 40.39 20.42
CA VAL C 291 -10.66 39.99 19.10
C VAL C 291 -11.88 39.61 18.27
N ASP C 292 -11.69 39.58 16.95
CA ASP C 292 -12.74 39.17 16.02
C ASP C 292 -12.63 37.67 15.78
N ILE C 293 -12.99 36.91 16.81
CA ILE C 293 -12.81 35.46 16.78
C ILE C 293 -13.82 34.83 15.85
N GLU C 294 -13.36 33.94 14.97
CA GLU C 294 -14.21 33.25 14.02
C GLU C 294 -13.93 31.76 14.07
N THR C 295 -14.83 30.98 13.47
CA THR C 295 -14.70 29.53 13.35
C THR C 295 -14.87 29.17 11.88
N PRO C 296 -13.82 29.34 11.08
CA PRO C 296 -13.96 29.17 9.62
C PRO C 296 -14.40 27.79 9.19
N ASP C 297 -14.11 26.74 9.96
CA ASP C 297 -14.36 25.39 9.46
C ASP C 297 -14.97 24.45 10.49
N THR C 298 -15.37 24.94 11.65
CA THR C 298 -15.97 24.08 12.67
C THR C 298 -17.31 24.63 13.08
N HIS C 299 -18.16 23.75 13.60
CA HIS C 299 -19.48 24.13 14.06
C HIS C 299 -19.74 23.48 15.41
N ILE C 300 -20.65 24.08 16.17
CA ILE C 300 -20.99 23.56 17.49
C ILE C 300 -21.70 22.22 17.35
N SER C 301 -21.25 21.24 18.11
CA SER C 301 -21.84 19.91 18.08
C SER C 301 -22.78 19.64 19.24
N TYR C 302 -22.74 20.46 20.29
CA TYR C 302 -23.63 20.27 21.43
C TYR C 302 -23.81 21.61 22.12
N MET C 303 -25.00 22.20 21.97
CA MET C 303 -25.28 23.49 22.58
C MET C 303 -26.13 23.29 23.82
N PRO C 304 -25.60 23.58 25.01
CA PRO C 304 -26.35 23.26 26.24
C PRO C 304 -27.68 23.99 26.36
N THR C 305 -27.79 25.22 25.91
CA THR C 305 -29.00 26.01 26.14
C THR C 305 -29.26 26.92 24.95
N ILE C 306 -30.44 27.54 24.96
CA ILE C 306 -30.88 28.39 23.87
C ILE C 306 -30.55 29.86 24.12
N LYS C 307 -30.68 30.31 25.37
CA LYS C 307 -30.51 31.72 25.71
C LYS C 307 -29.15 32.23 25.25
N GLU C 308 -29.16 33.17 24.32
CA GLU C 308 -27.94 33.75 23.80
C GLU C 308 -27.28 34.64 24.86
N GLY C 309 -26.00 34.93 24.63
CA GLY C 309 -25.23 35.71 25.57
C GLY C 309 -24.29 34.86 26.40
N ASN C 310 -23.16 35.42 26.79
CA ASN C 310 -22.15 34.67 27.52
C ASN C 310 -22.63 34.41 28.94
N SER C 311 -22.94 33.15 29.25
CA SER C 311 -23.38 32.74 30.56
C SER C 311 -22.54 31.55 31.01
N ARG C 312 -22.75 31.13 32.26
CA ARG C 312 -21.97 30.02 32.81
C ARG C 312 -22.24 28.75 32.04
N GLU C 313 -23.50 28.48 31.70
CA GLU C 313 -23.85 27.24 31.02
C GLU C 313 -23.21 27.15 29.65
N LEU C 314 -22.80 28.28 29.08
CA LEU C 314 -22.24 28.29 27.74
C LEU C 314 -20.85 27.69 27.68
N MET C 315 -20.21 27.46 28.82
CA MET C 315 -18.88 26.84 28.83
C MET C 315 -18.88 25.41 28.28
N GLY C 316 -20.01 24.73 28.29
CA GLY C 316 -20.02 23.31 27.97
C GLY C 316 -20.13 22.96 26.50
N GLN C 317 -20.12 23.94 25.61
CA GLN C 317 -20.28 23.62 24.20
C GLN C 317 -19.06 22.89 23.66
N GLN C 318 -19.29 22.06 22.65
CA GLN C 318 -18.25 21.32 21.98
C GLN C 318 -18.44 21.49 20.47
N SER C 319 -17.32 21.40 19.74
CA SER C 319 -17.34 21.62 18.31
C SER C 319 -16.63 20.48 17.60
N MET C 320 -17.06 20.20 16.37
CA MET C 320 -16.42 19.20 15.53
C MET C 320 -16.31 19.75 14.13
N PRO C 321 -15.31 19.33 13.37
CA PRO C 321 -15.03 19.99 12.09
C PRO C 321 -16.12 19.73 11.05
N ASN C 322 -16.23 20.67 10.12
CA ASN C 322 -17.19 20.52 9.03
C ASN C 322 -16.77 19.41 8.09
N ARG C 323 -17.76 18.81 7.44
CA ARG C 323 -17.48 17.71 6.53
C ARG C 323 -16.68 18.21 5.33
N PRO C 324 -15.70 17.44 4.88
CA PRO C 324 -14.96 17.83 3.68
C PRO C 324 -15.84 17.78 2.44
N ASN C 325 -15.53 18.65 1.49
CA ASN C 325 -16.32 18.71 0.25
C ASN C 325 -15.43 19.29 -0.85
N TYR C 326 -14.92 18.42 -1.71
CA TYR C 326 -14.13 18.87 -2.84
C TYR C 326 -15.03 19.32 -3.98
N ILE C 327 -14.60 20.36 -4.68
CA ILE C 327 -15.31 20.88 -5.83
C ILE C 327 -14.31 21.06 -6.96
N ALA C 328 -14.62 20.51 -8.13
CA ALA C 328 -13.72 20.57 -9.27
C ALA C 328 -14.51 20.38 -10.55
N PHE C 329 -13.82 20.43 -11.67
CA PHE C 329 -14.41 20.14 -12.95
C PHE C 329 -14.61 18.64 -13.11
N ARG C 330 -15.59 18.27 -13.91
CA ARG C 330 -15.87 16.86 -14.13
C ARG C 330 -14.74 16.21 -14.93
N ASP C 331 -14.67 14.88 -14.86
CA ASP C 331 -13.67 14.15 -15.61
C ASP C 331 -13.80 14.43 -17.10
N ASN C 332 -12.67 14.66 -17.76
CA ASN C 332 -12.62 14.94 -19.18
C ASN C 332 -13.47 16.16 -19.54
N PHE C 333 -13.67 17.05 -18.57
CA PHE C 333 -14.45 18.28 -18.78
C PHE C 333 -15.85 17.96 -19.33
N ILE C 334 -16.47 16.92 -18.78
CA ILE C 334 -17.80 16.55 -19.21
C ILE C 334 -18.79 17.64 -18.83
N GLY C 335 -19.61 18.05 -19.78
CA GLY C 335 -20.66 19.02 -19.55
C GLY C 335 -20.33 20.42 -20.01
N LEU C 336 -19.05 20.74 -20.22
CA LEU C 336 -18.71 22.06 -20.72
C LEU C 336 -19.08 22.22 -22.20
N MET C 337 -19.23 21.11 -22.90
CA MET C 337 -19.44 21.12 -24.35
C MET C 337 -20.84 20.59 -24.63
N TYR C 338 -21.64 21.38 -25.34
CA TYR C 338 -23.00 20.96 -25.64
C TYR C 338 -22.99 19.78 -26.60
N TYR C 339 -23.79 18.76 -26.29
CA TYR C 339 -23.89 17.58 -27.12
C TYR C 339 -25.33 17.08 -27.12
N ASN C 340 -25.77 16.56 -28.26
CA ASN C 340 -27.08 15.92 -28.39
C ASN C 340 -28.21 16.83 -27.95
N SER C 341 -28.12 18.11 -28.35
CA SER C 341 -29.17 19.07 -28.07
C SER C 341 -29.48 19.84 -29.35
N THR C 342 -30.70 19.71 -29.84
CA THR C 342 -31.08 20.40 -31.07
C THR C 342 -31.04 21.91 -30.90
N GLY C 343 -31.49 22.41 -29.74
CA GLY C 343 -31.49 23.85 -29.53
C GLY C 343 -30.10 24.44 -29.50
N ASN C 344 -29.11 23.65 -29.08
CA ASN C 344 -27.73 24.13 -28.97
C ASN C 344 -26.85 23.37 -29.96
N MET C 345 -27.34 23.20 -31.18
CA MET C 345 -26.65 22.42 -32.19
C MET C 345 -25.26 23.00 -32.49
N GLY C 346 -24.26 22.13 -32.49
CA GLY C 346 -22.95 22.53 -32.94
C GLY C 346 -22.81 22.36 -34.44
N VAL C 347 -22.07 23.28 -35.06
CA VAL C 347 -22.00 23.36 -36.51
C VAL C 347 -20.54 23.38 -36.95
N LEU C 348 -20.24 22.65 -38.03
CA LEU C 348 -18.95 22.70 -38.70
C LEU C 348 -19.22 22.55 -40.19
N ALA C 349 -19.01 23.63 -40.94
CA ALA C 349 -19.41 23.66 -42.34
C ALA C 349 -18.37 24.39 -43.16
N GLY C 350 -18.40 24.12 -44.46
CA GLY C 350 -17.54 24.86 -45.38
C GLY C 350 -17.91 26.32 -45.41
N GLN C 351 -16.92 27.16 -45.72
CA GLN C 351 -17.11 28.60 -45.66
C GLN C 351 -18.16 29.06 -46.68
N ALA C 352 -18.12 28.50 -47.88
CA ALA C 352 -19.04 28.92 -48.93
C ALA C 352 -20.38 28.21 -48.87
N SER C 353 -20.38 26.90 -48.64
CA SER C 353 -21.64 26.15 -48.65
C SER C 353 -22.52 26.52 -47.47
N GLN C 354 -21.93 26.70 -46.29
CA GLN C 354 -22.66 27.00 -45.07
C GLN C 354 -23.72 25.94 -44.77
N LEU C 355 -23.42 24.69 -45.12
CA LEU C 355 -24.31 23.57 -44.87
C LEU C 355 -23.71 22.70 -43.78
N ASN C 356 -24.44 22.54 -42.68
CA ASN C 356 -23.90 21.85 -41.51
C ASN C 356 -23.53 20.41 -41.85
N ALA C 357 -22.32 20.01 -41.46
CA ALA C 357 -21.83 18.66 -41.66
C ALA C 357 -21.96 17.82 -40.40
N VAL C 358 -22.56 18.36 -39.34
CA VAL C 358 -22.74 17.65 -38.09
C VAL C 358 -24.22 17.70 -37.73
N VAL C 359 -24.85 16.53 -37.66
CA VAL C 359 -26.24 16.41 -37.24
C VAL C 359 -26.30 15.44 -36.08
N ASP C 360 -26.84 15.90 -34.96
CA ASP C 360 -26.91 15.08 -33.75
C ASP C 360 -28.33 14.62 -33.51
N LEU C 361 -28.45 13.65 -32.60
CA LEU C 361 -29.74 13.05 -32.28
C LEU C 361 -30.00 13.18 -30.78
N GLN C 362 -31.27 13.31 -30.42
CA GLN C 362 -31.63 13.46 -29.03
C GLN C 362 -31.26 12.22 -28.22
N ASP C 363 -31.50 11.03 -28.78
CA ASP C 363 -31.24 9.80 -28.06
C ASP C 363 -29.80 9.35 -28.12
N ARG C 364 -28.99 9.92 -29.01
CA ARG C 364 -27.58 9.55 -29.06
C ARG C 364 -26.85 10.08 -27.84
N ASN C 365 -25.93 9.27 -27.34
CA ASN C 365 -25.10 9.64 -26.19
C ASN C 365 -23.64 9.58 -26.62
N THR C 366 -22.91 10.66 -26.37
CA THR C 366 -21.53 10.79 -26.83
C THR C 366 -20.51 10.75 -25.71
N GLU C 367 -20.73 11.51 -24.63
CA GLU C 367 -19.78 11.55 -23.54
C GLU C 367 -19.63 10.18 -22.88
N LEU C 368 -20.71 9.43 -22.72
CA LEU C 368 -20.58 8.07 -22.21
C LEU C 368 -19.82 7.20 -23.21
N SER C 369 -20.09 7.37 -24.50
CA SER C 369 -19.36 6.64 -25.51
C SER C 369 -17.87 6.95 -25.44
N TYR C 370 -17.54 8.22 -25.23
CA TYR C 370 -16.14 8.60 -25.12
C TYR C 370 -15.48 7.94 -23.91
N GLN C 371 -16.20 7.85 -22.80
CA GLN C 371 -15.64 7.24 -21.60
C GLN C 371 -15.31 5.77 -21.84
N LEU C 372 -16.23 5.03 -22.45
CA LEU C 372 -15.99 3.61 -22.70
C LEU C 372 -14.86 3.42 -23.69
N LEU C 373 -14.81 4.26 -24.73
CA LEU C 373 -13.74 4.17 -25.71
C LEU C 373 -12.39 4.42 -25.06
N LEU C 374 -12.31 5.39 -24.16
CA LEU C 374 -11.05 5.72 -23.52
C LEU C 374 -10.53 4.55 -22.68
N ASP C 375 -11.44 3.86 -21.98
CA ASP C 375 -11.02 2.73 -21.16
C ASP C 375 -10.48 1.60 -22.02
N SER C 376 -11.14 1.30 -23.14
CA SER C 376 -10.77 0.13 -23.93
C SER C 376 -9.38 0.26 -24.51
N ILE C 377 -9.03 1.45 -25.02
CA ILE C 377 -7.77 1.61 -25.74
C ILE C 377 -6.61 2.02 -24.85
N GLY C 378 -6.84 2.18 -23.54
CA GLY C 378 -5.77 2.57 -22.66
C GLY C 378 -5.96 2.10 -21.23
N ASP C 379 -5.25 2.73 -20.30
CA ASP C 379 -5.38 2.43 -18.89
C ASP C 379 -5.85 3.68 -18.16
N ARG C 380 -6.88 3.53 -17.33
CA ARG C 380 -7.43 4.66 -16.62
C ARG C 380 -6.80 4.89 -15.25
N THR C 381 -5.96 3.97 -14.77
CA THR C 381 -5.37 4.14 -13.45
C THR C 381 -4.31 5.24 -13.41
N ARG C 382 -3.90 5.76 -14.56
CA ARG C 382 -2.93 6.85 -14.62
C ARG C 382 -3.66 8.18 -14.77
N TYR C 383 -2.98 9.25 -14.40
CA TYR C 383 -3.55 10.58 -14.41
C TYR C 383 -2.87 11.45 -15.45
N PHE C 384 -3.66 12.06 -16.31
CA PHE C 384 -3.17 13.04 -17.29
C PHE C 384 -3.85 14.37 -16.97
N SER C 385 -3.06 15.33 -16.49
CA SER C 385 -3.65 16.58 -16.03
C SER C 385 -4.10 17.45 -17.18
N MET C 386 -3.47 17.32 -18.35
CA MET C 386 -3.71 18.30 -19.40
C MET C 386 -5.10 18.13 -20.02
N TRP C 387 -5.68 16.93 -19.93
CA TRP C 387 -7.07 16.71 -20.29
C TRP C 387 -7.99 16.61 -19.08
N ASN C 388 -7.49 16.90 -17.88
CA ASN C 388 -8.25 16.65 -16.65
C ASN C 388 -8.68 15.19 -16.58
N GLN C 389 -7.78 14.30 -16.99
CA GLN C 389 -8.09 12.87 -17.10
C GLN C 389 -7.78 12.20 -15.78
N ALA C 390 -8.80 12.01 -14.96
CA ALA C 390 -8.63 11.32 -13.67
C ALA C 390 -9.95 10.63 -13.36
N VAL C 391 -10.00 9.32 -13.64
CA VAL C 391 -11.26 8.59 -13.52
C VAL C 391 -11.70 8.55 -12.07
N ASP C 392 -13.01 8.75 -11.86
CA ASP C 392 -13.58 8.62 -10.52
C ASP C 392 -13.49 7.19 -10.04
N SER C 393 -13.27 7.01 -8.76
CA SER C 393 -13.17 5.69 -8.17
C SER C 393 -13.55 5.78 -6.70
N TYR C 394 -13.30 4.71 -5.96
CA TYR C 394 -13.59 4.70 -4.53
C TYR C 394 -12.64 3.72 -3.85
N ASP C 395 -12.45 3.94 -2.56
CA ASP C 395 -11.65 3.00 -1.79
C ASP C 395 -12.39 1.68 -1.68
N PRO C 396 -11.78 0.56 -2.05
CA PRO C 396 -12.46 -0.73 -1.90
C PRO C 396 -12.82 -1.04 -0.46
N ASP C 397 -12.16 -0.43 0.51
CA ASP C 397 -12.45 -0.72 1.91
C ASP C 397 -13.77 -0.12 2.35
N VAL C 398 -14.04 1.13 1.97
CA VAL C 398 -15.26 1.78 2.41
C VAL C 398 -16.48 1.15 1.75
N ARG C 399 -16.36 0.79 0.48
CA ARG C 399 -17.48 0.15 -0.21
C ARG C 399 -17.80 -1.20 0.38
N ILE C 400 -16.78 -2.02 0.66
CA ILE C 400 -16.94 -3.35 1.22
C ILE C 400 -16.00 -3.45 2.41
N ILE C 401 -16.56 -3.40 3.62
CA ILE C 401 -15.74 -3.39 4.82
C ILE C 401 -15.29 -4.81 5.13
N GLU C 402 -13.98 -5.02 5.17
CA GLU C 402 -13.41 -6.30 5.58
C GLU C 402 -13.04 -6.21 7.06
N ASN C 403 -14.09 -6.16 7.88
CA ASN C 403 -13.91 -5.93 9.31
C ASN C 403 -13.36 -7.17 9.99
N HIS C 404 -12.04 -7.29 10.04
CA HIS C 404 -11.39 -8.42 10.71
C HIS C 404 -10.83 -8.02 12.07
N GLY C 405 -11.40 -7.00 12.68
CA GLY C 405 -11.00 -6.63 14.02
C GLY C 405 -9.65 -5.92 14.06
N THR C 406 -9.18 -5.74 15.28
CA THR C 406 -7.95 -5.00 15.55
C THR C 406 -7.01 -5.87 16.38
N GLU C 407 -5.72 -5.56 16.28
CA GLU C 407 -4.68 -6.26 17.03
C GLU C 407 -4.34 -5.40 18.24
N ASP C 408 -4.86 -5.79 19.41
CA ASP C 408 -4.69 -5.02 20.63
C ASP C 408 -4.31 -5.94 21.79
N GLU C 409 -3.35 -6.83 21.55
CA GLU C 409 -2.94 -7.75 22.60
C GLU C 409 -2.21 -7.03 23.72
N LEU C 410 -1.42 -6.04 23.41
CA LEU C 410 -0.68 -5.38 24.47
C LEU C 410 -1.40 -4.11 24.89
N PRO C 411 -1.26 -3.71 26.15
CA PRO C 411 -1.83 -2.43 26.59
C PRO C 411 -0.86 -1.28 26.39
N ASN C 412 -1.31 -0.20 25.77
CA ASN C 412 -0.51 0.98 25.56
C ASN C 412 -0.81 2.00 26.64
N TYR C 413 0.24 2.60 27.20
CA TYR C 413 0.10 3.46 28.37
C TYR C 413 0.61 4.86 28.07
N CYS C 414 0.17 5.81 28.88
CA CYS C 414 0.71 7.16 28.91
C CYS C 414 1.18 7.47 30.32
N PHE C 415 2.31 8.16 30.43
CA PHE C 415 2.98 8.38 31.70
C PHE C 415 3.18 9.87 31.94
N PRO C 416 3.30 10.28 33.21
CA PRO C 416 3.47 11.71 33.51
C PRO C 416 4.78 12.23 32.97
N LEU C 417 4.84 13.55 32.82
CA LEU C 417 6.00 14.18 32.21
C LEU C 417 7.25 13.95 33.05
N GLY C 418 7.15 14.07 34.37
CA GLY C 418 8.27 13.83 35.23
C GLY C 418 8.47 12.40 35.65
N GLY C 419 7.66 11.48 35.17
CA GLY C 419 7.74 10.08 35.58
C GLY C 419 6.90 9.75 36.79
N VAL C 420 7.01 10.55 37.84
CA VAL C 420 6.23 10.37 39.06
C VAL C 420 5.69 11.71 39.50
N ILE C 421 4.48 11.71 40.03
CA ILE C 421 3.85 12.95 40.48
C ILE C 421 3.47 12.85 41.96
N ASN C 422 2.99 11.70 42.40
CA ASN C 422 2.55 11.51 43.78
C ASN C 422 3.66 10.83 44.56
N THR C 423 4.55 11.63 45.13
CA THR C 423 5.67 11.14 45.91
C THR C 423 5.70 11.84 47.27
N GLU C 424 6.09 11.09 48.29
CA GLU C 424 6.17 11.61 49.65
C GLU C 424 7.61 11.97 50.00
N THR C 425 7.76 12.64 51.14
CA THR C 425 9.05 13.08 51.63
C THR C 425 9.45 12.26 52.84
N LEU C 426 10.69 11.78 52.85
CA LEU C 426 11.19 10.91 53.90
C LEU C 426 12.56 11.40 54.36
N THR C 427 12.90 11.04 55.60
CA THR C 427 14.19 11.38 56.19
C THR C 427 15.06 10.13 56.24
N LYS C 428 16.36 10.36 56.32
CA LYS C 428 17.35 9.29 56.30
C LYS C 428 17.75 8.92 57.72
N VAL C 429 17.78 7.62 58.00
CA VAL C 429 18.13 7.10 59.31
C VAL C 429 19.22 6.07 59.17
N LYS C 430 19.93 5.83 60.26
CA LYS C 430 21.06 4.92 60.29
C LYS C 430 20.99 4.08 61.56
N PRO C 431 21.60 2.89 61.56
CA PRO C 431 21.64 2.01 62.74
C PRO C 431 22.29 2.67 63.95
N GLY C 438 17.82 -1.09 66.38
CA GLY C 438 18.09 0.28 66.80
C GLY C 438 18.49 1.19 65.66
N TRP C 439 17.76 2.28 65.49
CA TRP C 439 18.00 3.24 64.41
C TRP C 439 18.00 4.65 64.96
N GLU C 440 18.79 5.51 64.32
CA GLU C 440 18.95 6.88 64.76
C GLU C 440 18.87 7.81 63.56
N LYS C 441 18.49 9.06 63.83
CA LYS C 441 18.40 10.06 62.77
C LYS C 441 19.80 10.44 62.27
N ASP C 442 19.83 11.24 61.22
CA ASP C 442 21.08 11.66 60.60
C ASP C 442 21.05 13.15 60.33
N ALA C 443 22.24 13.76 60.33
CA ALA C 443 22.41 15.16 60.05
C ALA C 443 23.69 15.35 59.26
N THR C 444 23.94 16.58 58.83
CA THR C 444 25.11 16.93 58.01
C THR C 444 25.19 16.07 56.76
N GLU C 445 24.04 15.62 56.27
CA GLU C 445 23.94 14.69 55.16
C GLU C 445 22.65 14.98 54.42
N PHE C 446 22.17 13.99 53.66
CA PHE C 446 20.92 14.07 52.91
C PHE C 446 19.85 14.82 53.70
N SER C 447 19.23 15.80 53.05
CA SER C 447 18.30 16.68 53.72
C SER C 447 17.07 15.92 54.22
N ASP C 448 16.28 16.60 55.04
CA ASP C 448 15.05 16.02 55.55
C ASP C 448 14.00 15.85 54.45
N LYS C 449 14.16 16.50 53.31
CA LYS C 449 13.19 16.46 52.22
C LYS C 449 13.78 15.64 51.07
N ASN C 450 13.29 14.41 50.91
CA ASN C 450 13.70 13.53 49.82
C ASN C 450 12.47 12.97 49.14
N GLU C 451 12.41 13.09 47.82
CA GLU C 451 11.24 12.67 47.06
C GLU C 451 11.38 11.19 46.72
N ILE C 452 10.65 10.34 47.44
CA ILE C 452 10.66 8.91 47.23
C ILE C 452 9.24 8.46 46.89
N ARG C 453 9.12 7.64 45.85
CA ARG C 453 7.83 7.10 45.43
C ARG C 453 7.84 5.60 45.64
N VAL C 454 6.83 5.11 46.36
CA VAL C 454 6.71 3.69 46.64
C VAL C 454 5.76 3.07 45.63
N GLY C 455 6.02 1.83 45.26
CA GLY C 455 5.19 1.15 44.30
C GLY C 455 5.38 1.66 42.89
N ASN C 456 4.46 1.26 42.03
CA ASN C 456 4.53 1.63 40.62
C ASN C 456 4.11 3.09 40.43
N ASN C 457 4.43 3.61 39.24
CA ASN C 457 4.12 4.99 38.92
C ASN C 457 2.71 5.12 38.36
N PHE C 458 2.13 6.30 38.55
CA PHE C 458 0.80 6.59 38.02
C PHE C 458 0.82 6.58 36.50
N ALA C 459 -0.19 5.95 35.90
CA ALA C 459 -0.29 5.89 34.45
C ALA C 459 -1.70 5.48 34.06
N MET C 460 -2.08 5.82 32.83
CA MET C 460 -3.34 5.41 32.25
C MET C 460 -3.09 4.86 30.85
N GLU C 461 -4.08 4.14 30.33
CA GLU C 461 -3.89 3.32 29.15
C GLU C 461 -4.93 3.61 28.08
N ILE C 462 -4.57 3.30 26.83
CA ILE C 462 -5.38 3.56 25.65
C ILE C 462 -5.35 2.32 24.77
N ASN C 463 -6.50 1.94 24.23
CA ASN C 463 -6.52 0.99 23.13
C ASN C 463 -6.37 1.75 21.82
N LEU C 464 -5.18 1.70 21.23
CA LEU C 464 -4.86 2.49 20.05
C LEU C 464 -5.52 1.98 18.78
N ASN C 465 -5.36 0.69 18.48
CA ASN C 465 -5.90 0.17 17.23
C ASN C 465 -7.42 0.26 17.21
N ALA C 466 -8.06 0.02 18.35
CA ALA C 466 -9.51 0.16 18.40
C ALA C 466 -9.94 1.60 18.13
N ASN C 467 -9.21 2.57 18.69
CA ASN C 467 -9.56 3.96 18.45
C ASN C 467 -9.37 4.34 16.99
N LEU C 468 -8.28 3.89 16.38
CA LEU C 468 -8.05 4.20 14.98
C LEU C 468 -9.14 3.59 14.09
N TRP C 469 -9.56 2.38 14.42
CA TRP C 469 -10.63 1.74 13.66
C TRP C 469 -11.94 2.52 13.78
N ARG C 470 -12.27 2.98 14.99
CA ARG C 470 -13.50 3.73 15.17
C ARG C 470 -13.48 5.03 14.40
N ASN C 471 -12.36 5.74 14.43
CA ASN C 471 -12.26 7.00 13.70
C ASN C 471 -12.41 6.79 12.21
N PHE C 472 -11.79 5.73 11.68
CA PHE C 472 -11.88 5.45 10.25
C PHE C 472 -13.32 5.16 9.85
N LEU C 473 -14.03 4.37 10.64
CA LEU C 473 -15.38 3.97 10.27
C LEU C 473 -16.34 5.15 10.30
N TYR C 474 -16.30 5.94 11.37
CA TYR C 474 -17.24 7.05 11.50
C TYR C 474 -17.01 8.09 10.42
N SER C 475 -15.75 8.38 10.11
CA SER C 475 -15.46 9.46 9.18
C SER C 475 -15.73 9.07 7.73
N ASN C 476 -15.72 7.77 7.42
CA ASN C 476 -15.85 7.33 6.04
C ASN C 476 -17.18 6.65 5.72
N ILE C 477 -17.95 6.26 6.74
CA ILE C 477 -19.20 5.55 6.48
C ILE C 477 -20.36 6.23 7.19
N ALA C 478 -20.24 6.39 8.51
CA ALA C 478 -21.37 6.87 9.31
C ALA C 478 -21.85 8.24 8.86
N LEU C 479 -20.99 9.04 8.24
CA LEU C 479 -21.39 10.35 7.77
C LEU C 479 -22.04 10.33 6.40
N TYR C 480 -22.13 9.16 5.77
CA TYR C 480 -22.74 9.04 4.44
C TYR C 480 -24.00 8.19 4.46
N LEU C 481 -24.56 7.94 5.63
CA LEU C 481 -25.80 7.20 5.72
C LEU C 481 -26.95 8.01 5.12
N PRO C 482 -28.01 7.34 4.68
CA PRO C 482 -29.17 8.08 4.17
C PRO C 482 -29.75 8.97 5.25
N ASP C 483 -30.26 10.13 4.81
CA ASP C 483 -30.74 11.13 5.77
C ASP C 483 -31.88 10.62 6.63
N LYS C 484 -32.59 9.59 6.19
CA LYS C 484 -33.68 9.05 7.00
C LYS C 484 -33.18 8.44 8.30
N LEU C 485 -31.90 8.04 8.37
CA LEU C 485 -31.36 7.49 9.59
C LEU C 485 -30.83 8.55 10.54
N LYS C 486 -30.43 9.70 10.02
CA LYS C 486 -29.93 10.77 10.87
C LYS C 486 -31.10 11.47 11.56
N TYR C 487 -30.77 12.47 12.38
CA TYR C 487 -31.81 13.26 13.02
C TYR C 487 -31.26 14.66 13.27
N SER C 488 -32.15 15.63 13.29
CA SER C 488 -31.74 17.01 13.45
C SER C 488 -31.18 17.24 14.85
N PRO C 489 -30.18 18.10 15.00
CA PRO C 489 -29.65 18.40 16.33
C PRO C 489 -30.59 19.29 17.13
N SER C 490 -30.16 19.72 18.31
CA SER C 490 -30.99 20.49 19.20
C SER C 490 -30.36 21.84 19.49
N ASN C 491 -31.22 22.85 19.67
CA ASN C 491 -30.84 24.20 20.08
C ASN C 491 -29.96 24.89 19.04
N VAL C 492 -29.95 24.43 17.80
CA VAL C 492 -29.21 25.10 16.74
C VAL C 492 -30.12 25.27 15.53
N LYS C 493 -29.78 26.23 14.69
CA LYS C 493 -30.52 26.45 13.46
C LYS C 493 -29.98 25.58 12.34
N ILE C 494 -30.85 25.21 11.41
CA ILE C 494 -30.48 24.35 10.30
C ILE C 494 -31.39 24.68 9.13
N SER C 495 -30.80 24.73 7.93
CA SER C 495 -31.57 25.07 6.75
C SER C 495 -32.61 24.00 6.44
N ASP C 496 -33.80 24.45 6.02
CA ASP C 496 -34.87 23.52 5.71
C ASP C 496 -34.64 22.80 4.39
N ASN C 497 -33.87 23.39 3.49
CA ASN C 497 -33.64 22.78 2.19
C ASN C 497 -32.75 21.56 2.36
N PRO C 498 -33.22 20.35 2.00
CA PRO C 498 -32.39 19.15 2.19
C PRO C 498 -31.15 19.13 1.32
N ASN C 499 -31.10 19.90 0.23
CA ASN C 499 -29.93 19.90 -0.63
C ASN C 499 -28.88 20.91 -0.22
N THR C 500 -29.18 21.78 0.73
CA THR C 500 -28.23 22.79 1.16
C THR C 500 -27.10 22.14 1.96
N TYR C 501 -25.87 22.60 1.72
CA TYR C 501 -24.73 22.07 2.45
C TYR C 501 -24.88 22.26 3.96
N ASP C 502 -25.52 23.35 4.38
CA ASP C 502 -25.74 23.57 5.80
C ASP C 502 -26.58 22.46 6.40
N TYR C 503 -27.64 22.05 5.71
CA TYR C 503 -28.47 20.95 6.20
C TYR C 503 -27.68 19.66 6.27
N MET C 504 -26.96 19.33 5.20
CA MET C 504 -26.24 18.06 5.14
C MET C 504 -25.03 18.05 6.07
N ASN C 505 -24.63 19.20 6.60
CA ASN C 505 -23.49 19.26 7.49
C ASN C 505 -23.88 19.19 8.96
N LYS C 506 -25.05 19.71 9.32
CA LYS C 506 -25.43 19.80 10.72
C LYS C 506 -26.26 18.63 11.20
N ARG C 507 -26.69 17.74 10.32
CA ARG C 507 -27.38 16.53 10.76
C ARG C 507 -26.41 15.63 11.50
N VAL C 508 -26.86 15.08 12.63
CA VAL C 508 -26.01 14.31 13.51
C VAL C 508 -26.35 12.83 13.38
N VAL C 509 -25.33 11.98 13.43
CA VAL C 509 -25.48 10.54 13.26
C VAL C 509 -24.95 9.87 14.52
N ALA C 510 -25.76 8.99 15.10
CA ALA C 510 -25.33 8.27 16.29
C ALA C 510 -24.23 7.29 15.91
N PRO C 511 -23.07 7.34 16.57
CA PRO C 511 -21.97 6.42 16.20
C PRO C 511 -22.32 4.96 16.40
N GLY C 512 -23.30 4.66 17.25
CA GLY C 512 -23.66 3.27 17.49
C GLY C 512 -24.19 2.55 16.27
N LEU C 513 -24.65 3.28 15.26
CA LEU C 513 -25.15 2.64 14.05
C LEU C 513 -24.04 1.86 13.35
N VAL C 514 -22.84 2.42 13.30
CA VAL C 514 -21.68 1.74 12.74
C VAL C 514 -20.53 1.92 13.71
N ASP C 515 -20.17 0.85 14.41
CA ASP C 515 -19.09 0.93 15.39
C ASP C 515 -18.03 -0.12 15.09
N CYS C 516 -17.06 -0.29 15.98
CA CYS C 516 -15.98 -1.24 15.75
C CYS C 516 -16.42 -2.69 15.86
N TYR C 517 -17.71 -2.96 16.01
CA TYR C 517 -18.21 -4.32 16.15
C TYR C 517 -19.29 -4.67 15.14
N ILE C 518 -19.46 -3.88 14.08
CA ILE C 518 -20.53 -4.12 13.14
C ILE C 518 -20.11 -5.24 12.19
N ASN C 519 -20.91 -6.30 12.15
CA ASN C 519 -20.66 -7.45 11.27
C ASN C 519 -19.24 -7.95 11.43
N LEU C 520 -18.83 -8.14 12.68
CA LEU C 520 -17.44 -8.49 12.97
C LEU C 520 -17.07 -9.82 12.34
N GLY C 521 -15.93 -9.85 11.67
CA GLY C 521 -15.42 -11.06 11.05
C GLY C 521 -16.01 -11.35 9.69
N ALA C 522 -16.90 -10.52 9.18
CA ALA C 522 -17.56 -10.76 7.91
C ALA C 522 -17.18 -9.69 6.90
N ARG C 523 -17.00 -10.11 5.65
CA ARG C 523 -16.73 -9.20 4.54
C ARG C 523 -18.08 -8.89 3.91
N TRP C 524 -18.74 -7.85 4.43
CA TRP C 524 -20.13 -7.61 4.09
C TRP C 524 -20.41 -6.12 4.09
N SER C 525 -20.81 -5.58 2.95
CA SER C 525 -21.20 -4.18 2.87
C SER C 525 -22.56 -3.97 3.54
N LEU C 526 -22.77 -2.76 4.06
CA LEU C 526 -23.98 -2.47 4.80
C LEU C 526 -25.20 -2.49 3.89
N ASP C 527 -26.35 -2.83 4.48
CA ASP C 527 -27.60 -2.88 3.73
C ASP C 527 -28.15 -1.50 3.39
N TYR C 528 -27.59 -0.44 3.97
CA TYR C 528 -27.99 0.92 3.61
C TYR C 528 -27.02 1.58 2.64
N MET C 529 -25.75 1.21 2.69
CA MET C 529 -24.74 1.85 1.86
C MET C 529 -24.83 1.47 0.40
N ASP C 530 -25.52 0.39 0.07
CA ASP C 530 -25.51 -0.13 -1.29
C ASP C 530 -26.48 0.57 -2.22
N ASN C 531 -27.37 1.42 -1.70
CA ASN C 531 -28.30 2.16 -2.53
C ASN C 531 -27.95 3.63 -2.65
N VAL C 532 -26.72 4.01 -2.29
CA VAL C 532 -26.27 5.38 -2.45
C VAL C 532 -25.06 5.38 -3.35
N ASN C 533 -24.81 6.52 -3.97
CA ASN C 533 -23.69 6.65 -4.89
C ASN C 533 -22.39 6.54 -4.12
N PRO C 534 -21.53 5.57 -4.43
CA PRO C 534 -20.25 5.48 -3.72
C PRO C 534 -19.21 6.46 -4.22
N PHE C 535 -19.38 7.01 -5.42
CA PHE C 535 -18.40 7.94 -5.95
C PHE C 535 -18.54 9.33 -5.39
N ASN C 536 -19.67 9.65 -4.76
CA ASN C 536 -19.84 10.92 -4.05
C ASN C 536 -19.26 10.80 -2.64
N HIS C 537 -17.98 10.47 -2.59
CA HIS C 537 -17.28 10.23 -1.35
C HIS C 537 -15.97 10.99 -1.37
N HIS C 538 -15.56 11.50 -0.21
CA HIS C 538 -14.38 12.35 -0.16
C HIS C 538 -13.09 11.59 -0.35
N ARG C 539 -13.13 10.26 -0.44
CA ARG C 539 -11.94 9.47 -0.75
C ARG C 539 -11.83 9.11 -2.22
N ASN C 540 -12.69 9.67 -3.06
CA ASN C 540 -12.59 9.47 -4.50
C ASN C 540 -11.30 10.09 -4.98
N ALA C 541 -10.31 9.26 -5.30
CA ALA C 541 -8.99 9.77 -5.66
C ALA C 541 -9.05 10.64 -6.91
N GLY C 542 -9.84 10.23 -7.90
CA GLY C 542 -9.96 11.03 -9.11
C GLY C 542 -10.54 12.40 -8.82
N LEU C 543 -11.61 12.45 -8.03
CA LEU C 543 -12.20 13.73 -7.68
C LEU C 543 -11.24 14.57 -6.85
N ARG C 544 -10.55 13.95 -5.89
CA ARG C 544 -9.64 14.70 -5.05
C ARG C 544 -8.48 15.25 -5.87
N TYR C 545 -7.94 14.46 -6.79
CA TYR C 545 -6.83 14.92 -7.61
C TYR C 545 -7.24 16.11 -8.47
N ARG C 546 -8.43 16.04 -9.08
CA ARG C 546 -8.88 17.13 -9.93
C ARG C 546 -9.12 18.39 -9.10
N SER C 547 -9.62 18.24 -7.89
CA SER C 547 -9.83 19.41 -7.04
C SER C 547 -8.51 20.08 -6.68
N MET C 548 -7.49 19.28 -6.35
CA MET C 548 -6.20 19.86 -5.99
C MET C 548 -5.50 20.48 -7.18
N LEU C 549 -5.88 20.11 -8.40
CA LEU C 549 -5.26 20.72 -9.58
C LEU C 549 -5.56 22.20 -9.66
N LEU C 550 -6.81 22.60 -9.38
CA LEU C 550 -7.17 24.00 -9.45
C LEU C 550 -6.46 24.81 -8.36
N GLY C 551 -6.34 24.25 -7.17
CA GLY C 551 -5.70 24.92 -6.06
C GLY C 551 -6.43 24.59 -4.78
N ASN C 552 -6.18 25.40 -3.75
CA ASN C 552 -6.80 25.19 -2.45
C ASN C 552 -7.61 26.40 -1.98
N GLY C 553 -7.77 27.41 -2.82
CA GLY C 553 -8.58 28.57 -2.47
C GLY C 553 -9.96 28.49 -3.08
N ARG C 554 -10.80 29.47 -2.73
CA ARG C 554 -12.15 29.53 -3.25
C ARG C 554 -12.27 30.46 -4.45
N TYR C 555 -11.30 31.35 -4.68
CA TYR C 555 -11.27 32.19 -5.86
C TYR C 555 -10.10 31.74 -6.72
N VAL C 556 -10.41 31.01 -7.79
CA VAL C 556 -9.39 30.37 -8.61
C VAL C 556 -9.52 30.87 -10.05
N PRO C 557 -8.54 31.63 -10.56
CA PRO C 557 -8.47 31.88 -12.00
C PRO C 557 -7.91 30.66 -12.70
N PHE C 558 -8.67 30.13 -13.66
CA PHE C 558 -8.34 28.87 -14.30
C PHE C 558 -8.00 29.06 -15.77
N HIS C 559 -7.32 28.07 -16.34
CA HIS C 559 -6.95 28.08 -17.75
C HIS C 559 -6.80 26.64 -18.19
N ILE C 560 -7.78 26.15 -18.96
CA ILE C 560 -7.88 24.73 -19.27
C ILE C 560 -7.92 24.53 -20.78
N GLN C 561 -7.80 23.27 -21.19
CA GLN C 561 -7.89 22.87 -22.59
C GLN C 561 -8.96 21.80 -22.71
N VAL C 562 -9.86 21.97 -23.68
CA VAL C 562 -10.99 21.06 -23.83
C VAL C 562 -10.90 20.33 -25.17
N PRO C 563 -11.00 19.01 -25.18
CA PRO C 563 -10.94 18.26 -26.43
C PRO C 563 -12.31 18.17 -27.09
N GLN C 564 -12.31 17.68 -28.33
CA GLN C 564 -13.52 17.46 -29.09
C GLN C 564 -13.92 15.99 -28.97
N LYS C 565 -15.18 15.75 -28.62
CA LYS C 565 -15.63 14.40 -28.30
C LYS C 565 -16.61 13.81 -29.31
N PHE C 566 -17.14 14.61 -30.23
CA PHE C 566 -18.09 14.08 -31.20
C PHE C 566 -17.40 13.06 -32.10
N PHE C 567 -18.01 11.88 -32.23
CA PHE C 567 -17.34 10.78 -32.91
C PHE C 567 -17.13 11.07 -34.38
N ALA C 568 -17.96 11.92 -34.98
CA ALA C 568 -17.90 12.14 -36.41
C ALA C 568 -16.78 13.07 -36.83
N ILE C 569 -16.17 13.81 -35.90
CA ILE C 569 -15.15 14.78 -36.27
C ILE C 569 -13.90 14.61 -35.41
N LYS C 570 -14.00 13.81 -34.35
CA LYS C 570 -12.87 13.71 -33.43
C LYS C 570 -11.65 13.06 -34.06
N ASN C 571 -11.80 12.42 -35.22
CA ASN C 571 -10.67 11.86 -35.94
C ASN C 571 -10.66 12.30 -37.40
N LEU C 572 -11.45 13.32 -37.75
CA LEU C 572 -11.54 13.76 -39.13
C LEU C 572 -10.22 14.34 -39.59
N LEU C 573 -9.83 13.99 -40.81
CA LEU C 573 -8.62 14.51 -41.43
C LEU C 573 -9.04 15.52 -42.50
N LEU C 574 -8.83 16.80 -42.23
CA LEU C 574 -9.32 17.83 -43.13
C LEU C 574 -8.38 18.01 -44.32
N LEU C 575 -8.79 18.88 -45.22
CA LEU C 575 -8.10 19.18 -46.46
C LEU C 575 -8.05 20.69 -46.62
N PRO C 576 -7.20 21.19 -47.53
CA PRO C 576 -7.09 22.65 -47.69
C PRO C 576 -8.43 23.29 -47.98
N GLY C 577 -8.64 24.45 -47.39
CA GLY C 577 -9.90 25.16 -47.51
C GLY C 577 -10.17 25.95 -46.24
N SER C 578 -11.28 26.67 -46.26
CA SER C 578 -11.73 27.45 -45.12
C SER C 578 -13.06 26.92 -44.62
N TYR C 579 -13.18 26.75 -43.31
CA TYR C 579 -14.37 26.18 -42.71
C TYR C 579 -14.81 27.03 -41.54
N THR C 580 -16.11 26.98 -41.25
CA THR C 580 -16.69 27.68 -40.11
C THR C 580 -16.88 26.68 -38.98
N TYR C 581 -16.24 26.94 -37.85
CA TYR C 581 -16.28 26.07 -36.68
C TYR C 581 -16.94 26.85 -35.55
N GLU C 582 -18.13 26.40 -35.14
CA GLU C 582 -18.92 27.10 -34.13
C GLU C 582 -19.54 26.08 -33.19
N TRP C 583 -19.56 26.42 -31.91
CA TRP C 583 -20.11 25.52 -30.91
C TRP C 583 -20.70 26.34 -29.76
N ASN C 584 -21.33 25.63 -28.83
CA ASN C 584 -21.94 26.24 -27.66
C ASN C 584 -21.34 25.64 -26.39
N PHE C 585 -21.37 26.39 -25.31
CA PHE C 585 -20.81 25.96 -24.05
C PHE C 585 -21.77 26.29 -22.92
N ARG C 586 -21.79 25.44 -21.90
CA ARG C 586 -22.70 25.61 -20.78
C ARG C 586 -22.15 26.64 -19.80
N LYS C 587 -23.04 27.11 -18.91
CA LYS C 587 -22.66 27.99 -17.82
C LYS C 587 -23.24 27.57 -16.48
N ASP C 588 -24.14 26.60 -16.45
CA ASP C 588 -24.74 26.17 -15.19
C ASP C 588 -23.69 25.50 -14.32
N VAL C 589 -23.47 26.03 -13.12
CA VAL C 589 -22.47 25.46 -12.23
C VAL C 589 -22.87 24.07 -11.79
N ASN C 590 -24.16 23.77 -11.73
CA ASN C 590 -24.60 22.47 -11.28
C ASN C 590 -24.20 21.36 -12.25
N MET C 591 -23.89 21.71 -13.49
CA MET C 591 -23.50 20.72 -14.50
C MET C 591 -22.00 20.71 -14.75
N VAL C 592 -21.40 21.88 -14.98
CA VAL C 592 -19.98 21.92 -15.32
C VAL C 592 -19.12 21.55 -14.11
N LEU C 593 -19.58 21.87 -12.90
CA LEU C 593 -18.83 21.56 -11.70
C LEU C 593 -19.31 20.26 -11.08
N GLN C 594 -18.54 19.74 -10.15
CA GLN C 594 -18.88 18.51 -9.47
C GLN C 594 -18.41 18.58 -8.02
N SER C 595 -19.30 18.29 -7.09
CA SER C 595 -18.99 18.31 -5.68
C SER C 595 -18.85 16.89 -5.16
N SER C 596 -18.26 16.77 -3.98
CA SER C 596 -18.11 15.48 -3.33
C SER C 596 -19.32 15.09 -2.51
N LEU C 597 -20.28 16.00 -2.32
CA LEU C 597 -21.48 15.71 -1.56
C LEU C 597 -22.76 15.87 -2.36
N GLY C 598 -22.70 16.44 -3.56
CA GLY C 598 -23.89 16.58 -4.38
C GLY C 598 -24.83 17.69 -3.95
N ASN C 599 -24.40 18.56 -3.06
CA ASN C 599 -25.25 19.67 -2.64
C ASN C 599 -25.47 20.63 -3.81
N ASP C 600 -26.62 21.29 -3.80
CA ASP C 600 -26.95 22.23 -4.85
C ASP C 600 -25.98 23.40 -4.83
N LEU C 601 -25.38 23.68 -5.99
CA LEU C 601 -24.42 24.78 -6.10
C LEU C 601 -25.05 26.07 -6.57
N ARG C 602 -26.23 26.01 -7.19
CA ARG C 602 -26.92 27.23 -7.57
C ARG C 602 -27.32 28.04 -6.34
N VAL C 603 -27.59 27.36 -5.23
CA VAL C 603 -27.98 28.03 -4.00
C VAL C 603 -26.79 28.35 -3.10
N ASP C 604 -25.67 27.68 -3.28
CA ASP C 604 -24.50 27.88 -2.44
C ASP C 604 -23.57 28.97 -2.94
N GLY C 605 -23.96 29.68 -4.00
CA GLY C 605 -23.21 30.84 -4.42
C GLY C 605 -22.03 30.59 -5.31
N ALA C 606 -21.81 29.34 -5.74
CA ALA C 606 -20.74 29.08 -6.69
C ALA C 606 -21.04 29.76 -8.01
N SER C 607 -20.00 30.30 -8.64
CA SER C 607 -20.17 31.02 -9.89
C SER C 607 -18.95 30.82 -10.76
N ILE C 608 -19.13 31.03 -12.06
CA ILE C 608 -18.07 30.84 -13.04
C ILE C 608 -18.30 31.82 -14.18
N LYS C 609 -17.21 32.37 -14.72
CA LYS C 609 -17.28 33.33 -15.80
C LYS C 609 -16.12 33.11 -16.74
N PHE C 610 -16.41 32.99 -18.03
CA PHE C 610 -15.38 32.78 -19.05
C PHE C 610 -15.02 34.12 -19.69
N ASP C 611 -13.72 34.38 -19.81
CA ASP C 611 -13.23 35.63 -20.39
C ASP C 611 -12.82 35.46 -21.85
N SER C 612 -11.89 34.57 -22.13
CA SER C 612 -11.35 34.42 -23.47
C SER C 612 -11.42 32.96 -23.89
N ILE C 613 -11.65 32.75 -25.18
CA ILE C 613 -11.69 31.41 -25.78
C ILE C 613 -10.89 31.46 -27.07
N CYS C 614 -9.99 30.50 -27.25
CA CYS C 614 -9.18 30.42 -28.46
C CYS C 614 -9.09 28.97 -28.89
N LEU C 615 -8.83 28.78 -30.18
CA LEU C 615 -8.76 27.46 -30.79
C LEU C 615 -7.33 27.22 -31.25
N TYR C 616 -6.77 26.07 -30.87
CA TYR C 616 -5.41 25.69 -31.22
C TYR C 616 -5.43 24.48 -32.13
N ALA C 617 -4.50 24.46 -33.08
CA ALA C 617 -4.38 23.34 -34.01
C ALA C 617 -2.94 23.24 -34.47
N THR C 618 -2.43 22.01 -34.56
CA THR C 618 -1.05 21.75 -34.97
C THR C 618 -1.03 21.03 -36.30
N PHE C 619 -0.21 21.54 -37.22
CA PHE C 619 -0.07 20.95 -38.55
C PHE C 619 1.24 20.20 -38.63
N PHE C 620 1.23 19.08 -39.35
CA PHE C 620 2.45 18.30 -39.53
C PHE C 620 3.32 18.96 -40.60
N PRO C 621 4.55 19.33 -40.29
CA PRO C 621 5.39 20.00 -41.29
C PRO C 621 5.84 19.02 -42.35
N MET C 622 4.98 18.73 -43.31
CA MET C 622 5.19 17.64 -44.25
C MET C 622 5.26 18.18 -45.66
N ALA C 623 6.04 17.50 -46.49
CA ALA C 623 6.51 18.07 -47.75
C ALA C 623 5.35 18.47 -48.66
N HIS C 624 5.51 19.62 -49.31
CA HIS C 624 4.42 20.19 -50.10
C HIS C 624 4.05 19.29 -51.27
N ASN C 625 5.05 18.75 -51.97
CA ASN C 625 4.77 17.97 -53.17
C ASN C 625 3.94 16.73 -52.85
N THR C 626 4.31 16.01 -51.79
CA THR C 626 3.56 14.83 -51.42
C THR C 626 2.26 15.19 -50.71
N ALA C 627 2.16 16.40 -50.16
CA ALA C 627 0.89 16.86 -49.62
C ALA C 627 -0.14 17.03 -50.72
N SER C 628 0.26 17.59 -51.86
CA SER C 628 -0.66 17.73 -52.97
C SER C 628 -1.12 16.37 -53.47
N THR C 629 -0.21 15.40 -53.57
CA THR C 629 -0.60 14.06 -53.98
C THR C 629 -1.55 13.44 -52.97
N LEU C 630 -1.27 13.59 -51.68
CA LEU C 630 -2.12 12.99 -50.66
C LEU C 630 -3.51 13.60 -50.67
N GLU C 631 -3.61 14.93 -50.74
CA GLU C 631 -4.92 15.56 -50.70
C GLU C 631 -5.70 15.29 -51.98
N ALA C 632 -5.02 15.25 -53.13
CA ALA C 632 -5.72 14.92 -54.36
C ALA C 632 -6.22 13.48 -54.34
N MET C 633 -5.42 12.57 -53.77
CA MET C 633 -5.82 11.17 -53.71
C MET C 633 -6.96 10.96 -52.72
N LEU C 634 -7.02 11.78 -51.67
CA LEU C 634 -8.10 11.69 -50.70
C LEU C 634 -9.40 12.30 -51.20
N ARG C 635 -9.37 13.07 -52.27
CA ARG C 635 -10.58 13.68 -52.81
C ARG C 635 -11.33 12.76 -53.75
N ASN C 636 -11.07 11.46 -53.69
CA ASN C 636 -11.79 10.49 -54.50
C ASN C 636 -12.92 9.88 -53.69
N ASP C 637 -14.07 9.71 -54.34
CA ASP C 637 -15.24 9.17 -53.65
C ASP C 637 -15.00 7.76 -53.15
N THR C 638 -14.08 7.03 -53.77
CA THR C 638 -13.79 5.68 -53.32
C THR C 638 -12.97 5.66 -52.03
N ASN C 639 -12.29 6.76 -51.70
CA ASN C 639 -11.44 6.83 -50.52
C ASN C 639 -12.05 7.68 -49.43
N ASP C 640 -13.38 7.76 -49.39
CA ASP C 640 -14.04 8.57 -48.37
C ASP C 640 -13.76 8.00 -46.98
N GLN C 641 -13.47 8.88 -46.04
CA GLN C 641 -13.26 8.47 -44.67
C GLN C 641 -14.59 8.07 -44.03
N SER C 642 -14.51 7.18 -43.06
CA SER C 642 -15.69 6.71 -42.36
C SER C 642 -15.35 6.44 -40.90
N PHE C 643 -16.31 6.74 -40.02
CA PHE C 643 -16.14 6.54 -38.59
C PHE C 643 -17.42 5.97 -38.02
N ASN C 644 -17.30 5.30 -36.88
CA ASN C 644 -18.45 4.76 -36.18
C ASN C 644 -18.31 5.05 -34.70
N ASP C 645 -19.45 5.26 -34.04
CA ASP C 645 -19.46 5.47 -32.61
C ASP C 645 -19.03 4.19 -31.89
N TYR C 646 -18.23 4.36 -30.83
CA TYR C 646 -17.76 3.19 -30.09
C TYR C 646 -18.92 2.51 -29.37
N LEU C 647 -19.71 3.28 -28.62
CA LEU C 647 -20.87 2.71 -27.96
C LEU C 647 -21.92 2.26 -28.97
N SER C 648 -22.28 3.14 -29.89
CA SER C 648 -23.20 2.84 -30.98
C SER C 648 -24.51 2.24 -30.45
N ALA C 649 -25.24 3.05 -29.70
CA ALA C 649 -26.49 2.60 -29.09
C ALA C 649 -27.51 3.72 -29.06
N ALA C 650 -28.78 3.35 -29.14
CA ALA C 650 -29.88 4.28 -28.95
C ALA C 650 -30.34 4.20 -27.50
N ASN C 651 -30.43 5.35 -26.84
CA ASN C 651 -30.68 5.41 -25.41
C ASN C 651 -32.13 5.77 -25.13
N MET C 652 -32.83 4.87 -24.45
CA MET C 652 -34.20 5.09 -24.02
C MET C 652 -34.22 5.12 -22.50
N LEU C 653 -34.94 6.08 -21.92
CA LEU C 653 -35.11 6.17 -20.48
C LEU C 653 -36.58 5.93 -20.13
N TYR C 654 -36.82 5.05 -19.18
CA TYR C 654 -38.17 4.69 -18.80
C TYR C 654 -38.38 4.94 -17.31
N PRO C 655 -39.41 5.69 -16.94
CA PRO C 655 -39.62 6.01 -15.53
C PRO C 655 -40.01 4.77 -14.72
N ILE C 656 -39.62 4.79 -13.46
CA ILE C 656 -40.00 3.75 -12.50
C ILE C 656 -40.55 4.43 -11.26
N PRO C 657 -41.83 4.25 -10.94
CA PRO C 657 -42.39 4.89 -9.74
C PRO C 657 -41.74 4.36 -8.48
N ALA C 658 -41.75 5.20 -7.45
CA ALA C 658 -41.18 4.83 -6.17
C ALA C 658 -41.93 3.62 -5.60
N ASN C 659 -41.17 2.69 -5.02
CA ASN C 659 -41.65 1.45 -4.41
C ASN C 659 -42.27 0.49 -5.41
N ALA C 660 -42.28 0.82 -6.71
CA ALA C 660 -42.75 -0.12 -7.70
C ALA C 660 -41.69 -1.19 -7.97
N THR C 661 -42.16 -2.37 -8.36
CA THR C 661 -41.28 -3.49 -8.60
C THR C 661 -41.29 -3.97 -10.04
N ASN C 662 -42.45 -3.98 -10.69
CA ASN C 662 -42.60 -4.46 -12.05
C ASN C 662 -42.74 -3.28 -12.99
N VAL C 663 -41.92 -3.25 -14.04
CA VAL C 663 -41.97 -2.18 -15.02
C VAL C 663 -41.95 -2.76 -16.43
N PRO C 664 -43.07 -2.73 -17.14
CA PRO C 664 -43.07 -3.21 -18.53
C PRO C 664 -42.83 -2.08 -19.51
N ILE C 665 -42.11 -2.36 -20.58
CA ILE C 665 -41.90 -1.40 -21.66
C ILE C 665 -42.24 -2.08 -22.97
N SER C 666 -42.60 -1.27 -23.97
CA SER C 666 -43.01 -1.79 -25.26
C SER C 666 -42.44 -0.92 -26.36
N ILE C 667 -42.12 -1.53 -27.49
CA ILE C 667 -41.62 -0.84 -28.67
C ILE C 667 -42.54 -1.22 -29.83
N PRO C 668 -43.08 -0.25 -30.58
CA PRO C 668 -43.98 -0.58 -31.68
C PRO C 668 -43.26 -1.36 -32.77
N SER C 669 -44.06 -1.92 -33.68
CA SER C 669 -43.51 -2.78 -34.71
C SER C 669 -42.52 -2.03 -35.59
N ARG C 670 -41.38 -2.65 -35.84
CA ARG C 670 -40.33 -2.03 -36.65
C ARG C 670 -39.41 -3.14 -37.14
N ASN C 671 -38.61 -2.80 -38.14
CA ASN C 671 -37.62 -3.74 -38.64
C ASN C 671 -36.48 -3.88 -37.64
N TRP C 672 -35.99 -5.12 -37.48
CA TRP C 672 -34.95 -5.42 -36.50
C TRP C 672 -33.68 -5.92 -37.15
N ALA C 673 -33.46 -5.64 -38.42
CA ALA C 673 -32.25 -6.09 -39.08
C ALA C 673 -31.02 -5.44 -38.47
N ALA C 674 -29.93 -6.21 -38.40
CA ALA C 674 -28.64 -5.75 -37.90
C ALA C 674 -28.68 -5.33 -36.44
N PHE C 675 -29.70 -5.76 -35.70
CA PHE C 675 -29.72 -5.52 -34.27
C PHE C 675 -28.62 -6.31 -33.58
N ARG C 676 -28.10 -5.76 -32.49
CA ARG C 676 -26.96 -6.36 -31.81
C ARG C 676 -27.25 -6.86 -30.41
N GLY C 677 -28.23 -6.30 -29.72
CA GLY C 677 -28.61 -6.80 -28.41
C GLY C 677 -28.95 -5.66 -27.48
N TRP C 678 -29.05 -6.00 -26.20
CA TRP C 678 -29.43 -5.04 -25.18
C TRP C 678 -28.30 -4.85 -24.18
N ALA C 679 -28.33 -3.71 -23.49
CA ALA C 679 -27.44 -3.43 -22.38
C ALA C 679 -28.14 -2.40 -21.50
N PHE C 680 -28.47 -2.79 -20.27
CA PHE C 680 -29.34 -1.98 -19.45
C PHE C 680 -28.76 -1.79 -18.05
N THR C 681 -29.27 -0.78 -17.36
CA THR C 681 -28.93 -0.50 -15.98
C THR C 681 -30.03 0.36 -15.39
N ARG C 682 -29.79 0.84 -14.18
CA ARG C 682 -30.79 1.60 -13.42
C ARG C 682 -30.18 2.88 -12.88
N LEU C 683 -30.94 3.98 -12.99
CA LEU C 683 -30.49 5.28 -12.54
C LEU C 683 -31.56 5.95 -11.69
N LYS C 684 -31.14 6.95 -10.92
CA LYS C 684 -32.05 7.74 -10.09
C LYS C 684 -32.44 8.99 -10.85
N THR C 685 -33.74 9.29 -10.88
CA THR C 685 -34.19 10.51 -11.53
C THR C 685 -33.68 11.76 -10.84
N LYS C 686 -33.34 11.66 -9.55
CA LYS C 686 -32.77 12.80 -8.85
C LYS C 686 -31.39 13.15 -9.39
N GLU C 687 -30.62 12.16 -9.82
CA GLU C 687 -29.26 12.35 -10.29
C GLU C 687 -29.16 12.28 -11.81
N THR C 688 -30.15 12.81 -12.53
CA THR C 688 -30.09 12.76 -13.97
C THR C 688 -30.75 14.01 -14.54
N PRO C 689 -30.06 14.77 -15.37
CA PRO C 689 -30.64 15.97 -15.95
C PRO C 689 -31.56 15.62 -17.11
N SER C 690 -32.42 16.58 -17.46
CA SER C 690 -33.32 16.41 -18.58
C SER C 690 -32.54 16.35 -19.88
N LEU C 691 -33.08 15.62 -20.85
CA LEU C 691 -32.40 15.40 -22.12
C LEU C 691 -32.67 16.55 -23.08
N GLY C 692 -31.60 17.20 -23.53
CA GLY C 692 -31.70 18.22 -24.55
C GLY C 692 -32.15 19.59 -24.09
N SER C 693 -32.55 19.73 -22.83
CA SER C 693 -32.97 21.04 -22.34
C SER C 693 -31.77 21.97 -22.25
N GLY C 694 -31.97 23.21 -22.70
CA GLY C 694 -30.92 24.20 -22.59
C GLY C 694 -30.55 24.51 -21.14
N TYR C 695 -31.57 24.63 -20.29
CA TYR C 695 -31.35 24.89 -18.88
C TYR C 695 -32.46 24.22 -18.08
N ASP C 696 -32.07 23.49 -17.04
CA ASP C 696 -33.05 22.79 -16.22
C ASP C 696 -33.23 23.55 -14.92
N PRO C 697 -34.39 24.17 -14.69
CA PRO C 697 -34.59 24.92 -13.44
C PRO C 697 -34.85 24.03 -12.24
N TYR C 698 -35.05 22.72 -12.42
CA TYR C 698 -35.35 21.81 -11.34
C TYR C 698 -34.24 20.82 -11.08
N TYR C 699 -33.09 20.98 -11.73
CA TYR C 699 -31.95 20.09 -11.52
C TYR C 699 -31.09 20.65 -10.39
N THR C 700 -31.15 20.01 -9.23
CA THR C 700 -30.51 20.51 -8.02
C THR C 700 -29.62 19.45 -7.41
N TYR C 701 -28.76 18.84 -8.23
CA TYR C 701 -27.83 17.83 -7.75
C TYR C 701 -26.51 17.99 -8.49
N SER C 702 -25.44 18.23 -7.73
CA SER C 702 -24.14 18.54 -8.31
C SER C 702 -23.12 17.42 -8.10
N GLY C 703 -23.57 16.23 -7.77
CA GLY C 703 -22.68 15.10 -7.59
C GLY C 703 -22.32 14.47 -8.93
N SER C 704 -21.80 13.25 -8.85
CA SER C 704 -21.47 12.51 -10.06
C SER C 704 -22.74 12.11 -10.80
N ILE C 705 -22.66 12.13 -12.13
CA ILE C 705 -23.80 11.80 -12.97
C ILE C 705 -23.52 10.50 -13.70
N PRO C 706 -24.07 9.37 -13.26
CA PRO C 706 -23.79 8.10 -13.94
C PRO C 706 -24.19 8.10 -15.39
N TYR C 707 -25.24 8.84 -15.76
CA TYR C 707 -25.68 8.86 -17.14
C TYR C 707 -24.62 9.41 -18.09
N LEU C 708 -23.69 10.23 -17.58
CA LEU C 708 -22.66 10.81 -18.42
C LEU C 708 -21.32 10.10 -18.24
N ASP C 709 -20.83 10.01 -17.01
CA ASP C 709 -19.48 9.51 -16.76
C ASP C 709 -19.43 8.00 -16.63
N GLY C 710 -20.56 7.31 -16.71
CA GLY C 710 -20.55 5.86 -16.67
C GLY C 710 -20.11 5.25 -15.35
N THR C 711 -20.60 5.78 -14.24
CA THR C 711 -20.32 5.21 -12.92
C THR C 711 -21.65 4.67 -12.38
N PHE C 712 -21.95 3.42 -12.74
CA PHE C 712 -23.22 2.80 -12.37
C PHE C 712 -23.05 1.99 -11.09
N TYR C 713 -24.06 2.07 -10.23
CA TYR C 713 -23.98 1.41 -8.92
C TYR C 713 -25.29 0.75 -8.51
N LEU C 714 -26.21 0.50 -9.44
CA LEU C 714 -27.50 -0.08 -9.11
C LEU C 714 -27.78 -1.36 -9.89
N ASN C 715 -26.76 -1.96 -10.49
CA ASN C 715 -26.98 -3.18 -11.26
C ASN C 715 -27.39 -4.35 -10.39
N HIS C 716 -27.10 -4.30 -9.10
CA HIS C 716 -27.43 -5.39 -8.19
C HIS C 716 -28.87 -5.37 -7.74
N THR C 717 -29.75 -4.64 -8.43
CA THR C 717 -31.15 -4.51 -8.05
C THR C 717 -32.06 -4.98 -9.17
N PHE C 718 -31.72 -6.12 -9.79
CA PHE C 718 -32.54 -6.72 -10.82
C PHE C 718 -32.82 -8.17 -10.45
N LYS C 719 -34.02 -8.64 -10.78
CA LYS C 719 -34.38 -10.03 -10.51
C LYS C 719 -34.67 -10.80 -11.78
N LYS C 720 -35.59 -10.34 -12.61
CA LYS C 720 -36.00 -11.10 -13.78
C LYS C 720 -36.10 -10.18 -14.99
N VAL C 721 -35.85 -10.74 -16.17
CA VAL C 721 -36.06 -10.04 -17.43
C VAL C 721 -36.77 -11.01 -18.37
N ALA C 722 -37.91 -10.58 -18.91
CA ALA C 722 -38.67 -11.38 -19.86
C ALA C 722 -38.73 -10.64 -21.19
N ILE C 723 -38.36 -11.31 -22.26
CA ILE C 723 -38.32 -10.72 -23.59
C ILE C 723 -39.16 -11.57 -24.52
N THR C 724 -40.01 -10.93 -25.31
CA THR C 724 -40.84 -11.64 -26.26
C THR C 724 -41.16 -10.74 -27.44
N PHE C 725 -41.24 -11.35 -28.62
CA PHE C 725 -41.61 -10.65 -29.85
C PHE C 725 -43.07 -10.92 -30.18
N ASP C 726 -43.74 -9.91 -30.73
CA ASP C 726 -45.13 -10.00 -31.15
C ASP C 726 -46.05 -10.41 -30.00
N SER C 727 -45.57 -10.29 -28.77
CA SER C 727 -46.32 -10.62 -27.55
C SER C 727 -46.78 -12.07 -27.50
N SER C 728 -46.24 -12.93 -28.36
CA SER C 728 -46.67 -14.33 -28.38
C SER C 728 -45.54 -15.34 -28.42
N VAL C 729 -44.35 -14.99 -28.91
CA VAL C 729 -43.22 -15.91 -29.00
C VAL C 729 -42.10 -15.37 -28.12
N SER C 730 -41.63 -16.19 -27.20
CA SER C 730 -40.61 -15.78 -26.25
C SER C 730 -39.22 -15.93 -26.84
N TRP C 731 -38.29 -15.12 -26.35
CA TRP C 731 -36.91 -15.15 -26.76
C TRP C 731 -36.01 -15.38 -25.56
N PRO C 732 -34.94 -16.17 -25.70
CA PRO C 732 -34.50 -16.88 -26.91
C PRO C 732 -35.29 -18.16 -27.14
N GLY C 733 -36.04 -18.61 -26.15
CA GLY C 733 -36.82 -19.81 -26.33
C GLY C 733 -35.91 -21.02 -26.51
N ASN C 734 -36.48 -22.05 -27.16
CA ASN C 734 -35.75 -23.29 -27.45
C ASN C 734 -35.15 -23.91 -26.20
N ASP C 735 -35.79 -23.67 -25.05
CA ASP C 735 -35.34 -24.12 -23.73
C ASP C 735 -33.83 -24.01 -23.57
N ARG C 736 -33.26 -22.89 -24.03
CA ARG C 736 -31.82 -22.70 -23.90
C ARG C 736 -31.40 -22.62 -22.44
N LEU C 737 -32.16 -21.91 -21.62
CA LEU C 737 -31.85 -21.73 -20.22
C LEU C 737 -32.63 -22.71 -19.36
N LEU C 738 -32.30 -22.74 -18.07
CA LEU C 738 -33.06 -23.56 -17.13
C LEU C 738 -34.51 -23.10 -17.05
N THR C 739 -34.73 -21.80 -16.97
CA THR C 739 -36.07 -21.25 -17.06
C THR C 739 -36.35 -20.95 -18.52
N PRO C 740 -37.28 -21.63 -19.17
CA PRO C 740 -37.40 -21.52 -20.62
C PRO C 740 -38.19 -20.31 -21.09
N ASN C 741 -38.41 -19.34 -20.20
CA ASN C 741 -39.24 -18.21 -20.58
C ASN C 741 -38.59 -16.87 -20.27
N GLU C 742 -37.71 -16.82 -19.28
CA GLU C 742 -37.17 -15.55 -18.85
C GLU C 742 -35.76 -15.73 -18.29
N PHE C 743 -35.02 -14.63 -18.25
CA PHE C 743 -33.71 -14.60 -17.62
C PHE C 743 -33.89 -14.28 -16.15
N GLU C 744 -33.47 -15.19 -15.28
CA GLU C 744 -33.55 -14.99 -13.84
C GLU C 744 -32.18 -14.53 -13.35
N ILE C 745 -32.08 -13.25 -13.00
CA ILE C 745 -30.80 -12.71 -12.56
C ILE C 745 -30.40 -13.30 -11.22
N LYS C 746 -31.32 -13.31 -10.27
CA LYS C 746 -31.01 -13.79 -8.94
C LYS C 746 -32.27 -14.32 -8.27
N ARG C 747 -32.07 -15.24 -7.33
CA ARG C 747 -33.17 -15.83 -6.57
C ARG C 747 -32.85 -15.78 -5.09
N SER C 748 -33.89 -15.98 -4.29
CA SER C 748 -33.72 -16.04 -2.84
C SER C 748 -33.21 -17.43 -2.45
N VAL C 749 -33.23 -17.73 -1.16
CA VAL C 749 -32.69 -19.00 -0.67
C VAL C 749 -33.51 -20.17 -1.19
N ASP C 750 -34.76 -19.92 -1.61
CA ASP C 750 -35.63 -20.99 -2.07
C ASP C 750 -35.03 -21.72 -3.27
N GLY C 751 -34.50 -20.98 -4.24
CA GLY C 751 -33.95 -21.57 -5.42
C GLY C 751 -32.45 -21.77 -5.36
N GLU C 752 -31.95 -22.21 -4.20
CA GLU C 752 -30.51 -22.40 -4.03
C GLU C 752 -29.96 -23.45 -4.99
N GLY C 753 -30.81 -24.36 -5.49
CA GLY C 753 -30.36 -25.37 -6.42
C GLY C 753 -29.81 -24.80 -7.72
N TYR C 754 -30.07 -23.53 -8.00
CA TYR C 754 -29.57 -22.90 -9.22
C TYR C 754 -28.60 -21.76 -8.97
N ASN C 755 -28.22 -21.51 -7.72
CA ASN C 755 -27.25 -20.46 -7.43
C ASN C 755 -25.87 -20.89 -7.88
N VAL C 756 -24.91 -19.97 -7.80
CA VAL C 756 -23.55 -20.22 -8.25
C VAL C 756 -22.63 -19.22 -7.58
N ALA C 757 -21.33 -19.56 -7.52
CA ALA C 757 -20.29 -18.66 -7.02
C ALA C 757 -20.56 -18.21 -5.59
N GLN C 758 -21.21 -19.07 -4.81
CA GLN C 758 -21.53 -18.77 -3.42
C GLN C 758 -22.29 -17.46 -3.27
N CYS C 759 -23.23 -17.21 -4.19
CA CYS C 759 -24.09 -16.04 -4.14
C CYS C 759 -25.53 -16.40 -4.43
N ASN C 760 -26.35 -15.38 -4.67
CA ASN C 760 -27.73 -15.58 -5.08
C ASN C 760 -27.91 -15.42 -6.58
N MET C 761 -26.84 -15.18 -7.33
CA MET C 761 -26.93 -15.07 -8.78
C MET C 761 -27.03 -16.45 -9.40
N THR C 762 -27.99 -16.63 -10.29
CA THR C 762 -28.25 -17.94 -10.88
C THR C 762 -27.14 -18.33 -11.85
N LYS C 763 -27.05 -19.63 -12.11
CA LYS C 763 -25.98 -20.15 -12.96
C LYS C 763 -26.10 -19.63 -14.39
N ASP C 764 -27.31 -19.65 -14.95
CA ASP C 764 -27.47 -19.28 -16.35
C ASP C 764 -27.11 -17.83 -16.59
N TRP C 765 -27.50 -16.94 -15.67
CA TRP C 765 -27.14 -15.53 -15.83
C TRP C 765 -25.62 -15.35 -15.75
N PHE C 766 -24.97 -16.05 -14.82
CA PHE C 766 -23.53 -15.97 -14.73
C PHE C 766 -22.86 -16.45 -16.01
N LEU C 767 -23.36 -17.56 -16.57
CA LEU C 767 -22.82 -18.06 -17.82
C LEU C 767 -23.00 -17.06 -18.95
N VAL C 768 -24.17 -16.43 -19.01
CA VAL C 768 -24.44 -15.47 -20.08
C VAL C 768 -23.49 -14.29 -20.00
N GLN C 769 -23.29 -13.75 -18.79
CA GLN C 769 -22.40 -12.60 -18.65
C GLN C 769 -20.98 -12.95 -19.05
N MET C 770 -20.50 -14.12 -18.65
CA MET C 770 -19.14 -14.52 -19.02
C MET C 770 -19.00 -14.69 -20.52
N LEU C 771 -20.01 -15.28 -21.16
CA LEU C 771 -19.97 -15.42 -22.61
C LEU C 771 -20.00 -14.08 -23.31
N ALA C 772 -20.82 -13.15 -22.81
CA ALA C 772 -20.97 -11.87 -23.47
C ALA C 772 -19.70 -11.03 -23.39
N ASN C 773 -18.90 -11.21 -22.34
CA ASN C 773 -17.75 -10.35 -22.14
C ASN C 773 -16.45 -10.96 -22.67
N TYR C 774 -16.21 -12.24 -22.40
CA TYR C 774 -14.93 -12.85 -22.75
C TYR C 774 -15.06 -14.18 -23.49
N ASN C 775 -16.28 -14.58 -23.86
CA ASN C 775 -16.51 -15.87 -24.52
C ASN C 775 -15.95 -17.02 -23.70
N ILE C 776 -16.22 -17.00 -22.40
CA ILE C 776 -15.73 -18.02 -21.48
C ILE C 776 -16.94 -18.75 -20.90
N GLY C 777 -16.86 -20.07 -20.87
CA GLY C 777 -17.92 -20.85 -20.25
C GLY C 777 -18.24 -22.15 -20.95
N TYR C 778 -17.98 -22.22 -22.25
CA TYR C 778 -18.24 -23.45 -22.98
C TYR C 778 -17.13 -24.48 -22.80
N GLN C 779 -16.00 -24.09 -22.21
CA GLN C 779 -14.90 -25.00 -21.94
C GLN C 779 -14.36 -24.76 -20.55
N GLY C 780 -15.25 -24.60 -19.58
CA GLY C 780 -14.85 -24.44 -18.19
C GLY C 780 -14.50 -23.01 -17.84
N PHE C 781 -15.00 -22.55 -16.69
CA PHE C 781 -14.72 -21.19 -16.26
C PHE C 781 -13.31 -21.06 -15.70
N TYR C 782 -12.71 -19.90 -15.94
CA TYR C 782 -11.40 -19.58 -15.37
C TYR C 782 -11.23 -18.06 -15.42
N ILE C 783 -10.26 -17.57 -14.68
CA ILE C 783 -10.01 -16.12 -14.67
C ILE C 783 -9.52 -15.69 -16.05
N PRO C 784 -10.13 -14.69 -16.65
CA PRO C 784 -9.67 -14.23 -17.97
C PRO C 784 -8.36 -13.49 -17.86
N GLU C 785 -7.73 -13.29 -19.01
CA GLU C 785 -6.47 -12.56 -19.04
C GLU C 785 -6.66 -11.13 -18.57
N SER C 786 -5.67 -10.62 -17.85
CA SER C 786 -5.78 -9.29 -17.25
C SER C 786 -5.98 -8.21 -18.31
N TYR C 787 -5.42 -8.39 -19.50
CA TYR C 787 -5.58 -7.41 -20.57
C TYR C 787 -6.95 -7.47 -21.21
N LYS C 788 -7.76 -8.47 -20.90
CA LYS C 788 -9.09 -8.59 -21.50
C LYS C 788 -10.21 -8.10 -20.61
N ASP C 789 -10.02 -8.02 -19.30
CA ASP C 789 -11.01 -7.48 -18.39
C ASP C 789 -10.54 -6.10 -17.94
N ARG C 790 -11.03 -5.07 -18.61
CA ARG C 790 -10.58 -3.71 -18.35
C ARG C 790 -11.28 -3.17 -17.12
N MET C 791 -11.17 -1.85 -16.91
CA MET C 791 -11.70 -1.24 -15.70
C MET C 791 -13.21 -1.39 -15.61
N TYR C 792 -13.91 -1.25 -16.72
CA TYR C 792 -15.36 -1.32 -16.75
C TYR C 792 -15.88 -2.73 -17.05
N SER C 793 -15.00 -3.72 -17.11
CA SER C 793 -15.44 -5.07 -17.43
C SER C 793 -16.26 -5.66 -16.29
N PHE C 794 -16.89 -6.79 -16.55
CA PHE C 794 -17.79 -7.40 -15.58
C PHE C 794 -17.04 -8.11 -14.47
N PHE C 795 -16.14 -9.03 -14.83
CA PHE C 795 -15.50 -9.87 -13.83
C PHE C 795 -14.64 -9.06 -12.87
N ARG C 796 -14.15 -7.90 -13.30
CA ARG C 796 -13.31 -7.09 -12.42
C ARG C 796 -14.10 -6.59 -11.21
N ASN C 797 -15.34 -6.18 -11.41
CA ASN C 797 -16.13 -5.54 -10.38
C ASN C 797 -17.18 -6.47 -9.76
N PHE C 798 -17.04 -7.78 -9.95
CA PHE C 798 -17.96 -8.74 -9.36
C PHE C 798 -17.46 -9.11 -7.97
N GLN C 799 -18.31 -8.92 -6.97
CA GLN C 799 -17.92 -9.12 -5.57
C GLN C 799 -18.94 -9.99 -4.85
N PRO C 800 -18.59 -11.20 -4.47
CA PRO C 800 -19.49 -12.03 -3.66
C PRO C 800 -19.32 -11.77 -2.17
N MET C 801 -20.44 -11.69 -1.46
CA MET C 801 -20.43 -11.46 -0.02
C MET C 801 -21.51 -12.30 0.64
N SER C 802 -21.26 -12.67 1.91
CA SER C 802 -22.20 -13.43 2.69
C SER C 802 -21.98 -13.13 4.16
N ARG C 803 -23.00 -13.40 4.97
CA ARG C 803 -22.92 -13.15 6.41
C ARG C 803 -24.02 -13.95 7.10
N GLN C 804 -23.94 -13.98 8.43
CA GLN C 804 -24.91 -14.68 9.26
C GLN C 804 -25.53 -13.70 10.26
N VAL C 805 -26.84 -13.83 10.47
CA VAL C 805 -27.55 -13.02 11.45
C VAL C 805 -28.36 -13.94 12.34
N VAL C 806 -28.72 -13.42 13.52
CA VAL C 806 -29.43 -14.23 14.50
C VAL C 806 -30.82 -14.54 14.02
N ASP C 807 -31.19 -15.82 14.06
CA ASP C 807 -32.53 -16.25 13.67
C ASP C 807 -33.51 -15.85 14.76
N ASP C 808 -34.20 -14.74 14.55
CA ASP C 808 -35.16 -14.25 15.53
C ASP C 808 -36.36 -15.16 15.70
N THR C 809 -36.57 -16.10 14.78
CA THR C 809 -37.71 -17.00 14.88
C THR C 809 -37.38 -18.29 15.62
N LYS C 810 -36.15 -18.77 15.53
CA LYS C 810 -35.77 -20.03 16.15
C LYS C 810 -35.04 -19.85 17.47
N TYR C 811 -34.36 -18.74 17.68
CA TYR C 811 -33.68 -18.51 18.94
C TYR C 811 -34.71 -18.37 20.05
N LYS C 812 -34.52 -19.13 21.13
CA LYS C 812 -35.51 -19.16 22.19
C LYS C 812 -35.57 -17.86 22.97
N ASP C 813 -34.45 -17.16 23.11
CA ASP C 813 -34.37 -15.99 23.96
C ASP C 813 -34.10 -14.73 23.15
N TYR C 814 -34.61 -14.65 21.94
CA TYR C 814 -34.42 -13.46 21.13
C TYR C 814 -35.17 -12.29 21.73
N GLN C 815 -34.53 -11.11 21.74
CA GLN C 815 -35.12 -9.90 22.28
C GLN C 815 -34.65 -8.74 21.41
N GLN C 816 -35.48 -8.32 20.48
CA GLN C 816 -35.12 -7.22 19.60
C GLN C 816 -35.02 -5.93 20.41
N VAL C 817 -33.88 -5.26 20.31
CA VAL C 817 -33.65 -4.01 21.02
C VAL C 817 -33.35 -2.91 20.03
N GLY C 818 -33.89 -1.72 20.30
CA GLY C 818 -33.66 -0.59 19.43
C GLY C 818 -32.31 0.04 19.65
N ILE C 819 -31.98 0.96 18.75
CA ILE C 819 -30.70 1.66 18.84
C ILE C 819 -30.60 2.46 20.12
N LEU C 820 -31.74 2.93 20.64
CA LEU C 820 -31.73 3.75 21.84
C LEU C 820 -31.37 2.97 23.09
N HIS C 821 -31.31 1.65 23.04
CA HIS C 821 -31.08 0.85 24.22
C HIS C 821 -29.88 -0.08 24.13
N GLN C 822 -29.21 -0.16 22.99
CA GLN C 822 -27.97 -0.93 22.92
C GLN C 822 -26.87 -0.18 23.65
N HIS C 823 -26.18 -0.88 24.55
CA HIS C 823 -25.07 -0.27 25.29
C HIS C 823 -23.84 -1.16 25.14
N ASN C 824 -22.90 -0.72 24.33
CA ASN C 824 -21.59 -1.33 24.22
C ASN C 824 -20.54 -0.25 24.43
N ASN C 825 -19.48 -0.58 25.16
CA ASN C 825 -18.48 0.38 25.60
C ASN C 825 -19.13 1.51 26.40
N SER C 826 -20.17 1.17 27.17
CA SER C 826 -20.88 2.18 27.95
C SER C 826 -19.95 2.78 28.99
N GLY C 827 -20.06 4.10 29.18
CA GLY C 827 -19.17 4.81 30.06
C GLY C 827 -17.86 5.20 29.44
N PHE C 828 -17.62 4.87 28.18
CA PHE C 828 -16.39 5.26 27.50
C PHE C 828 -16.64 5.95 26.17
N VAL C 829 -17.88 6.07 25.73
CA VAL C 829 -18.23 6.79 24.50
C VAL C 829 -19.45 7.66 24.77
N GLY C 830 -19.71 8.56 23.84
CA GLY C 830 -20.88 9.41 23.96
C GLY C 830 -22.17 8.65 23.68
N TYR C 831 -23.27 9.25 24.09
CA TYR C 831 -24.59 8.65 23.94
C TYR C 831 -25.27 9.21 22.69
N LEU C 832 -25.39 8.37 21.67
CA LEU C 832 -26.11 8.69 20.44
C LEU C 832 -25.56 9.91 19.73
N ALA C 833 -24.33 10.31 20.04
CA ALA C 833 -23.75 11.51 19.44
C ALA C 833 -22.24 11.45 19.60
N PRO C 834 -21.49 11.98 18.65
CA PRO C 834 -20.02 11.99 18.74
C PRO C 834 -19.51 13.05 19.71
N THR C 835 -19.91 12.93 20.96
CA THR C 835 -19.60 13.93 21.97
C THR C 835 -18.77 13.30 23.09
N MET C 836 -18.60 14.06 24.17
CA MET C 836 -17.80 13.62 25.30
C MET C 836 -18.39 12.36 25.92
N ARG C 837 -17.52 11.47 26.38
CA ARG C 837 -17.94 10.20 26.94
C ARG C 837 -18.77 10.40 28.20
N GLU C 838 -19.69 9.48 28.45
CA GLU C 838 -20.54 9.53 29.62
C GLU C 838 -21.07 8.15 29.92
N GLY C 839 -21.55 7.97 31.15
CA GLY C 839 -22.14 6.71 31.55
C GLY C 839 -21.31 5.97 32.58
N GLN C 840 -21.39 4.64 32.56
CA GLN C 840 -20.64 3.83 33.50
C GLN C 840 -20.29 2.50 32.84
N ALA C 841 -19.28 1.84 33.39
CA ALA C 841 -18.88 0.53 32.89
C ALA C 841 -19.96 -0.50 33.18
N TYR C 842 -20.20 -1.37 32.22
CA TYR C 842 -21.23 -2.39 32.36
C TYR C 842 -21.05 -3.46 31.29
N PRO C 843 -21.45 -4.70 31.54
CA PRO C 843 -21.38 -5.72 30.48
C PRO C 843 -22.23 -5.32 29.30
N ALA C 844 -21.74 -5.62 28.11
CA ALA C 844 -22.47 -5.28 26.90
C ALA C 844 -23.71 -6.13 26.76
N ASN C 845 -24.64 -5.66 25.93
CA ASN C 845 -25.85 -6.41 25.62
C ASN C 845 -26.10 -6.47 24.12
N PHE C 846 -25.08 -6.27 23.31
CA PHE C 846 -25.22 -6.22 21.86
C PHE C 846 -23.83 -6.25 21.23
N PRO C 847 -23.65 -6.94 20.11
CA PRO C 847 -24.60 -7.77 19.37
C PRO C 847 -24.61 -9.19 19.88
N TYR C 848 -25.53 -10.02 19.40
CA TYR C 848 -25.56 -11.41 19.81
C TYR C 848 -24.32 -12.12 19.30
N PRO C 849 -23.63 -12.91 20.14
CA PRO C 849 -22.46 -13.65 19.66
C PRO C 849 -22.86 -14.70 18.65
N LEU C 850 -21.96 -14.95 17.71
CA LEU C 850 -22.17 -15.96 16.68
C LEU C 850 -21.10 -17.04 16.68
N ILE C 851 -20.16 -17.00 17.60
CA ILE C 851 -19.06 -17.94 17.67
C ILE C 851 -18.96 -18.46 19.10
N GLY C 852 -17.96 -19.31 19.32
CA GLY C 852 -17.70 -19.79 20.66
C GLY C 852 -18.72 -20.82 21.13
N LYS C 853 -18.57 -21.16 22.42
CA LYS C 853 -19.45 -22.15 23.01
C LYS C 853 -20.90 -21.69 23.03
N THR C 854 -21.13 -20.42 23.35
CA THR C 854 -22.47 -19.89 23.54
C THR C 854 -23.04 -19.25 22.28
N ALA C 855 -22.62 -19.70 21.10
CA ALA C 855 -23.16 -19.15 19.87
C ALA C 855 -24.64 -19.49 19.73
N VAL C 856 -25.36 -18.61 19.05
CA VAL C 856 -26.79 -18.76 18.87
C VAL C 856 -27.08 -19.26 17.47
N ASP C 857 -28.24 -19.89 17.31
CA ASP C 857 -28.66 -20.35 15.99
C ASP C 857 -28.85 -19.16 15.06
N SER C 858 -28.43 -19.33 13.81
CA SER C 858 -28.35 -18.21 12.88
C SER C 858 -28.78 -18.63 11.49
N ILE C 859 -29.19 -17.64 10.70
CA ILE C 859 -29.47 -17.83 9.28
C ILE C 859 -28.43 -17.08 8.48
N THR C 860 -28.43 -17.29 7.17
CA THR C 860 -27.44 -16.71 6.29
C THR C 860 -28.10 -15.79 5.26
N GLN C 861 -27.35 -14.78 4.83
CA GLN C 861 -27.77 -13.89 3.77
C GLN C 861 -26.64 -13.78 2.76
N LYS C 862 -26.99 -13.81 1.48
CA LYS C 862 -26.02 -13.71 0.41
C LYS C 862 -26.45 -12.63 -0.58
N LYS C 863 -25.50 -11.83 -1.03
CA LYS C 863 -25.76 -10.82 -2.05
C LYS C 863 -24.43 -10.52 -2.73
N PHE C 864 -24.47 -9.61 -3.70
CA PHE C 864 -23.29 -9.30 -4.48
C PHE C 864 -23.38 -7.86 -5.00
N LEU C 865 -22.24 -7.34 -5.42
CA LEU C 865 -22.15 -5.99 -5.96
C LEU C 865 -21.48 -6.04 -7.33
N CYS C 866 -21.92 -5.17 -8.22
CA CYS C 866 -21.35 -5.10 -9.56
C CYS C 866 -21.48 -3.66 -10.04
N ASP C 867 -20.41 -2.89 -9.90
CA ASP C 867 -20.39 -1.47 -10.24
C ASP C 867 -19.64 -1.25 -11.55
N ARG C 868 -19.86 -0.06 -12.12
CA ARG C 868 -19.16 0.37 -13.32
C ARG C 868 -19.31 -0.63 -14.46
N THR C 869 -20.52 -1.17 -14.62
CA THR C 869 -20.75 -2.15 -15.67
C THR C 869 -22.23 -2.13 -16.02
N LEU C 870 -22.53 -2.72 -17.16
CA LEU C 870 -23.91 -2.83 -17.65
C LEU C 870 -24.22 -4.29 -17.92
N TRP C 871 -25.42 -4.72 -17.54
CA TRP C 871 -25.87 -6.06 -17.87
C TRP C 871 -26.01 -6.16 -19.39
N ARG C 872 -25.35 -7.13 -19.99
CA ARG C 872 -25.31 -7.28 -21.43
C ARG C 872 -26.05 -8.54 -21.85
N ILE C 873 -26.93 -8.42 -22.84
CA ILE C 873 -27.63 -9.55 -23.40
C ILE C 873 -27.42 -9.54 -24.91
N PRO C 874 -26.43 -10.27 -25.43
CA PRO C 874 -26.20 -10.27 -26.88
C PRO C 874 -27.34 -10.89 -27.63
N PHE C 875 -27.58 -10.38 -28.83
CA PHE C 875 -28.62 -10.91 -29.70
C PHE C 875 -28.08 -11.97 -30.65
N SER C 876 -27.42 -12.97 -30.09
CA SER C 876 -26.88 -14.08 -30.88
C SER C 876 -27.45 -15.40 -30.37
N SER C 877 -27.33 -16.43 -31.20
CA SER C 877 -27.92 -17.72 -30.87
C SER C 877 -27.25 -18.37 -29.68
N ASN C 878 -25.93 -18.22 -29.54
CA ASN C 878 -25.19 -18.88 -28.48
C ASN C 878 -24.52 -17.89 -27.54
N PHE C 879 -24.97 -16.63 -27.53
CA PHE C 879 -24.44 -15.60 -26.65
C PHE C 879 -22.94 -15.38 -26.82
N MET C 880 -22.40 -15.69 -27.99
CA MET C 880 -20.98 -15.51 -28.26
C MET C 880 -20.76 -14.27 -29.10
N SER C 881 -19.58 -13.69 -28.97
CA SER C 881 -19.19 -12.50 -29.72
C SER C 881 -18.33 -12.96 -30.89
N MET C 882 -19.00 -13.25 -32.01
CA MET C 882 -18.33 -13.71 -33.22
C MET C 882 -18.18 -12.62 -34.27
N GLY C 883 -18.46 -11.38 -33.91
CA GLY C 883 -18.37 -10.27 -34.84
C GLY C 883 -19.40 -9.22 -34.51
N ALA C 884 -19.16 -8.01 -35.04
CA ALA C 884 -20.08 -6.91 -34.78
C ALA C 884 -21.46 -7.19 -35.35
N LEU C 885 -21.52 -7.65 -36.60
CA LEU C 885 -22.78 -8.01 -37.23
C LEU C 885 -23.11 -9.45 -36.85
N THR C 886 -23.94 -9.61 -35.84
CA THR C 886 -24.23 -10.94 -35.32
C THR C 886 -25.04 -11.75 -36.33
N ASP C 887 -25.01 -13.07 -36.16
CA ASP C 887 -25.69 -13.96 -37.08
C ASP C 887 -27.20 -13.74 -37.06
N LEU C 888 -27.79 -13.58 -35.88
CA LEU C 888 -29.21 -13.36 -35.79
C LEU C 888 -29.63 -12.06 -36.46
N GLY C 889 -28.76 -11.05 -36.43
CA GLY C 889 -29.06 -9.81 -37.12
C GLY C 889 -29.14 -9.99 -38.63
N GLN C 890 -28.42 -10.95 -39.17
CA GLN C 890 -28.46 -11.26 -40.58
C GLN C 890 -29.51 -12.29 -40.93
N ASN C 891 -30.25 -12.81 -39.96
CA ASN C 891 -31.27 -13.81 -40.23
C ASN C 891 -32.38 -13.22 -41.09
N LEU C 892 -32.90 -14.03 -42.00
CA LEU C 892 -33.93 -13.55 -42.91
C LEU C 892 -35.25 -13.30 -42.20
N LEU C 893 -35.44 -13.91 -41.04
CA LEU C 893 -36.71 -13.75 -40.32
C LEU C 893 -36.94 -12.30 -39.93
N TYR C 894 -35.91 -11.64 -39.41
CA TYR C 894 -36.00 -10.24 -39.03
C TYR C 894 -35.59 -9.29 -40.16
N ALA C 895 -35.00 -9.81 -41.22
CA ALA C 895 -34.53 -8.95 -42.31
C ALA C 895 -35.67 -8.46 -43.19
N ASN C 896 -36.72 -9.26 -43.34
CA ASN C 896 -37.78 -8.93 -44.28
C ASN C 896 -38.94 -8.19 -43.62
N SER C 897 -39.44 -8.71 -42.50
CA SER C 897 -40.65 -8.20 -41.87
C SER C 897 -40.31 -7.37 -40.64
N ALA C 898 -41.36 -6.88 -39.99
CA ALA C 898 -41.24 -6.09 -38.77
C ALA C 898 -41.85 -6.85 -37.61
N HIS C 899 -41.38 -6.55 -36.40
CA HIS C 899 -41.86 -7.20 -35.20
C HIS C 899 -42.00 -6.19 -34.07
N ALA C 900 -43.07 -6.32 -33.30
CA ALA C 900 -43.29 -5.49 -32.13
C ALA C 900 -42.72 -6.18 -30.91
N LEU C 901 -41.85 -5.49 -30.19
CA LEU C 901 -41.15 -6.05 -29.05
C LEU C 901 -41.59 -5.37 -27.76
N ASP C 902 -41.97 -6.19 -26.78
CA ASP C 902 -42.21 -5.71 -25.43
C ASP C 902 -41.46 -6.61 -24.47
N MET C 903 -41.01 -6.03 -23.36
CA MET C 903 -40.15 -6.74 -22.43
C MET C 903 -40.32 -6.15 -21.04
N THR C 904 -40.50 -7.01 -20.05
CA THR C 904 -40.85 -6.61 -18.69
C THR C 904 -39.69 -6.90 -17.76
N PHE C 905 -39.43 -5.95 -16.85
CA PHE C 905 -38.40 -6.09 -15.83
C PHE C 905 -39.07 -6.20 -14.47
N GLU C 906 -38.54 -7.06 -13.62
CA GLU C 906 -39.00 -7.18 -12.24
C GLU C 906 -37.79 -6.81 -11.38
N VAL C 907 -37.92 -5.76 -10.59
CA VAL C 907 -36.81 -5.25 -9.79
C VAL C 907 -37.28 -5.07 -8.35
N ASP C 908 -36.32 -5.10 -7.44
CA ASP C 908 -36.63 -4.77 -6.06
C ASP C 908 -36.76 -3.26 -5.91
N PRO C 909 -37.69 -2.81 -5.07
CA PRO C 909 -37.99 -1.37 -5.03
C PRO C 909 -37.16 -0.64 -4.00
N MET C 910 -37.03 0.67 -4.22
CA MET C 910 -36.64 1.62 -3.18
C MET C 910 -37.69 2.72 -3.11
N ASP C 911 -37.42 3.72 -2.26
CA ASP C 911 -38.42 4.69 -1.86
C ASP C 911 -38.33 6.00 -2.65
N GLU C 912 -37.61 6.03 -3.77
CA GLU C 912 -37.53 7.25 -4.55
C GLU C 912 -37.70 6.90 -6.01
N PRO C 913 -38.21 7.82 -6.83
CA PRO C 913 -38.37 7.54 -8.26
C PRO C 913 -37.03 7.25 -8.90
N THR C 914 -37.03 6.30 -9.83
CA THR C 914 -35.82 5.87 -10.52
C THR C 914 -36.11 5.76 -12.01
N LEU C 915 -35.04 5.60 -12.77
CA LEU C 915 -35.14 5.50 -14.23
C LEU C 915 -34.52 4.18 -14.67
N LEU C 916 -35.15 3.56 -15.67
CA LEU C 916 -34.62 2.35 -16.27
C LEU C 916 -33.89 2.73 -17.55
N TYR C 917 -32.58 2.53 -17.57
CA TYR C 917 -31.74 2.89 -18.70
C TYR C 917 -31.55 1.66 -19.58
N VAL C 918 -31.99 1.75 -20.83
CA VAL C 918 -31.91 0.64 -21.78
C VAL C 918 -31.18 1.13 -23.01
N LEU C 919 -30.20 0.35 -23.46
CA LEU C 919 -29.40 0.68 -24.64
C LEU C 919 -29.60 -0.41 -25.68
N PHE C 920 -30.30 -0.09 -26.76
CA PHE C 920 -30.38 -0.98 -27.92
C PHE C 920 -29.19 -0.67 -28.80
N GLU C 921 -28.08 -1.38 -28.61
CA GLU C 921 -26.89 -1.07 -29.39
C GLU C 921 -27.09 -1.46 -30.84
N VAL C 922 -26.81 -0.53 -31.74
CA VAL C 922 -27.04 -0.69 -33.17
C VAL C 922 -25.80 -0.25 -33.91
N PHE C 923 -25.86 -0.21 -35.23
CA PHE C 923 -24.75 0.24 -36.07
C PHE C 923 -24.92 1.71 -36.36
N ASP C 924 -24.01 2.54 -35.86
CA ASP C 924 -24.00 3.97 -36.08
C ASP C 924 -22.75 4.33 -36.87
N VAL C 925 -22.92 4.63 -38.15
CA VAL C 925 -21.79 4.83 -39.07
C VAL C 925 -22.01 6.12 -39.84
N VAL C 926 -20.96 6.93 -39.93
CA VAL C 926 -20.98 8.16 -40.72
C VAL C 926 -19.85 8.10 -41.74
N ARG C 927 -20.15 8.55 -42.96
CA ARG C 927 -19.19 8.55 -44.06
C ARG C 927 -19.01 9.97 -44.55
N VAL C 928 -17.75 10.43 -44.60
CA VAL C 928 -17.43 11.81 -44.93
C VAL C 928 -16.80 11.86 -46.31
N HIS C 929 -17.36 12.70 -47.18
CA HIS C 929 -16.86 12.86 -48.54
C HIS C 929 -16.72 14.34 -48.85
N ARG C 930 -15.63 14.70 -49.52
CA ARG C 930 -15.46 16.07 -49.96
C ARG C 930 -14.91 16.09 -51.38
N PRO C 931 -15.67 16.62 -52.33
CA PRO C 931 -15.22 16.57 -53.73
C PRO C 931 -14.24 17.66 -54.10
N HIS C 932 -14.40 18.85 -53.53
CA HIS C 932 -13.59 19.99 -53.93
C HIS C 932 -12.97 20.69 -52.73
N ARG C 933 -12.36 21.85 -52.98
CA ARG C 933 -11.69 22.59 -51.93
C ARG C 933 -12.69 23.38 -51.10
N GLY C 934 -12.65 23.18 -49.79
CA GLY C 934 -13.48 23.96 -48.89
C GLY C 934 -14.94 23.58 -48.84
N VAL C 935 -15.29 22.39 -49.32
CA VAL C 935 -16.66 21.89 -49.26
C VAL C 935 -16.63 20.50 -48.65
N ILE C 936 -17.46 20.28 -47.63
CA ILE C 936 -17.50 19.02 -46.90
C ILE C 936 -18.95 18.58 -46.77
N GLU C 937 -19.23 17.32 -47.12
CA GLU C 937 -20.56 16.76 -46.98
C GLU C 937 -20.47 15.40 -46.34
N THR C 938 -21.49 15.06 -45.55
CA THR C 938 -21.51 13.81 -44.80
C THR C 938 -22.84 13.10 -44.99
N VAL C 939 -22.84 11.81 -44.67
CA VAL C 939 -24.06 11.00 -44.66
C VAL C 939 -24.08 10.17 -43.39
N TYR C 940 -25.25 10.05 -42.79
CA TYR C 940 -25.42 9.31 -41.55
C TYR C 940 -26.34 8.13 -41.76
N LEU C 941 -26.10 7.07 -40.99
CA LEU C 941 -26.95 5.89 -41.03
C LEU C 941 -26.88 5.18 -39.69
N ARG C 942 -28.00 5.14 -38.99
CA ARG C 942 -28.12 4.42 -37.72
C ARG C 942 -29.21 3.38 -37.89
N THR C 943 -28.82 2.13 -38.13
CA THR C 943 -29.78 1.08 -38.37
C THR C 943 -29.65 -0.01 -37.31
N PRO C 944 -30.76 -0.46 -36.72
CA PRO C 944 -32.13 0.05 -36.87
C PRO C 944 -32.34 1.34 -36.10
N PHE C 945 -33.60 1.70 -35.80
CA PHE C 945 -33.93 2.93 -35.08
C PHE C 945 -33.48 4.17 -35.85
N SER C 946 -33.53 4.11 -37.17
CA SER C 946 -33.18 5.27 -37.99
C SER C 946 -34.19 6.38 -37.81
N ALA C 947 -33.71 7.62 -37.81
CA ALA C 947 -34.58 8.77 -37.65
C ALA C 947 -35.50 8.94 -38.85
#